data_9MQN
#
_entry.id   9MQN
#
_cell.length_a   1.00
_cell.length_b   1.00
_cell.length_c   1.00
_cell.angle_alpha   90.00
_cell.angle_beta   90.00
_cell.angle_gamma   90.00
#
_symmetry.space_group_name_H-M   'P 1'
#
loop_
_entity.id
_entity.type
_entity.pdbx_description
1 polymer 'Fusion protein'
2 branched beta-D-mannopyranose-(1-4)-2-acetamido-2-deoxy-beta-D-glucopyranose-(1-4)-[alpha-L-fucopyranose-(1-6)]2-acetamido-2-deoxy-beta-D-glucopyranose
3 non-polymer 2-acetamido-2-deoxy-beta-D-glucopyranose
#
_entity_poly.entity_id   1
_entity_poly.type   'polypeptide(L)'
_entity_poly.pdbx_seq_one_letter_code
;VDFERLASIGGIKGHSKLYKIKGHPTTKDIVIKLVPNLNNLTVCSEMSIDGYLNLINAVIIPISQSLELMRNNVKDGTPN
ENIFGAIVAGAALGIATAAQVTSVVALHKSNQNAAKINSLRDSITKTNQAVEQLSLGVQETVSVLMGLQDQINTNLVPKI
NILSCKQLSNTLNIMLLQYYSQILTVFGPNLRDPATVPVSIQALSQLFEGNLELLTSSLGISSTDFNDLLTGKLITGSII
WADTQGHYLILRVNIPDLIEVPGAVIQEFIKIGYNFGGSLWMPTIPNKIIIRGYHLSLIDSTNCIITDNSYVCDRDYSLP
MNPILRECFEGNTSSCGREMVLNSYIPLYALSEGVIYANCLATSCKCATTNKPIVQSTSTVITMIDNSKCPVVEVGKQMI
SVGSYLGQVSPNNLTIEIGPPVYTEPVDITNQLGNINETLSKTLDLIKQSNSILDMITGGLGSGYIPEAPRDGQAYVRKD
GEWVLLSTFLGRSLEVLFQGPGHHHHHHHHSAWSHPQFEKGGGSGGGGSGGSAWSHPQFEK
;
_entity_poly.pdbx_strand_id   A,B,C,D,E,F
#
# COMPACT_ATOMS: atom_id res chain seq x y z
N VAL A 1 -19.62 -37.56 5.78
CA VAL A 1 -19.37 -38.72 4.93
C VAL A 1 -19.44 -40.00 5.78
N ASP A 2 -20.07 -41.04 5.23
CA ASP A 2 -20.16 -42.34 5.88
C ASP A 2 -19.29 -43.31 5.09
N PHE A 3 -18.21 -43.77 5.70
CA PHE A 3 -17.29 -44.68 5.03
C PHE A 3 -17.82 -46.10 4.96
N GLU A 4 -18.75 -46.47 5.84
CA GLU A 4 -19.34 -47.81 5.78
C GLU A 4 -20.28 -47.95 4.58
N ARG A 5 -21.14 -46.94 4.36
CA ARG A 5 -22.01 -46.95 3.19
C ARG A 5 -21.21 -46.77 1.90
N LEU A 6 -20.13 -45.97 1.94
CA LEU A 6 -19.27 -45.80 0.79
C LEU A 6 -18.46 -47.06 0.51
N ALA A 7 -18.18 -47.87 1.54
CA ALA A 7 -17.59 -49.19 1.33
C ALA A 7 -18.59 -50.20 0.80
N SER A 8 -19.85 -50.07 1.20
CA SER A 8 -20.90 -50.93 0.67
C SER A 8 -21.15 -50.63 -0.81
N ILE A 9 -21.08 -49.36 -1.20
CA ILE A 9 -21.29 -49.02 -2.60
C ILE A 9 -20.06 -49.31 -3.46
N GLY A 10 -18.88 -49.49 -2.85
CA GLY A 10 -17.73 -49.96 -3.60
C GLY A 10 -16.49 -49.09 -3.56
N GLY A 11 -16.50 -48.03 -2.77
CA GLY A 11 -15.36 -47.13 -2.64
C GLY A 11 -14.64 -47.39 -1.32
N ILE A 12 -13.31 -47.34 -1.36
CA ILE A 12 -12.49 -47.61 -0.20
C ILE A 12 -11.71 -46.34 0.14
N LYS A 13 -11.74 -45.96 1.42
CA LYS A 13 -11.10 -44.72 1.85
C LYS A 13 -9.59 -44.84 1.75
N GLY A 14 -8.98 -44.01 0.91
CA GLY A 14 -7.54 -44.00 0.72
C GLY A 14 -6.84 -43.15 1.77
N HIS A 15 -5.72 -42.57 1.37
CA HIS A 15 -4.92 -41.79 2.30
C HIS A 15 -5.58 -40.43 2.54
N SER A 16 -4.98 -39.67 3.47
CA SER A 16 -5.39 -38.31 3.76
C SER A 16 -4.15 -37.43 3.75
N LYS A 17 -4.17 -36.40 2.91
CA LYS A 17 -3.05 -35.49 2.78
C LYS A 17 -3.51 -34.07 3.13
N LEU A 18 -2.54 -33.15 3.15
CA LEU A 18 -2.83 -31.77 3.46
C LEU A 18 -2.93 -30.95 2.18
N TYR A 19 -3.20 -29.66 2.33
CA TYR A 19 -3.32 -28.73 1.21
C TYR A 19 -2.54 -27.48 1.51
N LYS A 20 -1.64 -27.10 0.60
CA LYS A 20 -0.84 -25.89 0.75
C LYS A 20 -0.82 -25.11 -0.55
N ILE A 21 -0.87 -23.78 -0.42
CA ILE A 21 -0.93 -22.86 -1.54
C ILE A 21 0.30 -21.98 -1.50
N LYS A 22 0.87 -21.69 -2.67
CA LYS A 22 1.95 -20.71 -2.76
C LYS A 22 1.43 -19.32 -2.39
N GLY A 23 2.18 -18.62 -1.55
CA GLY A 23 1.76 -17.30 -1.11
C GLY A 23 2.92 -16.50 -0.56
N HIS A 24 2.66 -15.20 -0.40
CA HIS A 24 3.58 -14.15 0.04
C HIS A 24 4.89 -14.16 -0.75
N PRO A 25 4.89 -13.72 -2.01
CA PRO A 25 6.15 -13.69 -2.77
C PRO A 25 6.92 -12.39 -2.62
N THR A 26 8.17 -12.47 -2.17
CA THR A 26 9.05 -11.32 -2.24
C THR A 26 9.72 -11.31 -3.61
N THR A 27 10.29 -10.15 -3.96
CA THR A 27 10.80 -9.93 -5.31
C THR A 27 12.32 -9.81 -5.29
N LYS A 28 12.97 -10.50 -6.23
CA LYS A 28 14.40 -10.37 -6.45
C LYS A 28 14.63 -10.11 -7.94
N ASP A 29 15.57 -9.21 -8.23
CA ASP A 29 15.84 -8.81 -9.60
C ASP A 29 17.03 -9.59 -10.13
N ILE A 30 16.98 -9.92 -11.43
CA ILE A 30 18.12 -10.45 -12.17
C ILE A 30 18.21 -9.69 -13.48
N VAL A 31 19.32 -9.89 -14.19
CA VAL A 31 19.45 -9.47 -15.58
C VAL A 31 19.91 -10.64 -16.41
N ILE A 32 19.55 -10.64 -17.69
CA ILE A 32 19.92 -11.68 -18.64
C ILE A 32 20.59 -10.99 -19.82
N LYS A 33 21.90 -11.17 -19.95
CA LYS A 33 22.62 -10.66 -21.10
C LYS A 33 22.40 -11.57 -22.31
N LEU A 34 22.52 -10.97 -23.49
CA LEU A 34 22.33 -11.69 -24.74
C LEU A 34 23.58 -11.80 -25.59
N VAL A 35 24.37 -10.73 -25.66
CA VAL A 35 25.60 -10.74 -26.44
C VAL A 35 26.67 -11.52 -25.68
N PRO A 36 27.25 -12.55 -26.27
CA PRO A 36 28.37 -13.25 -25.61
C PRO A 36 29.62 -12.40 -25.59
N ASN A 37 30.28 -12.37 -24.44
CA ASN A 37 31.50 -11.59 -24.26
C ASN A 37 32.67 -12.44 -24.69
N LEU A 38 33.13 -12.27 -25.92
CA LEU A 38 34.35 -12.90 -26.39
C LEU A 38 35.51 -11.93 -26.21
N ASN A 39 36.55 -12.39 -25.54
CA ASN A 39 37.71 -11.55 -25.24
C ASN A 39 38.98 -12.23 -25.74
N ASN A 40 39.02 -13.55 -25.62
CA ASN A 40 40.14 -14.31 -26.15
C ASN A 40 40.08 -14.40 -27.67
N LEU A 41 38.88 -14.28 -28.25
CA LEU A 41 38.68 -14.42 -29.68
C LEU A 41 38.78 -13.09 -30.43
N THR A 42 39.53 -12.13 -29.90
CA THR A 42 39.74 -10.86 -30.60
C THR A 42 40.73 -10.98 -31.76
N VAL A 43 41.43 -12.11 -31.88
CA VAL A 43 42.36 -12.30 -32.99
C VAL A 43 41.61 -12.57 -34.28
N CYS A 44 40.76 -13.60 -34.28
CA CYS A 44 39.98 -13.95 -35.47
C CYS A 44 38.59 -14.40 -35.03
N SER A 45 37.62 -13.48 -35.10
CA SER A 45 36.22 -13.81 -34.94
C SER A 45 35.37 -13.25 -36.08
N GLU A 46 35.97 -12.49 -36.99
CA GLU A 46 35.35 -11.81 -38.14
C GLU A 46 34.24 -10.89 -37.63
N MET A 47 33.17 -10.73 -38.41
CA MET A 47 32.05 -9.92 -37.95
C MET A 47 30.83 -10.85 -37.99
N SER A 48 31.00 -12.04 -37.42
CA SER A 48 29.89 -12.98 -37.27
C SER A 48 28.86 -12.52 -36.24
N ILE A 49 29.22 -11.55 -35.39
CA ILE A 49 28.30 -10.99 -34.42
C ILE A 49 27.21 -10.17 -35.10
N ASP A 50 27.47 -9.65 -36.31
CA ASP A 50 26.59 -8.68 -36.96
C ASP A 50 25.24 -9.28 -37.35
N GLY A 51 25.25 -10.49 -37.92
CA GLY A 51 23.99 -11.14 -38.27
C GLY A 51 23.17 -11.50 -37.05
N TYR A 52 23.84 -11.92 -35.97
CA TYR A 52 23.17 -12.18 -34.70
C TYR A 52 22.55 -10.91 -34.12
N LEU A 53 23.27 -9.79 -34.21
CA LEU A 53 22.74 -8.52 -33.73
C LEU A 53 21.56 -8.05 -34.57
N ASN A 54 21.64 -8.22 -35.89
CA ASN A 54 20.54 -7.87 -36.77
C ASN A 54 19.32 -8.75 -36.53
N LEU A 55 19.54 -10.00 -36.15
CA LEU A 55 18.42 -10.89 -35.85
C LEU A 55 17.77 -10.54 -34.51
N ILE A 56 18.58 -10.23 -33.49
CA ILE A 56 18.01 -9.93 -32.18
C ILE A 56 17.45 -8.52 -32.07
N ASN A 57 17.85 -7.60 -32.95
CA ASN A 57 17.32 -6.25 -32.87
C ASN A 57 15.89 -6.16 -33.38
N ALA A 58 15.44 -7.14 -34.16
CA ALA A 58 14.04 -7.20 -34.54
C ALA A 58 13.13 -7.60 -33.38
N VAL A 59 13.67 -8.29 -32.37
CA VAL A 59 12.90 -8.77 -31.24
C VAL A 59 13.34 -8.11 -29.93
N ILE A 60 14.21 -7.12 -29.98
CA ILE A 60 14.54 -6.34 -28.79
C ILE A 60 13.73 -5.05 -28.74
N ILE A 61 13.61 -4.36 -29.88
CA ILE A 61 13.03 -3.01 -29.90
C ILE A 61 11.54 -2.94 -29.53
N PRO A 62 10.62 -3.74 -30.13
CA PRO A 62 9.19 -3.51 -29.83
C PRO A 62 8.77 -3.84 -28.41
N ILE A 63 9.46 -4.76 -27.73
CA ILE A 63 9.23 -4.98 -26.30
C ILE A 63 9.62 -3.75 -25.49
N SER A 64 10.73 -3.10 -25.85
CA SER A 64 11.12 -1.86 -25.20
C SER A 64 10.10 -0.75 -25.45
N GLN A 65 9.60 -0.65 -26.68
CA GLN A 65 8.58 0.35 -27.01
C GLN A 65 7.27 0.09 -26.26
N SER A 66 6.88 -1.18 -26.15
CA SER A 66 5.67 -1.54 -25.42
C SER A 66 5.81 -1.24 -23.92
N LEU A 67 6.98 -1.51 -23.34
CA LEU A 67 7.14 -1.25 -21.91
C LEU A 67 7.18 0.24 -21.61
N GLU A 68 7.84 1.04 -22.48
CA GLU A 68 7.81 2.48 -22.22
C GLU A 68 6.44 3.08 -22.49
N LEU A 69 5.64 2.47 -23.37
CA LEU A 69 4.25 2.90 -23.51
C LEU A 69 3.44 2.54 -22.27
N MET A 70 3.76 1.40 -21.63
CA MET A 70 3.14 1.05 -20.35
C MET A 70 3.49 2.06 -19.26
N ARG A 71 4.75 2.52 -19.24
CA ARG A 71 5.09 3.59 -18.31
C ARG A 71 4.43 4.91 -18.68
N ASN A 72 4.15 5.12 -19.97
CA ASN A 72 3.48 6.34 -20.38
C ASN A 72 1.99 6.33 -20.04
N ASN A 73 1.39 5.14 -19.90
CA ASN A 73 -0.02 5.07 -19.52
C ASN A 73 -0.23 5.44 -18.05
N VAL A 74 0.77 5.21 -17.20
CA VAL A 74 0.66 5.55 -15.78
C VAL A 74 1.26 6.94 -15.56
N LYS A 75 0.80 7.62 -14.51
CA LYS A 75 1.28 8.96 -14.19
C LYS A 75 1.16 9.18 -12.69
N ASP A 76 2.26 9.59 -12.06
CA ASP A 76 2.29 9.76 -10.62
C ASP A 76 1.60 11.08 -10.27
N GLY A 77 0.29 11.01 -10.01
CA GLY A 77 -0.50 12.17 -9.68
C GLY A 77 -1.37 11.92 -8.46
N THR A 78 -1.98 13.00 -7.97
CA THR A 78 -2.76 12.95 -6.73
C THR A 78 -3.86 14.02 -6.70
N PRO A 79 -5.07 13.68 -7.17
CA PRO A 79 -6.22 14.58 -6.94
C PRO A 79 -6.69 14.55 -5.50
N ASN A 80 -6.58 15.69 -4.82
CA ASN A 80 -7.06 15.93 -3.44
C ASN A 80 -6.34 14.98 -2.49
N GLU A 81 -7.04 14.32 -1.56
CA GLU A 81 -6.41 13.43 -0.58
C GLU A 81 -6.35 12.01 -1.13
N ASN A 82 -5.62 11.88 -2.23
CA ASN A 82 -5.45 10.60 -2.90
C ASN A 82 -4.35 9.80 -2.18
N ILE A 83 -4.03 8.61 -2.71
CA ILE A 83 -2.95 7.80 -2.16
C ILE A 83 -1.58 8.22 -2.69
N PHE A 84 -1.51 9.31 -3.47
CA PHE A 84 -0.28 9.89 -4.01
C PHE A 84 0.47 8.88 -4.89
N GLY A 85 -0.26 8.28 -5.83
CA GLY A 85 0.34 7.29 -6.70
C GLY A 85 -0.69 6.71 -7.65
N ALA A 86 -0.27 5.66 -8.36
CA ALA A 86 -1.06 4.89 -9.33
C ALA A 86 -1.49 5.83 -10.45
N ILE A 87 -2.80 6.02 -10.70
CA ILE A 87 -3.40 6.89 -11.72
C ILE A 87 -2.97 6.50 -13.14
N VAL A 88 -3.88 5.86 -13.88
CA VAL A 88 -3.67 5.59 -15.29
C VAL A 88 -4.81 6.25 -16.07
N ALA A 89 -4.53 6.59 -17.33
CA ALA A 89 -5.55 7.16 -18.19
C ALA A 89 -6.36 6.04 -18.82
N GLY A 90 -7.69 6.16 -18.75
CA GLY A 90 -8.56 5.18 -19.36
C GLY A 90 -8.50 5.18 -20.88
N ALA A 91 -8.33 6.36 -21.48
CA ALA A 91 -8.24 6.45 -22.93
C ALA A 91 -6.90 5.95 -23.45
N ALA A 92 -5.83 6.12 -22.69
CA ALA A 92 -4.50 5.73 -23.12
C ALA A 92 -4.22 4.24 -22.95
N LEU A 93 -5.15 3.49 -22.35
CA LEU A 93 -4.96 2.06 -22.14
C LEU A 93 -5.85 1.21 -23.04
N GLY A 94 -6.99 1.73 -23.48
CA GLY A 94 -7.87 0.99 -24.37
C GLY A 94 -8.73 -0.02 -23.64
N ILE A 95 -8.44 -1.30 -23.81
CA ILE A 95 -9.14 -2.39 -23.13
C ILE A 95 -8.12 -3.17 -22.32
N ALA A 96 -8.43 -3.39 -21.04
CA ALA A 96 -7.50 -4.09 -20.16
C ALA A 96 -8.27 -4.80 -19.05
N THR A 97 -7.60 -5.78 -18.45
CA THR A 97 -8.15 -6.52 -17.33
C THR A 97 -7.54 -6.02 -16.02
N ALA A 98 -7.86 -6.71 -14.92
CA ALA A 98 -7.31 -6.33 -13.62
C ALA A 98 -5.82 -6.63 -13.53
N ALA A 99 -5.39 -7.76 -14.10
CA ALA A 99 -3.99 -8.16 -14.01
C ALA A 99 -3.09 -7.25 -14.85
N GLN A 100 -3.61 -6.69 -15.94
CA GLN A 100 -2.83 -5.76 -16.73
C GLN A 100 -2.62 -4.45 -15.97
N VAL A 101 -3.64 -3.99 -15.24
CA VAL A 101 -3.49 -2.83 -14.37
C VAL A 101 -2.51 -3.13 -13.25
N THR A 102 -2.54 -4.36 -12.72
CA THR A 102 -1.59 -4.78 -11.70
C THR A 102 -0.15 -4.77 -12.23
N SER A 103 0.03 -5.22 -13.47
CA SER A 103 1.35 -5.19 -14.11
C SER A 103 1.83 -3.76 -14.34
N VAL A 104 0.91 -2.87 -14.72
CA VAL A 104 1.26 -1.45 -14.90
C VAL A 104 1.68 -0.83 -13.57
N VAL A 105 0.97 -1.15 -12.49
CA VAL A 105 1.32 -0.67 -11.16
C VAL A 105 2.66 -1.25 -10.71
N ALA A 106 2.95 -2.51 -11.07
CA ALA A 106 4.24 -3.12 -10.76
C ALA A 106 5.39 -2.42 -11.49
N LEU A 107 5.16 -2.06 -12.77
CA LEU A 107 6.15 -1.28 -13.51
C LEU A 107 6.36 0.10 -12.90
N HIS A 108 5.26 0.75 -12.50
CA HIS A 108 5.35 2.07 -11.85
C HIS A 108 6.03 1.98 -10.50
N LYS A 109 5.93 0.83 -9.83
CA LYS A 109 6.64 0.63 -8.57
C LYS A 109 8.13 0.42 -8.79
N SER A 110 8.49 -0.42 -9.77
CA SER A 110 9.87 -0.87 -9.92
C SER A 110 10.64 -0.09 -10.97
N ASN A 111 10.09 1.03 -11.48
CA ASN A 111 10.84 1.88 -12.39
C ASN A 111 12.09 2.47 -11.74
N GLN A 112 12.01 2.79 -10.45
CA GLN A 112 13.15 3.32 -9.71
C GLN A 112 14.29 2.30 -9.64
N ASN A 113 13.95 1.05 -9.32
CA ASN A 113 14.97 0.02 -9.25
C ASN A 113 15.45 -0.37 -10.64
N ALA A 114 14.60 -0.23 -11.66
CA ALA A 114 15.04 -0.44 -13.04
C ALA A 114 16.08 0.61 -13.44
N ALA A 115 15.88 1.86 -13.04
CA ALA A 115 16.89 2.89 -13.27
C ALA A 115 18.16 2.61 -12.47
N LYS A 116 17.99 2.08 -11.24
CA LYS A 116 19.14 1.72 -10.41
C LYS A 116 20.00 0.64 -11.05
N ILE A 117 19.35 -0.37 -11.64
CA ILE A 117 20.08 -1.42 -12.34
C ILE A 117 20.68 -0.89 -13.64
N ASN A 118 19.93 -0.05 -14.38
CA ASN A 118 20.41 0.52 -15.63
C ASN A 118 21.55 1.50 -15.43
N SER A 119 21.77 1.98 -14.20
CA SER A 119 22.95 2.79 -13.90
C SER A 119 24.27 2.02 -14.04
N LEU A 120 24.24 0.69 -14.04
CA LEU A 120 25.46 -0.11 -14.09
C LEU A 120 25.54 -0.91 -15.38
N ARG A 121 25.25 -0.26 -16.52
CA ARG A 121 25.25 -0.93 -17.81
C ARG A 121 26.66 -1.34 -18.22
N ASP A 122 27.65 -0.50 -17.96
CA ASP A 122 29.03 -0.85 -18.26
C ASP A 122 29.55 -1.97 -17.36
N SER A 123 29.02 -2.06 -16.13
CA SER A 123 29.34 -3.21 -15.29
C SER A 123 28.66 -4.47 -15.80
N ILE A 124 27.48 -4.33 -16.39
CA ILE A 124 26.79 -5.47 -16.98
C ILE A 124 27.55 -6.01 -18.19
N THR A 125 28.04 -5.11 -19.06
CA THR A 125 28.67 -5.56 -20.29
C THR A 125 30.10 -6.07 -20.11
N LYS A 126 30.68 -5.94 -18.92
CA LYS A 126 32.07 -6.35 -18.70
C LYS A 126 32.18 -7.69 -17.99
N THR A 127 31.07 -8.42 -17.86
CA THR A 127 31.08 -9.72 -17.19
C THR A 127 31.74 -10.75 -18.09
N ASN A 128 33.00 -11.07 -17.78
CA ASN A 128 33.74 -12.04 -18.58
C ASN A 128 33.24 -13.46 -18.36
N GLN A 129 32.97 -13.83 -17.11
CA GLN A 129 32.43 -15.15 -16.79
C GLN A 129 30.91 -15.00 -16.75
N ALA A 130 30.18 -16.11 -16.70
CA ALA A 130 28.74 -16.06 -16.93
C ALA A 130 27.96 -15.73 -15.66
N VAL A 131 28.03 -16.60 -14.65
CA VAL A 131 27.14 -16.45 -13.49
C VAL A 131 27.84 -15.62 -12.41
N GLU A 132 27.24 -14.48 -12.07
CA GLU A 132 27.63 -13.64 -10.96
C GLU A 132 26.39 -13.00 -10.40
N GLN A 133 26.37 -12.76 -9.09
CA GLN A 133 25.37 -11.90 -8.48
C GLN A 133 26.06 -10.65 -7.99
N LEU A 134 25.52 -9.50 -8.36
CA LEU A 134 25.99 -8.21 -7.90
C LEU A 134 24.94 -7.63 -6.96
N SER A 135 25.17 -6.43 -6.43
CA SER A 135 24.23 -5.88 -5.47
C SER A 135 24.22 -4.36 -5.58
N LEU A 136 23.26 -3.76 -4.91
CA LEU A 136 23.14 -2.30 -4.80
C LEU A 136 23.49 -1.86 -3.38
N GLY A 137 24.51 -2.49 -2.83
CA GLY A 137 24.91 -2.25 -1.46
C GLY A 137 24.62 -3.45 -0.58
N VAL A 138 24.29 -3.16 0.68
CA VAL A 138 23.88 -4.20 1.62
C VAL A 138 22.53 -4.76 1.22
N GLN A 139 21.58 -3.87 0.92
CA GLN A 139 20.23 -4.26 0.54
C GLN A 139 20.07 -4.10 -0.98
N GLU A 140 19.19 -4.94 -1.55
CA GLU A 140 18.91 -5.14 -2.98
C GLU A 140 20.06 -5.83 -3.71
N THR A 141 19.75 -6.65 -4.71
CA THR A 141 20.75 -7.40 -5.43
C THR A 141 20.24 -7.74 -6.82
N VAL A 142 21.16 -8.19 -7.68
CA VAL A 142 20.87 -8.54 -9.06
C VAL A 142 21.73 -9.76 -9.40
N SER A 143 21.29 -10.54 -10.39
CA SER A 143 22.04 -11.73 -10.81
C SER A 143 22.11 -11.78 -12.33
N VAL A 144 23.11 -12.50 -12.83
CA VAL A 144 23.30 -12.64 -14.28
C VAL A 144 24.00 -13.98 -14.53
N LEU A 145 23.53 -14.68 -15.56
CA LEU A 145 24.23 -15.85 -16.06
C LEU A 145 23.96 -15.97 -17.55
N MET A 146 24.85 -16.67 -18.25
CA MET A 146 24.73 -16.91 -19.69
C MET A 146 25.07 -18.38 -19.92
N GLY A 147 24.16 -19.10 -20.57
CA GLY A 147 24.36 -20.52 -20.79
C GLY A 147 25.35 -20.84 -21.89
N LEU A 148 25.79 -19.81 -22.61
CA LEU A 148 26.71 -19.99 -23.72
C LEU A 148 28.09 -19.42 -23.48
N GLN A 149 28.31 -18.68 -22.39
CA GLN A 149 29.60 -18.04 -22.13
C GLN A 149 30.68 -19.08 -21.85
N ASP A 150 30.32 -20.16 -21.14
CA ASP A 150 31.28 -21.22 -20.87
C ASP A 150 31.71 -21.94 -22.14
N GLN A 151 30.82 -22.06 -23.13
CA GLN A 151 31.18 -22.72 -24.38
C GLN A 151 32.12 -21.89 -25.24
N ILE A 152 32.26 -20.60 -24.96
CA ILE A 152 33.32 -19.79 -25.56
C ILE A 152 34.16 -19.29 -24.39
N ASN A 153 34.31 -20.15 -23.38
CA ASN A 153 35.39 -20.02 -22.41
C ASN A 153 36.10 -21.33 -22.10
N THR A 154 35.54 -22.48 -22.48
CA THR A 154 36.25 -23.75 -22.33
C THR A 154 36.22 -24.61 -23.58
N ASN A 155 35.41 -24.27 -24.59
CA ASN A 155 35.29 -25.10 -25.78
C ASN A 155 35.76 -24.38 -27.04
N LEU A 156 35.25 -23.18 -27.31
CA LEU A 156 35.65 -22.46 -28.51
C LEU A 156 36.98 -21.72 -28.35
N VAL A 157 37.33 -21.34 -27.13
CA VAL A 157 38.59 -20.68 -26.81
C VAL A 157 39.84 -21.53 -27.10
N PRO A 158 40.00 -22.78 -26.63
CA PRO A 158 41.31 -23.45 -26.76
C PRO A 158 41.71 -23.81 -28.19
N LYS A 159 40.78 -23.87 -29.13
CA LYS A 159 41.13 -24.09 -30.53
C LYS A 159 41.29 -22.76 -31.28
N ILE A 160 42.09 -21.86 -30.70
CA ILE A 160 42.27 -20.54 -31.30
C ILE A 160 43.24 -20.59 -32.48
N ASN A 161 44.22 -21.49 -32.45
CA ASN A 161 45.21 -21.59 -33.50
C ASN A 161 45.37 -22.98 -34.09
N ILE A 162 44.87 -24.02 -33.43
CA ILE A 162 44.89 -25.36 -34.01
C ILE A 162 43.91 -25.46 -35.17
N LEU A 163 42.74 -24.84 -35.02
CA LEU A 163 41.69 -24.86 -36.03
C LEU A 163 41.68 -23.55 -36.80
N SER A 164 41.27 -23.63 -38.07
CA SER A 164 41.24 -22.46 -38.94
C SER A 164 40.14 -21.49 -38.50
N CYS A 165 40.44 -20.20 -38.58
CA CYS A 165 39.56 -19.16 -38.03
C CYS A 165 38.25 -19.05 -38.80
N LYS A 166 38.24 -19.43 -40.09
CA LYS A 166 36.98 -19.52 -40.82
C LYS A 166 36.10 -20.63 -40.27
N GLN A 167 36.69 -21.72 -39.79
CA GLN A 167 35.90 -22.79 -39.18
C GLN A 167 35.38 -22.38 -37.82
N LEU A 168 36.14 -21.58 -37.06
CA LEU A 168 35.63 -21.00 -35.82
C LEU A 168 34.49 -20.03 -36.10
N SER A 169 34.60 -19.24 -37.17
CA SER A 169 33.53 -18.32 -37.53
C SER A 169 32.27 -19.07 -37.95
N ASN A 170 32.42 -20.16 -38.71
CA ASN A 170 31.27 -20.95 -39.12
C ASN A 170 30.63 -21.69 -37.94
N THR A 171 31.46 -22.21 -37.03
CA THR A 171 30.95 -22.89 -35.84
C THR A 171 30.24 -21.91 -34.92
N LEU A 172 30.80 -20.70 -34.76
CA LEU A 172 30.14 -19.67 -33.98
C LEU A 172 28.85 -19.20 -34.65
N ASN A 173 28.81 -19.19 -35.98
CA ASN A 173 27.57 -18.87 -36.70
C ASN A 173 26.50 -19.92 -36.44
N ILE A 174 26.87 -21.21 -36.49
CA ILE A 174 25.92 -22.28 -36.23
C ILE A 174 25.43 -22.23 -34.79
N MET A 175 26.35 -21.99 -33.85
CA MET A 175 26.00 -21.90 -32.43
C MET A 175 25.15 -20.67 -32.13
N LEU A 176 25.43 -19.54 -32.79
CA LEU A 176 24.64 -18.33 -32.58
C LEU A 176 23.24 -18.47 -33.18
N LEU A 177 23.13 -19.11 -34.34
CA LEU A 177 21.83 -19.37 -34.93
C LEU A 177 21.01 -20.34 -34.07
N GLN A 178 21.67 -21.35 -33.50
CA GLN A 178 21.01 -22.26 -32.57
C GLN A 178 20.53 -21.55 -31.31
N TYR A 179 21.36 -20.67 -30.75
CA TYR A 179 20.95 -19.97 -29.53
C TYR A 179 19.88 -18.93 -29.83
N TYR A 180 19.94 -18.27 -31.00
CA TYR A 180 18.87 -17.37 -31.40
C TYR A 180 17.56 -18.12 -31.62
N SER A 181 17.65 -19.37 -32.09
CA SER A 181 16.46 -20.23 -32.12
C SER A 181 15.95 -20.51 -30.71
N GLN A 182 16.86 -20.65 -29.74
CA GLN A 182 16.42 -20.90 -28.37
C GLN A 182 15.71 -19.69 -27.75
N ILE A 183 16.27 -18.49 -27.90
CA ILE A 183 15.58 -17.27 -27.45
C ILE A 183 14.29 -17.04 -28.24
N LEU A 184 14.28 -17.36 -29.54
CA LEU A 184 13.06 -17.30 -30.32
C LEU A 184 12.00 -18.30 -29.84
N THR A 185 12.45 -19.43 -29.30
CA THR A 185 11.53 -20.45 -28.79
C THR A 185 10.93 -20.04 -27.45
N VAL A 186 11.77 -19.56 -26.52
CA VAL A 186 11.28 -19.29 -25.16
C VAL A 186 10.39 -18.06 -25.13
N PHE A 187 10.72 -17.02 -25.89
CA PHE A 187 9.88 -15.82 -25.94
C PHE A 187 8.90 -15.88 -27.11
N GLY A 188 8.14 -16.97 -27.18
CA GLY A 188 7.09 -17.09 -28.17
C GLY A 188 5.91 -16.19 -27.87
N PRO A 189 5.18 -16.50 -26.78
CA PRO A 189 4.09 -15.59 -26.36
C PRO A 189 4.57 -14.26 -25.81
N ASN A 190 5.85 -14.14 -25.45
CA ASN A 190 6.36 -12.90 -24.86
C ASN A 190 6.49 -11.76 -25.86
N LEU A 191 6.38 -12.03 -27.16
CA LEU A 191 6.46 -10.97 -28.16
C LEU A 191 5.16 -10.20 -28.32
N ARG A 192 4.05 -10.70 -27.81
CA ARG A 192 2.76 -10.05 -28.03
C ARG A 192 2.56 -8.89 -27.06
N ASP A 193 2.49 -9.19 -25.76
CA ASP A 193 2.29 -8.18 -24.73
C ASP A 193 3.26 -8.47 -23.59
N PRO A 194 4.48 -7.95 -23.66
CA PRO A 194 5.51 -8.32 -22.68
C PRO A 194 5.43 -7.59 -21.36
N ALA A 195 4.24 -7.50 -20.76
CA ALA A 195 4.08 -6.93 -19.44
C ALA A 195 3.15 -7.74 -18.54
N THR A 196 2.17 -8.45 -19.09
CA THR A 196 1.17 -9.14 -18.29
C THR A 196 1.31 -10.65 -18.31
N VAL A 197 2.25 -11.18 -19.10
CA VAL A 197 2.46 -12.62 -19.21
C VAL A 197 3.69 -12.98 -18.38
N PRO A 198 3.57 -13.92 -17.44
CA PRO A 198 4.73 -14.32 -16.63
C PRO A 198 5.67 -15.21 -17.45
N VAL A 199 6.80 -15.55 -16.84
CA VAL A 199 7.85 -16.31 -17.50
C VAL A 199 7.98 -17.65 -16.78
N SER A 200 7.84 -18.74 -17.54
CA SER A 200 8.09 -20.07 -16.99
C SER A 200 9.58 -20.23 -16.69
N ILE A 201 9.89 -20.63 -15.47
CA ILE A 201 11.27 -20.72 -15.04
C ILE A 201 11.98 -21.92 -15.67
N GLN A 202 11.24 -22.98 -16.01
CA GLN A 202 11.83 -24.11 -16.71
C GLN A 202 12.17 -23.76 -18.15
N ALA A 203 11.32 -22.96 -18.78
CA ALA A 203 11.62 -22.46 -20.13
C ALA A 203 12.81 -21.50 -20.11
N LEU A 204 12.99 -20.76 -19.03
CA LEU A 204 14.22 -19.98 -18.85
C LEU A 204 15.43 -20.88 -18.72
N SER A 205 15.30 -21.97 -17.96
CA SER A 205 16.40 -22.93 -17.80
C SER A 205 16.73 -23.64 -19.11
N GLN A 206 15.75 -23.77 -20.01
CA GLN A 206 15.98 -24.34 -21.33
C GLN A 206 16.94 -23.50 -22.18
N LEU A 207 17.06 -22.20 -21.89
CA LEU A 207 18.12 -21.40 -22.50
C LEU A 207 19.51 -21.81 -22.03
N PHE A 208 19.61 -22.46 -20.86
CA PHE A 208 20.90 -22.81 -20.29
C PHE A 208 21.01 -24.31 -20.09
N GLU A 209 20.61 -25.06 -21.12
CA GLU A 209 20.71 -26.53 -21.20
C GLU A 209 19.96 -27.23 -20.06
N GLY A 210 18.83 -26.65 -19.65
CA GLY A 210 17.94 -27.27 -18.68
C GLY A 210 18.50 -27.44 -17.29
N ASN A 211 19.23 -26.45 -16.79
CA ASN A 211 19.83 -26.50 -15.45
C ASN A 211 18.98 -25.62 -14.53
N LEU A 212 17.90 -26.20 -14.00
CA LEU A 212 17.07 -25.46 -13.05
C LEU A 212 17.76 -25.28 -11.71
N GLU A 213 18.63 -26.23 -11.34
CA GLU A 213 19.29 -26.13 -10.03
C GLU A 213 20.39 -25.07 -10.01
N LEU A 214 21.00 -24.74 -11.14
CA LEU A 214 21.98 -23.66 -11.19
C LEU A 214 21.33 -22.33 -10.88
N LEU A 215 20.21 -22.02 -11.55
CA LEU A 215 19.47 -20.80 -11.26
C LEU A 215 18.79 -20.86 -9.89
N THR A 216 18.46 -22.07 -9.42
CA THR A 216 17.90 -22.22 -8.08
C THR A 216 18.92 -21.85 -7.01
N SER A 217 20.16 -22.33 -7.16
CA SER A 217 21.21 -22.03 -6.20
C SER A 217 21.66 -20.58 -6.30
N SER A 218 21.82 -20.07 -7.53
CA SER A 218 22.25 -18.68 -7.69
C SER A 218 21.15 -17.69 -7.36
N LEU A 219 19.89 -18.11 -7.39
CA LEU A 219 18.78 -17.21 -7.05
C LEU A 219 18.68 -17.00 -5.54
N GLY A 220 19.12 -17.97 -4.74
CA GLY A 220 19.08 -17.88 -3.30
C GLY A 220 18.16 -18.88 -2.64
N ILE A 221 17.25 -19.50 -3.39
CA ILE A 221 16.35 -20.50 -2.82
C ILE A 221 17.13 -21.80 -2.65
N SER A 222 17.25 -22.25 -1.41
CA SER A 222 17.95 -23.49 -1.08
C SER A 222 16.98 -24.41 -0.35
N SER A 223 16.28 -25.23 -1.12
CA SER A 223 15.32 -26.16 -0.53
C SER A 223 16.05 -27.33 0.12
N THR A 224 15.53 -27.76 1.27
CA THR A 224 16.13 -28.83 2.04
C THR A 224 15.18 -29.99 2.30
N ASP A 225 13.91 -29.71 2.63
CA ASP A 225 12.98 -30.75 3.01
C ASP A 225 12.43 -31.47 1.78
N PHE A 226 11.56 -32.45 2.04
CA PHE A 226 10.99 -33.25 0.96
C PHE A 226 10.01 -32.45 0.12
N ASN A 227 9.23 -31.57 0.76
CA ASN A 227 8.12 -30.91 0.08
C ASN A 227 8.60 -29.84 -0.88
N ASP A 228 9.68 -29.15 -0.55
CA ASP A 228 10.20 -28.08 -1.38
C ASP A 228 11.25 -28.55 -2.38
N LEU A 229 11.64 -29.83 -2.35
CA LEU A 229 12.58 -30.33 -3.36
C LEU A 229 11.89 -30.50 -4.70
N LEU A 230 10.67 -31.05 -4.70
CA LEU A 230 9.89 -31.14 -5.93
C LEU A 230 9.34 -29.79 -6.35
N THR A 231 8.99 -28.96 -5.36
CA THR A 231 8.51 -27.60 -5.62
C THR A 231 9.67 -26.75 -6.13
N GLY A 232 9.37 -25.81 -7.03
CA GLY A 232 10.40 -25.00 -7.64
C GLY A 232 10.06 -24.71 -9.09
N LYS A 233 8.95 -25.27 -9.53
CA LYS A 233 8.35 -24.95 -10.82
C LYS A 233 7.34 -23.81 -10.71
N LEU A 234 7.28 -23.14 -9.56
CA LEU A 234 6.29 -22.11 -9.27
C LEU A 234 6.97 -20.78 -8.94
N ILE A 235 8.07 -20.47 -9.64
CA ILE A 235 8.82 -19.26 -9.32
C ILE A 235 8.13 -18.02 -9.89
N THR A 236 7.82 -18.04 -11.19
CA THR A 236 7.14 -17.00 -11.96
C THR A 236 7.85 -15.64 -11.93
N GLY A 237 7.22 -14.63 -12.49
CA GLY A 237 7.77 -13.29 -12.55
C GLY A 237 7.65 -12.71 -13.94
N SER A 238 7.75 -11.38 -14.02
CA SER A 238 7.59 -10.65 -15.27
C SER A 238 8.83 -9.81 -15.54
N ILE A 239 9.03 -9.49 -16.81
CA ILE A 239 10.17 -8.68 -17.24
C ILE A 239 9.91 -7.24 -16.82
N ILE A 240 10.97 -6.49 -16.53
CA ILE A 240 10.82 -5.08 -16.19
C ILE A 240 11.57 -4.15 -17.14
N TRP A 241 12.60 -4.63 -17.85
CA TRP A 241 13.30 -3.76 -18.78
C TRP A 241 13.90 -4.57 -19.92
N ALA A 242 14.07 -3.91 -21.07
CA ALA A 242 14.57 -4.53 -22.29
C ALA A 242 15.61 -3.63 -22.96
N ASP A 243 16.64 -3.27 -22.18
CA ASP A 243 17.66 -2.31 -22.60
C ASP A 243 18.40 -2.78 -23.85
N THR A 244 18.58 -1.85 -24.80
CA THR A 244 19.10 -2.17 -26.12
C THR A 244 20.59 -1.94 -26.25
N GLN A 245 21.16 -1.06 -25.42
CA GLN A 245 22.56 -0.69 -25.55
C GLN A 245 23.49 -1.82 -25.13
N GLY A 246 23.31 -2.31 -23.90
CA GLY A 246 24.04 -3.47 -23.44
C GLY A 246 23.47 -4.79 -23.87
N HIS A 247 22.32 -4.77 -24.55
CA HIS A 247 21.61 -5.94 -25.08
C HIS A 247 21.29 -6.95 -23.98
N TYR A 248 20.58 -6.47 -22.97
CA TYR A 248 20.20 -7.30 -21.84
C TYR A 248 18.75 -7.03 -21.47
N LEU A 249 18.16 -7.99 -20.75
CA LEU A 249 16.78 -7.91 -20.28
C LEU A 249 16.78 -7.99 -18.76
N ILE A 250 16.26 -6.97 -18.11
CA ILE A 250 16.16 -6.93 -16.65
C ILE A 250 14.84 -7.57 -16.25
N LEU A 251 14.93 -8.65 -15.47
CA LEU A 251 13.80 -9.48 -15.09
C LEU A 251 13.62 -9.40 -13.57
N ARG A 252 12.37 -9.52 -13.12
CA ARG A 252 12.04 -9.60 -11.71
C ARG A 252 11.35 -10.93 -11.46
N VAL A 253 11.86 -11.69 -10.48
CA VAL A 253 11.30 -12.99 -10.15
C VAL A 253 10.81 -12.95 -8.71
N ASN A 254 9.97 -13.93 -8.39
CA ASN A 254 9.30 -14.01 -7.09
C ASN A 254 9.80 -15.23 -6.33
N ILE A 255 10.27 -15.02 -5.11
CA ILE A 255 10.67 -16.12 -4.23
C ILE A 255 9.41 -16.63 -3.54
N PRO A 256 9.06 -17.91 -3.70
CA PRO A 256 7.78 -18.41 -3.20
C PRO A 256 7.85 -18.85 -1.74
N ASP A 257 6.66 -19.10 -1.19
CA ASP A 257 6.50 -19.66 0.14
C ASP A 257 5.19 -20.42 0.17
N LEU A 258 5.20 -21.59 0.80
CA LEU A 258 4.05 -22.47 0.84
C LEU A 258 3.29 -22.24 2.15
N ILE A 259 2.21 -21.47 2.08
CA ILE A 259 1.34 -21.28 3.23
C ILE A 259 0.30 -22.38 3.23
N GLU A 260 -0.34 -22.58 4.37
CA GLU A 260 -1.27 -23.68 4.56
C GLU A 260 -2.66 -23.14 4.85
N VAL A 261 -3.65 -23.58 4.07
CA VAL A 261 -5.04 -23.30 4.39
C VAL A 261 -5.46 -24.12 5.60
N PRO A 262 -6.06 -23.51 6.62
CA PRO A 262 -6.35 -24.25 7.86
C PRO A 262 -7.56 -25.17 7.73
N GLY A 263 -7.42 -26.38 8.26
CA GLY A 263 -8.52 -27.31 8.36
C GLY A 263 -8.86 -28.07 7.11
N ALA A 264 -8.10 -27.91 6.03
CA ALA A 264 -8.42 -28.54 4.76
C ALA A 264 -7.58 -29.80 4.59
N VAL A 265 -8.26 -30.91 4.36
CA VAL A 265 -7.65 -32.23 4.19
C VAL A 265 -8.11 -32.80 2.85
N ILE A 266 -7.16 -33.23 2.03
CA ILE A 266 -7.44 -33.92 0.78
C ILE A 266 -7.61 -35.40 1.08
N GLN A 267 -8.64 -36.00 0.52
CA GLN A 267 -8.95 -37.41 0.75
C GLN A 267 -8.92 -38.16 -0.58
N GLU A 268 -8.13 -39.22 -0.63
CA GLU A 268 -8.09 -40.12 -1.77
C GLU A 268 -9.08 -41.27 -1.59
N PHE A 269 -9.38 -41.95 -2.70
CA PHE A 269 -10.30 -43.06 -2.71
C PHE A 269 -9.83 -44.10 -3.71
N ILE A 270 -10.22 -45.35 -3.44
CA ILE A 270 -9.91 -46.49 -4.31
C ILE A 270 -11.22 -47.06 -4.80
N LYS A 271 -11.37 -47.17 -6.12
CA LYS A 271 -12.59 -47.66 -6.73
C LYS A 271 -12.34 -49.07 -7.25
N ILE A 272 -13.15 -50.02 -6.78
CA ILE A 272 -13.05 -51.41 -7.22
C ILE A 272 -14.35 -51.76 -7.95
N GLY A 273 -14.27 -52.83 -8.74
CA GLY A 273 -15.42 -53.31 -9.47
C GLY A 273 -16.20 -54.32 -8.64
N TYR A 274 -17.53 -54.23 -8.74
CA TYR A 274 -18.41 -55.15 -8.04
C TYR A 274 -19.34 -55.82 -9.03
N ASN A 275 -19.60 -57.11 -8.80
CA ASN A 275 -20.40 -57.93 -9.70
C ASN A 275 -21.84 -57.93 -9.17
N PHE A 276 -22.67 -57.10 -9.77
CA PHE A 276 -24.10 -57.04 -9.47
C PHE A 276 -24.87 -57.38 -10.73
N GLY A 277 -25.85 -58.27 -10.60
CA GLY A 277 -26.68 -58.68 -11.74
C GLY A 277 -25.93 -59.43 -12.82
N GLY A 278 -24.82 -60.08 -12.46
CA GLY A 278 -23.95 -60.65 -13.47
C GLY A 278 -23.18 -59.62 -14.26
N SER A 279 -23.01 -58.42 -13.73
CA SER A 279 -22.37 -57.31 -14.44
C SER A 279 -21.36 -56.63 -13.53
N LEU A 280 -20.22 -56.25 -14.11
CA LEU A 280 -19.16 -55.58 -13.38
C LEU A 280 -19.37 -54.07 -13.46
N TRP A 281 -19.56 -53.44 -12.31
CA TRP A 281 -19.76 -52.00 -12.22
C TRP A 281 -18.66 -51.36 -11.39
N MET A 282 -18.29 -50.15 -11.79
CA MET A 282 -17.41 -49.25 -11.08
C MET A 282 -18.20 -48.07 -10.51
N PRO A 283 -17.87 -47.62 -9.30
CA PRO A 283 -18.57 -46.44 -8.75
C PRO A 283 -18.15 -45.17 -9.47
N THR A 284 -19.09 -44.24 -9.60
CA THR A 284 -18.84 -42.97 -10.27
C THR A 284 -18.71 -41.88 -9.21
N ILE A 285 -17.51 -41.76 -8.67
CA ILE A 285 -17.20 -40.74 -7.67
C ILE A 285 -15.89 -40.05 -8.05
N PRO A 286 -15.71 -38.77 -7.72
CA PRO A 286 -14.39 -38.14 -7.91
C PRO A 286 -13.36 -38.73 -6.96
N ASN A 287 -12.10 -38.72 -7.41
CA ASN A 287 -11.03 -39.37 -6.65
C ASN A 287 -10.64 -38.56 -5.42
N LYS A 288 -10.55 -37.24 -5.56
CA LYS A 288 -10.05 -36.37 -4.50
C LYS A 288 -11.20 -35.57 -3.91
N ILE A 289 -11.30 -35.57 -2.58
CA ILE A 289 -12.33 -34.82 -1.86
C ILE A 289 -11.64 -33.97 -0.81
N ILE A 290 -11.78 -32.65 -0.92
CA ILE A 290 -11.20 -31.74 0.07
C ILE A 290 -12.26 -31.36 1.09
N ILE A 291 -11.92 -31.55 2.37
CA ILE A 291 -12.80 -31.24 3.49
C ILE A 291 -12.20 -30.10 4.30
N ARG A 292 -13.04 -29.12 4.64
CA ARG A 292 -12.61 -28.03 5.53
C ARG A 292 -13.80 -27.63 6.38
N GLY A 293 -13.92 -28.27 7.54
CA GLY A 293 -14.95 -27.94 8.51
C GLY A 293 -16.37 -28.15 8.04
N TYR A 294 -16.70 -29.39 7.67
CA TYR A 294 -17.98 -29.79 7.06
C TYR A 294 -18.23 -28.96 5.80
N HIS A 295 -17.36 -29.16 4.81
CA HIS A 295 -17.46 -28.45 3.54
C HIS A 295 -16.72 -29.31 2.50
N LEU A 296 -17.47 -30.05 1.70
CA LEU A 296 -16.91 -30.80 0.58
C LEU A 296 -16.79 -29.90 -0.63
N SER A 297 -15.59 -29.82 -1.19
CA SER A 297 -15.34 -29.10 -2.43
C SER A 297 -14.67 -30.05 -3.41
N LEU A 298 -14.60 -29.63 -4.67
CA LEU A 298 -13.89 -30.37 -5.69
C LEU A 298 -12.64 -29.60 -6.11
N ILE A 299 -11.58 -30.32 -6.44
CA ILE A 299 -10.34 -29.72 -6.92
C ILE A 299 -9.86 -30.53 -8.12
N ASP A 300 -9.01 -29.91 -8.92
CA ASP A 300 -8.30 -30.59 -9.99
C ASP A 300 -6.80 -30.36 -9.80
N SER A 301 -6.06 -31.45 -9.65
CA SER A 301 -4.60 -31.37 -9.53
C SER A 301 -3.93 -31.51 -10.89
N THR A 302 -4.37 -30.70 -11.85
CA THR A 302 -3.78 -30.74 -13.19
C THR A 302 -2.39 -30.12 -13.19
N ASN A 303 -2.21 -29.00 -12.49
CA ASN A 303 -0.92 -28.36 -12.36
C ASN A 303 -0.34 -28.50 -10.97
N CYS A 304 -0.94 -29.34 -10.13
CA CYS A 304 -0.54 -29.47 -8.73
C CYS A 304 0.27 -30.73 -8.53
N ILE A 305 1.47 -30.58 -7.98
CA ILE A 305 2.31 -31.71 -7.63
C ILE A 305 1.88 -32.28 -6.29
N ILE A 306 1.99 -33.61 -6.16
CA ILE A 306 1.54 -34.32 -4.97
C ILE A 306 2.77 -34.91 -4.29
N THR A 307 3.00 -34.54 -3.04
CA THR A 307 4.07 -35.12 -2.24
C THR A 307 3.52 -36.31 -1.48
N ASP A 308 4.31 -36.83 -0.53
CA ASP A 308 3.88 -38.00 0.24
C ASP A 308 2.83 -37.66 1.28
N ASN A 309 2.71 -36.39 1.66
CA ASN A 309 1.89 -36.01 2.79
C ASN A 309 0.94 -34.84 2.55
N SER A 310 1.06 -34.13 1.43
CA SER A 310 0.26 -32.94 1.22
C SER A 310 0.03 -32.73 -0.27
N TYR A 311 -0.78 -31.73 -0.59
CA TYR A 311 -1.03 -31.31 -1.97
C TYR A 311 -0.45 -29.91 -2.16
N VAL A 312 0.40 -29.77 -3.17
CA VAL A 312 1.09 -28.52 -3.44
C VAL A 312 0.50 -27.96 -4.74
N CYS A 313 -0.40 -26.99 -4.61
CA CYS A 313 -0.94 -26.27 -5.75
C CYS A 313 -0.30 -24.89 -5.81
N ASP A 314 -0.15 -24.38 -7.04
CA ASP A 314 0.32 -23.01 -7.22
C ASP A 314 -0.69 -22.00 -6.71
N ARG A 315 -1.98 -22.32 -6.82
CA ARG A 315 -3.06 -21.45 -6.42
C ARG A 315 -4.29 -22.33 -6.20
N ASP A 316 -5.23 -21.84 -5.40
CA ASP A 316 -6.40 -22.64 -5.05
C ASP A 316 -7.30 -22.86 -6.25
N TYR A 317 -7.76 -24.09 -6.41
CA TYR A 317 -8.50 -24.54 -7.59
C TYR A 317 -9.80 -25.21 -7.18
N SER A 318 -10.57 -24.53 -6.34
CA SER A 318 -11.82 -25.08 -5.83
C SER A 318 -12.89 -25.12 -6.91
N LEU A 319 -13.61 -26.24 -6.98
CA LEU A 319 -14.73 -26.48 -7.88
C LEU A 319 -15.93 -26.98 -7.08
N PRO A 320 -17.15 -26.70 -7.53
CA PRO A 320 -18.34 -27.18 -6.81
C PRO A 320 -18.81 -28.52 -7.35
N MET A 321 -19.69 -29.16 -6.57
CA MET A 321 -20.42 -30.34 -7.01
C MET A 321 -21.91 -30.12 -6.80
N ASN A 322 -22.69 -31.06 -7.33
CA ASN A 322 -24.13 -31.04 -7.12
C ASN A 322 -24.45 -31.51 -5.69
N PRO A 323 -25.56 -31.04 -5.11
CA PRO A 323 -26.00 -31.58 -3.81
C PRO A 323 -26.37 -33.07 -3.85
N ILE A 324 -26.66 -33.64 -5.02
CA ILE A 324 -26.83 -35.08 -5.14
C ILE A 324 -25.52 -35.81 -4.85
N LEU A 325 -24.39 -35.21 -5.22
CA LEU A 325 -23.09 -35.76 -4.83
C LEU A 325 -22.89 -35.69 -3.32
N ARG A 326 -23.38 -34.63 -2.67
CA ARG A 326 -23.33 -34.54 -1.22
C ARG A 326 -24.20 -35.61 -0.56
N GLU A 327 -25.37 -35.90 -1.15
CA GLU A 327 -26.22 -36.99 -0.66
C GLU A 327 -25.55 -38.34 -0.86
N CYS A 328 -24.86 -38.51 -1.99
CA CYS A 328 -24.12 -39.75 -2.26
C CYS A 328 -22.99 -39.96 -1.27
N PHE A 329 -22.25 -38.90 -0.95
CA PHE A 329 -21.14 -39.03 -0.02
C PHE A 329 -21.62 -39.17 1.43
N GLU A 330 -22.73 -38.53 1.79
CA GLU A 330 -23.17 -38.55 3.18
C GLU A 330 -23.95 -39.82 3.51
N GLY A 331 -25.14 -39.96 2.93
CA GLY A 331 -25.99 -41.07 3.32
C GLY A 331 -26.58 -41.95 2.23
N ASN A 332 -26.72 -41.41 1.02
CA ASN A 332 -27.59 -42.01 0.01
C ASN A 332 -26.75 -42.81 -0.99
N THR A 333 -26.65 -44.11 -0.76
CA THR A 333 -26.02 -44.98 -1.75
C THR A 333 -26.90 -45.18 -2.98
N SER A 334 -28.21 -44.95 -2.86
CA SER A 334 -29.09 -44.97 -4.02
C SER A 334 -28.82 -43.80 -4.95
N SER A 335 -28.36 -42.68 -4.42
CA SER A 335 -27.99 -41.52 -5.24
C SER A 335 -26.63 -41.68 -5.90
N CYS A 336 -25.84 -42.67 -5.50
CA CYS A 336 -24.53 -42.90 -6.09
C CYS A 336 -24.67 -43.69 -7.38
N GLY A 337 -24.00 -43.21 -8.43
CA GLY A 337 -24.09 -43.82 -9.74
C GLY A 337 -23.14 -44.99 -9.90
N ARG A 338 -23.21 -45.60 -11.08
CA ARG A 338 -22.42 -46.77 -11.41
C ARG A 338 -22.16 -46.80 -12.90
N GLU A 339 -21.09 -47.49 -13.29
CA GLU A 339 -20.74 -47.59 -14.70
C GLU A 339 -20.35 -49.03 -15.02
N MET A 340 -20.51 -49.39 -16.29
CA MET A 340 -20.25 -50.75 -16.77
C MET A 340 -18.81 -50.89 -17.21
N VAL A 341 -18.15 -51.95 -16.75
CA VAL A 341 -16.82 -52.31 -17.20
C VAL A 341 -16.78 -53.80 -17.51
N LEU A 342 -15.91 -54.18 -18.45
CA LEU A 342 -15.64 -55.59 -18.71
C LEU A 342 -14.15 -55.86 -18.89
N ASN A 343 -13.30 -54.84 -18.82
CA ASN A 343 -11.88 -54.99 -19.03
C ASN A 343 -11.22 -55.73 -17.85
N SER A 344 -10.07 -56.33 -18.14
CA SER A 344 -9.41 -57.21 -17.19
C SER A 344 -8.64 -56.47 -16.10
N TYR A 345 -8.34 -55.18 -16.29
CA TYR A 345 -7.52 -54.45 -15.33
C TYR A 345 -8.39 -53.73 -14.29
N ILE A 346 -9.30 -54.47 -13.68
CA ILE A 346 -10.15 -53.97 -12.61
C ILE A 346 -9.73 -54.65 -11.32
N PRO A 347 -9.24 -53.92 -10.31
CA PRO A 347 -8.98 -54.54 -9.01
C PRO A 347 -10.29 -54.91 -8.33
N LEU A 348 -10.25 -56.02 -7.59
CA LEU A 348 -11.42 -56.53 -6.90
C LEU A 348 -11.21 -56.66 -5.40
N TYR A 349 -9.97 -56.67 -4.93
CA TYR A 349 -9.66 -56.69 -3.51
C TYR A 349 -8.69 -55.57 -3.19
N ALA A 350 -8.80 -55.05 -1.96
CA ALA A 350 -7.89 -54.01 -1.50
C ALA A 350 -7.81 -54.08 0.03
N LEU A 351 -6.84 -53.34 0.55
CA LEU A 351 -6.46 -53.39 1.96
C LEU A 351 -6.61 -52.00 2.56
N SER A 352 -7.21 -51.91 3.75
CA SER A 352 -7.40 -50.64 4.42
C SER A 352 -7.43 -50.90 5.92
N GLU A 353 -6.42 -50.36 6.63
CA GLU A 353 -6.22 -50.51 8.07
C GLU A 353 -6.16 -51.99 8.49
N GLY A 354 -5.54 -52.81 7.65
CA GLY A 354 -5.51 -54.23 7.90
C GLY A 354 -6.82 -54.94 7.70
N VAL A 355 -7.76 -54.32 6.98
CA VAL A 355 -9.07 -54.90 6.71
C VAL A 355 -9.21 -55.04 5.20
N ILE A 356 -9.58 -56.23 4.75
CA ILE A 356 -9.63 -56.53 3.33
C ILE A 356 -11.05 -56.28 2.83
N TYR A 357 -11.17 -55.40 1.84
CA TYR A 357 -12.43 -55.21 1.12
C TYR A 357 -12.29 -55.91 -0.22
N ALA A 358 -12.96 -57.05 -0.37
CA ALA A 358 -12.75 -57.93 -1.50
C ALA A 358 -14.06 -58.38 -2.11
N ASN A 359 -14.13 -58.37 -3.44
CA ASN A 359 -15.22 -58.99 -4.18
C ASN A 359 -14.88 -60.46 -4.36
N CYS A 360 -15.47 -61.30 -3.51
CA CYS A 360 -15.18 -62.73 -3.54
C CYS A 360 -15.95 -63.48 -4.61
N LEU A 361 -16.84 -62.80 -5.33
CA LEU A 361 -17.59 -63.46 -6.40
C LEU A 361 -16.71 -63.74 -7.60
N ALA A 362 -15.72 -62.89 -7.86
CA ALA A 362 -14.77 -63.11 -8.95
C ALA A 362 -13.40 -63.53 -8.47
N THR A 363 -13.00 -63.15 -7.26
CA THR A 363 -11.70 -63.49 -6.71
C THR A 363 -11.83 -64.61 -5.69
N SER A 364 -10.88 -65.54 -5.71
CA SER A 364 -10.87 -66.62 -4.73
C SER A 364 -10.59 -66.08 -3.33
N CYS A 365 -11.34 -66.57 -2.35
CA CYS A 365 -11.20 -66.15 -0.96
C CYS A 365 -11.16 -67.39 -0.07
N LYS A 366 -10.07 -67.54 0.67
CA LYS A 366 -9.92 -68.69 1.57
C LYS A 366 -9.14 -68.26 2.80
N CYS A 367 -9.27 -69.07 3.85
CA CYS A 367 -8.47 -68.93 5.06
C CYS A 367 -7.57 -70.15 5.15
N ALA A 368 -6.25 -69.92 5.11
CA ALA A 368 -5.31 -71.02 4.89
C ALA A 368 -5.17 -71.93 6.10
N THR A 369 -5.33 -71.39 7.31
CA THR A 369 -5.21 -72.23 8.50
C THR A 369 -6.39 -73.18 8.65
N THR A 370 -7.60 -72.75 8.29
CA THR A 370 -8.78 -73.61 8.33
C THR A 370 -9.01 -74.36 7.03
N ASN A 371 -8.47 -73.87 5.92
CA ASN A 371 -8.59 -74.47 4.58
C ASN A 371 -10.05 -74.65 4.16
N LYS A 372 -10.82 -73.57 4.26
CA LYS A 372 -12.22 -73.56 3.85
C LYS A 372 -12.47 -72.39 2.93
N PRO A 373 -13.39 -72.52 1.98
CA PRO A 373 -13.73 -71.39 1.11
C PRO A 373 -14.58 -70.35 1.83
N ILE A 374 -14.50 -69.14 1.32
CA ILE A 374 -15.33 -68.03 1.77
C ILE A 374 -16.32 -67.70 0.66
N VAL A 375 -17.60 -67.77 0.98
CA VAL A 375 -18.66 -67.64 0.00
C VAL A 375 -19.26 -66.24 0.08
N GLN A 376 -19.68 -65.71 -1.07
CA GLN A 376 -20.37 -64.43 -1.11
C GLN A 376 -21.75 -64.55 -0.45
N SER A 377 -22.00 -63.70 0.53
CA SER A 377 -23.33 -63.60 1.09
C SER A 377 -24.26 -62.89 0.09
N THR A 378 -25.54 -63.28 0.11
CA THR A 378 -26.51 -62.65 -0.77
C THR A 378 -26.90 -61.25 -0.31
N SER A 379 -26.74 -60.94 0.98
CA SER A 379 -27.07 -59.63 1.48
C SER A 379 -26.05 -58.58 1.07
N THR A 380 -24.80 -58.96 0.90
CA THR A 380 -23.72 -58.04 0.55
C THR A 380 -23.25 -58.27 -0.88
N VAL A 381 -22.49 -57.30 -1.39
CA VAL A 381 -21.78 -57.45 -2.64
C VAL A 381 -20.27 -57.33 -2.42
N ILE A 382 -19.85 -56.35 -1.64
CA ILE A 382 -18.45 -56.19 -1.24
C ILE A 382 -18.25 -56.91 0.08
N THR A 383 -17.25 -57.78 0.14
CA THR A 383 -16.98 -58.59 1.32
C THR A 383 -15.97 -57.90 2.22
N MET A 384 -16.34 -57.72 3.49
CA MET A 384 -15.40 -57.27 4.50
C MET A 384 -14.73 -58.51 5.09
N ILE A 385 -13.42 -58.41 5.28
CA ILE A 385 -12.61 -59.48 5.84
C ILE A 385 -11.74 -58.88 6.93
N ASP A 386 -11.88 -59.39 8.16
CA ASP A 386 -11.02 -59.00 9.27
C ASP A 386 -10.45 -60.25 9.94
N ASN A 387 -9.77 -60.07 11.08
CA ASN A 387 -9.23 -61.20 11.81
C ASN A 387 -10.30 -61.96 12.61
N SER A 388 -11.51 -61.42 12.71
CA SER A 388 -12.60 -62.14 13.36
C SER A 388 -13.00 -63.38 12.58
N LYS A 389 -13.04 -63.28 11.24
CA LYS A 389 -13.27 -64.46 10.42
C LYS A 389 -12.05 -65.36 10.40
N CYS A 390 -10.92 -64.83 9.92
CA CYS A 390 -9.63 -65.50 9.98
C CYS A 390 -8.51 -64.47 9.93
N PRO A 391 -7.56 -64.51 10.87
CA PRO A 391 -6.36 -63.65 10.73
C PRO A 391 -5.46 -64.06 9.58
N VAL A 392 -5.56 -65.28 9.11
CA VAL A 392 -4.72 -65.82 8.03
C VAL A 392 -5.61 -65.92 6.79
N VAL A 393 -5.31 -65.11 5.77
CA VAL A 393 -6.20 -64.92 4.64
C VAL A 393 -5.46 -65.29 3.36
N GLU A 394 -6.12 -66.03 2.47
CA GLU A 394 -5.58 -66.33 1.15
C GLU A 394 -6.55 -65.77 0.11
N VAL A 395 -6.06 -64.87 -0.74
CA VAL A 395 -6.88 -64.21 -1.74
C VAL A 395 -6.24 -64.43 -3.09
N GLY A 396 -6.94 -65.17 -3.98
CA GLY A 396 -6.41 -65.50 -5.28
C GLY A 396 -5.19 -66.40 -5.20
N LYS A 397 -4.02 -65.84 -5.49
CA LYS A 397 -2.75 -66.48 -5.21
C LYS A 397 -2.07 -65.90 -3.98
N GLN A 398 -2.36 -64.64 -3.67
CA GLN A 398 -1.66 -63.90 -2.64
C GLN A 398 -2.01 -64.39 -1.23
N MET A 399 -1.03 -64.24 -0.35
CA MET A 399 -1.03 -64.83 0.99
C MET A 399 -0.84 -63.70 1.99
N ILE A 400 -1.88 -63.35 2.74
CA ILE A 400 -1.86 -62.15 3.57
C ILE A 400 -2.27 -62.49 5.00
N SER A 401 -1.88 -61.60 5.91
CA SER A 401 -2.36 -61.63 7.29
C SER A 401 -3.04 -60.32 7.62
N VAL A 402 -4.18 -60.40 8.30
CA VAL A 402 -4.97 -59.22 8.62
C VAL A 402 -4.95 -59.00 10.12
N GLY A 403 -5.52 -57.89 10.57
CA GLY A 403 -5.52 -57.59 11.98
C GLY A 403 -6.44 -56.44 12.29
N SER A 404 -6.10 -55.73 13.37
CA SER A 404 -6.80 -54.55 13.91
C SER A 404 -8.23 -54.97 14.27
N TYR A 405 -9.23 -54.14 13.98
CA TYR A 405 -10.61 -54.47 14.30
C TYR A 405 -11.49 -54.00 13.14
N LEU A 406 -12.81 -54.04 13.35
CA LEU A 406 -13.75 -53.74 12.28
C LEU A 406 -13.92 -52.24 12.07
N GLY A 407 -14.43 -51.55 13.08
CA GLY A 407 -14.75 -50.14 12.94
C GLY A 407 -16.24 -49.90 12.80
N GLN A 408 -16.87 -49.46 13.90
CA GLN A 408 -18.31 -49.22 14.03
C GLN A 408 -19.11 -50.46 13.68
N VAL A 409 -19.52 -50.58 12.42
CA VAL A 409 -20.32 -51.71 11.96
C VAL A 409 -19.66 -52.30 10.72
N SER A 410 -20.02 -53.54 10.42
CA SER A 410 -19.56 -54.15 9.18
C SER A 410 -20.35 -53.59 8.00
N PRO A 411 -19.73 -53.40 6.83
CA PRO A 411 -20.48 -52.99 5.65
C PRO A 411 -21.30 -54.11 5.03
N ASN A 412 -21.04 -55.37 5.40
CA ASN A 412 -21.69 -56.50 4.74
C ASN A 412 -23.13 -56.68 5.18
N ASN A 413 -23.47 -56.38 6.44
CA ASN A 413 -24.83 -56.63 6.89
C ASN A 413 -25.78 -55.48 6.59
N LEU A 414 -25.26 -54.29 6.30
CA LEU A 414 -26.09 -53.20 5.82
C LEU A 414 -26.61 -53.50 4.42
N THR A 415 -27.84 -53.08 4.15
CA THR A 415 -28.41 -53.25 2.83
C THR A 415 -27.74 -52.29 1.84
N ILE A 416 -27.75 -52.67 0.57
CA ILE A 416 -27.08 -51.93 -0.49
C ILE A 416 -28.13 -51.41 -1.46
N GLU A 417 -28.17 -50.09 -1.62
CA GLU A 417 -29.10 -49.45 -2.55
C GLU A 417 -28.34 -49.16 -3.84
N ILE A 418 -28.60 -49.96 -4.87
CA ILE A 418 -27.94 -49.79 -6.15
C ILE A 418 -28.66 -48.70 -6.93
N GLY A 419 -27.91 -47.70 -7.37
CA GLY A 419 -28.48 -46.61 -8.13
C GLY A 419 -28.71 -46.97 -9.58
N PRO A 420 -29.20 -45.99 -10.35
CA PRO A 420 -29.42 -46.23 -11.78
C PRO A 420 -28.11 -46.35 -12.52
N PRO A 421 -28.07 -47.13 -13.61
CA PRO A 421 -26.82 -47.26 -14.38
C PRO A 421 -26.52 -46.00 -15.19
N VAL A 422 -25.40 -45.36 -14.88
CA VAL A 422 -25.03 -44.12 -15.57
C VAL A 422 -24.38 -44.49 -16.90
N TYR A 423 -25.13 -44.29 -17.99
CA TYR A 423 -24.61 -44.56 -19.33
C TYR A 423 -25.40 -43.68 -20.29
N THR A 424 -24.73 -42.67 -20.84
CA THR A 424 -25.38 -41.65 -21.66
C THR A 424 -25.09 -41.88 -23.14
N GLU A 425 -25.86 -41.17 -23.97
CA GLU A 425 -25.77 -41.29 -25.42
C GLU A 425 -26.37 -40.04 -26.04
N PRO A 426 -25.75 -39.47 -27.07
CA PRO A 426 -26.39 -38.35 -27.79
C PRO A 426 -27.70 -38.73 -28.48
N VAL A 427 -27.83 -40.00 -28.90
CA VAL A 427 -29.08 -40.50 -29.44
C VAL A 427 -30.16 -40.50 -28.37
N ASP A 428 -29.79 -40.84 -27.13
CA ASP A 428 -30.71 -40.77 -26.00
C ASP A 428 -31.17 -39.34 -25.75
N ILE A 429 -30.25 -38.38 -25.85
CA ILE A 429 -30.60 -36.97 -25.68
C ILE A 429 -31.53 -36.51 -26.81
N THR A 430 -31.27 -36.95 -28.04
CA THR A 430 -32.05 -36.50 -29.20
C THR A 430 -33.46 -37.06 -29.18
N ASN A 431 -33.61 -38.38 -28.96
CA ASN A 431 -34.96 -38.92 -28.91
C ASN A 431 -35.67 -38.58 -27.61
N GLN A 432 -34.93 -38.26 -26.54
CA GLN A 432 -35.56 -37.67 -25.37
C GLN A 432 -36.12 -36.29 -25.66
N LEU A 433 -35.38 -35.48 -26.45
CA LEU A 433 -35.88 -34.17 -26.87
C LEU A 433 -37.13 -34.30 -27.72
N GLY A 434 -37.13 -35.27 -28.64
CA GLY A 434 -38.33 -35.52 -29.44
C GLY A 434 -39.52 -36.00 -28.61
N ASN A 435 -39.26 -36.90 -27.66
CA ASN A 435 -40.28 -37.40 -26.75
C ASN A 435 -40.87 -36.27 -25.91
N ILE A 436 -40.00 -35.41 -25.35
CA ILE A 436 -40.45 -34.26 -24.56
C ILE A 436 -41.27 -33.31 -25.42
N ASN A 437 -40.83 -33.07 -26.67
CA ASN A 437 -41.56 -32.15 -27.55
C ASN A 437 -42.96 -32.65 -27.88
N GLU A 438 -43.08 -33.92 -28.29
CA GLU A 438 -44.41 -34.43 -28.63
C GLU A 438 -45.30 -34.56 -27.40
N THR A 439 -44.72 -34.91 -26.24
CA THR A 439 -45.54 -35.01 -25.04
C THR A 439 -45.98 -33.64 -24.53
N LEU A 440 -45.13 -32.60 -24.59
CA LEU A 440 -45.68 -31.35 -24.08
C LEU A 440 -46.59 -30.69 -25.10
N SER A 441 -46.48 -31.01 -26.39
CA SER A 441 -47.46 -30.45 -27.32
C SER A 441 -48.81 -31.15 -27.22
N LYS A 442 -48.83 -32.47 -26.83
CA LYS A 442 -50.05 -33.13 -26.29
C LYS A 442 -50.60 -32.48 -25.02
N THR A 443 -49.72 -32.23 -24.03
CA THR A 443 -50.23 -31.68 -22.78
C THR A 443 -50.70 -30.25 -22.92
N LEU A 444 -50.01 -29.40 -23.69
CA LEU A 444 -50.47 -28.04 -23.89
C LEU A 444 -51.78 -27.98 -24.67
N ASP A 445 -51.99 -28.92 -25.61
CA ASP A 445 -53.30 -29.00 -26.27
C ASP A 445 -54.39 -29.38 -25.26
N LEU A 446 -54.14 -30.39 -24.43
CA LEU A 446 -55.13 -30.80 -23.45
C LEU A 446 -55.31 -29.80 -22.31
N ILE A 447 -54.27 -29.01 -21.99
CA ILE A 447 -54.39 -27.96 -20.99
C ILE A 447 -55.19 -26.77 -21.53
N LYS A 448 -55.01 -26.43 -22.81
CA LYS A 448 -55.89 -25.42 -23.43
C LYS A 448 -57.34 -25.89 -23.44
N GLN A 449 -57.56 -27.19 -23.71
CA GLN A 449 -58.92 -27.72 -23.65
C GLN A 449 -59.47 -27.71 -22.23
N SER A 450 -58.71 -28.22 -21.26
CA SER A 450 -59.19 -28.33 -19.88
C SER A 450 -59.31 -26.97 -19.20
N ASN A 451 -58.60 -25.95 -19.68
CA ASN A 451 -58.86 -24.59 -19.25
C ASN A 451 -60.08 -24.01 -19.95
N SER A 452 -60.37 -24.43 -21.18
CA SER A 452 -61.62 -24.04 -21.80
C SER A 452 -62.81 -24.87 -21.31
N ILE A 453 -62.58 -26.00 -20.65
CA ILE A 453 -63.64 -26.79 -20.05
C ILE A 453 -63.55 -26.73 -18.51
N LEU A 454 -63.12 -25.58 -17.98
CA LEU A 454 -63.26 -25.31 -16.55
C LEU A 454 -64.73 -25.22 -16.14
N ASP A 455 -65.51 -24.42 -16.87
CA ASP A 455 -66.71 -23.79 -16.34
C ASP A 455 -68.01 -24.44 -16.82
N MET A 456 -68.03 -25.77 -16.99
CA MET A 456 -69.29 -26.43 -17.33
C MET A 456 -69.73 -27.37 -16.21
N VAL B 1 -24.93 -8.20 -33.07
CA VAL B 1 -24.54 -8.36 -31.68
C VAL B 1 -24.76 -7.04 -30.91
N ASP B 2 -25.31 -7.14 -29.71
CA ASP B 2 -25.55 -6.00 -28.84
C ASP B 2 -24.60 -6.11 -27.65
N PHE B 3 -23.59 -5.25 -27.62
CA PHE B 3 -22.59 -5.30 -26.55
C PHE B 3 -23.11 -4.73 -25.23
N GLU B 4 -24.18 -3.93 -25.26
CA GLU B 4 -24.69 -3.34 -24.04
C GLU B 4 -25.40 -4.37 -23.17
N ARG B 5 -26.33 -5.12 -23.76
CA ARG B 5 -27.05 -6.17 -23.02
C ARG B 5 -26.12 -7.33 -22.67
N LEU B 6 -25.16 -7.64 -23.55
CA LEU B 6 -24.18 -8.68 -23.26
C LEU B 6 -23.17 -8.22 -22.21
N ALA B 7 -22.96 -6.90 -22.06
CA ALA B 7 -22.18 -6.39 -20.95
C ALA B 7 -22.99 -6.38 -19.66
N SER B 8 -24.30 -6.17 -19.75
CA SER B 8 -25.16 -6.24 -18.58
C SER B 8 -25.24 -7.66 -18.04
N ILE B 9 -25.24 -8.66 -18.92
CA ILE B 9 -25.22 -10.04 -18.44
C ILE B 9 -23.82 -10.46 -17.99
N GLY B 10 -22.77 -9.75 -18.41
CA GLY B 10 -21.44 -9.99 -17.87
C GLY B 10 -20.35 -10.36 -18.86
N GLY B 11 -20.51 -9.96 -20.13
CA GLY B 11 -19.48 -10.20 -21.12
C GLY B 11 -18.95 -8.91 -21.72
N ILE B 12 -17.63 -8.73 -21.70
CA ILE B 12 -17.01 -7.46 -22.06
C ILE B 12 -16.30 -7.63 -23.39
N LYS B 13 -16.56 -6.71 -24.32
CA LYS B 13 -15.97 -6.78 -25.66
C LYS B 13 -14.47 -6.49 -25.59
N GLY B 14 -13.66 -7.46 -26.00
CA GLY B 14 -12.22 -7.34 -25.98
C GLY B 14 -11.67 -6.81 -27.28
N HIS B 15 -10.46 -7.26 -27.60
CA HIS B 15 -9.80 -6.83 -28.83
C HIS B 15 -10.44 -7.48 -30.05
N SER B 16 -10.33 -6.80 -31.19
CA SER B 16 -10.75 -7.33 -32.48
C SER B 16 -9.50 -7.51 -33.33
N LYS B 17 -9.28 -8.73 -33.83
CA LYS B 17 -8.13 -9.05 -34.64
C LYS B 17 -8.60 -9.60 -35.99
N LEU B 18 -7.64 -9.81 -36.89
CA LEU B 18 -7.97 -10.32 -38.20
C LEU B 18 -7.87 -11.85 -38.22
N TYR B 19 -8.27 -12.43 -39.35
CA TYR B 19 -8.13 -13.85 -39.59
C TYR B 19 -7.36 -14.04 -40.90
N LYS B 20 -6.27 -14.79 -40.84
CA LYS B 20 -5.48 -15.10 -42.02
C LYS B 20 -5.13 -16.58 -42.04
N ILE B 21 -5.31 -17.19 -43.20
CA ILE B 21 -5.19 -18.63 -43.40
C ILE B 21 -4.05 -18.87 -44.39
N LYS B 22 -3.27 -19.92 -44.16
CA LYS B 22 -2.21 -20.28 -45.09
C LYS B 22 -2.80 -20.75 -46.41
N GLY B 23 -2.29 -20.20 -47.51
CA GLY B 23 -2.74 -20.58 -48.83
C GLY B 23 -1.69 -20.30 -49.88
N HIS B 24 -1.82 -21.00 -51.01
CA HIS B 24 -0.93 -21.03 -52.17
C HIS B 24 0.49 -21.37 -51.71
N PRO B 25 0.80 -22.66 -51.51
CA PRO B 25 2.19 -23.02 -51.24
C PRO B 25 2.96 -23.38 -52.50
N THR B 26 4.14 -22.78 -52.64
CA THR B 26 5.05 -23.17 -53.70
C THR B 26 6.03 -24.21 -53.18
N THR B 27 6.71 -24.90 -54.10
CA THR B 27 7.53 -26.05 -53.75
C THR B 27 9.00 -25.74 -53.92
N LYS B 28 9.82 -26.32 -53.04
CA LYS B 28 11.27 -26.27 -53.17
C LYS B 28 11.85 -27.58 -52.66
N ASP B 29 12.91 -28.04 -53.32
CA ASP B 29 13.45 -29.37 -53.08
C ASP B 29 14.73 -29.28 -52.26
N ILE B 30 14.77 -30.06 -51.17
CA ILE B 30 15.96 -30.22 -50.35
C ILE B 30 16.39 -31.68 -50.43
N VAL B 31 17.64 -31.93 -50.05
CA VAL B 31 18.15 -33.29 -49.90
C VAL B 31 18.83 -33.41 -48.54
N ILE B 32 18.65 -34.56 -47.91
CA ILE B 32 19.20 -34.84 -46.59
C ILE B 32 19.99 -36.13 -46.70
N LYS B 33 21.31 -36.03 -46.59
CA LYS B 33 22.13 -37.23 -46.51
C LYS B 33 22.18 -37.72 -45.07
N LEU B 34 22.47 -39.00 -44.90
CA LEU B 34 22.39 -39.63 -43.59
C LEU B 34 23.73 -40.18 -43.13
N VAL B 35 24.51 -40.77 -44.01
CA VAL B 35 25.82 -41.31 -43.65
C VAL B 35 26.79 -40.15 -43.46
N PRO B 36 27.42 -40.04 -42.29
CA PRO B 36 28.37 -38.93 -42.08
C PRO B 36 29.63 -39.12 -42.89
N ASN B 37 30.07 -38.05 -43.54
CA ASN B 37 31.23 -38.10 -44.42
C ASN B 37 32.48 -37.78 -43.60
N LEU B 38 33.22 -38.82 -43.23
CA LEU B 38 34.52 -38.66 -42.61
C LEU B 38 35.59 -38.75 -43.68
N ASN B 39 36.49 -37.78 -43.69
CA ASN B 39 37.59 -37.76 -44.66
C ASN B 39 38.91 -37.61 -43.92
N ASN B 40 38.88 -36.91 -42.79
CA ASN B 40 40.05 -36.81 -41.93
C ASN B 40 40.22 -38.04 -41.05
N LEU B 41 39.20 -38.89 -40.96
CA LEU B 41 39.20 -40.06 -40.09
C LEU B 41 39.56 -41.34 -40.83
N THR B 42 40.39 -41.24 -41.87
CA THR B 42 40.85 -42.43 -42.58
C THR B 42 41.95 -43.17 -41.83
N VAL B 43 42.52 -42.57 -40.78
CA VAL B 43 43.58 -43.22 -40.03
C VAL B 43 43.00 -44.21 -39.03
N CYS B 44 42.05 -43.76 -38.20
CA CYS B 44 41.47 -44.59 -37.14
C CYS B 44 39.96 -44.45 -37.18
N SER B 45 39.30 -45.37 -37.89
CA SER B 45 37.83 -45.41 -37.89
C SER B 45 37.26 -46.80 -37.66
N GLU B 46 38.05 -47.86 -37.84
CA GLU B 46 37.66 -49.29 -37.75
C GLU B 46 36.54 -49.52 -38.77
N MET B 47 35.53 -50.34 -38.44
CA MET B 47 34.35 -50.50 -39.28
C MET B 47 33.10 -50.34 -38.41
N SER B 48 33.09 -49.23 -37.65
CA SER B 48 31.91 -48.87 -36.87
C SER B 48 30.77 -48.36 -37.74
N ILE B 49 31.07 -48.01 -38.99
CA ILE B 49 30.04 -47.56 -39.93
C ILE B 49 29.09 -48.70 -40.28
N ASP B 50 29.56 -49.95 -40.25
CA ASP B 50 28.77 -51.08 -40.73
C ASP B 50 27.58 -51.37 -39.83
N GLY B 51 27.76 -51.22 -38.52
CA GLY B 51 26.63 -51.38 -37.60
C GLY B 51 25.56 -50.31 -37.80
N TYR B 52 26.00 -49.07 -38.02
CA TYR B 52 25.08 -47.98 -38.35
C TYR B 52 24.35 -48.25 -39.67
N LEU B 53 25.07 -48.76 -40.67
CA LEU B 53 24.46 -49.06 -41.97
C LEU B 53 23.45 -50.20 -41.86
N ASN B 54 23.77 -51.24 -41.08
CA ASN B 54 22.83 -52.33 -40.87
C ASN B 54 21.63 -51.88 -40.06
N LEU B 55 21.80 -50.90 -39.18
CA LEU B 55 20.67 -50.34 -38.46
C LEU B 55 19.77 -49.53 -39.39
N ILE B 56 20.36 -48.70 -40.27
CA ILE B 56 19.56 -47.80 -41.10
C ILE B 56 19.04 -48.44 -42.37
N ASN B 57 19.54 -49.63 -42.75
CA ASN B 57 19.04 -50.29 -43.96
C ASN B 57 17.59 -50.74 -43.77
N ALA B 58 17.24 -51.19 -42.56
CA ALA B 58 15.87 -51.58 -42.23
C ALA B 58 14.90 -50.40 -42.25
N VAL B 59 15.40 -49.16 -42.21
CA VAL B 59 14.57 -47.98 -42.40
C VAL B 59 14.56 -47.55 -43.86
N ILE B 60 15.73 -47.61 -44.52
CA ILE B 60 15.87 -47.04 -45.86
C ILE B 60 15.18 -47.92 -46.90
N ILE B 61 15.41 -49.24 -46.84
CA ILE B 61 14.94 -50.13 -47.91
C ILE B 61 13.42 -50.24 -48.01
N PRO B 62 12.65 -50.50 -46.92
CA PRO B 62 11.18 -50.62 -47.13
C PRO B 62 10.50 -49.29 -47.43
N ILE B 63 11.06 -48.17 -46.98
CA ILE B 63 10.53 -46.85 -47.35
C ILE B 63 10.67 -46.63 -48.85
N SER B 64 11.83 -46.96 -49.40
CA SER B 64 12.06 -46.82 -50.84
C SER B 64 11.20 -47.80 -51.64
N GLN B 65 11.02 -49.02 -51.11
CA GLN B 65 10.17 -50.01 -51.78
C GLN B 65 8.71 -49.57 -51.81
N SER B 66 8.19 -49.05 -50.69
CA SER B 66 6.84 -48.52 -50.67
C SER B 66 6.71 -47.29 -51.56
N LEU B 67 7.77 -46.48 -51.66
CA LEU B 67 7.74 -45.30 -52.51
C LEU B 67 7.66 -45.68 -53.99
N GLU B 68 8.47 -46.63 -54.43
CA GLU B 68 8.39 -47.04 -55.83
C GLU B 68 7.13 -47.86 -56.11
N LEU B 69 6.58 -48.54 -55.10
CA LEU B 69 5.33 -49.27 -55.31
C LEU B 69 4.15 -48.31 -55.44
N MET B 70 4.15 -47.20 -54.67
CA MET B 70 3.20 -46.13 -54.92
C MET B 70 3.46 -45.42 -56.25
N ARG B 71 4.73 -45.38 -56.68
CA ARG B 71 5.07 -44.79 -57.97
C ARG B 71 4.52 -45.62 -59.14
N ASN B 72 4.44 -46.94 -58.97
CA ASN B 72 3.92 -47.80 -60.03
C ASN B 72 2.42 -47.64 -60.22
N ASN B 73 1.70 -47.20 -59.18
CA ASN B 73 0.24 -47.16 -59.25
C ASN B 73 -0.32 -46.05 -60.13
N VAL B 74 0.50 -45.08 -60.53
CA VAL B 74 0.06 -43.97 -61.36
C VAL B 74 0.78 -44.07 -62.71
N LYS B 75 0.06 -43.77 -63.79
CA LYS B 75 0.61 -43.75 -65.12
C LYS B 75 0.06 -42.54 -65.87
N ASP B 76 0.77 -42.13 -66.90
CA ASP B 76 0.30 -41.06 -67.77
C ASP B 76 -0.34 -41.68 -69.01
N GLY B 77 -0.66 -40.86 -69.99
CA GLY B 77 -1.26 -41.34 -71.21
C GLY B 77 -2.64 -40.76 -71.47
N THR B 78 -3.07 -40.77 -72.72
CA THR B 78 -4.34 -40.17 -73.07
C THR B 78 -5.49 -41.18 -72.91
N PRO B 79 -6.54 -40.83 -72.17
CA PRO B 79 -7.81 -41.54 -72.32
C PRO B 79 -8.59 -40.94 -73.49
N ASN B 80 -8.63 -41.68 -74.61
CA ASN B 80 -9.19 -41.35 -75.93
C ASN B 80 -9.13 -39.87 -76.33
N GLU B 81 -10.29 -39.21 -76.42
CA GLU B 81 -10.32 -37.81 -76.84
C GLU B 81 -9.77 -36.88 -75.77
N ASN B 82 -9.84 -37.26 -74.50
CA ASN B 82 -9.27 -36.44 -73.44
C ASN B 82 -7.74 -36.50 -73.49
N ILE B 83 -7.10 -35.40 -73.13
CA ILE B 83 -5.68 -35.21 -73.45
C ILE B 83 -4.79 -35.94 -72.43
N PHE B 84 -4.96 -35.66 -71.15
CA PHE B 84 -4.10 -36.21 -70.09
C PHE B 84 -4.89 -36.19 -68.79
N GLY B 85 -4.18 -36.30 -67.66
CA GLY B 85 -4.84 -36.30 -66.38
C GLY B 85 -4.25 -37.21 -65.32
N ALA B 86 -3.16 -37.90 -65.66
CA ALA B 86 -2.41 -38.81 -64.77
C ALA B 86 -3.31 -39.93 -64.24
N ILE B 87 -3.68 -40.81 -65.18
CA ILE B 87 -4.66 -41.86 -64.92
C ILE B 87 -4.12 -42.86 -63.89
N VAL B 88 -4.92 -43.10 -62.86
CA VAL B 88 -4.49 -43.85 -61.68
C VAL B 88 -5.21 -45.19 -61.67
N ALA B 89 -4.45 -46.27 -61.65
CA ALA B 89 -5.00 -47.63 -61.60
C ALA B 89 -5.60 -47.88 -60.22
N GLY B 90 -6.92 -47.81 -60.13
CA GLY B 90 -7.60 -47.94 -58.85
C GLY B 90 -7.59 -49.34 -58.26
N ALA B 91 -7.31 -50.35 -59.08
CA ALA B 91 -7.17 -51.71 -58.56
C ALA B 91 -5.85 -51.90 -57.83
N ALA B 92 -4.89 -51.01 -58.04
CA ALA B 92 -3.57 -51.09 -57.43
C ALA B 92 -3.46 -50.29 -56.13
N LEU B 93 -4.57 -49.72 -55.65
CA LEU B 93 -4.55 -48.92 -54.43
C LEU B 93 -5.20 -49.57 -53.24
N GLY B 94 -6.15 -50.49 -53.44
CA GLY B 94 -6.91 -51.01 -52.33
C GLY B 94 -7.88 -49.97 -51.80
N ILE B 95 -7.62 -49.45 -50.61
CA ILE B 95 -8.42 -48.38 -50.03
C ILE B 95 -7.55 -47.12 -49.98
N ALA B 96 -8.02 -46.05 -50.62
CA ALA B 96 -7.30 -44.78 -50.66
C ALA B 96 -8.28 -43.63 -50.52
N THR B 97 -7.80 -42.53 -49.94
CA THR B 97 -8.58 -41.33 -49.77
C THR B 97 -8.22 -40.30 -50.84
N ALA B 98 -8.85 -39.12 -50.75
CA ALA B 98 -8.57 -38.04 -51.69
C ALA B 98 -7.16 -37.49 -51.53
N ALA B 99 -6.69 -37.36 -50.28
CA ALA B 99 -5.36 -36.80 -50.04
C ALA B 99 -4.25 -37.72 -50.51
N GLN B 100 -4.46 -39.04 -50.41
CA GLN B 100 -3.49 -39.99 -50.95
C GLN B 100 -3.40 -39.90 -52.47
N VAL B 101 -4.55 -39.73 -53.14
CA VAL B 101 -4.57 -39.54 -54.59
C VAL B 101 -3.85 -38.25 -54.98
N THR B 102 -4.09 -37.17 -54.22
CA THR B 102 -3.42 -35.90 -54.48
C THR B 102 -1.90 -36.01 -54.27
N SER B 103 -1.49 -36.75 -53.24
CA SER B 103 -0.06 -36.97 -52.99
C SER B 103 0.58 -37.79 -54.09
N VAL B 104 -0.11 -38.81 -54.58
CA VAL B 104 0.40 -39.64 -55.67
C VAL B 104 0.53 -38.81 -56.95
N VAL B 105 -0.42 -37.92 -57.20
CA VAL B 105 -0.34 -36.98 -58.32
C VAL B 105 0.86 -36.04 -58.14
N ALA B 106 1.12 -35.62 -56.90
CA ALA B 106 2.26 -34.74 -56.61
C ALA B 106 3.60 -35.43 -56.88
N LEU B 107 3.74 -36.69 -56.45
CA LEU B 107 4.97 -37.43 -56.77
C LEU B 107 5.09 -37.74 -58.26
N HIS B 108 3.96 -37.95 -58.95
CA HIS B 108 4.04 -38.12 -60.39
C HIS B 108 4.45 -36.84 -61.09
N LYS B 109 4.06 -35.68 -60.54
CA LYS B 109 4.54 -34.41 -61.05
C LYS B 109 6.02 -34.20 -60.75
N SER B 110 6.50 -34.73 -59.62
CA SER B 110 7.87 -34.49 -59.19
C SER B 110 8.85 -35.59 -59.57
N ASN B 111 8.40 -36.59 -60.35
CA ASN B 111 9.30 -37.64 -60.85
C ASN B 111 10.47 -37.07 -61.65
N GLN B 112 10.20 -36.08 -62.50
CA GLN B 112 11.24 -35.53 -63.37
C GLN B 112 12.32 -34.81 -62.57
N ASN B 113 11.91 -33.97 -61.61
CA ASN B 113 12.90 -33.28 -60.79
C ASN B 113 13.60 -34.21 -59.82
N ALA B 114 12.91 -35.28 -59.37
CA ALA B 114 13.55 -36.30 -58.56
C ALA B 114 14.64 -37.02 -59.33
N ALA B 115 14.39 -37.34 -60.60
CA ALA B 115 15.42 -37.95 -61.44
C ALA B 115 16.55 -36.97 -61.73
N LYS B 116 16.22 -35.68 -61.88
CA LYS B 116 17.25 -34.66 -62.11
C LYS B 116 18.18 -34.52 -60.91
N ILE B 117 17.63 -34.55 -59.70
CA ILE B 117 18.47 -34.50 -58.50
C ILE B 117 19.24 -35.81 -58.33
N ASN B 118 18.60 -36.95 -58.63
CA ASN B 118 19.25 -38.25 -58.54
C ASN B 118 20.38 -38.42 -59.55
N SER B 119 20.39 -37.64 -60.62
CA SER B 119 21.53 -37.60 -61.52
C SER B 119 22.78 -37.04 -60.86
N LEU B 120 22.65 -36.27 -59.78
CA LEU B 120 23.78 -35.68 -59.06
C LEU B 120 24.05 -36.43 -57.76
N ARG B 121 23.91 -37.77 -57.81
CA ARG B 121 24.12 -38.62 -56.64
C ARG B 121 25.57 -38.57 -56.17
N ASP B 122 26.53 -38.63 -57.10
CA ASP B 122 27.93 -38.54 -56.73
C ASP B 122 28.30 -37.13 -56.28
N SER B 123 27.56 -36.12 -56.73
CA SER B 123 27.72 -34.78 -56.19
C SER B 123 27.22 -34.69 -54.75
N ILE B 124 26.17 -35.45 -54.43
CA ILE B 124 25.62 -35.44 -53.08
C ILE B 124 26.58 -36.09 -52.08
N THR B 125 27.21 -37.19 -52.47
CA THR B 125 28.01 -37.97 -51.53
C THR B 125 29.42 -37.41 -51.30
N LYS B 126 29.83 -36.38 -52.05
CA LYS B 126 31.19 -35.85 -51.94
C LYS B 126 31.30 -34.66 -51.00
N THR B 127 30.21 -34.25 -50.36
CA THR B 127 30.25 -33.09 -49.49
C THR B 127 30.96 -33.41 -48.18
N ASN B 128 31.77 -32.46 -47.71
CA ASN B 128 32.45 -32.57 -46.44
C ASN B 128 32.13 -31.42 -45.49
N GLN B 129 31.23 -30.53 -45.89
CA GLN B 129 30.79 -29.42 -45.05
C GLN B 129 29.43 -29.76 -44.42
N ALA B 130 29.05 -28.95 -43.42
CA ALA B 130 27.76 -29.10 -42.77
C ALA B 130 26.61 -28.81 -43.74
N VAL B 131 26.52 -27.57 -44.20
CA VAL B 131 25.53 -27.16 -45.19
C VAL B 131 26.26 -26.43 -46.32
N GLU B 132 26.04 -26.87 -47.55
CA GLU B 132 26.55 -26.15 -48.71
C GLU B 132 25.60 -26.37 -49.88
N GLN B 133 25.88 -25.69 -50.98
CA GLN B 133 25.01 -25.68 -52.15
C GLN B 133 25.73 -26.23 -53.37
N LEU B 134 24.96 -26.89 -54.23
CA LEU B 134 25.43 -27.35 -55.53
C LEU B 134 24.42 -26.92 -56.59
N SER B 135 24.93 -26.52 -57.76
CA SER B 135 24.08 -25.99 -58.82
C SER B 135 23.34 -27.14 -59.48
N LEU B 136 22.01 -27.19 -59.26
CA LEU B 136 21.19 -28.20 -59.92
C LEU B 136 21.08 -27.92 -61.42
N GLY B 137 20.87 -26.66 -61.79
CA GLY B 137 20.79 -26.29 -63.18
C GLY B 137 21.41 -24.94 -63.45
N VAL B 138 20.98 -24.27 -64.53
CA VAL B 138 21.50 -22.93 -64.82
C VAL B 138 20.95 -21.88 -63.87
N GLN B 139 19.79 -22.12 -63.26
CA GLN B 139 19.24 -21.21 -62.26
C GLN B 139 18.64 -21.92 -61.07
N GLU B 140 18.85 -23.24 -60.94
CA GLU B 140 18.37 -24.00 -59.79
C GLU B 140 19.57 -24.56 -59.03
N THR B 141 19.39 -24.70 -57.71
CA THR B 141 20.44 -25.24 -56.85
C THR B 141 19.81 -26.15 -55.81
N VAL B 142 20.65 -26.98 -55.21
CA VAL B 142 20.23 -27.91 -54.17
C VAL B 142 20.82 -27.46 -52.84
N SER B 143 20.24 -28.01 -51.77
CA SER B 143 20.51 -27.54 -50.40
C SER B 143 20.92 -28.72 -49.52
N VAL B 144 21.95 -29.45 -49.98
CA VAL B 144 22.47 -30.57 -49.20
C VAL B 144 23.01 -30.09 -47.85
N LEU B 145 22.74 -30.87 -46.82
CA LEU B 145 22.85 -30.37 -45.45
C LEU B 145 23.12 -31.51 -44.48
N MET B 146 23.88 -31.20 -43.43
CA MET B 146 24.08 -32.10 -42.29
C MET B 146 24.33 -31.28 -41.04
N GLY B 147 23.59 -31.60 -39.98
CA GLY B 147 23.88 -30.99 -38.69
C GLY B 147 25.08 -31.61 -38.00
N LEU B 148 25.30 -32.91 -38.23
CA LEU B 148 26.37 -33.64 -37.56
C LEU B 148 27.65 -33.73 -38.36
N GLN B 149 27.71 -33.14 -39.55
CA GLN B 149 28.99 -33.05 -40.24
C GLN B 149 29.95 -32.14 -39.49
N ASP B 150 29.44 -31.06 -38.91
CA ASP B 150 30.27 -30.11 -38.17
C ASP B 150 30.87 -30.75 -36.92
N GLN B 151 30.12 -31.64 -36.26
CA GLN B 151 30.61 -32.24 -35.02
C GLN B 151 31.75 -33.23 -35.25
N ILE B 152 31.89 -33.76 -36.47
CA ILE B 152 33.07 -34.55 -36.80
C ILE B 152 33.78 -33.76 -37.91
N ASN B 153 33.71 -32.43 -37.81
CA ASN B 153 34.66 -31.55 -38.47
C ASN B 153 35.26 -30.51 -37.53
N THR B 154 34.85 -30.48 -36.25
CA THR B 154 35.48 -29.59 -35.30
C THR B 154 35.79 -30.23 -33.94
N ASN B 155 35.28 -31.41 -33.64
CA ASN B 155 35.47 -32.02 -32.34
C ASN B 155 36.28 -33.31 -32.39
N LEU B 156 35.87 -34.27 -33.21
CA LEU B 156 36.61 -35.52 -33.31
C LEU B 156 37.84 -35.41 -34.21
N VAL B 157 37.86 -34.44 -35.12
CA VAL B 157 38.99 -34.18 -36.00
C VAL B 157 40.26 -33.74 -35.25
N PRO B 158 40.25 -32.76 -34.31
CA PRO B 158 41.53 -32.39 -33.66
C PRO B 158 42.09 -33.45 -32.73
N LYS B 159 41.27 -34.37 -32.23
CA LYS B 159 41.77 -35.46 -31.38
C LYS B 159 42.10 -36.71 -32.19
N ILE B 160 42.87 -36.53 -33.27
CA ILE B 160 43.20 -37.65 -34.13
C ILE B 160 44.39 -38.43 -33.58
N ASN B 161 45.31 -37.77 -32.89
CA ASN B 161 46.50 -38.43 -32.37
C ASN B 161 46.69 -38.25 -30.87
N ILE B 162 45.97 -37.32 -30.23
CA ILE B 162 46.10 -37.14 -28.79
C ILE B 162 45.47 -38.31 -28.04
N LEU B 163 44.32 -38.77 -28.49
CA LEU B 163 43.58 -39.84 -27.83
C LEU B 163 43.74 -41.15 -28.58
N SER B 164 43.49 -42.24 -27.88
CA SER B 164 43.57 -43.57 -28.47
C SER B 164 42.45 -43.78 -29.49
N CYS B 165 42.75 -44.57 -30.52
CA CYS B 165 41.82 -44.77 -31.63
C CYS B 165 40.58 -45.55 -31.21
N LYS B 166 40.73 -46.47 -30.26
CA LYS B 166 39.57 -47.23 -29.78
C LYS B 166 38.60 -46.35 -29.01
N GLN B 167 39.08 -45.29 -28.37
CA GLN B 167 38.18 -44.39 -27.66
C GLN B 167 37.40 -43.50 -28.63
N LEU B 168 38.05 -43.08 -29.73
CA LEU B 168 37.32 -42.40 -30.81
C LEU B 168 36.30 -43.33 -31.46
N SER B 169 36.65 -44.60 -31.62
CA SER B 169 35.71 -45.58 -32.15
C SER B 169 34.51 -45.77 -31.21
N ASN B 170 34.77 -45.83 -29.90
CA ASN B 170 33.70 -45.97 -28.92
C ASN B 170 32.81 -44.74 -28.88
N THR B 171 33.40 -43.54 -28.92
CA THR B 171 32.62 -42.31 -28.89
C THR B 171 31.81 -42.15 -30.17
N LEU B 172 32.41 -42.53 -31.31
CA LEU B 172 31.68 -42.52 -32.57
C LEU B 172 30.54 -43.53 -32.56
N ASN B 173 30.74 -44.70 -31.93
CA ASN B 173 29.67 -45.68 -31.78
C ASN B 173 28.53 -45.14 -30.92
N ILE B 174 28.85 -44.48 -29.81
CA ILE B 174 27.83 -43.92 -28.94
C ILE B 174 27.06 -42.81 -29.64
N MET B 175 27.77 -41.97 -30.40
CA MET B 175 27.13 -40.89 -31.13
C MET B 175 26.27 -41.44 -32.29
N LEU B 176 26.72 -42.54 -32.90
CA LEU B 176 25.94 -43.15 -33.98
C LEU B 176 24.68 -43.83 -33.44
N LEU B 177 24.77 -44.49 -32.29
CA LEU B 177 23.55 -45.02 -31.66
C LEU B 177 22.60 -43.92 -31.24
N GLN B 178 23.14 -42.81 -30.72
CA GLN B 178 22.28 -41.68 -30.35
C GLN B 178 21.61 -41.07 -31.58
N TYR B 179 22.35 -40.93 -32.67
CA TYR B 179 21.77 -40.35 -33.88
C TYR B 179 20.77 -41.31 -34.53
N TYR B 180 21.05 -42.62 -34.49
CA TYR B 180 20.10 -43.59 -35.00
C TYR B 180 18.83 -43.61 -34.17
N SER B 181 18.95 -43.38 -32.86
CA SER B 181 17.78 -43.14 -32.03
C SER B 181 17.05 -41.87 -32.45
N GLN B 182 17.78 -40.84 -32.90
CA GLN B 182 17.12 -39.61 -33.35
C GLN B 182 16.33 -39.82 -34.64
N ILE B 183 16.92 -40.51 -35.64
CA ILE B 183 16.16 -40.86 -36.85
C ILE B 183 15.00 -41.80 -36.53
N LEU B 184 15.19 -42.74 -35.60
CA LEU B 184 14.07 -43.59 -35.17
C LEU B 184 12.99 -42.79 -34.45
N THR B 185 13.37 -41.68 -33.80
CA THR B 185 12.37 -40.82 -33.19
C THR B 185 11.61 -40.01 -34.23
N VAL B 186 12.32 -39.40 -35.19
CA VAL B 186 11.65 -38.46 -36.09
C VAL B 186 10.87 -39.21 -37.18
N PHE B 187 11.41 -40.29 -37.73
CA PHE B 187 10.68 -41.05 -38.75
C PHE B 187 9.91 -42.21 -38.12
N GLY B 188 9.12 -41.90 -37.09
CA GLY B 188 8.30 -42.88 -36.43
C GLY B 188 7.07 -43.25 -37.25
N PRO B 189 6.13 -42.31 -37.39
CA PRO B 189 4.97 -42.55 -38.27
C PRO B 189 5.31 -42.58 -39.75
N ASN B 190 6.49 -42.09 -40.14
CA ASN B 190 6.86 -42.03 -41.55
C ASN B 190 7.20 -43.41 -42.13
N LEU B 191 7.46 -44.40 -41.27
CA LEU B 191 7.74 -45.74 -41.75
C LEU B 191 6.49 -46.47 -42.24
N ARG B 192 5.30 -46.00 -41.89
CA ARG B 192 4.09 -46.75 -42.19
C ARG B 192 3.73 -46.61 -43.67
N ASP B 193 3.64 -45.37 -44.15
CA ASP B 193 3.47 -45.09 -45.58
C ASP B 193 4.13 -43.74 -45.92
N PRO B 194 5.38 -43.76 -46.43
CA PRO B 194 6.15 -42.53 -46.64
C PRO B 194 5.85 -41.80 -47.94
N ALA B 195 4.56 -41.67 -48.27
CA ALA B 195 4.13 -40.91 -49.43
C ALA B 195 2.98 -39.96 -49.16
N THR B 196 2.16 -40.19 -48.12
CA THR B 196 1.02 -39.35 -47.81
C THR B 196 1.18 -38.54 -46.54
N VAL B 197 2.07 -38.96 -45.64
CA VAL B 197 2.24 -38.31 -44.34
C VAL B 197 3.06 -37.04 -44.53
N PRO B 198 2.56 -35.88 -44.12
CA PRO B 198 3.37 -34.66 -44.15
C PRO B 198 4.44 -34.67 -43.07
N VAL B 199 5.49 -33.89 -43.32
CA VAL B 199 6.68 -33.87 -42.47
C VAL B 199 6.79 -32.49 -41.83
N SER B 200 6.83 -32.46 -40.50
CA SER B 200 7.01 -31.20 -39.79
C SER B 200 8.46 -30.75 -39.86
N ILE B 201 8.65 -29.44 -40.05
CA ILE B 201 9.99 -28.88 -40.10
C ILE B 201 10.64 -28.83 -38.71
N GLN B 202 9.83 -28.82 -37.65
CA GLN B 202 10.37 -28.78 -36.30
C GLN B 202 11.02 -30.09 -35.90
N ALA B 203 10.36 -31.22 -36.21
CA ALA B 203 10.94 -32.53 -35.92
C ALA B 203 12.18 -32.80 -36.77
N LEU B 204 12.20 -32.23 -37.99
CA LEU B 204 13.42 -32.23 -38.78
C LEU B 204 14.52 -31.39 -38.11
N SER B 205 14.15 -30.25 -37.53
CA SER B 205 15.12 -29.41 -36.84
C SER B 205 15.67 -30.07 -35.58
N GLN B 206 14.88 -30.97 -34.97
CA GLN B 206 15.39 -31.78 -33.86
C GLN B 206 16.55 -32.70 -34.26
N LEU B 207 16.67 -33.05 -35.55
CA LEU B 207 17.84 -33.79 -36.01
C LEU B 207 19.11 -32.95 -36.01
N PHE B 208 18.97 -31.61 -36.03
CA PHE B 208 20.11 -30.70 -36.09
C PHE B 208 20.13 -29.79 -34.87
N GLU B 209 19.89 -30.39 -33.69
CA GLU B 209 19.99 -29.74 -32.37
C GLU B 209 19.05 -28.54 -32.23
N GLY B 210 17.88 -28.63 -32.85
CA GLY B 210 16.83 -27.64 -32.67
C GLY B 210 17.11 -26.26 -33.23
N ASN B 211 17.71 -26.18 -34.41
CA ASN B 211 17.98 -24.90 -35.07
C ASN B 211 17.00 -24.77 -36.24
N LEU B 212 15.87 -24.10 -35.98
CA LEU B 212 14.82 -23.97 -36.99
C LEU B 212 15.25 -23.03 -38.10
N GLU B 213 15.78 -21.85 -37.75
CA GLU B 213 16.02 -20.87 -38.78
C GLU B 213 17.33 -21.10 -39.54
N LEU B 214 18.18 -22.03 -39.10
CA LEU B 214 19.23 -22.52 -39.99
C LEU B 214 18.63 -23.23 -41.20
N LEU B 215 17.65 -24.11 -40.95
CA LEU B 215 16.93 -24.77 -42.03
C LEU B 215 16.12 -23.77 -42.85
N THR B 216 15.54 -22.78 -42.18
CA THR B 216 14.74 -21.77 -42.87
C THR B 216 15.61 -20.88 -43.76
N SER B 217 16.79 -20.48 -43.28
CA SER B 217 17.71 -19.67 -44.07
C SER B 217 18.36 -20.46 -45.19
N SER B 218 18.66 -21.74 -44.97
CA SER B 218 19.11 -22.59 -46.07
C SER B 218 17.99 -22.86 -47.07
N LEU B 219 16.73 -22.81 -46.64
CA LEU B 219 15.62 -22.90 -47.57
C LEU B 219 15.50 -21.65 -48.42
N GLY B 220 15.86 -20.49 -47.87
CA GLY B 220 15.83 -19.23 -48.57
C GLY B 220 14.69 -18.32 -48.19
N ILE B 221 13.67 -18.84 -47.50
CA ILE B 221 12.59 -18.00 -46.99
C ILE B 221 13.11 -17.18 -45.83
N SER B 222 12.82 -15.88 -45.83
CA SER B 222 13.33 -14.96 -44.81
C SER B 222 12.18 -14.17 -44.22
N SER B 223 12.05 -14.23 -42.89
CA SER B 223 11.06 -13.43 -42.18
C SER B 223 11.61 -12.03 -41.92
N THR B 224 10.73 -11.03 -42.02
CA THR B 224 11.12 -9.65 -41.79
C THR B 224 10.15 -8.85 -40.94
N ASP B 225 8.94 -9.35 -40.70
CA ASP B 225 7.93 -8.63 -39.93
C ASP B 225 7.57 -9.42 -38.68
N PHE B 226 6.70 -8.81 -37.86
CA PHE B 226 6.27 -9.43 -36.61
C PHE B 226 5.46 -10.70 -36.83
N ASN B 227 4.67 -10.74 -37.90
CA ASN B 227 3.78 -11.87 -38.12
C ASN B 227 4.55 -13.12 -38.54
N ASP B 228 5.60 -12.97 -39.33
CA ASP B 228 6.36 -14.12 -39.81
C ASP B 228 7.45 -14.56 -38.82
N LEU B 229 7.54 -13.92 -37.66
CA LEU B 229 8.47 -14.36 -36.64
C LEU B 229 7.93 -15.57 -35.88
N LEU B 230 6.71 -15.45 -35.34
CA LEU B 230 6.09 -16.60 -34.67
C LEU B 230 5.60 -17.62 -35.68
N THR B 231 5.36 -17.20 -36.92
CA THR B 231 5.17 -18.14 -38.01
C THR B 231 6.49 -18.84 -38.32
N GLY B 232 6.44 -20.14 -38.57
CA GLY B 232 7.65 -20.90 -38.76
C GLY B 232 7.54 -22.33 -38.25
N LYS B 233 6.44 -22.64 -37.58
CA LYS B 233 6.17 -23.99 -37.11
C LYS B 233 5.21 -24.74 -38.01
N LEU B 234 4.84 -24.16 -39.16
CA LEU B 234 3.78 -24.72 -40.00
C LEU B 234 4.25 -25.00 -41.42
N ILE B 235 5.56 -25.07 -41.65
CA ILE B 235 6.08 -25.45 -42.96
C ILE B 235 6.05 -26.97 -43.06
N THR B 236 5.39 -27.47 -44.09
CA THR B 236 5.24 -28.90 -44.33
C THR B 236 6.10 -29.37 -45.48
N GLY B 237 6.33 -30.68 -45.54
CA GLY B 237 7.17 -31.26 -46.56
C GLY B 237 6.78 -32.69 -46.84
N SER B 238 7.24 -33.20 -47.98
CA SER B 238 6.90 -34.54 -48.43
C SER B 238 8.13 -35.24 -48.99
N ILE B 239 8.21 -36.54 -48.74
CA ILE B 239 9.29 -37.36 -49.28
C ILE B 239 9.01 -37.62 -50.75
N ILE B 240 9.97 -37.29 -51.62
CA ILE B 240 9.83 -37.61 -53.03
C ILE B 240 10.85 -38.64 -53.51
N TRP B 241 11.97 -38.83 -52.80
CA TRP B 241 12.86 -39.94 -53.13
C TRP B 241 13.60 -40.41 -51.88
N ALA B 242 13.97 -41.68 -51.88
CA ALA B 242 14.50 -42.40 -50.72
C ALA B 242 15.71 -43.24 -51.12
N ASP B 243 16.71 -42.59 -51.73
CA ASP B 243 17.79 -43.30 -52.43
C ASP B 243 18.67 -44.08 -51.47
N THR B 244 18.84 -45.37 -51.77
CA THR B 244 19.57 -46.31 -50.94
C THR B 244 21.06 -46.33 -51.22
N GLN B 245 21.49 -45.84 -52.38
CA GLN B 245 22.91 -45.90 -52.76
C GLN B 245 23.74 -44.93 -51.95
N GLY B 246 23.43 -43.64 -52.06
CA GLY B 246 24.05 -42.65 -51.21
C GLY B 246 23.41 -42.49 -49.85
N HIS B 247 22.35 -43.28 -49.60
CA HIS B 247 21.61 -43.31 -48.33
C HIS B 247 21.06 -41.94 -47.97
N TYR B 248 20.32 -41.33 -48.90
CA TYR B 248 19.81 -39.98 -48.68
C TYR B 248 18.33 -39.91 -49.04
N LEU B 249 17.70 -38.84 -48.56
CA LEU B 249 16.28 -38.59 -48.80
C LEU B 249 16.13 -37.27 -49.52
N ILE B 250 15.51 -37.31 -50.69
CA ILE B 250 15.13 -36.11 -51.41
C ILE B 250 13.71 -35.75 -50.97
N LEU B 251 13.55 -34.53 -50.48
CA LEU B 251 12.33 -34.04 -49.86
C LEU B 251 11.85 -32.81 -50.60
N ARG B 252 10.53 -32.64 -50.69
CA ARG B 252 9.93 -31.46 -51.31
C ARG B 252 9.12 -30.74 -50.24
N VAL B 253 9.49 -29.51 -49.93
CA VAL B 253 8.82 -28.73 -48.90
C VAL B 253 8.04 -27.60 -49.56
N ASN B 254 7.11 -27.05 -48.80
CA ASN B 254 6.19 -26.03 -49.28
C ASN B 254 6.43 -24.73 -48.52
N ILE B 255 6.66 -23.65 -49.25
CA ILE B 255 6.85 -22.32 -48.70
C ILE B 255 5.48 -21.68 -48.48
N PRO B 256 5.14 -21.29 -47.25
CA PRO B 256 3.77 -20.84 -46.97
C PRO B 256 3.55 -19.40 -47.36
N ASP B 257 2.27 -19.02 -47.38
CA ASP B 257 1.84 -17.64 -47.58
C ASP B 257 0.52 -17.45 -46.85
N LEU B 258 0.44 -16.40 -46.05
CA LEU B 258 -0.73 -16.15 -45.21
C LEU B 258 -1.70 -15.26 -45.98
N ILE B 259 -2.62 -15.89 -46.71
CA ILE B 259 -3.65 -15.13 -47.41
C ILE B 259 -4.74 -14.74 -46.42
N GLU B 260 -5.55 -13.75 -46.80
CA GLU B 260 -6.56 -13.18 -45.92
C GLU B 260 -7.95 -13.48 -46.47
N VAL B 261 -8.78 -14.14 -45.66
CA VAL B 261 -10.21 -14.23 -45.98
C VAL B 261 -10.86 -12.87 -45.73
N PRO B 262 -11.63 -12.34 -46.68
CA PRO B 262 -12.17 -10.98 -46.50
C PRO B 262 -13.34 -10.92 -45.55
N GLY B 263 -13.35 -9.88 -44.72
CA GLY B 263 -14.47 -9.60 -43.85
C GLY B 263 -14.50 -10.35 -42.54
N ALA B 264 -13.53 -11.23 -42.29
CA ALA B 264 -13.53 -12.05 -41.09
C ALA B 264 -12.80 -11.33 -39.96
N VAL B 265 -13.50 -11.12 -38.86
CA VAL B 265 -12.97 -10.45 -37.68
C VAL B 265 -13.10 -11.39 -36.49
N ILE B 266 -12.00 -11.59 -35.77
CA ILE B 266 -11.97 -12.44 -34.58
C ILE B 266 -12.13 -11.52 -33.38
N GLN B 267 -13.26 -11.65 -32.70
CA GLN B 267 -13.58 -10.82 -31.54
C GLN B 267 -13.31 -11.60 -30.26
N GLU B 268 -12.57 -10.97 -29.35
CA GLU B 268 -12.28 -11.52 -28.03
C GLU B 268 -13.26 -10.98 -27.01
N PHE B 269 -13.31 -11.63 -25.85
CA PHE B 269 -14.24 -11.26 -24.81
C PHE B 269 -13.63 -11.53 -23.44
N ILE B 270 -14.15 -10.81 -22.44
CA ILE B 270 -13.76 -10.96 -21.05
C ILE B 270 -14.98 -11.41 -20.26
N LYS B 271 -14.84 -12.50 -19.51
CA LYS B 271 -15.90 -13.02 -18.67
C LYS B 271 -15.59 -12.71 -17.21
N ILE B 272 -16.56 -12.12 -16.52
CA ILE B 272 -16.43 -11.82 -15.10
C ILE B 272 -17.57 -12.49 -14.35
N GLY B 273 -17.34 -12.70 -13.05
CA GLY B 273 -18.34 -13.31 -12.18
C GLY B 273 -19.16 -12.24 -11.48
N TYR B 274 -20.47 -12.44 -11.47
CA TYR B 274 -21.39 -11.48 -10.87
C TYR B 274 -22.22 -12.19 -9.80
N ASN B 275 -22.43 -11.50 -8.68
CA ASN B 275 -23.13 -12.08 -7.55
C ASN B 275 -24.63 -11.84 -7.70
N PHE B 276 -25.37 -12.90 -8.02
CA PHE B 276 -26.82 -12.87 -8.08
C PHE B 276 -27.36 -13.93 -7.14
N GLY B 277 -28.38 -13.56 -6.37
CA GLY B 277 -29.03 -14.49 -5.46
C GLY B 277 -28.17 -14.99 -4.33
N GLY B 278 -27.09 -14.28 -3.99
CA GLY B 278 -26.13 -14.77 -3.03
C GLY B 278 -25.12 -15.74 -3.58
N SER B 279 -25.05 -15.91 -4.91
CA SER B 279 -24.09 -16.81 -5.52
C SER B 279 -23.35 -16.08 -6.65
N LEU B 280 -22.06 -16.39 -6.77
CA LEU B 280 -21.23 -15.83 -7.83
C LEU B 280 -21.39 -16.69 -9.08
N TRP B 281 -22.01 -16.13 -10.12
CA TRP B 281 -22.25 -16.83 -11.35
C TRP B 281 -21.31 -16.32 -12.45
N MET B 282 -20.92 -17.24 -13.32
CA MET B 282 -20.09 -16.97 -14.48
C MET B 282 -20.95 -17.26 -15.71
N PRO B 283 -20.99 -16.36 -16.70
CA PRO B 283 -21.75 -16.65 -17.92
C PRO B 283 -21.09 -17.72 -18.78
N THR B 284 -21.93 -18.43 -19.52
CA THR B 284 -21.48 -19.49 -20.43
C THR B 284 -21.46 -18.91 -21.85
N ILE B 285 -20.38 -18.19 -22.16
CA ILE B 285 -20.20 -17.62 -23.50
C ILE B 285 -18.78 -17.94 -23.95
N PRO B 286 -18.55 -18.18 -25.25
CA PRO B 286 -17.21 -18.47 -25.73
C PRO B 286 -16.34 -17.21 -25.78
N ASN B 287 -15.09 -17.42 -26.17
CA ASN B 287 -14.08 -16.36 -26.17
C ASN B 287 -13.89 -15.73 -27.54
N LYS B 288 -13.61 -16.55 -28.55
CA LYS B 288 -13.25 -16.08 -29.88
C LYS B 288 -14.45 -16.23 -30.81
N ILE B 289 -14.86 -15.12 -31.43
CA ILE B 289 -16.02 -15.10 -32.31
C ILE B 289 -15.58 -14.62 -33.67
N ILE B 290 -15.72 -15.48 -34.68
CA ILE B 290 -15.46 -15.07 -36.06
C ILE B 290 -16.73 -14.45 -36.63
N ILE B 291 -16.61 -13.24 -37.16
CA ILE B 291 -17.73 -12.48 -37.72
C ILE B 291 -17.37 -12.13 -39.15
N ARG B 292 -18.27 -12.44 -40.09
CA ARG B 292 -17.99 -12.19 -41.50
C ARG B 292 -19.31 -11.95 -42.21
N GLY B 293 -19.63 -10.68 -42.46
CA GLY B 293 -20.82 -10.30 -43.20
C GLY B 293 -22.13 -10.67 -42.54
N TYR B 294 -22.25 -10.36 -41.25
CA TYR B 294 -23.36 -10.75 -40.38
C TYR B 294 -23.55 -12.28 -40.40
N HIS B 295 -22.52 -12.96 -39.90
CA HIS B 295 -22.53 -14.42 -39.78
C HIS B 295 -21.61 -14.80 -38.64
N LEU B 296 -22.16 -15.44 -37.62
CA LEU B 296 -21.42 -15.81 -36.42
C LEU B 296 -21.17 -17.31 -36.45
N SER B 297 -19.89 -17.70 -36.38
CA SER B 297 -19.48 -19.09 -36.39
C SER B 297 -18.45 -19.29 -35.28
N LEU B 298 -18.04 -20.54 -35.09
CA LEU B 298 -17.05 -20.90 -34.09
C LEU B 298 -15.73 -21.26 -34.74
N ILE B 299 -14.64 -20.99 -34.01
CA ILE B 299 -13.30 -21.39 -34.40
C ILE B 299 -12.62 -21.97 -33.18
N ASP B 300 -11.58 -22.77 -33.42
CA ASP B 300 -10.71 -23.26 -32.35
C ASP B 300 -9.26 -22.92 -32.63
N SER B 301 -8.63 -22.23 -31.70
CA SER B 301 -7.20 -21.93 -31.80
C SER B 301 -6.37 -22.98 -31.07
N THR B 302 -6.63 -24.25 -31.37
CA THR B 302 -5.85 -25.33 -30.77
C THR B 302 -4.48 -25.47 -31.40
N ASN B 303 -4.33 -25.07 -32.67
CA ASN B 303 -3.05 -25.09 -33.35
C ASN B 303 -2.70 -23.75 -33.98
N CYS B 304 -3.55 -22.74 -33.83
CA CYS B 304 -3.39 -21.46 -34.49
C CYS B 304 -2.61 -20.51 -33.59
N ILE B 305 -1.49 -20.01 -34.09
CA ILE B 305 -0.74 -18.97 -33.39
C ILE B 305 -1.50 -17.65 -33.45
N ILE B 306 -1.44 -16.89 -32.37
CA ILE B 306 -2.16 -15.63 -32.24
C ILE B 306 -1.16 -14.49 -32.21
N THR B 307 -1.34 -13.53 -33.11
CA THR B 307 -0.51 -12.34 -33.16
C THR B 307 -1.19 -11.21 -32.38
N ASP B 308 -0.55 -10.04 -32.36
CA ASP B 308 -1.15 -8.87 -31.73
C ASP B 308 -2.30 -8.30 -32.55
N ASN B 309 -2.33 -8.56 -33.85
CA ASN B 309 -3.30 -7.95 -34.75
C ASN B 309 -4.16 -8.94 -35.52
N SER B 310 -3.81 -10.23 -35.53
CA SER B 310 -4.52 -11.18 -36.38
C SER B 310 -4.41 -12.57 -35.79
N TYR B 311 -5.26 -13.46 -36.31
CA TYR B 311 -5.21 -14.88 -36.00
C TYR B 311 -4.63 -15.62 -37.20
N VAL B 312 -3.57 -16.39 -36.97
CA VAL B 312 -2.88 -17.10 -38.03
C VAL B 312 -3.15 -18.59 -37.83
N CYS B 313 -3.88 -19.18 -38.76
CA CYS B 313 -4.17 -20.61 -38.77
C CYS B 313 -3.49 -21.26 -39.96
N ASP B 314 -3.04 -22.50 -39.76
CA ASP B 314 -2.46 -23.27 -40.86
C ASP B 314 -3.52 -23.64 -41.89
N ARG B 315 -4.78 -23.80 -41.45
CA ARG B 315 -5.88 -24.17 -42.32
C ARG B 315 -7.15 -23.65 -41.66
N ASP B 316 -8.19 -23.43 -42.48
CA ASP B 316 -9.44 -22.87 -41.99
C ASP B 316 -10.14 -23.85 -41.05
N TYR B 317 -10.58 -23.34 -39.90
CA TYR B 317 -11.18 -24.14 -38.84
C TYR B 317 -12.54 -23.57 -38.45
N SER B 318 -13.36 -23.27 -39.46
CA SER B 318 -14.67 -22.67 -39.24
C SER B 318 -15.65 -23.76 -38.80
N LEU B 319 -16.02 -23.74 -37.54
CA LEU B 319 -17.02 -24.61 -36.94
C LEU B 319 -18.35 -23.86 -36.82
N PRO B 320 -19.49 -24.55 -36.93
CA PRO B 320 -20.77 -23.85 -36.86
C PRO B 320 -21.12 -23.45 -35.43
N MET B 321 -21.56 -22.21 -35.27
CA MET B 321 -22.07 -21.76 -33.98
C MET B 321 -23.48 -22.29 -33.78
N ASN B 322 -23.80 -22.61 -32.53
CA ASN B 322 -25.17 -22.95 -32.16
C ASN B 322 -26.08 -21.74 -32.41
N PRO B 323 -27.20 -21.90 -33.12
CA PRO B 323 -28.16 -20.79 -33.25
C PRO B 323 -28.74 -20.31 -31.93
N ILE B 324 -28.83 -21.19 -30.93
CA ILE B 324 -29.12 -20.74 -29.56
C ILE B 324 -28.00 -19.85 -29.04
N LEU B 325 -26.74 -20.20 -29.35
CA LEU B 325 -25.63 -19.33 -28.96
C LEU B 325 -25.55 -18.08 -29.83
N ARG B 326 -26.02 -18.15 -31.07
CA ARG B 326 -26.14 -16.94 -31.88
C ARG B 326 -27.19 -15.99 -31.30
N GLU B 327 -28.29 -16.54 -30.80
CA GLU B 327 -29.32 -15.71 -30.19
C GLU B 327 -28.89 -15.23 -28.80
N CYS B 328 -28.02 -16.00 -28.13
CA CYS B 328 -27.28 -15.53 -26.96
C CYS B 328 -26.44 -14.31 -27.28
N PHE B 329 -25.76 -14.32 -28.43
CA PHE B 329 -25.02 -13.13 -28.83
C PHE B 329 -25.91 -12.07 -29.47
N GLU B 330 -27.18 -12.40 -29.73
CA GLU B 330 -28.20 -11.41 -30.08
C GLU B 330 -28.87 -10.93 -28.79
N GLY B 331 -30.01 -10.25 -28.91
CA GLY B 331 -30.65 -9.60 -27.77
C GLY B 331 -31.22 -10.53 -26.73
N ASN B 332 -31.40 -11.81 -27.06
CA ASN B 332 -31.90 -12.78 -26.08
C ASN B 332 -30.72 -13.35 -25.31
N THR B 333 -30.22 -12.56 -24.37
CA THR B 333 -29.10 -13.00 -23.54
C THR B 333 -29.54 -13.78 -22.31
N SER B 334 -30.85 -14.03 -22.15
CA SER B 334 -31.31 -14.97 -21.14
C SER B 334 -31.02 -16.41 -21.54
N SER B 335 -30.85 -16.67 -22.84
CA SER B 335 -30.54 -17.99 -23.36
C SER B 335 -29.06 -18.33 -23.27
N CYS B 336 -28.28 -17.62 -22.45
CA CYS B 336 -26.83 -17.82 -22.43
C CYS B 336 -26.42 -18.85 -21.39
N GLY B 337 -26.83 -18.66 -20.15
CA GLY B 337 -26.51 -19.62 -19.10
C GLY B 337 -25.41 -19.13 -18.18
N ARG B 338 -25.30 -19.81 -17.04
CA ARG B 338 -24.37 -19.42 -15.99
C ARG B 338 -24.08 -20.61 -15.10
N GLU B 339 -22.92 -20.57 -14.43
CA GLU B 339 -22.52 -21.64 -13.52
C GLU B 339 -21.89 -21.03 -12.27
N MET B 340 -21.73 -21.86 -11.25
CA MET B 340 -21.07 -21.49 -10.01
C MET B 340 -19.58 -21.24 -10.22
N VAL B 341 -19.10 -20.14 -9.63
CA VAL B 341 -17.67 -19.90 -9.43
C VAL B 341 -17.47 -19.47 -7.97
N LEU B 342 -16.93 -20.39 -7.16
CA LEU B 342 -16.63 -20.08 -5.77
C LEU B 342 -15.16 -19.84 -5.53
N ASN B 343 -14.31 -20.13 -6.52
CA ASN B 343 -12.88 -19.91 -6.40
C ASN B 343 -12.55 -18.42 -6.38
N SER B 344 -11.43 -18.09 -5.75
CA SER B 344 -11.08 -16.70 -5.47
C SER B 344 -10.48 -15.98 -6.68
N TYR B 345 -10.06 -16.68 -7.72
CA TYR B 345 -9.41 -16.03 -8.86
C TYR B 345 -10.40 -15.66 -9.95
N ILE B 346 -11.47 -14.99 -9.55
CA ILE B 346 -12.50 -14.51 -10.48
C ILE B 346 -12.39 -12.99 -10.54
N PRO B 347 -12.14 -12.41 -11.72
CA PRO B 347 -12.10 -10.95 -11.82
C PRO B 347 -13.49 -10.34 -11.65
N LEU B 348 -13.50 -9.15 -11.03
CA LEU B 348 -14.75 -8.44 -10.77
C LEU B 348 -14.82 -7.08 -11.44
N TYR B 349 -13.72 -6.59 -12.01
CA TYR B 349 -13.72 -5.30 -12.69
C TYR B 349 -12.80 -5.39 -13.90
N ALA B 350 -13.11 -4.59 -14.92
CA ALA B 350 -12.31 -4.54 -16.12
C ALA B 350 -12.47 -3.20 -16.80
N LEU B 351 -11.52 -2.90 -17.69
CA LEU B 351 -11.40 -1.62 -18.37
C LEU B 351 -11.57 -1.81 -19.87
N SER B 352 -12.30 -0.90 -20.49
CA SER B 352 -12.55 -0.94 -21.93
C SER B 352 -12.92 0.46 -22.39
N GLU B 353 -12.02 1.08 -23.17
CA GLU B 353 -12.19 2.43 -23.75
C GLU B 353 -12.47 3.48 -22.67
N GLY B 354 -11.74 3.41 -21.57
CA GLY B 354 -12.01 4.30 -20.45
C GLY B 354 -13.29 3.99 -19.72
N VAL B 355 -13.78 2.76 -19.84
CA VAL B 355 -15.06 2.34 -19.29
C VAL B 355 -14.79 1.21 -18.31
N ILE B 356 -15.25 1.38 -17.06
CA ILE B 356 -15.01 0.38 -16.03
C ILE B 356 -16.29 -0.40 -15.82
N TYR B 357 -16.22 -1.71 -16.04
CA TYR B 357 -17.29 -2.63 -15.70
C TYR B 357 -16.89 -3.32 -14.41
N ALA B 358 -17.61 -3.02 -13.33
CA ALA B 358 -17.19 -3.47 -12.00
C ALA B 358 -18.37 -4.02 -11.21
N ASN B 359 -18.19 -5.20 -10.61
CA ASN B 359 -19.14 -5.73 -9.64
C ASN B 359 -18.78 -5.12 -8.30
N CYS B 360 -19.46 -4.02 -7.96
CA CYS B 360 -19.10 -3.16 -6.84
C CYS B 360 -19.65 -3.63 -5.50
N LEU B 361 -20.43 -4.72 -5.45
CA LEU B 361 -20.91 -5.18 -4.16
C LEU B 361 -19.79 -5.83 -3.35
N ALA B 362 -18.86 -6.51 -4.02
CA ALA B 362 -17.71 -7.11 -3.36
C ALA B 362 -16.43 -6.31 -3.50
N THR B 363 -16.37 -5.39 -4.46
CA THR B 363 -15.19 -4.59 -4.73
C THR B 363 -15.44 -3.15 -4.27
N SER B 364 -14.49 -2.59 -3.52
CA SER B 364 -14.63 -1.24 -3.01
C SER B 364 -14.52 -0.22 -4.13
N CYS B 365 -15.45 0.73 -4.16
CA CYS B 365 -15.52 1.73 -5.20
C CYS B 365 -15.61 3.09 -4.53
N LYS B 366 -14.74 4.03 -4.87
CA LYS B 366 -14.89 5.41 -4.41
C LYS B 366 -14.20 6.33 -5.40
N CYS B 367 -14.46 7.63 -5.24
CA CYS B 367 -13.87 8.66 -6.09
C CYS B 367 -13.19 9.67 -5.17
N ALA B 368 -11.85 9.75 -5.24
CA ALA B 368 -11.09 10.59 -4.32
C ALA B 368 -11.28 12.08 -4.56
N THR B 369 -11.78 12.46 -5.75
CA THR B 369 -12.16 13.85 -5.96
C THR B 369 -13.38 14.24 -5.14
N THR B 370 -14.25 13.27 -4.84
CA THR B 370 -15.43 13.50 -4.02
C THR B 370 -15.34 12.85 -2.64
N ASN B 371 -14.49 11.83 -2.47
CA ASN B 371 -14.28 11.10 -1.21
C ASN B 371 -15.60 10.48 -0.69
N LYS B 372 -16.34 9.85 -1.60
CA LYS B 372 -17.55 9.13 -1.24
C LYS B 372 -17.56 7.77 -1.92
N PRO B 373 -18.14 6.76 -1.29
CA PRO B 373 -18.24 5.45 -1.93
C PRO B 373 -19.34 5.41 -2.98
N ILE B 374 -19.27 4.38 -3.82
CA ILE B 374 -20.24 4.14 -4.88
C ILE B 374 -21.03 2.88 -4.53
N VAL B 375 -22.35 2.98 -4.62
CA VAL B 375 -23.25 1.90 -4.20
C VAL B 375 -23.74 1.16 -5.44
N GLN B 376 -24.04 -0.13 -5.25
CA GLN B 376 -24.64 -0.93 -6.32
C GLN B 376 -26.05 -0.45 -6.61
N SER B 377 -26.37 -0.29 -7.90
CA SER B 377 -27.75 -0.06 -8.30
C SER B 377 -28.57 -1.32 -8.14
N THR B 378 -29.84 -1.15 -7.77
CA THR B 378 -30.72 -2.29 -7.58
C THR B 378 -31.17 -2.91 -8.91
N SER B 379 -31.16 -2.14 -10.00
CA SER B 379 -31.63 -2.62 -11.28
C SER B 379 -30.58 -3.38 -12.08
N THR B 380 -29.35 -3.48 -11.58
CA THR B 380 -28.28 -4.16 -12.30
C THR B 380 -27.31 -4.80 -11.31
N VAL B 381 -26.44 -5.66 -11.85
CA VAL B 381 -25.34 -6.23 -11.09
C VAL B 381 -24.00 -5.71 -11.59
N ILE B 382 -23.80 -5.67 -12.90
CA ILE B 382 -22.59 -5.10 -13.48
C ILE B 382 -22.69 -3.58 -13.42
N THR B 383 -21.62 -2.94 -12.95
CA THR B 383 -21.64 -1.51 -12.66
C THR B 383 -20.86 -0.76 -13.74
N MET B 384 -21.55 0.18 -14.39
CA MET B 384 -20.94 1.12 -15.32
C MET B 384 -20.23 2.24 -14.57
N ILE B 385 -18.98 2.52 -14.95
CA ILE B 385 -18.24 3.66 -14.44
C ILE B 385 -17.59 4.37 -15.62
N ASP B 386 -17.86 5.66 -15.76
CA ASP B 386 -17.18 6.52 -16.73
C ASP B 386 -16.82 7.84 -16.05
N ASN B 387 -16.41 8.83 -16.85
CA ASN B 387 -16.04 10.13 -16.31
C ASN B 387 -17.24 10.94 -15.83
N SER B 388 -18.46 10.54 -16.18
CA SER B 388 -19.65 11.28 -15.78
C SER B 388 -19.89 11.21 -14.28
N LYS B 389 -19.69 10.03 -13.68
CA LYS B 389 -19.80 9.91 -12.24
C LYS B 389 -18.60 10.55 -11.55
N CYS B 390 -17.40 10.11 -11.89
CA CYS B 390 -16.16 10.74 -11.46
C CYS B 390 -15.09 10.39 -12.47
N PRO B 391 -14.30 11.37 -12.94
CA PRO B 391 -13.19 11.04 -13.85
C PRO B 391 -12.04 10.34 -13.15
N VAL B 392 -11.93 10.47 -11.84
CA VAL B 392 -10.82 9.90 -11.06
C VAL B 392 -11.43 8.89 -10.10
N VAL B 393 -11.07 7.60 -10.27
CA VAL B 393 -11.82 6.47 -9.73
C VAL B 393 -10.88 5.65 -8.84
N GLU B 394 -11.41 5.14 -7.73
CA GLU B 394 -10.72 4.11 -6.95
C GLU B 394 -11.55 2.82 -7.05
N VAL B 395 -10.90 1.73 -7.46
CA VAL B 395 -11.54 0.42 -7.53
C VAL B 395 -10.68 -0.56 -6.75
N GLY B 396 -11.26 -1.17 -5.72
CA GLY B 396 -10.57 -2.17 -4.92
C GLY B 396 -9.42 -1.60 -4.12
N LYS B 397 -8.19 -1.91 -4.55
CA LYS B 397 -6.98 -1.34 -3.99
C LYS B 397 -6.27 -0.41 -4.97
N GLN B 398 -6.80 -0.22 -6.17
CA GLN B 398 -6.08 0.45 -7.24
C GLN B 398 -6.76 1.75 -7.62
N MET B 399 -5.94 2.72 -8.04
CA MET B 399 -6.36 4.10 -8.22
C MET B 399 -6.17 4.44 -9.69
N ILE B 400 -7.27 4.74 -10.41
CA ILE B 400 -7.25 4.89 -11.86
C ILE B 400 -7.93 6.20 -12.24
N SER B 401 -7.89 6.49 -13.53
CA SER B 401 -8.70 7.55 -14.13
C SER B 401 -9.31 7.02 -15.42
N VAL B 402 -10.43 7.61 -15.81
CA VAL B 402 -11.26 7.09 -16.90
C VAL B 402 -11.50 8.20 -17.92
N GLY B 403 -12.30 7.86 -18.93
CA GLY B 403 -12.63 8.80 -19.97
C GLY B 403 -13.77 8.29 -20.82
N SER B 404 -13.96 8.94 -21.97
CA SER B 404 -14.93 8.62 -23.03
C SER B 404 -16.35 8.74 -22.45
N TYR B 405 -17.29 7.88 -22.83
CA TYR B 405 -18.69 8.03 -22.47
C TYR B 405 -19.33 6.66 -22.40
N LEU B 406 -20.66 6.63 -22.36
CA LEU B 406 -21.41 5.38 -22.17
C LEU B 406 -21.35 4.50 -23.43
N GLY B 407 -21.90 5.02 -24.53
CA GLY B 407 -22.03 4.22 -25.74
C GLY B 407 -23.48 3.87 -26.02
N GLN B 408 -24.09 4.60 -26.97
CA GLN B 408 -25.51 4.50 -27.35
C GLN B 408 -26.40 4.80 -26.15
N VAL B 409 -26.80 3.77 -25.39
CA VAL B 409 -27.47 3.98 -24.13
C VAL B 409 -26.70 3.28 -23.02
N SER B 410 -26.96 3.70 -21.79
CA SER B 410 -26.29 3.08 -20.64
C SER B 410 -26.83 1.67 -20.43
N PRO B 411 -25.96 0.68 -20.25
CA PRO B 411 -26.42 -0.69 -20.01
C PRO B 411 -26.87 -0.95 -18.58
N ASN B 412 -26.86 0.06 -17.71
CA ASN B 412 -27.19 -0.12 -16.31
C ASN B 412 -28.67 0.05 -16.00
N ASN B 413 -29.45 0.67 -16.88
CA ASN B 413 -30.78 1.13 -16.52
C ASN B 413 -31.91 0.21 -16.98
N LEU B 414 -31.70 -0.55 -18.06
CA LEU B 414 -32.75 -1.42 -18.58
C LEU B 414 -32.93 -2.65 -17.69
N THR B 415 -34.04 -3.35 -17.91
CA THR B 415 -34.34 -4.54 -17.13
C THR B 415 -33.40 -5.69 -17.50
N ILE B 416 -33.34 -6.69 -16.62
CA ILE B 416 -32.41 -7.78 -16.74
C ILE B 416 -33.17 -9.09 -16.89
N GLU B 417 -32.68 -9.96 -17.76
CA GLU B 417 -33.25 -11.29 -17.98
C GLU B 417 -32.20 -12.31 -17.55
N ILE B 418 -32.49 -13.04 -16.47
CA ILE B 418 -31.53 -13.94 -15.84
C ILE B 418 -31.79 -15.35 -16.33
N GLY B 419 -30.73 -16.02 -16.79
CA GLY B 419 -30.86 -17.33 -17.40
C GLY B 419 -30.91 -18.45 -16.37
N PRO B 420 -30.86 -19.68 -16.86
CA PRO B 420 -30.89 -20.84 -15.96
C PRO B 420 -29.49 -21.23 -15.53
N PRO B 421 -29.36 -21.94 -14.40
CA PRO B 421 -28.05 -22.51 -14.04
C PRO B 421 -27.68 -23.68 -14.94
N VAL B 422 -26.38 -23.91 -15.07
CA VAL B 422 -25.84 -24.90 -15.98
C VAL B 422 -24.98 -25.89 -15.19
N TYR B 423 -25.24 -27.18 -15.37
CA TYR B 423 -24.42 -28.25 -14.82
C TYR B 423 -23.88 -29.11 -15.96
N THR B 424 -22.70 -29.70 -15.74
CA THR B 424 -22.02 -30.53 -16.73
C THR B 424 -21.62 -31.87 -16.07
N GLU B 425 -22.53 -32.84 -16.09
CA GLU B 425 -22.26 -34.16 -15.53
C GLU B 425 -23.24 -35.17 -16.12
N PRO B 426 -22.85 -36.44 -16.26
CA PRO B 426 -23.82 -37.49 -16.63
C PRO B 426 -24.77 -37.85 -15.49
N VAL B 427 -24.42 -37.47 -14.26
CA VAL B 427 -25.35 -37.58 -13.13
C VAL B 427 -26.58 -36.72 -13.39
N ASP B 428 -26.40 -35.57 -14.05
CA ASP B 428 -27.54 -34.76 -14.48
C ASP B 428 -28.38 -35.48 -15.54
N ILE B 429 -27.75 -36.32 -16.37
CA ILE B 429 -28.52 -37.10 -17.34
C ILE B 429 -29.35 -38.18 -16.65
N THR B 430 -28.78 -38.80 -15.61
CA THR B 430 -29.57 -39.75 -14.82
C THR B 430 -30.66 -39.04 -14.00
N ASN B 431 -30.39 -37.82 -13.56
CA ASN B 431 -31.44 -37.04 -12.90
C ASN B 431 -32.51 -36.60 -13.88
N GLN B 432 -32.15 -36.41 -15.16
CA GLN B 432 -33.16 -36.14 -16.17
C GLN B 432 -33.89 -37.41 -16.60
N LEU B 433 -33.31 -38.58 -16.39
CA LEU B 433 -34.10 -39.80 -16.41
C LEU B 433 -35.12 -39.79 -15.28
N GLY B 434 -34.68 -39.49 -14.07
CA GLY B 434 -35.52 -39.50 -12.88
C GLY B 434 -36.65 -38.49 -12.85
N ASN B 435 -36.36 -37.21 -13.09
CA ASN B 435 -37.40 -36.19 -12.97
C ASN B 435 -38.31 -36.12 -14.18
N ILE B 436 -37.87 -36.58 -15.35
CA ILE B 436 -38.84 -36.79 -16.43
C ILE B 436 -39.71 -37.99 -16.12
N ASN B 437 -39.13 -39.07 -15.58
CA ASN B 437 -39.97 -40.16 -15.06
C ASN B 437 -40.78 -39.75 -13.83
N GLU B 438 -40.41 -38.67 -13.15
CA GLU B 438 -41.34 -38.04 -12.21
C GLU B 438 -42.47 -37.32 -12.95
N THR B 439 -42.23 -36.87 -14.18
CA THR B 439 -43.14 -35.98 -14.88
C THR B 439 -43.86 -36.65 -16.06
N LEU B 440 -43.17 -37.53 -16.82
CA LEU B 440 -43.69 -38.05 -18.08
C LEU B 440 -44.97 -38.88 -17.89
N SER B 441 -44.92 -39.85 -16.99
CA SER B 441 -46.13 -40.61 -16.70
C SER B 441 -47.03 -39.89 -15.71
N LYS B 442 -46.54 -38.78 -15.10
CA LYS B 442 -47.43 -37.77 -14.48
C LYS B 442 -48.07 -36.83 -15.52
N THR B 443 -47.41 -36.57 -16.66
CA THR B 443 -48.11 -35.88 -17.74
C THR B 443 -49.13 -36.80 -18.40
N LEU B 444 -48.83 -38.10 -18.49
CA LEU B 444 -49.85 -39.07 -18.87
C LEU B 444 -50.98 -39.13 -17.86
N ASP B 445 -50.68 -38.87 -16.58
CA ASP B 445 -51.73 -38.72 -15.57
C ASP B 445 -52.54 -37.45 -15.78
N LEU B 446 -51.95 -36.37 -16.29
CA LEU B 446 -52.76 -35.24 -16.77
C LEU B 446 -53.70 -35.67 -17.87
N ILE B 447 -53.18 -36.40 -18.87
CA ILE B 447 -53.97 -36.87 -20.01
C ILE B 447 -55.11 -37.77 -19.55
N LYS B 448 -54.87 -38.61 -18.55
CA LYS B 448 -55.91 -39.49 -18.02
C LYS B 448 -56.90 -38.74 -17.13
N GLN B 449 -56.40 -38.13 -16.05
CA GLN B 449 -57.22 -37.51 -15.02
C GLN B 449 -58.01 -36.31 -15.49
N SER B 450 -57.54 -35.56 -16.49
CA SER B 450 -58.37 -34.50 -17.04
C SER B 450 -59.61 -35.06 -17.72
N ASN B 451 -59.42 -36.00 -18.64
CA ASN B 451 -60.49 -36.54 -19.48
C ASN B 451 -61.52 -37.37 -18.71
N SER B 452 -61.24 -37.75 -17.46
CA SER B 452 -62.17 -38.52 -16.64
C SER B 452 -63.41 -37.74 -16.24
N ILE B 453 -63.32 -36.42 -16.09
CA ILE B 453 -64.41 -35.60 -15.59
C ILE B 453 -64.82 -34.50 -16.58
N LEU B 454 -63.97 -34.20 -17.59
CA LEU B 454 -64.32 -33.29 -18.68
C LEU B 454 -65.50 -33.75 -19.52
N ASP B 455 -65.86 -35.04 -19.46
CA ASP B 455 -67.07 -35.53 -20.13
C ASP B 455 -68.34 -34.94 -19.54
N MET B 456 -68.42 -34.79 -18.22
CA MET B 456 -69.59 -34.22 -17.58
C MET B 456 -69.16 -33.37 -16.39
N VAL C 1 -21.58 -56.85 -39.14
CA VAL C 1 -21.60 -55.47 -39.60
C VAL C 1 -21.88 -55.43 -41.12
N ASP C 2 -22.76 -54.53 -41.53
CA ASP C 2 -23.12 -54.36 -42.93
C ASP C 2 -22.35 -53.17 -43.49
N PHE C 3 -21.41 -53.45 -44.39
CA PHE C 3 -20.65 -52.38 -45.03
C PHE C 3 -21.44 -51.66 -46.11
N GLU C 4 -22.44 -52.31 -46.70
CA GLU C 4 -23.21 -51.71 -47.78
C GLU C 4 -24.17 -50.63 -47.28
N ARG C 5 -24.90 -50.91 -46.18
CA ARG C 5 -25.76 -49.89 -45.59
C ARG C 5 -24.94 -48.75 -44.99
N LEU C 6 -23.80 -49.07 -44.40
CA LEU C 6 -22.94 -48.05 -43.82
C LEU C 6 -22.24 -47.23 -44.89
N ALA C 7 -22.06 -47.79 -46.10
CA ALA C 7 -21.61 -47.02 -47.24
C ALA C 7 -22.74 -46.18 -47.84
N SER C 8 -23.98 -46.67 -47.75
CA SER C 8 -25.13 -45.90 -48.17
C SER C 8 -25.32 -44.66 -47.30
N ILE C 9 -25.08 -44.79 -46.00
CA ILE C 9 -25.17 -43.64 -45.11
C ILE C 9 -23.93 -42.77 -45.14
N GLY C 10 -22.82 -43.27 -45.71
CA GLY C 10 -21.66 -42.41 -45.91
C GLY C 10 -20.39 -42.80 -45.17
N GLY C 11 -20.20 -44.09 -44.93
CA GLY C 11 -18.99 -44.56 -44.29
C GLY C 11 -18.35 -45.74 -45.01
N ILE C 12 -17.05 -45.66 -45.27
CA ILE C 12 -16.35 -46.63 -46.10
C ILE C 12 -15.48 -47.50 -45.21
N LYS C 13 -15.48 -48.80 -45.48
CA LYS C 13 -14.68 -49.74 -44.71
C LYS C 13 -13.20 -49.53 -45.02
N GLY C 14 -12.41 -49.25 -44.00
CA GLY C 14 -10.99 -49.01 -44.14
C GLY C 14 -10.18 -50.29 -44.10
N HIS C 15 -8.95 -50.19 -43.62
CA HIS C 15 -8.10 -51.35 -43.49
C HIS C 15 -8.53 -52.21 -42.32
N SER C 16 -8.21 -53.49 -42.42
CA SER C 16 -8.41 -54.45 -41.33
C SER C 16 -7.04 -54.87 -40.82
N LYS C 17 -6.81 -54.69 -39.53
CA LYS C 17 -5.52 -54.98 -38.92
C LYS C 17 -5.73 -55.95 -37.76
N LEU C 18 -4.61 -56.42 -37.21
CA LEU C 18 -4.64 -57.37 -36.12
C LEU C 18 -4.57 -56.63 -34.78
N TYR C 19 -4.63 -57.39 -33.69
CA TYR C 19 -4.56 -56.83 -32.35
C TYR C 19 -3.56 -57.64 -31.53
N LYS C 20 -2.53 -57.00 -31.02
CA LYS C 20 -1.52 -57.65 -30.21
C LYS C 20 -1.32 -56.88 -28.91
N ILE C 21 -1.17 -57.63 -27.82
CA ILE C 21 -1.04 -57.10 -26.47
C ILE C 21 0.30 -57.59 -25.92
N LYS C 22 1.00 -56.72 -25.19
CA LYS C 22 2.19 -57.15 -24.48
C LYS C 22 1.82 -58.11 -23.35
N GLY C 23 2.52 -59.22 -23.26
CA GLY C 23 2.24 -60.21 -22.22
C GLY C 23 3.43 -61.11 -22.00
N HIS C 24 3.43 -61.76 -20.82
CA HIS C 24 4.47 -62.65 -20.30
C HIS C 24 5.85 -61.99 -20.33
N PRO C 25 6.14 -61.07 -19.41
CA PRO C 25 7.49 -60.52 -19.35
C PRO C 25 8.42 -61.27 -18.40
N THR C 26 9.63 -61.53 -18.87
CA THR C 26 10.70 -61.98 -17.99
C THR C 26 11.46 -60.78 -17.45
N THR C 27 12.32 -61.02 -16.49
CA THR C 27 12.99 -59.93 -15.77
C THR C 27 14.50 -60.03 -15.91
N LYS C 28 15.13 -58.87 -16.10
CA LYS C 28 16.59 -58.78 -16.15
C LYS C 28 17.03 -57.66 -15.22
N ASP C 29 18.15 -57.88 -14.53
CA ASP C 29 18.65 -56.97 -13.51
C ASP C 29 19.82 -56.17 -14.06
N ILE C 30 19.71 -54.84 -13.96
CA ILE C 30 20.76 -53.92 -14.36
C ILE C 30 21.13 -53.08 -13.15
N VAL C 31 22.26 -52.38 -13.24
CA VAL C 31 22.67 -51.41 -12.21
C VAL C 31 23.02 -50.09 -12.89
N ILE C 32 22.78 -49.00 -12.16
CA ILE C 32 23.06 -47.64 -12.61
C ILE C 32 23.85 -46.95 -11.50
N LYS C 33 25.07 -46.54 -11.80
CA LYS C 33 25.90 -45.83 -10.84
C LYS C 33 25.82 -44.33 -11.07
N LEU C 34 26.02 -43.57 -9.99
CA LEU C 34 25.80 -42.12 -10.01
C LEU C 34 27.08 -41.31 -9.88
N VAL C 35 28.00 -41.69 -9.01
CA VAL C 35 29.22 -40.92 -8.78
C VAL C 35 30.19 -41.16 -9.92
N PRO C 36 30.59 -40.12 -10.67
CA PRO C 36 31.50 -40.32 -11.81
C PRO C 36 32.91 -40.63 -11.34
N ASN C 37 33.38 -41.84 -11.67
CA ASN C 37 34.70 -42.29 -11.25
C ASN C 37 35.74 -41.61 -12.12
N LEU C 38 36.12 -40.40 -11.72
CA LEU C 38 37.22 -39.69 -12.35
C LEU C 38 38.54 -40.25 -11.83
N ASN C 39 39.42 -40.62 -12.75
CA ASN C 39 40.67 -41.25 -12.37
C ASN C 39 41.85 -40.48 -12.94
N ASN C 40 41.66 -39.91 -14.14
CA ASN C 40 42.69 -39.07 -14.74
C ASN C 40 42.71 -37.67 -14.16
N LEU C 41 41.67 -37.28 -13.43
CA LEU C 41 41.56 -35.95 -12.87
C LEU C 41 41.89 -35.91 -11.38
N THR C 42 42.85 -36.72 -10.95
CA THR C 42 43.29 -36.70 -9.56
C THR C 42 44.21 -35.54 -9.23
N VAL C 43 44.66 -34.79 -10.23
CA VAL C 43 45.55 -33.66 -10.01
C VAL C 43 44.79 -32.38 -9.71
N CYS C 44 43.85 -32.00 -10.59
CA CYS C 44 43.09 -30.76 -10.45
C CYS C 44 41.60 -31.07 -10.57
N SER C 45 40.97 -31.40 -9.44
CA SER C 45 39.53 -31.53 -9.38
C SER C 45 38.92 -30.86 -8.16
N GLU C 46 39.72 -30.48 -7.17
CA GLU C 46 39.33 -29.87 -5.89
C GLU C 46 38.36 -30.80 -5.16
N MET C 47 37.40 -30.26 -4.44
CA MET C 47 36.42 -31.10 -3.78
C MET C 47 35.05 -30.65 -4.29
N SER C 48 34.95 -30.51 -5.62
CA SER C 48 33.69 -30.16 -6.26
C SER C 48 32.69 -31.32 -6.21
N ILE C 49 33.17 -32.55 -5.99
CA ILE C 49 32.32 -33.72 -5.90
C ILE C 49 31.45 -33.67 -4.64
N ASP C 50 31.92 -32.99 -3.59
CA ASP C 50 31.24 -32.99 -2.29
C ASP C 50 29.88 -32.31 -2.35
N GLY C 51 29.77 -31.21 -3.09
CA GLY C 51 28.47 -30.57 -3.25
C GLY C 51 27.48 -31.44 -4.02
N TYR C 52 27.96 -32.15 -5.03
CA TYR C 52 27.15 -33.15 -5.74
C TYR C 52 26.72 -34.26 -4.81
N LEU C 53 27.62 -34.73 -3.94
CA LEU C 53 27.30 -35.82 -3.02
C LEU C 53 26.27 -35.38 -1.98
N ASN C 54 26.41 -34.17 -1.44
CA ASN C 54 25.43 -33.66 -0.49
C ASN C 54 24.10 -33.37 -1.16
N LEU C 55 24.11 -33.03 -2.45
CA LEU C 55 22.86 -32.85 -3.17
C LEU C 55 22.16 -34.19 -3.43
N ILE C 56 22.93 -35.23 -3.78
CA ILE C 56 22.29 -36.50 -4.13
C ILE C 56 21.99 -37.37 -2.91
N ASN C 57 22.61 -37.10 -1.76
CA ASN C 57 22.34 -37.94 -0.58
C ASN C 57 20.95 -37.72 -0.04
N ALA C 58 20.45 -36.49 -0.10
CA ALA C 58 19.08 -36.17 0.32
C ALA C 58 18.03 -36.79 -0.58
N VAL C 59 18.41 -37.23 -1.78
CA VAL C 59 17.54 -38.03 -2.62
C VAL C 59 17.73 -39.52 -2.37
N ILE C 60 18.98 -39.96 -2.26
CA ILE C 60 19.31 -41.39 -2.23
C ILE C 60 18.87 -42.03 -0.93
N ILE C 61 19.10 -41.36 0.21
CA ILE C 61 18.79 -41.96 1.52
C ILE C 61 17.30 -42.22 1.74
N PRO C 62 16.36 -41.28 1.49
CA PRO C 62 14.94 -41.62 1.75
C PRO C 62 14.36 -42.66 0.80
N ILE C 63 14.85 -42.73 -0.45
CA ILE C 63 14.45 -43.81 -1.36
C ILE C 63 14.88 -45.16 -0.81
N SER C 64 16.11 -45.25 -0.30
CA SER C 64 16.61 -46.48 0.30
C SER C 64 15.84 -46.83 1.57
N GLN C 65 15.46 -45.82 2.36
CA GLN C 65 14.71 -46.05 3.59
C GLN C 65 13.30 -46.57 3.31
N SER C 66 12.61 -45.96 2.33
CA SER C 66 11.29 -46.45 1.93
C SER C 66 11.39 -47.83 1.28
N LEU C 67 12.47 -48.09 0.55
CA LEU C 67 12.65 -49.39 -0.11
C LEU C 67 12.88 -50.49 0.91
N GLU C 68 13.69 -50.23 1.94
CA GLU C 68 13.86 -51.24 2.98
C GLU C 68 12.65 -51.32 3.89
N LEU C 69 11.86 -50.25 3.99
CA LEU C 69 10.65 -50.29 4.82
C LEU C 69 9.56 -51.12 4.15
N MET C 70 9.45 -51.05 2.82
CA MET C 70 8.43 -51.82 2.13
C MET C 70 8.76 -53.32 2.12
N ARG C 71 10.05 -53.66 2.05
CA ARG C 71 10.46 -55.05 2.08
C ARG C 71 10.53 -55.63 3.49
N ASN C 72 10.31 -54.81 4.52
CA ASN C 72 10.41 -55.28 5.89
C ASN C 72 9.08 -55.79 6.40
N ASN C 73 7.99 -55.58 5.65
CA ASN C 73 6.67 -56.03 6.04
C ASN C 73 6.32 -57.40 5.47
N VAL C 74 7.10 -57.90 4.53
CA VAL C 74 6.85 -59.20 3.91
C VAL C 74 7.68 -60.26 4.62
N LYS C 75 7.11 -61.45 4.82
CA LYS C 75 7.78 -62.53 5.51
C LYS C 75 7.40 -63.86 4.88
N ASP C 76 8.31 -64.83 5.00
CA ASP C 76 8.10 -66.20 4.57
C ASP C 76 7.64 -67.03 5.77
N GLY C 77 7.56 -68.35 5.59
CA GLY C 77 7.21 -69.20 6.69
C GLY C 77 5.73 -69.23 7.03
N THR C 78 4.93 -69.77 6.13
CA THR C 78 3.47 -69.76 6.30
C THR C 78 3.06 -70.66 7.47
N PRO C 79 2.23 -70.17 8.40
CA PRO C 79 1.81 -71.00 9.54
C PRO C 79 0.92 -72.17 9.16
N ASN C 80 0.33 -72.18 7.97
CA ASN C 80 -0.35 -73.38 7.48
C ASN C 80 0.66 -74.48 7.22
N GLU C 81 0.32 -75.70 7.64
CA GLU C 81 1.27 -76.81 7.62
C GLU C 81 1.54 -77.33 6.21
N ASN C 82 0.69 -77.00 5.24
CA ASN C 82 0.85 -77.46 3.86
C ASN C 82 1.20 -76.35 2.89
N ILE C 83 0.54 -75.20 2.99
CA ILE C 83 0.82 -74.06 2.13
C ILE C 83 2.08 -73.37 2.62
N PHE C 84 2.91 -72.90 1.69
CA PHE C 84 4.08 -72.10 2.03
C PHE C 84 4.26 -71.00 1.00
N GLY C 85 4.42 -69.77 1.49
CA GLY C 85 4.56 -68.64 0.61
C GLY C 85 4.91 -67.39 1.38
N ALA C 86 4.88 -66.26 0.68
CA ALA C 86 5.24 -64.97 1.25
C ALA C 86 4.03 -64.30 1.86
N ILE C 87 4.17 -63.81 3.09
CA ILE C 87 3.09 -63.18 3.83
C ILE C 87 3.48 -61.73 4.08
N VAL C 88 2.61 -60.80 3.71
CA VAL C 88 2.82 -59.41 4.07
C VAL C 88 2.02 -59.12 5.33
N ALA C 89 2.51 -58.17 6.12
CA ALA C 89 1.84 -57.75 7.34
C ALA C 89 0.83 -56.67 6.97
N GLY C 90 -0.43 -57.10 6.79
CA GLY C 90 -1.48 -56.19 6.33
C GLY C 90 -1.83 -55.11 7.31
N ALA C 91 -1.63 -55.34 8.61
CA ALA C 91 -1.77 -54.26 9.58
C ALA C 91 -0.65 -53.24 9.44
N ALA C 92 0.54 -53.67 9.06
CA ALA C 92 1.67 -52.77 8.91
C ALA C 92 1.67 -52.03 7.57
N LEU C 93 0.90 -52.49 6.59
CA LEU C 93 0.80 -51.75 5.33
C LEU C 93 -0.13 -50.54 5.45
N GLY C 94 -1.19 -50.64 6.24
CA GLY C 94 -2.12 -49.53 6.32
C GLY C 94 -3.18 -49.62 5.25
N ILE C 95 -2.96 -48.90 4.14
CA ILE C 95 -3.80 -48.98 2.95
C ILE C 95 -2.92 -49.34 1.77
N ALA C 96 -3.32 -50.39 1.04
CA ALA C 96 -2.58 -50.83 -0.12
C ALA C 96 -3.54 -51.49 -1.11
N THR C 97 -3.12 -51.54 -2.37
CA THR C 97 -3.90 -52.14 -3.45
C THR C 97 -3.25 -53.44 -3.90
N ALA C 98 -3.83 -54.03 -4.95
CA ALA C 98 -3.36 -55.32 -5.47
C ALA C 98 -1.97 -55.20 -6.09
N ALA C 99 -1.74 -54.14 -6.87
CA ALA C 99 -0.46 -53.96 -7.55
C ALA C 99 0.66 -53.68 -6.56
N GLN C 100 0.36 -52.98 -5.46
CA GLN C 100 1.37 -52.73 -4.44
C GLN C 100 1.77 -54.01 -3.72
N VAL C 101 0.79 -54.88 -3.42
CA VAL C 101 1.07 -56.17 -2.80
C VAL C 101 1.88 -57.05 -3.75
N THR C 102 1.52 -57.04 -5.03
CA THR C 102 2.26 -57.81 -6.03
C THR C 102 3.70 -57.31 -6.17
N SER C 103 3.88 -55.98 -6.10
CA SER C 103 5.22 -55.40 -6.15
C SER C 103 6.04 -55.77 -4.93
N VAL C 104 5.42 -55.79 -3.75
CA VAL C 104 6.14 -56.19 -2.53
C VAL C 104 6.55 -57.66 -2.61
N VAL C 105 5.67 -58.51 -3.16
CA VAL C 105 6.01 -59.91 -3.41
C VAL C 105 7.15 -60.01 -4.42
N ALA C 106 7.16 -59.14 -5.43
CA ALA C 106 8.23 -59.14 -6.44
C ALA C 106 9.58 -58.76 -5.85
N LEU C 107 9.62 -57.72 -4.99
CA LEU C 107 10.88 -57.38 -4.32
C LEU C 107 11.29 -58.43 -3.30
N HIS C 108 10.33 -59.11 -2.66
CA HIS C 108 10.67 -60.23 -1.80
C HIS C 108 11.29 -61.38 -2.60
N LYS C 109 10.81 -61.59 -3.82
CA LYS C 109 11.39 -62.60 -4.69
C LYS C 109 12.77 -62.18 -5.19
N SER C 110 12.98 -60.89 -5.42
CA SER C 110 14.22 -60.39 -6.00
C SER C 110 15.26 -59.95 -4.97
N ASN C 111 14.95 -60.06 -3.67
CA ASN C 111 15.89 -59.65 -2.64
C ASN C 111 17.17 -60.50 -2.65
N GLN C 112 17.04 -61.79 -2.96
CA GLN C 112 18.20 -62.68 -3.02
C GLN C 112 19.15 -62.28 -4.14
N ASN C 113 18.61 -62.00 -5.33
CA ASN C 113 19.46 -61.56 -6.43
C ASN C 113 19.97 -60.14 -6.21
N ALA C 114 19.22 -59.31 -5.49
CA ALA C 114 19.69 -57.98 -5.12
C ALA C 114 20.90 -58.07 -4.19
N ALA C 115 20.87 -59.01 -3.22
CA ALA C 115 22.03 -59.23 -2.37
C ALA C 115 23.19 -59.85 -3.14
N LYS C 116 22.89 -60.70 -4.13
CA LYS C 116 23.91 -61.28 -4.99
C LYS C 116 24.65 -60.21 -5.79
N ILE C 117 23.91 -59.24 -6.33
CA ILE C 117 24.55 -58.14 -7.04
C ILE C 117 25.26 -57.20 -6.07
N ASN C 118 24.67 -56.96 -4.89
CA ASN C 118 25.26 -56.12 -3.86
C ASN C 118 26.57 -56.67 -3.31
N SER C 119 26.79 -57.99 -3.45
CA SER C 119 28.09 -58.57 -3.14
C SER C 119 29.21 -58.06 -4.06
N LEU C 120 28.87 -57.53 -5.24
CA LEU C 120 29.84 -57.02 -6.20
C LEU C 120 29.86 -55.49 -6.21
N ARG C 121 29.75 -54.88 -5.03
CA ARG C 121 29.70 -53.42 -4.91
C ARG C 121 31.02 -52.77 -5.33
N ASP C 122 32.14 -53.36 -4.93
CA ASP C 122 33.44 -52.83 -5.33
C ASP C 122 33.69 -53.06 -6.82
N SER C 123 33.10 -54.10 -7.40
CA SER C 123 33.13 -54.27 -8.85
C SER C 123 32.31 -53.20 -9.54
N ILE C 124 31.19 -52.81 -8.94
CA ILE C 124 30.34 -51.77 -9.51
C ILE C 124 31.05 -50.42 -9.48
N THR C 125 31.69 -50.08 -8.36
CA THR C 125 32.22 -48.73 -8.20
C THR C 125 33.59 -48.53 -8.85
N LYS C 126 34.21 -49.57 -9.39
CA LYS C 126 35.56 -49.45 -9.94
C LYS C 126 35.59 -49.18 -11.44
N THR C 127 34.44 -49.05 -12.09
CA THR C 127 34.40 -48.87 -13.53
C THR C 127 34.88 -47.48 -13.95
N ASN C 128 35.68 -47.43 -15.01
CA ASN C 128 36.14 -46.17 -15.57
C ASN C 128 35.69 -46.00 -17.03
N GLN C 129 34.94 -46.95 -17.57
CA GLN C 129 34.37 -46.84 -18.90
C GLN C 129 32.90 -46.49 -18.80
N ALA C 130 32.33 -46.10 -19.94
CA ALA C 130 30.92 -45.69 -20.02
C ALA C 130 29.98 -46.83 -19.70
N VAL C 131 29.93 -47.84 -20.56
CA VAL C 131 29.10 -49.04 -20.36
C VAL C 131 30.00 -50.26 -20.52
N GLU C 132 29.96 -51.17 -19.55
CA GLU C 132 30.69 -52.42 -19.65
C GLU C 132 29.97 -53.48 -18.81
N GLN C 133 30.52 -54.70 -18.83
CA GLN C 133 29.90 -55.85 -18.21
C GLN C 133 30.84 -56.47 -17.19
N LEU C 134 30.26 -57.08 -16.15
CA LEU C 134 31.01 -57.74 -15.10
C LEU C 134 30.47 -59.14 -14.90
N SER C 135 31.30 -60.01 -14.32
CA SER C 135 30.95 -61.42 -14.12
C SER C 135 30.11 -61.53 -12.85
N LEU C 136 28.79 -61.57 -13.03
CA LEU C 136 27.90 -61.83 -11.90
C LEU C 136 27.98 -63.27 -11.43
N GLY C 137 27.98 -64.22 -12.38
CA GLY C 137 28.11 -65.62 -12.07
C GLY C 137 28.88 -66.37 -13.14
N VAL C 138 28.68 -67.69 -13.21
CA VAL C 138 29.31 -68.47 -14.27
C VAL C 138 28.64 -68.24 -15.61
N GLN C 139 27.38 -67.81 -15.61
CA GLN C 139 26.69 -67.43 -16.83
C GLN C 139 25.91 -66.13 -16.72
N GLU C 140 25.76 -65.57 -15.53
CA GLU C 140 25.05 -64.31 -15.34
C GLU C 140 26.03 -63.14 -15.40
N THR C 141 25.52 -62.00 -15.87
CA THR C 141 26.33 -60.80 -15.97
C THR C 141 25.48 -59.59 -15.62
N VAL C 142 26.16 -58.51 -15.25
CA VAL C 142 25.51 -57.23 -15.01
C VAL C 142 25.93 -56.27 -16.12
N SER C 143 25.20 -55.18 -16.24
CA SER C 143 25.31 -54.23 -17.35
C SER C 143 25.51 -52.83 -16.81
N VAL C 144 26.53 -52.66 -15.96
CA VAL C 144 26.85 -51.35 -15.40
C VAL C 144 27.16 -50.34 -16.49
N LEU C 145 26.64 -49.13 -16.32
CA LEU C 145 26.55 -48.18 -17.42
C LEU C 145 26.58 -46.75 -16.89
N MET C 146 27.16 -45.86 -17.70
CA MET C 146 27.15 -44.43 -17.43
C MET C 146 27.18 -43.66 -18.74
N GLY C 147 26.32 -42.65 -18.85
CA GLY C 147 26.39 -41.77 -20.00
C GLY C 147 27.48 -40.71 -19.87
N LEU C 148 27.69 -40.22 -18.65
CA LEU C 148 28.65 -39.15 -18.40
C LEU C 148 30.09 -39.64 -18.24
N GLN C 149 30.31 -40.95 -18.14
CA GLN C 149 31.67 -41.44 -18.00
C GLN C 149 32.49 -41.23 -19.27
N ASP C 150 31.82 -41.18 -20.42
CA ASP C 150 32.49 -40.82 -21.67
C ASP C 150 32.95 -39.36 -21.62
N GLN C 151 32.13 -38.47 -21.08
CA GLN C 151 32.41 -37.04 -21.14
C GLN C 151 33.56 -36.60 -20.25
N ILE C 152 33.95 -37.41 -19.26
CA ILE C 152 35.15 -37.11 -18.49
C ILE C 152 36.11 -38.29 -18.76
N ASN C 153 36.04 -38.82 -19.98
CA ASN C 153 37.11 -39.64 -20.52
C ASN C 153 37.42 -39.35 -21.99
N THR C 154 36.73 -38.42 -22.63
CA THR C 154 37.11 -37.96 -23.96
C THR C 154 37.06 -36.44 -24.13
N ASN C 155 36.48 -35.71 -23.18
CA ASN C 155 36.34 -34.27 -23.30
C ASN C 155 37.09 -33.51 -22.22
N LEU C 156 36.86 -33.85 -20.95
CA LEU C 156 37.49 -33.12 -19.85
C LEU C 156 38.92 -33.58 -19.58
N VAL C 157 39.25 -34.82 -19.93
CA VAL C 157 40.59 -35.38 -19.75
C VAL C 157 41.69 -34.68 -20.58
N PRO C 158 41.57 -34.45 -21.91
CA PRO C 158 42.73 -33.89 -22.64
C PRO C 158 43.08 -32.44 -22.27
N LYS C 159 42.16 -31.69 -21.67
CA LYS C 159 42.48 -30.36 -21.17
C LYS C 159 42.91 -30.39 -19.70
N ILE C 160 43.87 -31.26 -19.39
CA ILE C 160 44.31 -31.42 -18.01
C ILE C 160 45.36 -30.37 -17.64
N ASN C 161 46.18 -29.93 -18.59
CA ASN C 161 47.24 -28.97 -18.32
C ASN C 161 47.21 -27.75 -19.22
N ILE C 162 46.45 -27.77 -20.31
CA ILE C 162 46.30 -26.59 -21.16
C ILE C 162 45.48 -25.52 -20.44
N LEU C 163 44.44 -25.94 -19.74
CA LEU C 163 43.49 -25.03 -19.11
C LEU C 163 43.68 -25.04 -17.59
N SER C 164 43.25 -23.95 -16.95
CA SER C 164 43.45 -23.78 -15.51
C SER C 164 42.55 -24.72 -14.71
N CYS C 165 43.03 -25.07 -13.50
CA CYS C 165 42.36 -26.07 -12.68
C CYS C 165 41.02 -25.57 -12.15
N LYS C 166 40.93 -24.27 -11.83
CA LYS C 166 39.67 -23.72 -11.34
C LYS C 166 38.61 -23.66 -12.45
N GLN C 167 39.03 -23.48 -13.70
CA GLN C 167 38.07 -23.50 -14.80
C GLN C 167 37.53 -24.90 -15.03
N LEU C 168 38.39 -25.92 -14.90
CA LEU C 168 37.92 -27.31 -14.96
C LEU C 168 36.99 -27.63 -13.79
N SER C 169 37.31 -27.10 -12.60
CA SER C 169 36.44 -27.30 -11.44
C SER C 169 35.08 -26.63 -11.63
N ASN C 170 35.05 -25.44 -12.22
CA ASN C 170 33.79 -24.75 -12.47
C ASN C 170 32.98 -25.45 -13.56
N THR C 171 33.65 -25.94 -14.61
CA THR C 171 32.96 -26.70 -15.65
C THR C 171 32.39 -28.00 -15.10
N LEU C 172 33.15 -28.66 -14.22
CA LEU C 172 32.67 -29.85 -13.53
C LEU C 172 31.48 -29.51 -12.63
N ASN C 173 31.51 -28.35 -11.98
CA ASN C 173 30.39 -27.90 -11.15
C ASN C 173 29.13 -27.67 -11.98
N ILE C 174 29.27 -27.01 -13.13
CA ILE C 174 28.12 -26.74 -14.00
C ILE C 174 27.54 -28.04 -14.55
N MET C 175 28.41 -28.96 -14.96
CA MET C 175 27.96 -30.23 -15.52
C MET C 175 27.30 -31.08 -14.43
N LEU C 176 27.84 -31.05 -13.20
CA LEU C 176 27.28 -31.79 -12.09
C LEU C 176 25.92 -31.25 -11.67
N LEU C 177 25.77 -29.92 -11.62
CA LEU C 177 24.45 -29.34 -11.34
C LEU C 177 23.44 -29.65 -12.44
N GLN C 178 23.88 -29.63 -13.71
CA GLN C 178 22.95 -29.95 -14.80
C GLN C 178 22.51 -31.41 -14.76
N TYR C 179 23.45 -32.33 -14.47
CA TYR C 179 23.08 -33.73 -14.39
C TYR C 179 22.26 -34.01 -13.14
N TYR C 180 22.56 -33.34 -12.02
CA TYR C 180 21.74 -33.48 -10.81
C TYR C 180 20.32 -32.97 -11.04
N SER C 181 20.18 -31.90 -11.83
CA SER C 181 18.85 -31.48 -12.28
C SER C 181 18.18 -32.54 -13.14
N GLN C 182 18.97 -33.27 -13.94
CA GLN C 182 18.37 -34.35 -14.75
C GLN C 182 17.85 -35.50 -13.89
N ILE C 183 18.63 -35.92 -12.88
CA ILE C 183 18.14 -36.94 -11.94
C ILE C 183 16.96 -36.42 -11.11
N LEU C 184 16.94 -35.13 -10.74
CA LEU C 184 15.75 -34.58 -10.10
C LEU C 184 14.54 -34.55 -11.04
N THR C 185 14.78 -34.41 -12.34
CA THR C 185 13.69 -34.43 -13.31
C THR C 185 13.12 -35.83 -13.48
N VAL C 186 13.97 -36.84 -13.64
CA VAL C 186 13.48 -38.18 -13.94
C VAL C 186 12.88 -38.85 -12.70
N PHE C 187 13.48 -38.67 -11.53
CA PHE C 187 12.94 -39.30 -10.32
C PHE C 187 11.98 -38.38 -9.59
N GLY C 188 10.99 -37.86 -10.30
CA GLY C 188 10.00 -36.99 -9.72
C GLY C 188 8.96 -37.71 -8.89
N PRO C 189 8.10 -38.51 -9.55
CA PRO C 189 7.10 -39.29 -8.81
C PRO C 189 7.69 -40.43 -7.99
N ASN C 190 8.93 -40.83 -8.25
CA ASN C 190 9.55 -41.92 -7.51
C ASN C 190 9.86 -41.55 -6.07
N LEU C 191 9.97 -40.25 -5.76
CA LEU C 191 10.27 -39.85 -4.39
C LEU C 191 9.12 -40.07 -3.42
N ARG C 192 7.88 -40.10 -3.94
CA ARG C 192 6.73 -40.35 -3.06
C ARG C 192 6.67 -41.81 -2.62
N ASP C 193 6.88 -42.73 -3.56
CA ASP C 193 6.82 -44.16 -3.27
C ASP C 193 7.65 -44.94 -4.29
N PRO C 194 8.92 -45.23 -3.99
CA PRO C 194 9.78 -45.90 -4.97
C PRO C 194 9.67 -47.42 -4.94
N ALA C 195 8.47 -47.96 -4.84
CA ALA C 195 8.30 -49.41 -4.84
C ALA C 195 7.25 -49.83 -5.86
N THR C 196 6.20 -49.03 -6.01
CA THR C 196 5.07 -49.36 -6.85
C THR C 196 5.01 -48.55 -8.13
N VAL C 197 6.05 -47.76 -8.44
CA VAL C 197 6.08 -46.90 -9.61
C VAL C 197 7.10 -47.48 -10.59
N PRO C 198 6.69 -47.90 -11.78
CA PRO C 198 7.66 -48.35 -12.78
C PRO C 198 8.39 -47.16 -13.40
N VAL C 199 9.50 -47.45 -14.06
CA VAL C 199 10.37 -46.44 -14.65
C VAL C 199 10.38 -46.66 -16.16
N SER C 200 10.03 -45.61 -16.91
CA SER C 200 10.08 -45.68 -18.36
C SER C 200 11.52 -45.73 -18.86
N ILE C 201 11.75 -46.52 -19.91
CA ILE C 201 13.09 -46.63 -20.48
C ILE C 201 13.50 -45.34 -21.19
N GLN C 202 12.55 -44.57 -21.71
CA GLN C 202 12.89 -43.29 -22.34
C GLN C 202 13.24 -42.22 -21.30
N ALA C 203 12.58 -42.26 -20.13
CA ALA C 203 12.93 -41.36 -19.04
C ALA C 203 14.32 -41.68 -18.51
N LEU C 204 14.68 -42.96 -18.53
CA LEU C 204 16.07 -43.35 -18.27
C LEU C 204 16.98 -42.88 -19.40
N SER C 205 16.47 -42.84 -20.63
CA SER C 205 17.32 -42.53 -21.79
C SER C 205 17.71 -41.05 -21.81
N GLN C 206 16.84 -40.14 -21.36
CA GLN C 206 17.27 -38.73 -21.32
C GLN C 206 18.37 -38.46 -20.29
N LEU C 207 18.61 -39.37 -19.35
CA LEU C 207 19.82 -39.28 -18.52
C LEU C 207 21.09 -39.52 -19.32
N PHE C 208 21.00 -40.18 -20.47
CA PHE C 208 22.14 -40.49 -21.32
C PHE C 208 21.92 -39.95 -22.73
N GLU C 209 21.53 -38.66 -22.79
CA GLU C 209 21.41 -37.87 -24.01
C GLU C 209 20.35 -38.44 -24.98
N GLY C 210 19.29 -39.03 -24.43
CA GLY C 210 18.19 -39.53 -25.24
C GLY C 210 18.54 -40.72 -26.11
N ASN C 211 19.39 -41.61 -25.63
CA ASN C 211 19.86 -42.75 -26.40
C ASN C 211 19.10 -43.99 -25.92
N LEU C 212 17.91 -44.19 -26.48
CA LEU C 212 17.14 -45.40 -26.19
C LEU C 212 17.79 -46.63 -26.80
N GLU C 213 18.45 -46.47 -27.95
CA GLU C 213 19.00 -47.62 -28.66
C GLU C 213 20.24 -48.19 -27.97
N LEU C 214 21.01 -47.35 -27.27
CA LEU C 214 22.14 -47.85 -26.49
C LEU C 214 21.69 -48.73 -25.34
N LEU C 215 20.64 -48.29 -24.62
CA LEU C 215 20.08 -49.11 -23.55
C LEU C 215 19.40 -50.35 -24.09
N THR C 216 18.79 -50.26 -25.27
CA THR C 216 18.17 -51.43 -25.90
C THR C 216 19.22 -52.46 -26.32
N SER C 217 20.35 -51.98 -26.86
CA SER C 217 21.41 -52.89 -27.30
C SER C 217 22.14 -53.51 -26.10
N SER C 218 22.44 -52.70 -25.08
CA SER C 218 23.11 -53.23 -23.89
C SER C 218 22.18 -54.08 -23.04
N LEU C 219 20.86 -53.90 -23.18
CA LEU C 219 19.92 -54.69 -22.40
C LEU C 219 19.79 -56.11 -22.96
N GLY C 220 19.89 -56.26 -24.28
CA GLY C 220 19.84 -57.56 -24.93
C GLY C 220 18.76 -57.69 -25.99
N ILE C 221 17.74 -56.83 -25.98
CA ILE C 221 16.70 -56.91 -26.99
C ILE C 221 17.25 -56.34 -28.30
N SER C 222 17.17 -57.14 -29.37
CA SER C 222 17.61 -56.74 -30.69
C SER C 222 16.44 -56.87 -31.65
N SER C 223 15.76 -55.75 -31.92
CA SER C 223 14.61 -55.77 -32.80
C SER C 223 15.06 -55.92 -34.25
N THR C 224 14.46 -56.87 -34.95
CA THR C 224 14.79 -57.15 -36.34
C THR C 224 13.63 -56.96 -37.29
N ASP C 225 12.43 -57.40 -36.93
CA ASP C 225 11.29 -57.25 -37.82
C ASP C 225 10.73 -55.82 -37.75
N PHE C 226 9.79 -55.54 -38.66
CA PHE C 226 9.25 -54.18 -38.81
C PHE C 226 8.37 -53.79 -37.62
N ASN C 227 7.76 -54.77 -36.95
CA ASN C 227 6.84 -54.46 -35.88
C ASN C 227 7.54 -54.07 -34.59
N ASP C 228 8.70 -54.65 -34.28
CA ASP C 228 9.42 -54.37 -33.06
C ASP C 228 10.34 -53.16 -33.16
N LEU C 229 10.44 -52.54 -34.34
CA LEU C 229 11.22 -51.31 -34.47
C LEU C 229 10.50 -50.14 -33.82
N LEU C 230 9.19 -50.02 -34.06
CA LEU C 230 8.41 -48.98 -33.39
C LEU C 230 8.15 -49.32 -31.93
N THR C 231 8.05 -50.62 -31.61
CA THR C 231 7.88 -51.06 -30.23
C THR C 231 9.20 -50.86 -29.48
N GLY C 232 9.11 -50.40 -28.23
CA GLY C 232 10.29 -50.19 -27.43
C GLY C 232 10.13 -48.98 -26.53
N LYS C 233 9.04 -48.27 -26.74
CA LYS C 233 8.63 -47.14 -25.91
C LYS C 233 7.76 -47.58 -24.74
N LEU C 234 7.54 -48.88 -24.59
CA LEU C 234 6.64 -49.43 -23.58
C LEU C 234 7.36 -50.40 -22.63
N ILE C 235 8.68 -50.33 -22.56
CA ILE C 235 9.45 -51.20 -21.69
C ILE C 235 9.34 -50.68 -20.25
N THR C 236 8.96 -51.57 -19.34
CA THR C 236 8.73 -51.22 -17.94
C THR C 236 9.81 -51.83 -17.05
N GLY C 237 10.04 -51.17 -15.92
CA GLY C 237 11.03 -51.64 -14.95
C GLY C 237 10.96 -50.96 -13.61
N SER C 238 11.37 -51.65 -12.56
CA SER C 238 11.26 -51.15 -11.19
C SER C 238 12.58 -51.34 -10.45
N ILE C 239 12.80 -50.50 -9.44
CA ILE C 239 14.03 -50.55 -8.65
C ILE C 239 13.93 -51.70 -7.64
N ILE C 240 15.05 -52.40 -7.44
CA ILE C 240 15.12 -53.40 -6.38
C ILE C 240 16.13 -53.04 -5.30
N TRP C 241 17.10 -52.17 -5.57
CA TRP C 241 18.00 -51.74 -4.51
C TRP C 241 18.46 -50.31 -4.77
N ALA C 242 18.77 -49.61 -3.68
CA ALA C 242 19.05 -48.17 -3.67
C ALA C 242 20.27 -47.87 -2.83
N ASP C 243 21.39 -48.55 -3.14
CA ASP C 243 22.54 -48.60 -2.24
C ASP C 243 23.23 -47.25 -2.10
N THR C 244 23.45 -46.85 -0.86
CA THR C 244 24.02 -45.55 -0.51
C THR C 244 25.54 -45.57 -0.41
N GLN C 245 26.16 -46.75 -0.35
CA GLN C 245 27.62 -46.83 -0.23
C GLN C 245 28.29 -46.45 -1.53
N GLY C 246 28.02 -47.21 -2.59
CA GLY C 246 28.43 -46.83 -3.93
C GLY C 246 27.50 -45.89 -4.64
N HIS C 247 26.41 -45.49 -3.95
CA HIS C 247 25.41 -44.54 -4.44
C HIS C 247 24.78 -44.99 -5.75
N TYR C 248 24.50 -46.29 -5.86
CA TYR C 248 23.99 -46.84 -7.10
C TYR C 248 22.58 -47.38 -6.91
N LEU C 249 21.91 -47.61 -8.04
CA LEU C 249 20.54 -48.11 -8.07
C LEU C 249 20.52 -49.40 -8.86
N ILE C 250 20.16 -50.50 -8.19
CA ILE C 250 19.95 -51.78 -8.86
C ILE C 250 18.49 -51.84 -9.30
N LEU C 251 18.29 -51.96 -10.60
CA LEU C 251 16.98 -51.90 -11.24
C LEU C 251 16.64 -53.25 -11.85
N ARG C 252 15.36 -53.59 -11.85
CA ARG C 252 14.87 -54.80 -12.51
C ARG C 252 13.89 -54.38 -13.60
N VAL C 253 14.22 -54.73 -14.85
CA VAL C 253 13.39 -54.38 -15.98
C VAL C 253 12.71 -55.63 -16.51
N ASN C 254 11.67 -55.43 -17.31
CA ASN C 254 10.89 -56.51 -17.88
C ASN C 254 11.09 -56.52 -19.39
N ILE C 255 11.60 -57.64 -19.90
CA ILE C 255 11.75 -57.84 -21.34
C ILE C 255 10.37 -58.18 -21.89
N PRO C 256 9.84 -57.40 -22.83
CA PRO C 256 8.46 -57.58 -23.27
C PRO C 256 8.33 -58.70 -24.29
N ASP C 257 7.08 -59.07 -24.54
CA ASP C 257 6.72 -60.03 -25.58
C ASP C 257 5.33 -59.69 -26.08
N LEU C 258 5.19 -59.55 -27.40
CA LEU C 258 3.92 -59.14 -28.00
C LEU C 258 3.12 -60.38 -28.35
N ILE C 259 2.26 -60.81 -27.44
CA ILE C 259 1.37 -61.92 -27.69
C ILE C 259 0.18 -61.41 -28.51
N GLU C 260 -0.54 -62.32 -29.15
CA GLU C 260 -1.66 -61.97 -29.99
C GLU C 260 -2.95 -62.54 -29.40
N VAL C 261 -3.93 -61.67 -29.20
CA VAL C 261 -5.26 -62.12 -28.80
C VAL C 261 -5.95 -62.81 -29.98
N PRO C 262 -6.55 -63.98 -29.80
CA PRO C 262 -7.11 -64.70 -30.95
C PRO C 262 -8.45 -64.14 -31.42
N GLY C 263 -8.60 -64.06 -32.73
CA GLY C 263 -9.86 -63.75 -33.35
C GLY C 263 -10.23 -62.29 -33.41
N ALA C 264 -9.41 -61.40 -32.86
CA ALA C 264 -9.76 -59.99 -32.76
C ALA C 264 -9.18 -59.24 -33.95
N VAL C 265 -10.04 -58.60 -34.74
CA VAL C 265 -9.65 -57.82 -35.91
C VAL C 265 -10.09 -56.39 -35.68
N ILE C 266 -9.15 -55.46 -35.82
CA ILE C 266 -9.42 -54.03 -35.69
C ILE C 266 -9.80 -53.50 -37.06
N GLN C 267 -10.88 -52.73 -37.13
CA GLN C 267 -11.40 -52.23 -38.38
C GLN C 267 -11.42 -50.71 -38.36
N GLU C 268 -10.87 -50.11 -39.41
CA GLU C 268 -10.91 -48.67 -39.63
C GLU C 268 -12.11 -48.30 -40.50
N PHE C 269 -12.46 -47.02 -40.45
CA PHE C 269 -13.56 -46.51 -41.26
C PHE C 269 -13.24 -45.09 -41.69
N ILE C 270 -13.75 -44.73 -42.87
CA ILE C 270 -13.55 -43.41 -43.46
C ILE C 270 -14.92 -42.75 -43.56
N LYS C 271 -15.06 -41.58 -42.93
CA LYS C 271 -16.33 -40.87 -42.89
C LYS C 271 -16.29 -39.76 -43.93
N ILE C 272 -17.17 -39.86 -44.93
CA ILE C 272 -17.24 -38.87 -46.00
C ILE C 272 -18.49 -38.02 -45.80
N GLY C 273 -18.37 -36.75 -46.16
CA GLY C 273 -19.49 -35.83 -46.02
C GLY C 273 -20.51 -36.06 -47.12
N TYR C 274 -21.78 -35.91 -46.76
CA TYR C 274 -22.87 -36.10 -47.70
C TYR C 274 -23.84 -34.93 -47.63
N ASN C 275 -24.33 -34.52 -48.80
CA ASN C 275 -25.16 -33.33 -48.92
C ASN C 275 -26.62 -33.76 -48.95
N PHE C 276 -27.26 -33.69 -47.79
CA PHE C 276 -28.68 -33.97 -47.62
C PHE C 276 -29.37 -32.70 -47.15
N GLY C 277 -30.53 -32.40 -47.73
CA GLY C 277 -31.29 -31.22 -47.35
C GLY C 277 -30.63 -29.92 -47.70
N GLY C 278 -29.74 -29.91 -48.70
CA GLY C 278 -28.93 -28.73 -48.95
C GLY C 278 -27.86 -28.50 -47.91
N SER C 279 -27.47 -29.56 -47.19
CA SER C 279 -26.65 -29.40 -45.99
C SER C 279 -25.64 -30.54 -45.91
N LEU C 280 -24.44 -30.22 -45.43
CA LEU C 280 -23.36 -31.20 -45.38
C LEU C 280 -23.31 -31.88 -44.02
N TRP C 281 -23.49 -33.20 -44.01
CA TRP C 281 -23.51 -33.97 -42.77
C TRP C 281 -22.45 -35.05 -42.82
N MET C 282 -22.14 -35.55 -41.63
CA MET C 282 -21.20 -36.63 -41.39
C MET C 282 -21.85 -37.67 -40.49
N PRO C 283 -21.67 -38.96 -40.79
CA PRO C 283 -22.15 -40.00 -39.86
C PRO C 283 -21.38 -39.99 -38.56
N THR C 284 -22.07 -40.42 -37.50
CA THR C 284 -21.48 -40.45 -36.15
C THR C 284 -21.17 -41.90 -35.80
N ILE C 285 -19.99 -42.36 -36.21
CA ILE C 285 -19.52 -43.70 -35.89
C ILE C 285 -18.10 -43.61 -35.34
N PRO C 286 -17.67 -44.53 -34.48
CA PRO C 286 -16.26 -44.56 -34.09
C PRO C 286 -15.36 -45.00 -35.24
N ASN C 287 -14.10 -44.60 -35.15
CA ASN C 287 -13.15 -44.89 -36.22
C ASN C 287 -12.76 -46.37 -36.25
N LYS C 288 -12.62 -46.98 -35.08
CA LYS C 288 -12.05 -48.32 -34.96
C LYS C 288 -13.05 -49.23 -34.26
N ILE C 289 -13.29 -50.41 -34.84
CA ILE C 289 -14.18 -51.40 -34.26
C ILE C 289 -13.43 -52.72 -34.17
N ILE C 290 -13.35 -53.27 -32.96
CA ILE C 290 -12.75 -54.59 -32.77
C ILE C 290 -13.84 -55.65 -32.87
N ILE C 291 -13.60 -56.64 -33.74
CA ILE C 291 -14.54 -57.73 -33.99
C ILE C 291 -13.86 -59.04 -33.60
N ARG C 292 -14.52 -59.81 -32.75
CA ARG C 292 -13.94 -61.06 -32.24
C ARG C 292 -15.06 -62.08 -32.07
N GLY C 293 -15.25 -62.93 -33.09
CA GLY C 293 -16.29 -63.94 -33.06
C GLY C 293 -17.69 -63.37 -33.05
N TYR C 294 -17.93 -62.39 -33.93
CA TYR C 294 -19.15 -61.58 -33.98
C TYR C 294 -19.40 -60.90 -32.63
N HIS C 295 -18.48 -59.99 -32.29
CA HIS C 295 -18.60 -59.19 -31.07
C HIS C 295 -17.98 -57.82 -31.36
N LEU C 296 -18.82 -56.82 -31.55
CA LEU C 296 -18.37 -55.45 -31.76
C LEU C 296 -18.11 -54.80 -30.41
N SER C 297 -16.94 -54.17 -30.28
CA SER C 297 -16.58 -53.47 -29.06
C SER C 297 -15.76 -52.24 -29.44
N LEU C 298 -15.28 -51.52 -28.42
CA LEU C 298 -14.53 -50.29 -28.61
C LEU C 298 -13.14 -50.42 -28.00
N ILE C 299 -12.16 -49.78 -28.64
CA ILE C 299 -10.82 -49.66 -28.11
C ILE C 299 -10.38 -48.21 -28.27
N ASP C 300 -9.31 -47.86 -27.57
CA ASP C 300 -8.65 -46.56 -27.73
C ASP C 300 -7.16 -46.79 -27.87
N SER C 301 -6.59 -46.36 -28.99
CA SER C 301 -5.14 -46.42 -29.18
C SER C 301 -4.48 -45.11 -28.76
N THR C 302 -4.80 -44.65 -27.55
CA THR C 302 -4.20 -43.42 -27.03
C THR C 302 -2.76 -43.64 -26.60
N ASN C 303 -2.43 -44.85 -26.16
CA ASN C 303 -1.06 -45.22 -25.82
C ASN C 303 -0.58 -46.39 -26.65
N CYS C 304 -1.35 -46.83 -27.64
CA CYS C 304 -1.03 -47.98 -28.46
C CYS C 304 -0.50 -47.52 -29.82
N ILE C 305 0.66 -48.05 -30.20
CA ILE C 305 1.20 -47.76 -31.51
C ILE C 305 0.42 -48.51 -32.58
N ILE C 306 0.35 -47.94 -33.77
CA ILE C 306 -0.40 -48.51 -34.89
C ILE C 306 0.60 -48.86 -35.99
N THR C 307 0.60 -50.12 -36.41
CA THR C 307 1.47 -50.59 -37.47
C THR C 307 0.70 -50.69 -38.78
N ASP C 308 1.39 -51.12 -39.83
CA ASP C 308 0.75 -51.30 -41.13
C ASP C 308 -0.14 -52.53 -41.15
N ASN C 309 0.07 -53.47 -40.24
CA ASN C 309 -0.65 -54.75 -40.26
C ASN C 309 -1.42 -55.05 -38.98
N SER C 310 -1.11 -54.39 -37.87
CA SER C 310 -1.67 -54.77 -36.59
C SER C 310 -1.79 -53.56 -35.68
N TYR C 311 -2.55 -53.73 -34.60
CA TYR C 311 -2.63 -52.76 -33.52
C TYR C 311 -1.90 -53.34 -32.31
N VAL C 312 -0.86 -52.65 -31.86
CA VAL C 312 -0.01 -53.13 -30.78
C VAL C 312 -0.28 -52.27 -29.56
N CYS C 313 -0.86 -52.87 -28.53
CA CYS C 313 -1.14 -52.21 -27.27
C CYS C 313 -0.23 -52.75 -26.18
N ASP C 314 0.16 -51.86 -25.26
CA ASP C 314 0.89 -52.28 -24.08
C ASP C 314 0.01 -53.13 -23.16
N ARG C 315 -1.29 -52.86 -23.15
CA ARG C 315 -2.23 -53.56 -22.30
C ARG C 315 -3.60 -53.46 -22.97
N ASP C 316 -4.46 -54.45 -22.71
CA ASP C 316 -5.76 -54.53 -23.36
C ASP C 316 -6.67 -53.38 -22.94
N TYR C 317 -7.35 -52.79 -23.91
CA TYR C 317 -8.18 -51.60 -23.71
C TYR C 317 -9.56 -51.82 -24.31
N SER C 318 -10.19 -52.93 -23.95
CA SER C 318 -11.52 -53.25 -24.44
C SER C 318 -12.54 -52.39 -23.71
N LEU C 319 -13.25 -51.54 -24.47
CA LEU C 319 -14.30 -50.66 -23.96
C LEU C 319 -15.65 -51.11 -24.48
N PRO C 320 -16.70 -51.02 -23.66
CA PRO C 320 -18.04 -51.41 -24.14
C PRO C 320 -18.63 -50.32 -25.02
N MET C 321 -19.71 -50.71 -25.72
CA MET C 321 -20.40 -49.80 -26.62
C MET C 321 -21.91 -49.91 -26.39
N ASN C 322 -22.62 -48.89 -26.82
CA ASN C 322 -24.07 -48.88 -26.69
C ASN C 322 -24.69 -49.89 -27.66
N PRO C 323 -25.74 -50.61 -27.23
CA PRO C 323 -26.46 -51.50 -28.17
C PRO C 323 -27.13 -50.78 -29.32
N ILE C 324 -27.47 -49.50 -29.15
CA ILE C 324 -28.00 -48.71 -30.27
C ILE C 324 -26.92 -48.50 -31.32
N LEU C 325 -25.67 -48.31 -30.89
CA LEU C 325 -24.55 -48.23 -31.82
C LEU C 325 -24.30 -49.58 -32.50
N ARG C 326 -24.52 -50.69 -31.79
CA ARG C 326 -24.38 -52.01 -32.41
C ARG C 326 -25.47 -52.26 -33.45
N GLU C 327 -26.70 -51.80 -33.18
CA GLU C 327 -27.75 -51.85 -34.18
C GLU C 327 -27.47 -50.92 -35.35
N CYS C 328 -26.81 -49.78 -35.08
CA CYS C 328 -26.40 -48.87 -36.14
C CYS C 328 -25.37 -49.52 -37.06
N PHE C 329 -24.40 -50.23 -36.47
CA PHE C 329 -23.40 -50.91 -37.28
C PHE C 329 -23.98 -52.12 -38.00
N GLU C 330 -24.93 -52.83 -37.38
CA GLU C 330 -25.43 -54.07 -37.98
C GLU C 330 -26.51 -53.80 -39.04
N GLY C 331 -27.67 -53.30 -38.62
CA GLY C 331 -28.78 -53.16 -39.54
C GLY C 331 -29.47 -51.81 -39.61
N ASN C 332 -29.42 -51.03 -38.54
CA ASN C 332 -30.33 -49.90 -38.36
C ASN C 332 -29.60 -48.60 -38.69
N THR C 333 -29.67 -48.20 -39.97
CA THR C 333 -29.17 -46.89 -40.35
C THR C 333 -30.03 -45.75 -39.81
N SER C 334 -31.29 -46.04 -39.47
CA SER C 334 -32.11 -45.04 -38.79
C SER C 334 -31.62 -44.78 -37.37
N SER C 335 -30.98 -45.76 -36.74
CA SER C 335 -30.40 -45.57 -35.42
C SER C 335 -29.07 -44.83 -35.46
N CYS C 336 -28.48 -44.65 -36.65
CA CYS C 336 -27.22 -43.93 -36.79
C CYS C 336 -27.47 -42.44 -36.83
N GLY C 337 -26.61 -41.68 -36.15
CA GLY C 337 -26.75 -40.24 -36.08
C GLY C 337 -25.89 -39.50 -37.10
N ARG C 338 -26.11 -38.19 -37.17
CA ARG C 338 -25.43 -37.35 -38.15
C ARG C 338 -25.13 -36.00 -37.53
N GLU C 339 -24.07 -35.36 -38.00
CA GLU C 339 -23.66 -34.05 -37.50
C GLU C 339 -23.35 -33.12 -38.65
N MET C 340 -23.48 -31.82 -38.39
CA MET C 340 -23.40 -30.76 -39.39
C MET C 340 -21.97 -30.26 -39.53
N VAL C 341 -21.50 -30.14 -40.77
CA VAL C 341 -20.23 -29.49 -41.07
C VAL C 341 -20.43 -28.55 -42.25
N LEU C 342 -19.61 -27.50 -42.27
CA LEU C 342 -19.57 -26.57 -43.40
C LEU C 342 -18.15 -26.21 -43.80
N ASN C 343 -17.15 -26.73 -43.10
CA ASN C 343 -15.76 -26.40 -43.36
C ASN C 343 -15.28 -27.01 -44.67
N SER C 344 -14.24 -26.41 -45.23
CA SER C 344 -13.78 -26.74 -46.58
C SER C 344 -13.01 -28.06 -46.65
N TYR C 345 -12.49 -28.57 -45.54
CA TYR C 345 -11.65 -29.76 -45.57
C TYR C 345 -12.47 -31.04 -45.37
N ILE C 346 -13.54 -31.18 -46.15
CA ILE C 346 -14.36 -32.39 -46.15
C ILE C 346 -14.17 -33.10 -47.48
N PRO C 347 -13.49 -34.25 -47.51
CA PRO C 347 -13.43 -35.02 -48.76
C PRO C 347 -14.78 -35.64 -49.09
N LEU C 348 -15.13 -35.59 -50.37
CA LEU C 348 -16.43 -36.07 -50.84
C LEU C 348 -16.31 -37.27 -51.75
N TYR C 349 -15.11 -37.86 -51.85
CA TYR C 349 -14.89 -39.00 -52.73
C TYR C 349 -13.72 -39.82 -52.18
N ALA C 350 -13.82 -41.13 -52.34
CA ALA C 350 -12.75 -42.02 -51.91
C ALA C 350 -12.81 -43.33 -52.70
N LEU C 351 -11.73 -44.09 -52.60
CA LEU C 351 -11.53 -45.32 -53.35
C LEU C 351 -11.43 -46.50 -52.38
N SER C 352 -12.01 -47.63 -52.78
CA SER C 352 -12.02 -48.84 -51.97
C SER C 352 -12.10 -50.04 -52.90
N GLU C 353 -10.95 -50.71 -53.09
CA GLU C 353 -10.78 -51.85 -54.01
C GLU C 353 -11.19 -51.50 -55.44
N GLY C 354 -10.82 -50.31 -55.89
CA GLY C 354 -11.26 -49.83 -57.18
C GLY C 354 -12.70 -49.39 -57.24
N VAL C 355 -13.34 -49.22 -56.08
CA VAL C 355 -14.73 -48.80 -55.97
C VAL C 355 -14.74 -47.34 -55.56
N ILE C 356 -15.35 -46.48 -56.36
CA ILE C 356 -15.36 -45.05 -56.07
C ILE C 356 -16.67 -44.72 -55.38
N TYR C 357 -16.58 -44.28 -54.13
CA TYR C 357 -17.71 -43.70 -53.42
C TYR C 357 -17.54 -42.19 -53.49
N ALA C 358 -18.39 -41.53 -54.29
CA ALA C 358 -18.23 -40.11 -54.57
C ALA C 358 -19.59 -39.41 -54.52
N ASN C 359 -19.71 -38.44 -53.63
CA ASN C 359 -20.88 -37.56 -53.64
C ASN C 359 -20.74 -36.62 -54.82
N CYS C 360 -21.55 -36.83 -55.86
CA CYS C 360 -21.44 -36.08 -57.10
C CYS C 360 -22.23 -34.77 -57.08
N LEU C 361 -22.88 -34.45 -55.96
CA LEU C 361 -23.67 -33.22 -55.89
C LEU C 361 -22.76 -32.00 -55.82
N ALA C 362 -21.65 -32.11 -55.08
CA ALA C 362 -20.68 -31.01 -54.98
C ALA C 362 -19.42 -31.26 -55.80
N THR C 363 -19.04 -32.52 -55.98
CA THR C 363 -17.85 -32.87 -56.74
C THR C 363 -18.24 -33.19 -58.18
N SER C 364 -17.46 -32.66 -59.13
CA SER C 364 -17.73 -32.90 -60.54
C SER C 364 -17.39 -34.34 -60.90
N CYS C 365 -18.38 -35.06 -61.44
CA CYS C 365 -18.23 -36.45 -61.84
C CYS C 365 -18.46 -36.56 -63.34
N LYS C 366 -17.54 -37.22 -64.03
CA LYS C 366 -17.62 -37.39 -65.47
C LYS C 366 -17.06 -38.76 -65.85
N CYS C 367 -17.44 -39.23 -67.03
CA CYS C 367 -16.84 -40.42 -67.62
C CYS C 367 -15.99 -40.00 -68.81
N ALA C 368 -14.68 -40.18 -68.68
CA ALA C 368 -13.75 -39.80 -69.74
C ALA C 368 -13.85 -40.69 -70.97
N THR C 369 -14.40 -41.90 -70.81
CA THR C 369 -14.57 -42.78 -71.96
C THR C 369 -15.66 -42.28 -72.90
N THR C 370 -16.63 -41.53 -72.38
CA THR C 370 -17.77 -41.07 -73.16
C THR C 370 -17.97 -39.57 -73.19
N ASN C 371 -17.26 -38.81 -72.32
CA ASN C 371 -17.37 -37.36 -72.18
C ASN C 371 -18.80 -36.93 -71.86
N LYS C 372 -19.33 -37.46 -70.76
CA LYS C 372 -20.61 -37.05 -70.23
C LYS C 372 -20.50 -36.87 -68.73
N PRO C 373 -21.28 -35.95 -68.15
CA PRO C 373 -21.33 -35.84 -66.69
C PRO C 373 -22.15 -36.97 -66.08
N ILE C 374 -21.90 -37.18 -64.78
CA ILE C 374 -22.62 -38.17 -64.00
C ILE C 374 -23.51 -37.44 -63.01
N VAL C 375 -24.79 -37.78 -62.98
CA VAL C 375 -25.78 -37.07 -62.18
C VAL C 375 -26.05 -37.86 -60.91
N GLN C 376 -26.35 -37.14 -59.84
CA GLN C 376 -26.76 -37.76 -58.59
C GLN C 376 -28.15 -38.38 -58.73
N SER C 377 -28.28 -39.63 -58.33
CA SER C 377 -29.60 -40.25 -58.25
C SER C 377 -30.35 -39.68 -57.05
N THR C 378 -31.67 -39.61 -57.18
CA THR C 378 -32.50 -39.11 -56.07
C THR C 378 -32.75 -40.17 -55.01
N SER C 379 -32.53 -41.44 -55.32
CA SER C 379 -32.76 -42.51 -54.35
C SER C 379 -31.58 -42.73 -53.42
N THR C 380 -30.40 -42.18 -53.76
CA THR C 380 -29.21 -42.32 -52.94
C THR C 380 -28.56 -40.95 -52.80
N VAL C 381 -27.46 -40.90 -52.03
CA VAL C 381 -26.66 -39.69 -51.87
C VAL C 381 -25.22 -39.92 -52.30
N ILE C 382 -24.58 -40.97 -51.78
CA ILE C 382 -23.22 -41.33 -52.14
C ILE C 382 -23.26 -42.11 -53.45
N THR C 383 -22.45 -41.68 -54.41
CA THR C 383 -22.46 -42.28 -55.75
C THR C 383 -21.53 -43.49 -55.79
N MET C 384 -22.11 -44.65 -56.08
CA MET C 384 -21.37 -45.82 -56.50
C MET C 384 -20.79 -45.61 -57.90
N ILE C 385 -19.50 -45.85 -58.07
CA ILE C 385 -18.86 -45.85 -59.38
C ILE C 385 -17.95 -47.07 -59.47
N ASP C 386 -18.17 -47.88 -60.50
CA ASP C 386 -17.35 -49.05 -60.79
C ASP C 386 -17.09 -49.08 -62.29
N ASN C 387 -16.58 -50.22 -62.78
CA ASN C 387 -16.33 -50.40 -64.21
C ASN C 387 -17.60 -50.59 -65.02
N SER C 388 -18.75 -50.82 -64.37
CA SER C 388 -20.01 -50.97 -65.09
C SER C 388 -20.45 -49.67 -65.75
N LYS C 389 -20.23 -48.53 -65.10
CA LYS C 389 -20.62 -47.26 -65.69
C LYS C 389 -19.58 -46.78 -66.70
N CYS C 390 -18.34 -46.56 -66.24
CA CYS C 390 -17.24 -46.16 -67.10
C CYS C 390 -15.92 -46.51 -66.42
N PRO C 391 -14.96 -47.07 -67.15
CA PRO C 391 -13.69 -47.44 -66.49
C PRO C 391 -12.81 -46.25 -66.17
N VAL C 392 -12.76 -45.25 -67.04
CA VAL C 392 -11.94 -44.05 -66.84
C VAL C 392 -12.86 -42.94 -66.35
N VAL C 393 -12.60 -42.45 -65.14
CA VAL C 393 -13.53 -41.59 -64.42
C VAL C 393 -12.84 -40.28 -64.10
N GLU C 394 -13.54 -39.16 -64.32
CA GLU C 394 -13.08 -37.84 -63.95
C GLU C 394 -13.79 -37.44 -62.66
N VAL C 395 -13.02 -37.23 -61.59
CA VAL C 395 -13.57 -36.79 -60.31
C VAL C 395 -12.75 -35.61 -59.82
N GLY C 396 -13.40 -34.46 -59.64
CA GLY C 396 -12.67 -33.27 -59.23
C GLY C 396 -11.83 -32.76 -60.38
N LYS C 397 -10.53 -33.01 -60.30
CA LYS C 397 -9.62 -32.84 -61.41
C LYS C 397 -9.11 -34.17 -61.96
N GLN C 398 -9.18 -35.24 -61.18
CA GLN C 398 -8.36 -36.42 -61.37
C GLN C 398 -8.96 -37.42 -62.36
N MET C 399 -8.08 -37.97 -63.21
CA MET C 399 -8.31 -39.20 -63.94
C MET C 399 -8.08 -40.38 -63.01
N ILE C 400 -9.07 -41.26 -62.88
CA ILE C 400 -8.92 -42.46 -62.06
C ILE C 400 -9.51 -43.65 -62.79
N SER C 401 -8.79 -44.76 -62.79
CA SER C 401 -9.33 -46.03 -63.23
C SER C 401 -10.01 -46.73 -62.06
N VAL C 402 -10.93 -47.63 -62.37
CA VAL C 402 -11.68 -48.33 -61.34
C VAL C 402 -11.49 -49.84 -61.50
N GLY C 403 -12.09 -50.61 -60.62
CA GLY C 403 -11.96 -52.06 -60.67
C GLY C 403 -13.01 -52.70 -59.80
N SER C 404 -13.02 -54.03 -59.84
CA SER C 404 -13.91 -54.94 -59.10
C SER C 404 -15.37 -54.64 -59.50
N TYR C 405 -16.30 -54.88 -58.57
CA TYR C 405 -17.71 -54.74 -58.84
C TYR C 405 -18.43 -54.50 -57.50
N LEU C 406 -19.76 -54.65 -57.51
CA LEU C 406 -20.57 -54.35 -56.35
C LEU C 406 -20.40 -55.35 -55.21
N GLY C 407 -19.82 -56.51 -55.50
CA GLY C 407 -19.53 -57.55 -54.52
C GLY C 407 -20.70 -58.44 -54.20
N GLN C 408 -21.59 -58.00 -53.30
CA GLN C 408 -22.85 -58.70 -53.06
C GLN C 408 -24.07 -57.82 -53.25
N VAL C 409 -24.11 -56.67 -52.57
CA VAL C 409 -25.30 -55.83 -52.50
C VAL C 409 -24.95 -54.47 -53.08
N SER C 410 -25.82 -53.96 -53.96
CA SER C 410 -25.64 -52.64 -54.54
C SER C 410 -26.18 -51.57 -53.61
N PRO C 411 -25.36 -50.61 -53.16
CA PRO C 411 -25.89 -49.49 -52.37
C PRO C 411 -26.46 -48.36 -53.22
N ASN C 412 -26.25 -48.40 -54.55
CA ASN C 412 -26.72 -47.31 -55.40
C ASN C 412 -28.23 -47.29 -55.55
N ASN C 413 -28.87 -48.45 -55.49
CA ASN C 413 -30.32 -48.54 -55.63
C ASN C 413 -31.05 -48.73 -54.30
N LEU C 414 -30.32 -48.90 -53.20
CA LEU C 414 -30.93 -49.17 -51.91
C LEU C 414 -31.61 -47.92 -51.36
N THR C 415 -32.66 -48.14 -50.57
CA THR C 415 -33.39 -47.04 -49.96
C THR C 415 -32.55 -46.38 -48.86
N ILE C 416 -32.91 -45.14 -48.54
CA ILE C 416 -32.15 -44.32 -47.61
C ILE C 416 -32.95 -44.15 -46.33
N GLU C 417 -32.29 -44.37 -45.19
CA GLU C 417 -32.87 -44.27 -43.85
C GLU C 417 -31.96 -43.46 -42.94
N ILE C 418 -31.57 -42.27 -43.39
CA ILE C 418 -30.77 -41.37 -42.56
C ILE C 418 -31.58 -40.96 -41.35
N GLY C 419 -31.02 -41.20 -40.16
CA GLY C 419 -31.75 -41.06 -38.92
C GLY C 419 -31.91 -39.62 -38.45
N PRO C 420 -32.02 -39.44 -37.12
CA PRO C 420 -32.28 -38.10 -36.60
C PRO C 420 -31.06 -37.22 -36.69
N PRO C 421 -31.22 -35.92 -36.89
CA PRO C 421 -30.08 -35.01 -36.83
C PRO C 421 -29.63 -34.77 -35.40
N VAL C 422 -28.82 -35.69 -34.87
CA VAL C 422 -28.38 -35.58 -33.48
C VAL C 422 -27.42 -34.41 -33.34
N TYR C 423 -27.43 -33.80 -32.16
CA TYR C 423 -26.71 -32.57 -31.93
C TYR C 423 -25.69 -32.76 -30.83
N THR C 424 -24.57 -32.05 -30.93
CA THR C 424 -23.56 -32.08 -29.89
C THR C 424 -24.07 -31.37 -28.64
N GLU C 425 -23.46 -31.72 -27.50
CA GLU C 425 -23.86 -31.17 -26.20
C GLU C 425 -22.64 -30.60 -25.47
N PRO C 426 -22.06 -29.46 -25.98
CA PRO C 426 -20.88 -28.91 -25.28
C PRO C 426 -21.16 -28.36 -23.89
N VAL C 427 -22.04 -27.37 -23.76
CA VAL C 427 -22.44 -26.86 -22.46
C VAL C 427 -23.94 -26.59 -22.46
N ASP C 428 -24.53 -26.50 -23.66
CA ASP C 428 -25.80 -25.80 -23.78
C ASP C 428 -27.02 -26.70 -23.60
N ILE C 429 -26.99 -27.96 -24.05
CA ILE C 429 -28.18 -28.81 -24.09
C ILE C 429 -28.66 -29.18 -22.68
N THR C 430 -27.79 -29.03 -21.68
CA THR C 430 -28.22 -29.11 -20.29
C THR C 430 -29.21 -28.01 -19.92
N ASN C 431 -29.10 -26.82 -20.53
CA ASN C 431 -30.12 -25.82 -20.25
C ASN C 431 -31.37 -26.00 -21.13
N GLN C 432 -31.26 -26.74 -22.23
CA GLN C 432 -32.44 -27.22 -22.95
C GLN C 432 -33.15 -28.35 -22.22
N LEU C 433 -32.53 -28.93 -21.20
CA LEU C 433 -33.25 -29.69 -20.19
C LEU C 433 -33.42 -28.88 -18.91
N GLY C 434 -33.14 -27.58 -18.97
CA GLY C 434 -33.25 -26.69 -17.83
C GLY C 434 -34.16 -25.51 -18.08
N ASN C 435 -34.44 -25.19 -19.35
CA ASN C 435 -35.50 -24.24 -19.66
C ASN C 435 -36.76 -24.92 -20.17
N ILE C 436 -36.66 -26.16 -20.63
CA ILE C 436 -37.84 -26.94 -20.97
C ILE C 436 -38.40 -27.64 -19.73
N ASN C 437 -37.55 -27.98 -18.75
CA ASN C 437 -38.04 -28.65 -17.55
C ASN C 437 -38.88 -27.69 -16.68
N GLU C 438 -38.62 -26.39 -16.78
CA GLU C 438 -39.45 -25.44 -16.06
C GLU C 438 -40.76 -25.15 -16.78
N THR C 439 -40.83 -25.36 -18.10
CA THR C 439 -42.14 -25.46 -18.74
C THR C 439 -42.88 -26.71 -18.25
N LEU C 440 -42.15 -27.81 -18.05
CA LEU C 440 -42.72 -29.00 -17.44
C LEU C 440 -43.15 -28.76 -15.99
N SER C 441 -42.51 -27.86 -15.26
CA SER C 441 -42.90 -27.58 -13.89
C SER C 441 -43.93 -26.46 -13.77
N LYS C 442 -44.10 -25.65 -14.84
CA LYS C 442 -45.39 -24.95 -15.12
C LYS C 442 -46.53 -25.93 -15.34
N THR C 443 -46.30 -27.02 -16.09
CA THR C 443 -47.37 -28.01 -16.22
C THR C 443 -47.56 -28.83 -14.94
N LEU C 444 -46.54 -28.91 -14.08
CA LEU C 444 -46.72 -29.50 -12.75
C LEU C 444 -47.63 -28.64 -11.88
N ASP C 445 -47.54 -27.31 -12.02
CA ASP C 445 -48.52 -26.42 -11.40
C ASP C 445 -49.90 -26.57 -12.05
N LEU C 446 -49.92 -26.87 -13.35
CA LEU C 446 -51.17 -27.17 -14.04
C LEU C 446 -51.77 -28.49 -13.58
N ILE C 447 -51.00 -29.36 -12.91
CA ILE C 447 -51.60 -30.52 -12.25
C ILE C 447 -52.44 -30.11 -11.05
N LYS C 448 -51.96 -29.13 -10.27
CA LYS C 448 -52.75 -28.56 -9.18
C LYS C 448 -53.99 -27.87 -9.71
N GLN C 449 -53.86 -27.15 -10.83
CA GLN C 449 -55.07 -26.59 -11.41
C GLN C 449 -55.98 -27.64 -12.05
N SER C 450 -55.44 -28.80 -12.47
CA SER C 450 -56.31 -29.89 -12.89
C SER C 450 -57.03 -30.53 -11.71
N ASN C 451 -56.40 -30.52 -10.53
CA ASN C 451 -57.10 -30.91 -9.31
C ASN C 451 -58.25 -29.95 -9.02
N SER C 452 -58.05 -28.65 -9.29
CA SER C 452 -59.16 -27.71 -9.17
C SER C 452 -60.24 -27.97 -10.23
N ILE C 453 -59.85 -28.42 -11.43
CA ILE C 453 -60.79 -28.83 -12.47
C ILE C 453 -61.64 -30.00 -11.98
N LEU C 454 -60.99 -30.99 -11.35
CA LEU C 454 -61.68 -32.13 -10.77
C LEU C 454 -62.62 -31.74 -9.64
N ASP C 455 -62.23 -30.75 -8.83
CA ASP C 455 -63.06 -30.35 -7.71
C ASP C 455 -64.26 -29.50 -8.14
N MET C 456 -64.10 -28.63 -9.14
CA MET C 456 -65.16 -27.64 -9.39
C MET C 456 -66.21 -28.19 -10.35
N VAL D 1 -22.49 36.22 -2.55
CA VAL D 1 -22.47 37.34 -1.61
C VAL D 1 -22.64 38.67 -2.38
N ASP D 2 -23.53 39.51 -1.87
CA ASP D 2 -23.81 40.81 -2.47
C ASP D 2 -23.03 41.88 -1.70
N PHE D 3 -22.17 42.61 -2.41
CA PHE D 3 -21.30 43.59 -1.77
C PHE D 3 -21.94 44.97 -1.65
N GLU D 4 -23.04 45.23 -2.34
CA GLU D 4 -23.68 46.54 -2.26
C GLU D 4 -24.43 46.71 -0.94
N ARG D 5 -25.30 45.74 -0.60
CA ARG D 5 -25.96 45.79 0.69
C ARG D 5 -25.01 45.52 1.84
N LEU D 6 -23.90 44.81 1.58
CA LEU D 6 -22.88 44.64 2.60
C LEU D 6 -22.06 45.92 2.78
N ALA D 7 -21.97 46.75 1.75
CA ALA D 7 -21.43 48.09 1.91
C ALA D 7 -22.42 49.01 2.63
N SER D 8 -23.71 48.78 2.41
CA SER D 8 -24.73 49.52 3.15
C SER D 8 -24.72 49.17 4.63
N ILE D 9 -24.44 47.90 4.97
CA ILE D 9 -24.40 47.50 6.37
C ILE D 9 -23.06 47.89 7.02
N GLY D 10 -22.05 48.25 6.24
CA GLY D 10 -20.82 48.79 6.80
C GLY D 10 -19.57 47.96 6.56
N GLY D 11 -19.65 46.96 5.69
CA GLY D 11 -18.52 46.11 5.36
C GLY D 11 -18.01 46.40 3.96
N ILE D 12 -16.69 46.45 3.81
CA ILE D 12 -16.06 46.77 2.54
C ILE D 12 -15.25 45.56 2.10
N LYS D 13 -15.43 45.16 0.84
CA LYS D 13 -14.78 43.97 0.30
C LYS D 13 -13.28 44.19 0.19
N GLY D 14 -12.51 43.40 0.92
CA GLY D 14 -11.06 43.50 0.92
C GLY D 14 -10.41 42.63 -0.13
N HIS D 15 -9.20 42.20 0.15
CA HIS D 15 -8.43 41.42 -0.80
C HIS D 15 -8.98 40.00 -0.94
N SER D 16 -8.66 39.38 -2.07
CA SER D 16 -9.00 37.99 -2.33
C SER D 16 -7.70 37.21 -2.45
N LYS D 17 -7.59 36.12 -1.69
CA LYS D 17 -6.39 35.30 -1.66
C LYS D 17 -6.79 33.85 -1.88
N LEU D 18 -5.79 32.96 -1.90
CA LEU D 18 -6.02 31.56 -2.18
C LEU D 18 -5.85 30.72 -0.91
N TYR D 19 -6.02 29.42 -1.06
CA TYR D 19 -5.99 28.46 0.05
C TYR D 19 -5.11 27.27 -0.32
N LYS D 20 -3.93 27.58 -0.87
CA LYS D 20 -2.99 26.59 -1.39
C LYS D 20 -2.30 25.93 -0.21
N ILE D 21 -2.93 24.89 0.34
CA ILE D 21 -2.52 24.29 1.60
C ILE D 21 -2.27 22.80 1.42
N LYS D 22 -1.45 22.24 2.33
CA LYS D 22 -1.03 20.84 2.40
C LYS D 22 -0.29 20.34 1.16
N GLY D 23 0.15 19.09 1.17
CA GLY D 23 0.91 18.61 0.03
C GLY D 23 1.29 17.16 0.16
N HIS D 24 2.16 16.74 -0.76
CA HIS D 24 2.62 15.36 -0.83
C HIS D 24 3.49 15.00 0.38
N PRO D 25 3.29 13.81 0.97
CA PRO D 25 4.05 13.41 2.15
C PRO D 25 5.36 12.68 1.85
N THR D 26 6.23 13.32 1.06
CA THR D 26 7.57 12.80 0.90
C THR D 26 8.40 13.06 2.16
N THR D 27 9.30 12.13 2.46
CA THR D 27 10.00 12.11 3.74
C THR D 27 11.50 12.08 3.52
N LYS D 28 12.23 12.22 4.62
CA LYS D 28 13.69 12.15 4.65
C LYS D 28 14.08 11.75 6.07
N ASP D 29 15.30 11.26 6.24
CA ASP D 29 15.76 10.80 7.54
C ASP D 29 17.14 11.37 7.86
N ILE D 30 17.31 11.81 9.11
CA ILE D 30 18.56 12.40 9.58
C ILE D 30 18.99 11.69 10.86
N VAL D 31 20.20 12.02 11.31
CA VAL D 31 20.80 11.47 12.52
C VAL D 31 21.14 12.64 13.44
N ILE D 32 20.75 12.54 14.71
CA ILE D 32 21.01 13.56 15.71
C ILE D 32 21.94 12.93 16.74
N LYS D 33 23.23 13.24 16.66
CA LYS D 33 24.15 12.83 17.71
C LYS D 33 24.07 13.81 18.88
N LEU D 34 24.18 13.27 20.08
CA LEU D 34 24.05 14.05 21.30
C LEU D 34 25.39 14.36 21.95
N VAL D 35 26.23 13.34 22.13
CA VAL D 35 27.55 13.52 22.72
C VAL D 35 28.48 14.17 21.71
N PRO D 36 29.04 15.34 22.00
CA PRO D 36 30.01 15.94 21.07
C PRO D 36 31.32 15.16 21.08
N ASN D 37 31.95 15.08 19.91
CA ASN D 37 33.20 14.35 19.75
C ASN D 37 34.37 15.32 19.90
N LEU D 38 35.15 15.13 20.96
CA LEU D 38 36.37 15.90 21.17
C LEU D 38 37.57 15.05 20.76
N ASN D 39 38.46 15.63 19.99
CA ASN D 39 39.67 14.96 19.55
C ASN D 39 40.93 15.73 19.91
N ASN D 40 40.90 17.05 19.82
CA ASN D 40 42.03 17.86 20.25
C ASN D 40 42.12 17.96 21.76
N LEU D 41 41.04 17.65 22.47
CA LEU D 41 40.98 17.80 23.92
C LEU D 41 41.28 16.50 24.66
N THR D 42 42.15 15.66 24.10
CA THR D 42 42.59 14.45 24.79
C THR D 42 43.64 14.74 25.87
N VAL D 43 44.16 15.96 25.92
CA VAL D 43 45.18 16.30 26.90
C VAL D 43 44.56 16.66 28.24
N CYS D 44 43.70 17.68 28.25
CA CYS D 44 43.10 18.21 29.47
C CYS D 44 41.59 18.26 29.30
N SER D 45 40.92 17.15 29.60
CA SER D 45 39.47 17.12 29.67
C SER D 45 38.92 16.42 30.92
N GLU D 46 39.73 15.64 31.62
CA GLU D 46 39.41 14.87 32.84
C GLU D 46 38.26 13.92 32.50
N MET D 47 37.34 13.67 33.43
CA MET D 47 36.21 12.79 33.14
C MET D 47 34.95 13.63 33.37
N SER D 48 34.93 14.84 32.81
CA SER D 48 33.75 15.69 32.85
C SER D 48 32.62 15.18 31.96
N ILE D 49 32.92 14.25 31.05
CA ILE D 49 31.90 13.67 30.18
C ILE D 49 30.96 12.78 30.97
N ASP D 50 31.43 12.20 32.09
CA ASP D 50 30.68 11.15 32.79
C ASP D 50 29.42 11.68 33.45
N GLY D 51 29.47 12.90 33.98
CA GLY D 51 28.27 13.50 34.55
C GLY D 51 27.22 13.79 33.50
N TYR D 52 27.65 14.26 32.33
CA TYR D 52 26.74 14.47 31.21
C TYR D 52 26.15 13.14 30.72
N LEU D 53 26.98 12.10 30.68
CA LEU D 53 26.51 10.77 30.26
C LEU D 53 25.50 10.20 31.25
N ASN D 54 25.75 10.36 32.55
CA ASN D 54 24.79 9.91 33.56
C ASN D 54 23.52 10.74 33.52
N LEU D 55 23.62 12.02 33.13
CA LEU D 55 22.43 12.84 32.98
C LEU D 55 21.59 12.39 31.78
N ILE D 56 22.24 12.08 30.65
CA ILE D 56 21.49 11.69 29.46
C ILE D 56 21.07 10.23 29.46
N ASN D 57 21.66 9.40 30.33
CA ASN D 57 21.22 8.01 30.40
C ASN D 57 19.86 7.88 31.06
N ALA D 58 19.49 8.83 31.92
CA ALA D 58 18.14 8.85 32.47
C ALA D 58 17.11 9.26 31.43
N VAL D 59 17.54 9.87 30.33
CA VAL D 59 16.63 10.30 29.27
C VAL D 59 16.53 9.27 28.15
N ILE D 60 17.68 8.76 27.69
CA ILE D 60 17.73 7.99 26.45
C ILE D 60 17.04 6.63 26.60
N ILE D 61 17.22 5.97 27.75
CA ILE D 61 16.67 4.62 27.93
C ILE D 61 15.14 4.56 27.93
N PRO D 62 14.36 5.49 28.57
CA PRO D 62 12.90 5.41 28.43
C PRO D 62 12.33 5.49 27.01
N ILE D 63 12.89 6.32 26.13
CA ILE D 63 12.44 6.36 24.74
C ILE D 63 12.79 5.05 24.02
N SER D 64 13.96 4.48 24.34
CA SER D 64 14.37 3.21 23.74
C SER D 64 13.45 2.07 24.17
N GLN D 65 13.10 2.00 25.47
CA GLN D 65 12.22 0.93 25.92
C GLN D 65 10.79 1.15 25.43
N SER D 66 10.35 2.41 25.30
CA SER D 66 9.04 2.70 24.74
C SER D 66 8.95 2.30 23.27
N LEU D 67 10.02 2.57 22.50
CA LEU D 67 9.98 2.20 21.09
C LEU D 67 10.06 0.70 20.90
N GLU D 68 10.89 -0.02 21.67
CA GLU D 68 10.92 -1.47 21.49
C GLU D 68 9.64 -2.13 22.01
N LEU D 69 8.99 -1.54 23.01
CA LEU D 69 7.64 -1.95 23.36
C LEU D 69 6.66 -1.72 22.22
N MET D 70 6.82 -0.60 21.51
CA MET D 70 5.88 -0.26 20.44
C MET D 70 6.08 -1.19 19.24
N ARG D 71 7.32 -1.58 18.96
CA ARG D 71 7.56 -2.64 17.98
C ARG D 71 7.07 -4.00 18.47
N ASN D 72 7.09 -4.23 19.79
CA ASN D 72 6.49 -5.45 20.30
C ASN D 72 4.97 -5.45 20.22
N ASN D 73 4.35 -4.30 19.98
CA ASN D 73 2.90 -4.21 19.83
C ASN D 73 2.43 -4.51 18.41
N VAL D 74 3.28 -5.09 17.56
CA VAL D 74 2.94 -5.27 16.15
C VAL D 74 3.79 -6.41 15.59
N LYS D 75 3.23 -7.13 14.61
CA LYS D 75 3.96 -8.09 13.79
C LYS D 75 3.53 -7.88 12.35
N ASP D 76 3.88 -8.80 11.45
CA ASP D 76 3.15 -8.85 10.19
C ASP D 76 2.51 -10.23 10.00
N GLY D 77 3.32 -11.29 10.03
CA GLY D 77 2.83 -12.63 9.75
C GLY D 77 2.23 -12.75 8.36
N THR D 78 1.33 -13.70 8.19
CA THR D 78 0.40 -13.77 7.06
C THR D 78 -0.91 -14.46 7.45
N PRO D 79 -1.76 -13.79 8.27
CA PRO D 79 -3.05 -14.41 8.62
C PRO D 79 -4.06 -14.32 7.49
N ASN D 80 -5.30 -14.72 7.78
CA ASN D 80 -6.47 -14.65 6.88
C ASN D 80 -6.16 -15.53 5.66
N GLU D 81 -6.53 -15.12 4.44
CA GLU D 81 -5.94 -15.76 3.27
C GLU D 81 -5.43 -14.71 2.28
N ASN D 82 -6.17 -13.61 2.12
CA ASN D 82 -5.75 -12.57 1.20
C ASN D 82 -4.75 -11.62 1.86
N ILE D 83 -4.78 -11.53 3.19
CA ILE D 83 -3.87 -10.65 3.90
C ILE D 83 -2.49 -11.29 3.95
N PHE D 84 -1.46 -10.53 3.56
CA PHE D 84 -0.08 -10.99 3.64
C PHE D 84 0.69 -10.37 4.79
N GLY D 85 0.00 -9.71 5.72
CA GLY D 85 0.67 -9.16 6.88
C GLY D 85 0.13 -7.82 7.36
N ALA D 86 0.98 -7.07 8.08
CA ALA D 86 0.68 -5.74 8.62
C ALA D 86 -0.53 -5.75 9.55
N ILE D 87 -0.53 -6.67 10.51
CA ILE D 87 -1.54 -6.71 11.57
C ILE D 87 -0.92 -6.18 12.85
N VAL D 88 -1.75 -5.63 13.71
CA VAL D 88 -1.28 -5.11 14.98
C VAL D 88 -1.61 -6.15 16.04
N ALA D 89 -0.93 -6.08 17.18
CA ALA D 89 -1.19 -7.03 18.26
C ALA D 89 -2.55 -6.75 18.90
N GLY D 90 -3.30 -7.81 19.18
CA GLY D 90 -4.62 -7.66 19.78
C GLY D 90 -4.52 -7.28 21.24
N ALA D 91 -5.17 -6.17 21.61
CA ALA D 91 -5.33 -5.65 22.97
C ALA D 91 -4.03 -5.28 23.68
N ALA D 92 -2.91 -5.27 22.95
CA ALA D 92 -1.64 -4.89 23.56
C ALA D 92 -1.48 -3.37 23.60
N LEU D 93 -2.28 -2.64 22.83
CA LEU D 93 -2.23 -1.18 22.82
C LEU D 93 -2.89 -0.57 24.04
N GLY D 94 -3.78 -1.29 24.71
CA GLY D 94 -4.56 -0.70 25.78
C GLY D 94 -5.50 0.37 25.28
N ILE D 95 -5.18 1.63 25.58
CA ILE D 95 -5.92 2.77 25.06
C ILE D 95 -5.10 3.38 23.92
N ALA D 96 -5.70 3.48 22.74
CA ALA D 96 -4.97 3.97 21.58
C ALA D 96 -5.94 4.70 20.64
N THR D 97 -5.37 5.58 19.83
CA THR D 97 -6.10 6.35 18.82
C THR D 97 -5.66 5.90 17.43
N ALA D 98 -6.23 6.55 16.41
CA ALA D 98 -5.89 6.24 15.02
C ALA D 98 -4.47 6.68 14.68
N ALA D 99 -4.05 7.83 15.23
CA ALA D 99 -2.71 8.33 14.96
C ALA D 99 -1.64 7.45 15.58
N GLN D 100 -1.95 6.80 16.71
CA GLN D 100 -1.01 5.86 17.30
C GLN D 100 -0.84 4.63 16.42
N VAL D 101 -1.93 4.15 15.83
CA VAL D 101 -1.87 3.03 14.88
C VAL D 101 -1.08 3.43 13.64
N THR D 102 -1.27 4.67 13.17
CA THR D 102 -0.51 5.18 12.03
C THR D 102 0.99 5.24 12.35
N SER D 103 1.34 5.64 13.58
CA SER D 103 2.73 5.65 14.03
C SER D 103 3.29 4.24 14.11
N VAL D 104 2.46 3.27 14.54
CA VAL D 104 2.88 1.88 14.58
C VAL D 104 3.22 1.38 13.18
N VAL D 105 2.36 1.71 12.21
CA VAL D 105 2.59 1.36 10.81
C VAL D 105 3.82 2.07 10.29
N ALA D 106 4.08 3.30 10.74
CA ALA D 106 5.25 4.05 10.30
C ALA D 106 6.55 3.42 10.80
N LEU D 107 6.61 3.01 12.08
CA LEU D 107 7.79 2.32 12.58
C LEU D 107 7.96 0.94 11.95
N HIS D 108 6.86 0.22 11.70
CA HIS D 108 6.97 -1.06 11.01
C HIS D 108 7.38 -0.88 9.55
N LYS D 109 7.08 0.27 8.97
CA LYS D 109 7.49 0.58 7.61
C LYS D 109 8.95 0.99 7.54
N SER D 110 9.47 1.62 8.58
CA SER D 110 10.81 2.19 8.54
C SER D 110 11.84 1.46 9.39
N ASN D 111 11.49 0.32 9.99
CA ASN D 111 12.47 -0.42 10.79
C ASN D 111 13.62 -0.98 9.96
N GLN D 112 13.36 -1.34 8.69
CA GLN D 112 14.43 -1.82 7.82
C GLN D 112 15.44 -0.71 7.52
N ASN D 113 14.95 0.49 7.22
CA ASN D 113 15.83 1.63 7.00
C ASN D 113 16.53 2.06 8.29
N ALA D 114 15.86 1.87 9.44
CA ALA D 114 16.50 2.14 10.72
C ALA D 114 17.66 1.19 10.98
N ALA D 115 17.49 -0.09 10.63
CA ALA D 115 18.59 -1.04 10.72
C ALA D 115 19.71 -0.71 9.73
N LYS D 116 19.34 -0.21 8.54
CA LYS D 116 20.32 0.20 7.55
C LYS D 116 21.17 1.37 8.04
N ILE D 117 20.54 2.34 8.71
CA ILE D 117 21.29 3.46 9.28
C ILE D 117 22.11 2.99 10.49
N ASN D 118 21.54 2.10 11.31
CA ASN D 118 22.25 1.56 12.47
C ASN D 118 23.44 0.68 12.11
N SER D 119 23.50 0.20 10.85
CA SER D 119 24.65 -0.55 10.37
C SER D 119 25.93 0.26 10.31
N LEU D 120 25.86 1.59 10.35
CA LEU D 120 27.06 2.43 10.30
C LEU D 120 27.21 3.24 11.58
N ARG D 121 27.04 2.56 12.72
CA ARG D 121 27.13 3.21 14.02
C ARG D 121 28.55 3.71 14.30
N ASP D 122 29.56 2.92 13.91
CA ASP D 122 30.94 3.38 14.04
C ASP D 122 31.26 4.52 13.09
N SER D 123 30.57 4.58 11.95
CA SER D 123 30.71 5.73 11.05
C SER D 123 30.06 6.97 11.64
N ILE D 124 29.02 6.79 12.46
CA ILE D 124 28.35 7.93 13.08
C ILE D 124 29.25 8.58 14.13
N THR D 125 29.92 7.78 14.95
CA THR D 125 30.67 8.31 16.09
C THR D 125 32.02 8.92 15.71
N LYS D 126 32.47 8.77 14.46
CA LYS D 126 33.78 9.26 14.06
C LYS D 126 33.75 10.67 13.47
N THR D 127 32.58 11.31 13.41
CA THR D 127 32.49 12.65 12.87
C THR D 127 33.05 13.68 13.85
N ASN D 128 33.87 14.59 13.33
CA ASN D 128 34.51 15.62 14.14
C ASN D 128 34.18 17.03 13.67
N GLN D 129 33.16 17.19 12.83
CA GLN D 129 32.71 18.51 12.36
C GLN D 129 31.26 18.72 12.74
N ALA D 130 30.70 19.83 12.26
CA ALA D 130 29.35 20.21 12.68
C ALA D 130 28.28 19.37 12.00
N VAL D 131 28.18 19.47 10.68
CA VAL D 131 27.13 18.81 9.90
C VAL D 131 27.79 17.99 8.81
N GLU D 132 27.42 16.70 8.72
CA GLU D 132 27.96 15.82 7.70
C GLU D 132 26.83 15.09 6.99
N GLN D 133 27.10 14.67 5.76
CA GLN D 133 26.18 13.85 4.98
C GLN D 133 26.90 12.56 4.62
N LEU D 134 26.44 11.44 5.17
CA LEU D 134 27.03 10.14 4.93
C LEU D 134 26.08 9.31 4.08
N SER D 135 26.65 8.51 3.18
CA SER D 135 25.88 7.79 2.18
C SER D 135 25.10 6.63 2.81
N LEU D 136 23.78 6.68 2.69
CA LEU D 136 22.95 5.57 3.14
C LEU D 136 23.12 4.36 2.21
N GLY D 137 23.03 4.58 0.91
CA GLY D 137 23.14 3.52 -0.06
C GLY D 137 23.90 3.93 -1.30
N VAL D 138 23.36 3.60 -2.48
CA VAL D 138 23.99 3.99 -3.72
C VAL D 138 23.77 5.47 -3.99
N GLN D 139 22.51 5.90 -4.02
CA GLN D 139 22.15 7.29 -4.27
C GLN D 139 21.36 7.88 -3.11
N GLU D 140 21.64 7.44 -1.88
CA GLU D 140 20.89 7.85 -0.71
C GLU D 140 21.85 8.30 0.38
N THR D 141 21.36 9.20 1.23
CA THR D 141 22.18 9.74 2.31
C THR D 141 21.30 10.21 3.44
N VAL D 142 21.92 10.42 4.61
CA VAL D 142 21.27 11.02 5.77
C VAL D 142 22.10 12.22 6.19
N SER D 143 21.68 12.89 7.27
CA SER D 143 22.38 14.06 7.78
C SER D 143 22.68 13.86 9.26
N VAL D 144 23.94 13.54 9.58
CA VAL D 144 24.41 13.53 10.95
C VAL D 144 24.93 14.92 11.27
N LEU D 145 24.67 15.39 12.48
CA LEU D 145 24.74 16.83 12.75
C LEU D 145 24.94 17.10 14.24
N MET D 146 25.78 18.09 14.54
CA MET D 146 26.14 18.44 15.92
C MET D 146 26.53 19.91 15.93
N GLY D 147 25.61 20.77 16.37
CA GLY D 147 25.86 22.20 16.30
C GLY D 147 26.89 22.70 17.31
N LEU D 148 27.05 21.99 18.43
CA LEU D 148 28.06 22.36 19.40
C LEU D 148 29.42 21.75 19.13
N GLN D 149 29.57 21.02 18.01
CA GLN D 149 30.91 20.57 17.63
C GLN D 149 31.80 21.75 17.27
N ASP D 150 31.23 22.79 16.65
CA ASP D 150 32.00 23.97 16.26
C ASP D 150 32.56 24.71 17.47
N GLN D 151 31.79 24.79 18.56
CA GLN D 151 32.23 25.50 19.75
C GLN D 151 33.39 24.81 20.46
N ILE D 152 33.59 23.52 20.22
CA ILE D 152 34.79 22.83 20.68
C ILE D 152 35.52 22.37 19.41
N ASN D 153 35.43 23.20 18.36
CA ASN D 153 36.39 23.15 17.26
C ASN D 153 36.85 24.53 16.80
N THR D 154 36.32 25.62 17.36
CA THR D 154 36.85 26.94 17.07
C THR D 154 37.04 27.82 18.30
N ASN D 155 36.52 27.43 19.47
CA ASN D 155 36.62 28.26 20.66
C ASN D 155 37.42 27.57 21.77
N LEU D 156 37.08 26.34 22.13
CA LEU D 156 37.75 25.66 23.23
C LEU D 156 39.04 24.98 22.79
N VAL D 157 39.16 24.61 21.52
CA VAL D 157 40.38 24.04 20.95
C VAL D 157 41.59 24.99 21.00
N PRO D 158 41.52 26.28 20.56
CA PRO D 158 42.76 27.09 20.58
C PRO D 158 43.26 27.45 21.97
N LYS D 159 42.43 27.36 23.01
CA LYS D 159 42.90 27.58 24.38
C LYS D 159 43.33 26.28 25.06
N ILE D 160 44.19 25.52 24.38
CA ILE D 160 44.61 24.22 24.90
C ILE D 160 45.76 24.37 25.91
N ASN D 161 46.65 25.35 25.71
CA ASN D 161 47.77 25.56 26.62
C ASN D 161 47.83 26.97 27.20
N ILE D 162 47.08 27.93 26.64
CA ILE D 162 47.08 29.28 27.19
C ILE D 162 46.35 29.30 28.53
N LEU D 163 45.25 28.56 28.64
CA LEU D 163 44.41 28.56 29.83
C LEU D 163 44.60 27.26 30.60
N SER D 164 44.38 27.33 31.92
CA SER D 164 44.61 26.19 32.79
C SER D 164 43.55 25.11 32.59
N CYS D 165 43.96 23.85 32.79
CA CYS D 165 43.14 22.69 32.42
C CYS D 165 41.88 22.58 33.26
N LYS D 166 41.96 22.96 34.54
CA LYS D 166 40.76 22.95 35.37
C LYS D 166 39.75 24.00 34.94
N GLN D 167 40.22 25.11 34.35
CA GLN D 167 39.31 26.11 33.84
C GLN D 167 38.61 25.63 32.56
N LEU D 168 39.33 24.90 31.70
CA LEU D 168 38.69 24.26 30.55
C LEU D 168 37.68 23.21 30.99
N SER D 169 38.02 22.44 32.04
CA SER D 169 37.09 21.44 32.56
C SER D 169 35.83 22.09 33.13
N ASN D 170 35.99 23.22 33.84
CA ASN D 170 34.86 23.95 34.39
C ASN D 170 33.99 24.56 33.29
N THR D 171 34.62 25.17 32.28
CA THR D 171 33.86 25.78 31.19
C THR D 171 33.16 24.72 30.34
N LEU D 172 33.82 23.57 30.15
CA LEU D 172 33.20 22.44 29.47
C LEU D 172 32.00 21.92 30.25
N ASN D 173 32.12 21.87 31.58
CA ASN D 173 30.98 21.50 32.43
C ASN D 173 29.84 22.51 32.29
N ILE D 174 30.17 23.80 32.20
CA ILE D 174 29.15 24.84 32.06
C ILE D 174 28.40 24.69 30.74
N MET D 175 29.12 24.49 29.63
CA MET D 175 28.43 24.38 28.35
C MET D 175 27.70 23.04 28.22
N LEU D 176 28.22 21.98 28.85
CA LEU D 176 27.52 20.71 28.84
C LEU D 176 26.23 20.77 29.64
N LEU D 177 26.26 21.45 30.80
CA LEU D 177 25.05 21.66 31.58
C LEU D 177 24.04 22.53 30.84
N GLN D 178 24.52 23.57 30.16
CA GLN D 178 23.66 24.44 29.36
C GLN D 178 23.01 23.67 28.21
N TYR D 179 23.78 22.83 27.51
CA TYR D 179 23.23 22.10 26.38
C TYR D 179 22.31 20.97 26.85
N TYR D 180 22.60 20.34 27.99
CA TYR D 180 21.68 19.37 28.56
C TYR D 180 20.37 20.03 28.99
N SER D 181 20.44 21.29 29.46
CA SER D 181 19.23 22.07 29.68
C SER D 181 18.49 22.32 28.37
N GLN D 182 19.21 22.48 27.26
CA GLN D 182 18.55 22.66 25.98
C GLN D 182 17.79 21.41 25.53
N ILE D 183 18.40 20.22 25.69
CA ILE D 183 17.66 18.98 25.41
C ILE D 183 16.50 18.78 26.37
N LEU D 184 16.67 19.10 27.66
CA LEU D 184 15.54 19.02 28.59
C LEU D 184 14.44 20.02 28.25
N THR D 185 14.80 21.14 27.63
CA THR D 185 13.79 22.07 27.15
C THR D 185 13.04 21.51 25.94
N VAL D 186 13.78 20.98 24.96
CA VAL D 186 13.11 20.67 23.69
C VAL D 186 12.39 19.33 23.73
N PHE D 187 12.91 18.34 24.44
CA PHE D 187 12.20 17.05 24.59
C PHE D 187 11.40 17.02 25.88
N GLY D 188 10.55 18.02 26.08
CA GLY D 188 9.68 18.05 27.23
C GLY D 188 8.50 17.10 27.10
N PRO D 189 7.58 17.38 26.16
CA PRO D 189 6.46 16.46 25.93
C PRO D 189 6.86 15.15 25.26
N ASN D 190 8.07 15.06 24.71
CA ASN D 190 8.50 13.84 24.02
C ASN D 190 8.79 12.69 24.98
N LEU D 191 8.99 12.97 26.26
CA LEU D 191 9.34 11.92 27.21
C LEU D 191 8.15 11.04 27.58
N ARG D 192 6.92 11.49 27.35
CA ARG D 192 5.76 10.71 27.76
C ARG D 192 5.50 9.55 26.79
N ASP D 193 5.20 9.88 25.53
CA ASP D 193 4.90 8.89 24.49
C ASP D 193 5.72 9.25 23.26
N PRO D 194 6.96 8.75 23.17
CA PRO D 194 7.83 9.14 22.05
C PRO D 194 7.60 8.35 20.77
N ALA D 195 6.35 8.19 20.36
CA ALA D 195 6.02 7.60 19.07
C ALA D 195 4.94 8.36 18.30
N THR D 196 4.03 9.03 18.99
CA THR D 196 2.91 9.72 18.36
C THR D 196 3.01 11.23 18.43
N VAL D 197 4.07 11.76 19.00
CA VAL D 197 4.25 13.20 19.19
C VAL D 197 5.25 13.69 18.14
N PRO D 198 4.85 14.59 17.23
CA PRO D 198 5.80 15.13 16.27
C PRO D 198 6.72 16.14 16.92
N VAL D 199 7.78 16.49 16.19
CA VAL D 199 8.81 17.40 16.67
C VAL D 199 8.80 18.64 15.78
N SER D 200 8.66 19.81 16.40
CA SER D 200 8.71 21.06 15.67
C SER D 200 10.13 21.32 15.17
N ILE D 201 10.24 21.72 13.91
CA ILE D 201 11.54 22.00 13.31
C ILE D 201 12.16 23.27 13.90
N GLN D 202 11.34 24.21 14.38
CA GLN D 202 11.88 25.41 15.02
C GLN D 202 12.46 25.07 16.40
N ALA D 203 11.75 24.23 17.16
CA ALA D 203 12.28 23.76 18.44
C ALA D 203 13.50 22.88 18.25
N LEU D 204 13.56 22.13 17.15
CA LEU D 204 14.78 21.39 16.82
C LEU D 204 15.93 22.34 16.49
N SER D 205 15.66 23.40 15.74
CA SER D 205 16.68 24.38 15.40
C SER D 205 17.13 25.21 16.59
N GLN D 206 16.29 25.29 17.64
CA GLN D 206 16.69 25.97 18.88
C GLN D 206 17.82 25.27 19.61
N LEU D 207 18.08 23.99 19.31
CA LEU D 207 19.27 23.31 19.78
C LEU D 207 20.54 23.80 19.10
N PHE D 208 20.44 24.58 18.02
CA PHE D 208 21.57 24.93 17.18
C PHE D 208 21.62 26.43 16.94
N GLU D 209 21.37 27.19 18.01
CA GLU D 209 21.37 28.66 18.03
C GLU D 209 20.36 29.25 17.03
N GLY D 210 19.26 28.56 16.83
CA GLY D 210 18.17 29.04 15.98
C GLY D 210 18.50 29.19 14.51
N ASN D 211 19.30 28.28 13.96
CA ASN D 211 19.70 28.35 12.55
C ASN D 211 18.80 27.38 11.79
N LEU D 212 17.62 27.86 11.39
CA LEU D 212 16.61 27.00 10.77
C LEU D 212 17.02 26.58 9.37
N GLU D 213 17.46 27.54 8.55
CA GLU D 213 17.73 27.22 7.15
C GLU D 213 19.05 26.50 6.96
N LEU D 214 19.92 26.46 7.97
CA LEU D 214 21.03 25.51 7.96
C LEU D 214 20.51 24.08 7.95
N LEU D 215 19.55 23.79 8.83
CA LEU D 215 18.91 22.48 8.87
C LEU D 215 18.10 22.22 7.62
N THR D 216 17.51 23.28 7.05
CA THR D 216 16.72 23.13 5.83
C THR D 216 17.60 22.82 4.62
N SER D 217 18.73 23.53 4.49
CA SER D 217 19.64 23.30 3.38
C SER D 217 20.38 21.97 3.52
N SER D 218 20.70 21.58 4.75
CA SER D 218 21.24 20.25 4.97
C SER D 218 20.19 19.17 4.74
N LEU D 219 18.91 19.50 4.92
CA LEU D 219 17.84 18.53 4.65
C LEU D 219 17.63 18.35 3.16
N GLY D 220 17.66 19.44 2.40
CA GLY D 220 17.51 19.37 0.96
C GLY D 220 16.47 20.30 0.37
N ILE D 221 15.65 20.90 1.23
CA ILE D 221 14.61 21.82 0.76
C ILE D 221 15.25 23.16 0.42
N SER D 222 14.98 23.66 -0.79
CA SER D 222 15.48 24.96 -1.25
C SER D 222 14.29 25.74 -1.80
N SER D 223 13.64 26.51 -0.92
CA SER D 223 12.54 27.37 -1.36
C SER D 223 13.08 28.58 -2.10
N THR D 224 12.57 28.80 -3.32
CA THR D 224 13.10 29.84 -4.19
C THR D 224 12.16 31.00 -4.43
N ASP D 225 10.87 30.84 -4.20
CA ASP D 225 9.88 31.88 -4.46
C ASP D 225 9.48 32.57 -3.16
N PHE D 226 8.63 33.59 -3.31
CA PHE D 226 8.18 34.37 -2.17
C PHE D 226 7.28 33.56 -1.25
N ASN D 227 6.42 32.71 -1.83
CA ASN D 227 5.39 32.02 -1.04
C ASN D 227 6.00 30.94 -0.17
N ASP D 228 6.95 30.17 -0.71
CA ASP D 228 7.55 29.07 0.05
C ASP D 228 8.69 29.52 0.96
N LEU D 229 9.13 30.77 0.85
CA LEU D 229 10.23 31.23 1.70
C LEU D 229 9.77 31.45 3.14
N LEU D 230 8.57 32.00 3.32
CA LEU D 230 7.99 32.11 4.67
C LEU D 230 7.63 30.73 5.22
N THR D 231 7.25 29.80 4.35
CA THR D 231 6.99 28.43 4.73
C THR D 231 8.32 27.76 5.09
N GLY D 232 8.26 26.83 6.05
CA GLY D 232 9.46 26.20 6.58
C GLY D 232 9.28 25.94 8.05
N LYS D 233 8.12 26.35 8.57
CA LYS D 233 7.69 26.04 9.92
C LYS D 233 6.71 24.87 9.94
N LEU D 234 6.49 24.23 8.79
CA LEU D 234 5.56 23.11 8.66
C LEU D 234 6.28 21.83 8.25
N ILE D 235 7.54 21.69 8.66
CA ILE D 235 8.32 20.52 8.26
C ILE D 235 7.93 19.31 9.08
N THR D 236 8.03 19.41 10.41
CA THR D 236 7.72 18.39 11.42
C THR D 236 8.49 17.08 11.25
N GLY D 237 8.16 16.09 12.04
CA GLY D 237 8.82 14.79 11.95
C GLY D 237 8.77 14.05 13.26
N SER D 238 9.11 12.76 13.18
CA SER D 238 9.03 11.86 14.32
C SER D 238 10.31 11.03 14.43
N ILE D 239 10.67 10.72 15.68
CA ILE D 239 11.88 9.95 15.96
C ILE D 239 11.65 8.49 15.60
N ILE D 240 12.61 7.89 14.89
CA ILE D 240 12.50 6.48 14.52
C ILE D 240 13.44 5.59 15.33
N TRP D 241 14.49 6.13 15.96
CA TRP D 241 15.40 5.30 16.74
C TRP D 241 16.09 6.14 17.80
N ALA D 242 16.46 5.48 18.90
CA ALA D 242 17.04 6.14 20.08
C ALA D 242 18.24 5.35 20.59
N ASP D 243 19.22 5.13 19.71
CA ASP D 243 20.34 4.24 20.01
C ASP D 243 21.19 4.75 21.16
N THR D 244 21.47 3.85 22.11
CA THR D 244 22.09 4.20 23.38
C THR D 244 23.61 4.17 23.35
N GLN D 245 24.20 3.25 22.59
CA GLN D 245 25.66 3.07 22.62
C GLN D 245 26.37 4.24 21.95
N GLY D 246 25.88 4.65 20.78
CA GLY D 246 26.36 5.89 20.19
C GLY D 246 25.70 7.14 20.72
N HIS D 247 24.66 6.96 21.56
CA HIS D 247 23.89 8.04 22.20
C HIS D 247 23.29 8.98 21.15
N TYR D 248 22.70 8.40 20.11
CA TYR D 248 22.15 9.21 19.03
C TYR D 248 20.70 8.84 18.79
N LEU D 249 20.02 9.71 18.06
CA LEU D 249 18.60 9.58 17.75
C LEU D 249 18.42 9.69 16.25
N ILE D 250 17.91 8.63 15.63
CA ILE D 250 17.62 8.65 14.20
C ILE D 250 16.21 9.20 14.04
N LEU D 251 16.09 10.30 13.31
CA LEU D 251 14.86 11.07 13.14
C LEU D 251 14.36 10.93 11.71
N ARG D 252 13.04 10.83 11.55
CA ARG D 252 12.42 10.87 10.25
C ARG D 252 11.54 12.10 10.17
N VAL D 253 11.83 12.97 9.19
CA VAL D 253 11.09 14.19 8.98
C VAL D 253 10.33 14.09 7.67
N ASN D 254 9.33 14.96 7.52
CA ASN D 254 8.50 15.00 6.33
C ASN D 254 8.86 16.24 5.51
N ILE D 255 9.21 16.04 4.25
CA ILE D 255 9.40 17.15 3.33
C ILE D 255 8.02 17.62 2.88
N PRO D 256 7.63 18.86 3.13
CA PRO D 256 6.28 19.29 2.82
C PRO D 256 6.14 19.70 1.36
N ASP D 257 4.91 20.05 1.00
CA ASP D 257 4.58 20.52 -0.33
C ASP D 257 3.36 21.41 -0.20
N LEU D 258 3.12 22.24 -1.22
CA LEU D 258 1.99 23.16 -1.24
C LEU D 258 1.13 22.85 -2.46
N ILE D 259 0.16 21.96 -2.29
CA ILE D 259 -0.86 21.74 -3.31
C ILE D 259 -1.97 22.75 -3.09
N GLU D 260 -2.84 22.91 -4.07
CA GLU D 260 -3.91 23.89 -4.01
C GLU D 260 -5.27 23.20 -4.06
N VAL D 261 -6.11 23.50 -3.08
CA VAL D 261 -7.50 23.05 -3.16
C VAL D 261 -8.24 23.86 -4.23
N PRO D 262 -8.93 23.21 -5.16
CA PRO D 262 -9.47 23.95 -6.31
C PRO D 262 -10.70 24.77 -5.96
N GLY D 263 -10.72 26.00 -6.45
CA GLY D 263 -11.90 26.86 -6.37
C GLY D 263 -12.10 27.60 -5.08
N ALA D 264 -11.23 27.43 -4.10
CA ALA D 264 -11.40 28.04 -2.78
C ALA D 264 -10.70 29.39 -2.76
N VAL D 265 -11.47 30.44 -2.50
CA VAL D 265 -10.96 31.81 -2.44
C VAL D 265 -11.27 32.38 -1.07
N ILE D 266 -10.23 32.86 -0.38
CA ILE D 266 -10.39 33.52 0.91
C ILE D 266 -10.67 34.99 0.65
N GLN D 267 -11.72 35.52 1.27
CA GLN D 267 -12.14 36.91 1.08
C GLN D 267 -11.99 37.65 2.40
N GLU D 268 -11.31 38.80 2.34
CA GLU D 268 -11.14 39.69 3.48
C GLU D 268 -12.19 40.79 3.46
N PHE D 269 -12.38 41.43 4.61
CA PHE D 269 -13.37 42.48 4.73
C PHE D 269 -12.88 43.52 5.73
N ILE D 270 -13.34 44.75 5.53
CA ILE D 270 -13.04 45.87 6.42
C ILE D 270 -14.34 46.33 7.05
N LYS D 271 -14.37 46.38 8.38
CA LYS D 271 -15.56 46.77 9.14
C LYS D 271 -15.34 48.17 9.68
N ILE D 272 -16.19 49.10 9.25
CA ILE D 272 -16.06 50.51 9.64
C ILE D 272 -17.21 50.87 10.57
N GLY D 273 -17.01 51.96 11.31
CA GLY D 273 -18.02 52.44 12.23
C GLY D 273 -18.96 53.44 11.56
N TYR D 274 -20.25 53.24 11.80
CA TYR D 274 -21.29 54.11 11.30
C TYR D 274 -22.05 54.74 12.47
N ASN D 275 -22.53 55.96 12.26
CA ASN D 275 -23.19 56.74 13.30
C ASN D 275 -24.70 56.60 13.11
N PHE D 276 -25.31 55.71 13.89
CA PHE D 276 -26.74 55.53 13.94
C PHE D 276 -27.22 55.70 15.37
N GLY D 277 -28.38 56.35 15.53
CA GLY D 277 -28.94 56.61 16.84
C GLY D 277 -28.12 57.54 17.69
N GLY D 278 -27.30 58.40 17.08
CA GLY D 278 -26.30 59.15 17.82
C GLY D 278 -25.23 58.28 18.44
N SER D 279 -24.85 57.20 17.78
CA SER D 279 -23.91 56.25 18.35
C SER D 279 -23.07 55.60 17.26
N LEU D 280 -21.88 55.13 17.65
CA LEU D 280 -20.95 54.50 16.73
C LEU D 280 -21.10 52.99 16.80
N TRP D 281 -21.26 52.35 15.63
CA TRP D 281 -21.49 50.93 15.54
C TRP D 281 -20.59 50.30 14.48
N MET D 282 -20.40 49.00 14.60
CA MET D 282 -19.82 48.18 13.54
C MET D 282 -20.66 46.93 13.34
N PRO D 283 -20.75 46.45 12.10
CA PRO D 283 -21.42 45.16 11.86
C PRO D 283 -20.60 44.00 12.41
N THR D 284 -21.30 42.90 12.69
CA THR D 284 -20.68 41.71 13.26
C THR D 284 -20.61 40.63 12.18
N ILE D 285 -19.53 40.62 11.42
CA ILE D 285 -19.28 39.58 10.42
C ILE D 285 -17.84 39.11 10.60
N PRO D 286 -17.52 37.86 10.28
CA PRO D 286 -16.13 37.41 10.36
C PRO D 286 -15.26 38.06 9.29
N ASN D 287 -13.95 38.05 9.55
CA ASN D 287 -13.01 38.76 8.68
C ASN D 287 -12.79 38.02 7.37
N LYS D 288 -12.72 36.69 7.41
CA LYS D 288 -12.37 35.89 6.25
C LYS D 288 -13.52 34.95 5.89
N ILE D 289 -13.90 34.92 4.62
CA ILE D 289 -14.93 34.03 4.12
C ILE D 289 -14.33 33.23 2.97
N ILE D 290 -14.33 31.91 3.10
CA ILE D 290 -13.85 31.05 2.02
C ILE D 290 -15.03 30.68 1.13
N ILE D 291 -14.86 30.90 -0.18
CA ILE D 291 -15.90 30.68 -1.17
C ILE D 291 -15.41 29.64 -2.16
N ARG D 292 -16.22 28.61 -2.40
CA ARG D 292 -15.84 27.54 -3.33
C ARG D 292 -17.11 26.99 -3.96
N GLY D 293 -17.45 27.51 -5.14
CA GLY D 293 -18.60 27.04 -5.90
C GLY D 293 -19.93 27.25 -5.23
N TYR D 294 -20.16 28.47 -4.72
CA TYR D 294 -21.31 28.85 -3.89
C TYR D 294 -21.38 27.95 -2.65
N HIS D 295 -20.36 28.10 -1.82
CA HIS D 295 -20.28 27.40 -0.55
C HIS D 295 -19.41 28.24 0.37
N LEU D 296 -20.00 28.74 1.45
CA LEU D 296 -19.28 29.54 2.44
C LEU D 296 -18.99 28.69 3.67
N SER D 297 -17.72 28.64 4.05
CA SER D 297 -17.28 28.03 5.30
C SER D 297 -16.50 29.08 6.08
N LEU D 298 -16.04 28.71 7.27
CA LEU D 298 -15.21 29.59 8.08
C LEU D 298 -13.86 28.93 8.32
N ILE D 299 -12.85 29.77 8.54
CA ILE D 299 -11.50 29.32 8.84
C ILE D 299 -10.98 30.13 10.02
N ASP D 300 -9.94 29.62 10.64
CA ASP D 300 -9.18 30.37 11.64
C ASP D 300 -7.71 30.36 11.29
N SER D 301 -7.13 31.56 11.14
CA SER D 301 -5.70 31.67 10.88
C SER D 301 -4.92 31.86 12.18
N THR D 302 -5.17 30.97 13.15
CA THR D 302 -4.45 31.00 14.41
C THR D 302 -3.06 30.36 14.29
N ASN D 303 -2.83 29.58 13.25
CA ASN D 303 -1.54 28.98 12.97
C ASN D 303 -1.07 29.21 11.54
N CYS D 304 -1.98 29.49 10.61
CA CYS D 304 -1.64 29.64 9.20
C CYS D 304 -0.92 30.96 8.96
N ILE D 305 0.22 30.89 8.27
CA ILE D 305 0.90 32.09 7.82
C ILE D 305 0.16 32.65 6.61
N ILE D 306 0.19 33.97 6.46
CA ILE D 306 -0.54 34.67 5.41
C ILE D 306 0.48 35.31 4.48
N THR D 307 0.43 34.93 3.20
CA THR D 307 1.29 35.51 2.18
C THR D 307 0.61 36.75 1.60
N ASP D 308 1.23 37.35 0.58
CA ASP D 308 0.59 38.48 -0.08
C ASP D 308 -0.53 38.05 -1.01
N ASN D 309 -0.54 36.78 -1.43
CA ASN D 309 -1.45 36.30 -2.46
C ASN D 309 -2.27 35.09 -2.07
N SER D 310 -1.90 34.37 -1.01
CA SER D 310 -2.59 33.14 -0.65
C SER D 310 -2.47 32.91 0.84
N TYR D 311 -3.07 31.81 1.30
CA TYR D 311 -3.01 31.39 2.69
C TYR D 311 -2.36 30.01 2.77
N VAL D 312 -1.33 29.89 3.60
CA VAL D 312 -0.60 28.64 3.77
C VAL D 312 -0.92 28.09 5.15
N CYS D 313 -1.62 26.97 5.19
CA CYS D 313 -1.96 26.27 6.42
C CYS D 313 -1.24 24.93 6.46
N ASP D 314 -1.04 24.43 7.69
CA ASP D 314 -0.52 23.09 7.84
C ASP D 314 -1.55 22.04 7.46
N ARG D 315 -2.83 22.34 7.68
CA ARG D 315 -3.90 21.37 7.54
C ARG D 315 -5.20 22.16 7.39
N ASP D 316 -6.21 21.51 6.81
CA ASP D 316 -7.49 22.16 6.55
C ASP D 316 -8.20 22.50 7.85
N TYR D 317 -8.72 23.72 7.93
CA TYR D 317 -9.33 24.26 9.15
C TYR D 317 -10.72 24.81 8.84
N SER D 318 -11.53 23.99 8.16
CA SER D 318 -12.87 24.41 7.75
C SER D 318 -13.82 24.40 8.94
N LEU D 319 -14.56 25.50 9.11
CA LEU D 319 -15.57 25.68 10.13
C LEU D 319 -16.86 26.17 9.48
N PRO D 320 -18.02 25.89 10.08
CA PRO D 320 -19.29 26.39 9.54
C PRO D 320 -19.70 27.70 10.20
N MET D 321 -20.67 28.36 9.59
CA MET D 321 -21.41 29.42 10.25
C MET D 321 -22.87 29.00 10.40
N ASN D 322 -23.62 29.82 11.13
CA ASN D 322 -25.05 29.64 11.20
C ASN D 322 -25.69 30.01 9.86
N PRO D 323 -26.81 29.38 9.50
CA PRO D 323 -27.56 29.82 8.31
C PRO D 323 -28.06 31.26 8.38
N ILE D 324 -28.22 31.83 9.59
CA ILE D 324 -28.53 33.25 9.73
C ILE D 324 -27.37 34.10 9.21
N LEU D 325 -26.12 33.65 9.44
CA LEU D 325 -24.96 34.33 8.85
C LEU D 325 -24.95 34.18 7.33
N ARG D 326 -25.41 33.05 6.81
CA ARG D 326 -25.50 32.86 5.37
C ARG D 326 -26.53 33.80 4.74
N GLU D 327 -27.67 33.98 5.43
CA GLU D 327 -28.66 34.96 4.95
C GLU D 327 -28.16 36.38 5.13
N CYS D 328 -27.34 36.63 6.15
CA CYS D 328 -26.71 37.94 6.34
C CYS D 328 -25.77 38.28 5.20
N PHE D 329 -24.97 37.31 4.77
CA PHE D 329 -24.07 37.55 3.65
C PHE D 329 -24.79 37.56 2.32
N GLU D 330 -25.89 36.83 2.19
CA GLU D 330 -26.58 36.75 0.90
C GLU D 330 -27.54 37.93 0.70
N GLY D 331 -28.61 37.99 1.49
CA GLY D 331 -29.65 38.97 1.22
C GLY D 331 -30.17 39.80 2.38
N ASN D 332 -29.95 39.35 3.61
CA ASN D 332 -30.68 39.87 4.77
C ASN D 332 -29.74 40.72 5.63
N THR D 333 -29.73 42.03 5.37
CA THR D 333 -28.99 42.95 6.23
C THR D 333 -29.69 43.18 7.57
N SER D 334 -30.96 42.81 7.70
CA SER D 334 -31.61 42.80 9.01
C SER D 334 -31.11 41.66 9.89
N SER D 335 -30.58 40.60 9.29
CA SER D 335 -30.04 39.47 10.03
C SER D 335 -28.57 39.66 10.40
N CYS D 336 -27.99 40.81 10.05
CA CYS D 336 -26.60 41.12 10.37
C CYS D 336 -26.55 41.92 11.66
N GLY D 337 -25.85 41.39 12.66
CA GLY D 337 -25.77 42.05 13.95
C GLY D 337 -24.83 43.24 13.96
N ARG D 338 -24.87 43.97 15.06
CA ARG D 338 -24.09 45.19 15.22
C ARG D 338 -23.55 45.28 16.63
N GLU D 339 -22.56 46.15 16.82
CA GLU D 339 -21.97 46.41 18.12
C GLU D 339 -21.70 47.90 18.26
N MET D 340 -21.80 48.38 19.50
CA MET D 340 -21.63 49.79 19.85
C MET D 340 -20.24 49.99 20.43
N VAL D 341 -19.54 51.02 19.96
CA VAL D 341 -18.25 51.41 20.50
C VAL D 341 -18.24 52.91 20.72
N LEU D 342 -17.30 53.34 21.55
CA LEU D 342 -17.03 54.76 21.75
C LEU D 342 -15.55 55.08 21.72
N ASN D 343 -14.69 54.10 21.45
CA ASN D 343 -13.25 54.30 21.42
C ASN D 343 -12.83 55.09 20.18
N SER D 344 -11.65 55.71 20.28
CA SER D 344 -11.18 56.62 19.24
C SER D 344 -10.68 55.92 17.99
N TYR D 345 -10.18 54.68 18.13
CA TYR D 345 -9.47 54.02 17.03
C TYR D 345 -10.44 53.27 16.10
N ILE D 346 -11.37 54.03 15.55
CA ILE D 346 -12.36 53.50 14.62
C ILE D 346 -12.17 54.22 13.28
N PRO D 347 -11.71 53.53 12.23
CA PRO D 347 -11.69 54.15 10.91
C PRO D 347 -13.09 54.33 10.37
N LEU D 348 -13.30 55.44 9.65
CA LEU D 348 -14.62 55.79 9.15
C LEU D 348 -14.69 55.80 7.63
N TYR D 349 -13.56 55.83 6.94
CA TYR D 349 -13.52 55.85 5.49
C TYR D 349 -12.51 54.84 5.00
N ALA D 350 -12.74 54.32 3.79
CA ALA D 350 -11.79 53.42 3.15
C ALA D 350 -11.98 53.51 1.63
N LEU D 351 -11.05 52.88 0.92
CA LEU D 351 -10.95 52.96 -0.53
C LEU D 351 -11.13 51.56 -1.12
N SER D 352 -11.86 51.49 -2.23
CA SER D 352 -12.09 50.21 -2.91
C SER D 352 -12.34 50.50 -4.38
N GLU D 353 -11.38 50.09 -5.23
CA GLU D 353 -11.41 50.28 -6.69
C GLU D 353 -11.57 51.75 -7.08
N GLY D 354 -10.91 52.63 -6.33
CA GLY D 354 -11.06 54.06 -6.58
C GLY D 354 -12.37 54.64 -6.12
N VAL D 355 -13.11 53.92 -5.27
CA VAL D 355 -14.40 54.36 -4.76
C VAL D 355 -14.29 54.45 -3.25
N ILE D 356 -14.68 55.60 -2.70
CA ILE D 356 -14.53 55.86 -1.27
C ILE D 356 -15.82 55.50 -0.56
N TYR D 357 -15.73 54.63 0.43
CA TYR D 357 -16.84 54.35 1.34
C TYR D 357 -16.52 55.08 2.64
N ALA D 358 -17.25 56.16 2.92
CA ALA D 358 -16.89 57.07 3.99
C ALA D 358 -18.08 57.36 4.89
N ASN D 359 -17.82 57.40 6.19
CA ASN D 359 -18.81 57.89 7.17
C ASN D 359 -18.62 59.40 7.27
N CYS D 360 -19.28 60.13 6.39
CA CYS D 360 -19.13 61.59 6.32
C CYS D 360 -19.87 62.32 7.44
N LEU D 361 -20.65 61.61 8.25
CA LEU D 361 -21.27 62.25 9.41
C LEU D 361 -20.24 62.59 10.48
N ALA D 362 -19.17 61.81 10.57
CA ALA D 362 -18.06 62.12 11.48
C ALA D 362 -16.79 62.55 10.76
N THR D 363 -16.67 62.30 9.45
CA THR D 363 -15.49 62.66 8.69
C THR D 363 -15.80 63.86 7.81
N SER D 364 -14.87 64.82 7.76
CA SER D 364 -15.01 65.97 6.87
C SER D 364 -14.88 65.51 5.42
N CYS D 365 -15.92 65.74 4.63
CA CYS D 365 -15.96 65.33 3.23
C CYS D 365 -16.22 66.55 2.37
N LYS D 366 -15.30 66.88 1.48
CA LYS D 366 -15.41 68.02 0.59
C LYS D 366 -14.89 67.63 -0.78
N CYS D 367 -15.20 68.46 -1.77
CA CYS D 367 -14.64 68.34 -3.11
C CYS D 367 -13.73 69.53 -3.39
N ALA D 368 -12.43 69.26 -3.58
CA ALA D 368 -11.45 70.32 -3.73
C ALA D 368 -11.57 71.04 -5.06
N THR D 369 -12.07 70.35 -6.09
CA THR D 369 -12.20 70.97 -7.41
C THR D 369 -13.30 72.02 -7.44
N THR D 370 -14.27 71.92 -6.54
CA THR D 370 -15.40 72.84 -6.49
C THR D 370 -15.53 73.61 -5.19
N ASN D 371 -14.85 73.18 -4.11
CA ASN D 371 -14.87 73.79 -2.78
C ASN D 371 -16.30 73.85 -2.21
N LYS D 372 -16.91 72.67 -2.12
CA LYS D 372 -18.23 72.53 -1.53
C LYS D 372 -18.21 71.36 -0.55
N PRO D 373 -19.03 71.42 0.51
CA PRO D 373 -19.13 70.27 1.42
C PRO D 373 -19.95 69.15 0.81
N ILE D 374 -19.69 67.94 1.30
CA ILE D 374 -20.47 66.75 0.97
C ILE D 374 -21.31 66.41 2.19
N VAL D 375 -22.62 66.31 2.01
CA VAL D 375 -23.56 66.18 3.12
C VAL D 375 -24.07 64.75 3.18
N GLN D 376 -24.34 64.28 4.40
CA GLN D 376 -24.95 62.98 4.59
C GLN D 376 -26.43 63.03 4.22
N SER D 377 -26.84 62.14 3.32
CA SER D 377 -28.26 61.96 3.05
C SER D 377 -28.90 61.22 4.22
N THR D 378 -30.18 61.51 4.45
CA THR D 378 -30.91 60.82 5.51
C THR D 378 -31.22 59.37 5.15
N SER D 379 -31.26 59.04 3.85
CA SER D 379 -31.53 57.68 3.43
C SER D 379 -30.35 56.74 3.69
N THR D 380 -29.13 57.23 3.48
CA THR D 380 -27.93 56.41 3.63
C THR D 380 -27.22 56.72 4.94
N VAL D 381 -26.34 55.80 5.34
CA VAL D 381 -25.45 56.00 6.46
C VAL D 381 -23.99 56.03 6.00
N ILE D 382 -23.63 55.16 5.07
CA ILE D 382 -22.29 55.12 4.49
C ILE D 382 -22.36 55.76 3.11
N THR D 383 -21.49 56.74 2.87
CA THR D 383 -21.51 57.51 1.64
C THR D 383 -20.53 56.94 0.63
N MET D 384 -21.03 56.68 -0.58
CA MET D 384 -20.22 56.35 -1.73
C MET D 384 -19.70 57.65 -2.34
N ILE D 385 -18.42 57.67 -2.69
CA ILE D 385 -17.78 58.80 -3.34
C ILE D 385 -17.03 58.28 -4.55
N ASP D 386 -17.37 58.81 -5.73
CA ASP D 386 -16.69 58.43 -6.97
C ASP D 386 -16.31 59.68 -7.76
N ASN D 387 -15.83 59.48 -9.00
CA ASN D 387 -15.46 60.60 -9.85
C ASN D 387 -16.66 61.35 -10.42
N SER D 388 -17.87 60.78 -10.31
CA SER D 388 -19.07 61.47 -10.76
C SER D 388 -19.35 62.71 -9.93
N LYS D 389 -19.12 62.63 -8.62
CA LYS D 389 -19.28 63.80 -7.76
C LYS D 389 -18.17 64.80 -8.00
N CYS D 390 -16.92 64.37 -7.78
CA CYS D 390 -15.73 65.21 -7.89
C CYS D 390 -14.48 64.35 -7.97
N PRO D 391 -13.50 64.70 -8.82
CA PRO D 391 -12.31 63.85 -8.98
C PRO D 391 -11.36 63.91 -7.80
N VAL D 392 -11.13 65.11 -7.26
CA VAL D 392 -10.23 65.30 -6.13
C VAL D 392 -11.09 65.54 -4.90
N VAL D 393 -10.91 64.69 -3.88
CA VAL D 393 -11.77 64.67 -2.71
C VAL D 393 -10.94 65.02 -1.48
N GLU D 394 -11.45 65.94 -0.67
CA GLU D 394 -10.94 66.17 0.67
C GLU D 394 -11.65 65.22 1.63
N VAL D 395 -10.89 64.35 2.27
CA VAL D 395 -11.43 63.45 3.28
C VAL D 395 -10.52 63.51 4.50
N GLY D 396 -11.08 63.87 5.65
CA GLY D 396 -10.26 63.94 6.84
C GLY D 396 -9.41 65.19 6.81
N LYS D 397 -8.15 65.00 6.47
CA LYS D 397 -7.25 66.09 6.11
C LYS D 397 -6.76 65.98 4.67
N GLN D 398 -6.91 64.82 4.04
CA GLN D 398 -6.12 64.46 2.86
C GLN D 398 -6.83 64.76 1.55
N MET D 399 -6.05 65.26 0.58
CA MET D 399 -6.40 65.20 -0.83
C MET D 399 -6.26 63.77 -1.32
N ILE D 400 -7.29 63.25 -1.99
CA ILE D 400 -7.24 61.94 -2.63
C ILE D 400 -7.84 62.04 -4.02
N SER D 401 -7.46 61.11 -4.89
CA SER D 401 -8.06 60.97 -6.21
C SER D 401 -8.93 59.72 -6.26
N VAL D 402 -10.13 59.87 -6.80
CA VAL D 402 -11.04 58.76 -7.01
C VAL D 402 -11.09 58.45 -8.51
N GLY D 403 -11.68 57.32 -8.84
CA GLY D 403 -11.75 56.92 -10.22
C GLY D 403 -12.65 55.72 -10.43
N SER D 404 -12.47 55.10 -11.59
CA SER D 404 -13.20 53.91 -12.09
C SER D 404 -14.69 54.27 -12.17
N TYR D 405 -15.59 53.35 -11.81
CA TYR D 405 -17.02 53.57 -11.95
C TYR D 405 -17.70 52.99 -10.71
N LEU D 406 -19.03 52.92 -10.76
CA LEU D 406 -19.79 52.50 -9.58
C LEU D 406 -19.74 50.98 -9.39
N GLY D 407 -20.30 50.24 -10.34
CA GLY D 407 -20.47 48.81 -10.17
C GLY D 407 -21.90 48.47 -9.79
N GLN D 408 -22.69 48.04 -10.78
CA GLN D 408 -24.12 47.75 -10.68
C GLN D 408 -24.90 48.92 -10.10
N VAL D 409 -25.17 48.88 -8.79
CA VAL D 409 -25.95 49.92 -8.12
C VAL D 409 -25.10 50.50 -7.00
N SER D 410 -25.57 51.62 -6.46
CA SER D 410 -24.86 52.24 -5.35
C SER D 410 -25.46 51.78 -4.02
N PRO D 411 -24.66 51.75 -2.95
CA PRO D 411 -25.23 51.47 -1.63
C PRO D 411 -25.92 52.67 -0.98
N ASN D 412 -25.77 53.87 -1.54
CA ASN D 412 -26.36 55.06 -0.93
C ASN D 412 -27.85 55.15 -1.16
N ASN D 413 -28.32 54.73 -2.34
CA ASN D 413 -29.72 54.89 -2.72
C ASN D 413 -30.56 53.66 -2.40
N LEU D 414 -30.07 52.78 -1.53
CA LEU D 414 -30.75 51.54 -1.18
C LEU D 414 -31.32 51.65 0.22
N THR D 415 -32.38 50.88 0.48
CA THR D 415 -32.98 50.89 1.82
C THR D 415 -32.07 50.18 2.81
N ILE D 416 -32.10 50.65 4.05
CA ILE D 416 -31.23 50.16 5.12
C ILE D 416 -32.10 49.65 6.26
N GLU D 417 -31.80 48.44 6.74
CA GLU D 417 -32.51 47.82 7.86
C GLU D 417 -31.49 47.22 8.82
N ILE D 418 -31.78 47.32 10.12
CA ILE D 418 -30.79 47.01 11.14
C ILE D 418 -31.45 46.18 12.25
N GLY D 419 -30.64 45.55 13.11
CA GLY D 419 -31.15 44.73 14.19
C GLY D 419 -30.50 45.03 15.53
N PRO D 420 -30.91 44.31 16.56
CA PRO D 420 -30.46 44.62 17.93
C PRO D 420 -29.03 44.14 18.18
N PRO D 421 -28.30 44.80 19.06
CA PRO D 421 -26.98 44.32 19.47
C PRO D 421 -27.03 43.47 20.75
N VAL D 422 -25.92 42.80 21.01
CA VAL D 422 -25.77 41.96 22.20
C VAL D 422 -24.28 41.77 22.43
N TYR D 423 -23.91 41.39 23.66
CA TYR D 423 -22.50 41.25 24.03
C TYR D 423 -22.33 40.00 24.89
N THR D 424 -21.14 39.89 25.50
CA THR D 424 -20.79 38.81 26.40
C THR D 424 -21.34 39.08 27.81
N GLU D 425 -20.80 38.37 28.82
CA GLU D 425 -21.14 38.47 30.23
C GLU D 425 -22.61 38.10 30.45
N PRO D 426 -22.92 36.79 30.55
CA PRO D 426 -24.30 36.33 30.44
C PRO D 426 -25.20 36.56 31.65
N VAL D 427 -24.87 37.54 32.48
CA VAL D 427 -25.77 37.97 33.55
C VAL D 427 -27.10 38.49 32.98
N ASP D 428 -27.08 39.05 31.77
CA ASP D 428 -28.33 39.39 31.11
C ASP D 428 -29.05 38.12 30.64
N ILE D 429 -28.30 37.10 30.22
CA ILE D 429 -28.89 35.78 29.96
C ILE D 429 -29.34 35.14 31.27
N THR D 430 -28.69 35.46 32.38
CA THR D 430 -29.16 35.00 33.68
C THR D 430 -30.49 35.65 34.06
N ASN D 431 -30.64 36.95 33.78
CA ASN D 431 -31.94 37.60 33.99
C ASN D 431 -32.99 37.08 33.02
N GLN D 432 -32.57 36.71 31.80
CA GLN D 432 -33.48 36.06 30.87
C GLN D 432 -33.90 34.67 31.37
N LEU D 433 -32.99 33.98 32.04
CA LEU D 433 -33.30 32.68 32.64
C LEU D 433 -34.30 32.85 33.78
N GLY D 434 -34.10 33.86 34.63
CA GLY D 434 -35.09 34.15 35.67
C GLY D 434 -36.42 34.62 35.11
N ASN D 435 -36.36 35.31 33.96
CA ASN D 435 -37.56 35.66 33.21
C ASN D 435 -38.29 34.40 32.75
N ILE D 436 -37.56 33.37 32.32
CA ILE D 436 -38.18 32.10 31.95
C ILE D 436 -38.78 31.42 33.19
N ASN D 437 -38.06 31.46 34.32
CA ASN D 437 -38.54 30.93 35.59
C ASN D 437 -39.87 31.55 36.01
N GLU D 438 -40.01 32.87 35.89
CA GLU D 438 -41.31 33.46 36.17
C GLU D 438 -42.30 33.29 35.02
N THR D 439 -41.80 33.13 33.79
CA THR D 439 -42.64 33.18 32.60
C THR D 439 -43.42 31.89 32.41
N LEU D 440 -42.77 30.74 32.69
CA LEU D 440 -43.40 29.45 32.42
C LEU D 440 -44.60 29.19 33.33
N SER D 441 -44.63 29.81 34.50
CA SER D 441 -45.81 29.73 35.36
C SER D 441 -46.58 31.04 35.40
N LYS D 442 -46.07 32.10 34.73
CA LYS D 442 -46.91 33.20 34.20
C LYS D 442 -47.87 32.72 33.11
N THR D 443 -47.46 31.70 32.34
CA THR D 443 -48.35 31.15 31.33
C THR D 443 -49.53 30.43 31.95
N LEU D 444 -49.27 29.48 32.85
CA LEU D 444 -50.31 28.60 33.39
C LEU D 444 -50.97 29.20 34.63
N ASP D 445 -51.47 30.43 34.48
CA ASP D 445 -52.26 31.05 35.55
C ASP D 445 -53.70 31.30 35.11
N LEU D 446 -53.89 32.02 34.01
CA LEU D 446 -55.21 32.46 33.58
C LEU D 446 -55.50 32.14 32.12
N ILE D 447 -55.00 31.03 31.59
CA ILE D 447 -55.35 30.61 30.24
C ILE D 447 -56.83 30.26 30.15
N LYS D 448 -57.30 29.45 31.08
CA LYS D 448 -58.67 28.97 31.06
C LYS D 448 -59.58 29.83 31.93
N GLN D 449 -60.61 29.21 32.52
CA GLN D 449 -61.41 29.88 33.53
C GLN D 449 -62.72 30.40 32.94
N VAL E 1 -20.30 7.20 37.02
CA VAL E 1 -20.16 7.36 35.58
C VAL E 1 -20.21 5.99 34.89
N ASP E 2 -20.93 5.92 33.77
CA ASP E 2 -20.97 4.72 32.95
C ASP E 2 -20.14 4.94 31.69
N PHE E 3 -19.69 3.83 31.10
CA PHE E 3 -18.94 3.87 29.86
C PHE E 3 -19.65 3.18 28.71
N GLU E 4 -20.83 2.61 28.94
CA GLU E 4 -21.58 1.97 27.86
C GLU E 4 -22.39 2.99 27.08
N ARG E 5 -23.26 3.73 27.78
CA ARG E 5 -24.03 4.79 27.12
C ARG E 5 -23.13 5.94 26.70
N LEU E 6 -22.06 6.20 27.44
CA LEU E 6 -21.16 7.30 27.12
C LEU E 6 -20.30 6.98 25.91
N ALA E 7 -20.05 5.70 25.63
CA ALA E 7 -19.47 5.32 24.34
C ALA E 7 -20.53 5.20 23.26
N SER E 8 -21.78 4.95 23.66
CA SER E 8 -22.89 4.92 22.71
C SER E 8 -23.15 6.31 22.14
N ILE E 9 -22.89 7.36 22.92
CA ILE E 9 -22.97 8.72 22.37
C ILE E 9 -21.67 9.10 21.67
N GLY E 10 -20.58 8.38 21.91
CA GLY E 10 -19.36 8.59 21.14
C GLY E 10 -18.11 8.92 21.94
N GLY E 11 -18.19 8.88 23.28
CA GLY E 11 -17.04 9.19 24.10
C GLY E 11 -16.37 7.95 24.67
N ILE E 12 -15.08 7.79 24.43
CA ILE E 12 -14.37 6.58 24.79
C ILE E 12 -13.52 6.88 26.01
N LYS E 13 -13.54 5.98 27.00
CA LYS E 13 -12.77 6.16 28.22
C LYS E 13 -11.27 6.04 27.91
N GLY E 14 -10.53 7.09 28.21
CA GLY E 14 -9.09 7.11 27.98
C GLY E 14 -8.33 6.52 29.14
N HIS E 15 -7.10 7.01 29.32
CA HIS E 15 -6.28 6.55 30.43
C HIS E 15 -6.76 7.15 31.74
N SER E 16 -6.53 6.43 32.82
CA SER E 16 -6.82 6.89 34.17
C SER E 16 -5.50 7.20 34.86
N LYS E 17 -5.31 8.45 35.25
CA LYS E 17 -4.10 8.90 35.91
C LYS E 17 -4.45 9.45 37.28
N LEU E 18 -3.43 9.85 38.02
CA LEU E 18 -3.62 10.33 39.37
C LEU E 18 -3.54 11.86 39.40
N TYR E 19 -3.79 12.42 40.59
CA TYR E 19 -3.72 13.86 40.80
C TYR E 19 -2.80 14.14 41.97
N LYS E 20 -1.82 15.03 41.75
CA LYS E 20 -0.88 15.42 42.79
C LYS E 20 -0.75 16.93 42.82
N ILE E 21 -0.62 17.47 44.03
CA ILE E 21 -0.56 18.91 44.27
C ILE E 21 0.78 19.21 44.93
N LYS E 22 1.41 20.30 44.53
CA LYS E 22 2.58 20.77 45.24
C LYS E 22 2.19 21.27 46.62
N GLY E 23 2.88 20.77 47.65
CA GLY E 23 2.57 21.14 49.01
C GLY E 23 3.77 21.01 49.91
N HIS E 24 3.75 21.80 51.00
CA HIS E 24 4.77 21.93 52.03
C HIS E 24 6.15 22.21 51.43
N PRO E 25 6.43 23.44 50.98
CA PRO E 25 7.79 23.76 50.53
C PRO E 25 8.67 24.28 51.66
N THR E 26 9.90 23.80 51.69
CA THR E 26 10.89 24.31 52.64
C THR E 26 11.63 25.48 52.00
N THR E 27 12.45 26.16 52.80
CA THR E 27 13.10 27.39 52.37
C THR E 27 14.61 27.22 52.37
N LYS E 28 15.26 27.76 51.33
CA LYS E 28 16.71 27.83 51.28
C LYS E 28 17.11 29.19 50.72
N ASP E 29 18.21 29.73 51.24
CA ASP E 29 18.61 31.10 50.93
C ASP E 29 19.78 31.10 49.96
N ILE E 30 19.63 31.85 48.87
CA ILE E 30 20.70 32.08 47.91
C ILE E 30 21.01 33.57 47.89
N VAL E 31 22.17 33.90 47.34
CA VAL E 31 22.56 35.29 47.11
C VAL E 31 23.02 35.46 45.68
N ILE E 32 22.65 36.60 45.08
CA ILE E 32 22.95 36.91 43.69
C ILE E 32 23.66 38.25 43.65
N LYS E 33 24.93 38.25 43.28
CA LYS E 33 25.67 39.48 43.10
C LYS E 33 25.52 39.97 41.66
N LEU E 34 25.68 41.28 41.46
CA LEU E 34 25.40 41.91 40.18
C LEU E 34 26.57 42.65 39.57
N VAL E 35 27.50 43.16 40.37
CA VAL E 35 28.68 43.86 39.86
C VAL E 35 29.73 42.82 39.49
N PRO E 36 30.13 42.71 38.22
CA PRO E 36 31.07 41.67 37.80
C PRO E 36 32.47 41.92 38.35
N ASN E 37 32.92 41.03 39.22
CA ASN E 37 34.21 41.18 39.88
C ASN E 37 35.32 40.83 38.89
N LEU E 38 35.99 41.86 38.38
CA LEU E 38 37.15 41.69 37.52
C LEU E 38 38.40 41.91 38.35
N ASN E 39 39.36 40.99 38.24
CA ASN E 39 40.60 41.07 38.99
C ASN E 39 41.78 41.07 38.05
N ASN E 40 41.68 40.29 36.97
CA ASN E 40 42.71 40.26 35.95
C ASN E 40 42.69 41.49 35.07
N LEU E 41 41.56 42.20 35.00
CA LEU E 41 41.38 43.32 34.10
C LEU E 41 41.67 44.67 34.76
N THR E 42 42.50 44.70 35.80
CA THR E 42 42.85 45.96 36.43
C THR E 42 43.84 46.78 35.60
N VAL E 43 44.46 46.18 34.59
CA VAL E 43 45.37 46.93 33.72
C VAL E 43 44.59 47.88 32.82
N CYS E 44 43.54 47.36 32.16
CA CYS E 44 42.74 48.15 31.23
C CYS E 44 41.26 47.87 31.50
N SER E 45 40.65 48.67 32.38
CA SER E 45 39.22 48.62 32.62
C SER E 45 38.53 49.97 32.47
N GLU E 46 39.25 51.08 32.62
CA GLU E 46 38.81 52.48 32.49
C GLU E 46 37.69 52.72 33.50
N MET E 47 36.66 53.50 33.17
CA MET E 47 35.58 53.84 34.08
C MET E 47 34.23 53.37 33.54
N SER E 48 34.23 52.28 32.76
CA SER E 48 33.00 51.72 32.21
C SER E 48 32.12 51.08 33.28
N ILE E 49 32.68 50.76 34.45
CA ILE E 49 31.89 50.23 35.56
C ILE E 49 30.97 51.31 36.12
N ASP E 50 31.37 52.58 36.03
CA ASP E 50 30.60 53.67 36.62
C ASP E 50 29.27 53.88 35.91
N GLY E 51 29.25 53.76 34.58
CA GLY E 51 28.00 53.87 33.85
C GLY E 51 27.04 52.73 34.16
N TYR E 52 27.58 51.52 34.30
CA TYR E 52 26.76 50.37 34.69
C TYR E 52 26.21 50.54 36.10
N LEU E 53 27.01 51.07 37.03
CA LEU E 53 26.55 51.33 38.38
C LEU E 53 25.47 52.40 38.41
N ASN E 54 25.63 53.45 37.61
CA ASN E 54 24.61 54.49 37.50
C ASN E 54 23.33 53.96 36.88
N LEU E 55 23.46 52.98 35.97
CA LEU E 55 22.27 52.37 35.39
C LEU E 55 21.54 51.48 36.40
N ILE E 56 22.29 50.70 37.20
CA ILE E 56 21.65 49.74 38.10
C ILE E 56 21.24 50.32 39.45
N ASN E 57 21.74 51.51 39.82
CA ASN E 57 21.35 52.10 41.09
C ASN E 57 19.88 52.49 41.12
N ALA E 58 19.34 52.96 39.98
CA ALA E 58 17.94 53.34 39.87
C ALA E 58 17.00 52.15 39.98
N VAL E 59 17.49 50.92 39.84
CA VAL E 59 16.72 49.72 40.10
C VAL E 59 16.96 49.19 41.52
N ILE E 60 18.21 49.23 41.98
CA ILE E 60 18.56 48.60 43.26
C ILE E 60 18.02 49.42 44.43
N ILE E 61 18.23 50.74 44.39
CA ILE E 61 17.89 51.59 45.55
C ILE E 61 16.40 51.65 45.88
N PRO E 62 15.48 51.93 44.93
CA PRO E 62 14.06 51.98 45.34
C PRO E 62 13.48 50.64 45.73
N ILE E 63 14.01 49.54 45.18
CA ILE E 63 13.60 48.20 45.59
C ILE E 63 13.97 47.96 47.06
N SER E 64 15.19 48.35 47.44
CA SER E 64 15.63 48.23 48.83
C SER E 64 14.83 49.15 49.76
N GLN E 65 14.52 50.36 49.29
CA GLN E 65 13.73 51.30 50.10
C GLN E 65 12.30 50.79 50.31
N SER E 66 11.69 50.24 49.27
CA SER E 66 10.37 49.63 49.42
C SER E 66 10.41 48.40 50.31
N LEU E 67 11.50 47.63 50.25
CA LEU E 67 11.63 46.45 51.09
C LEU E 67 11.74 46.81 52.57
N GLU E 68 12.58 47.80 52.90
CA GLU E 68 12.67 48.21 54.30
C GLU E 68 11.44 48.98 54.75
N LEU E 69 10.74 49.65 53.83
CA LEU E 69 9.47 50.28 54.15
C LEU E 69 8.41 49.25 54.52
N MET E 70 8.37 48.13 53.78
CA MET E 70 7.47 47.05 54.15
C MET E 70 7.95 46.33 55.41
N ARG E 71 9.26 46.36 55.66
CA ARG E 71 9.80 45.79 56.89
C ARG E 71 9.40 46.59 58.12
N ASN E 72 9.25 47.90 57.98
CA ASN E 72 8.88 48.74 59.13
C ASN E 72 7.44 48.51 59.58
N ASN E 73 6.58 47.96 58.71
CA ASN E 73 5.15 47.90 59.00
C ASN E 73 4.74 46.71 59.86
N VAL E 74 5.69 45.89 60.31
CA VAL E 74 5.40 44.76 61.18
C VAL E 74 6.20 44.90 62.46
N LYS E 75 5.59 44.55 63.60
CA LYS E 75 6.24 44.61 64.89
C LYS E 75 5.95 43.33 65.66
N ASP E 76 6.86 43.00 66.58
CA ASP E 76 6.68 41.85 67.44
C ASP E 76 6.31 42.34 68.84
N GLY E 77 6.24 41.42 69.80
CA GLY E 77 5.88 41.78 71.15
C GLY E 77 4.65 41.03 71.64
N THR E 78 4.36 41.12 72.94
CA THR E 78 3.23 40.40 73.51
C THR E 78 1.99 41.28 73.54
N PRO E 79 0.88 40.85 72.92
CA PRO E 79 -0.41 41.47 73.19
C PRO E 79 -1.03 40.85 74.43
N ASN E 80 -1.06 41.62 75.53
CA ASN E 80 -1.31 41.27 76.94
C ASN E 80 -1.16 39.79 77.30
N GLU E 81 -2.25 39.03 77.37
CA GLU E 81 -2.18 37.63 77.75
C GLU E 81 -1.61 36.75 76.64
N ASN E 82 -1.76 37.12 75.37
CA ASN E 82 -1.16 36.36 74.29
C ASN E 82 0.36 36.57 74.25
N ILE E 83 1.06 35.55 73.74
CA ILE E 83 2.51 35.53 73.87
C ILE E 83 3.20 36.30 72.75
N PHE E 84 2.84 36.04 71.49
CA PHE E 84 3.51 36.62 70.33
C PHE E 84 2.54 36.58 69.15
N GLY E 85 3.07 36.75 67.94
CA GLY E 85 2.24 36.65 66.75
C GLY E 85 2.57 37.59 65.62
N ALA E 86 3.59 38.45 65.82
CA ALA E 86 4.12 39.37 64.81
C ALA E 86 3.04 40.33 64.30
N ILE E 87 2.65 41.23 65.22
CA ILE E 87 1.52 42.14 65.00
C ILE E 87 1.84 43.07 63.82
N VAL E 88 0.96 43.08 62.84
CA VAL E 88 1.14 43.89 61.64
C VAL E 88 0.45 45.23 61.87
N ALA E 89 1.20 46.32 61.73
CA ALA E 89 0.64 47.67 61.91
C ALA E 89 -0.21 48.00 60.69
N GLY E 90 -1.53 47.74 60.81
CA GLY E 90 -2.42 47.81 59.67
C GLY E 90 -2.70 49.21 59.17
N ALA E 91 -2.41 50.24 59.98
CA ALA E 91 -2.53 51.61 59.51
C ALA E 91 -1.46 51.98 58.49
N ALA E 92 -0.34 51.25 58.47
CA ALA E 92 0.75 51.48 57.54
C ALA E 92 0.70 50.57 56.33
N LEU E 93 -0.47 50.02 56.01
CA LEU E 93 -0.63 49.11 54.88
C LEU E 93 -1.52 49.64 53.77
N GLY E 94 -2.44 50.56 54.08
CA GLY E 94 -3.36 51.04 53.06
C GLY E 94 -4.43 50.01 52.74
N ILE E 95 -4.31 49.35 51.60
CA ILE E 95 -5.14 48.20 51.25
C ILE E 95 -4.20 47.02 51.00
N ALA E 96 -4.43 45.92 51.73
CA ALA E 96 -3.56 44.76 51.66
C ALA E 96 -4.39 43.50 51.55
N THR E 97 -3.78 42.46 50.97
CA THR E 97 -4.39 41.16 50.79
C THR E 97 -3.77 40.15 51.74
N ALA E 98 -4.31 38.92 51.72
CA ALA E 98 -3.82 37.86 52.59
C ALA E 98 -2.42 37.43 52.21
N ALA E 99 -2.12 37.36 50.91
CA ALA E 99 -0.80 36.94 50.46
C ALA E 99 0.27 37.98 50.81
N GLN E 100 -0.09 39.26 50.77
CA GLN E 100 0.84 40.30 51.19
C GLN E 100 1.13 40.22 52.68
N VAL E 101 0.11 39.92 53.49
CA VAL E 101 0.29 39.73 54.93
C VAL E 101 1.19 38.53 55.20
N THR E 102 0.97 37.43 54.46
CA THR E 102 1.80 36.24 54.60
C THR E 102 3.25 36.52 54.21
N SER E 103 3.45 37.33 53.15
CA SER E 103 4.80 37.71 52.74
C SER E 103 5.48 38.58 53.79
N VAL E 104 4.72 39.51 54.39
CA VAL E 104 5.28 40.35 55.44
C VAL E 104 5.68 39.51 56.66
N VAL E 105 4.86 38.51 57.00
CA VAL E 105 5.20 37.57 58.07
C VAL E 105 6.44 36.76 57.70
N ALA E 106 6.58 36.40 56.42
CA ALA E 106 7.75 35.66 55.96
C ALA E 106 9.04 36.48 56.09
N LEU E 107 8.99 37.76 55.70
CA LEU E 107 10.17 38.61 55.88
C LEU E 107 10.44 38.90 57.36
N HIS E 108 9.39 39.00 58.18
CA HIS E 108 9.59 39.15 59.62
C HIS E 108 10.24 37.91 60.23
N LYS E 109 9.92 36.74 59.69
CA LYS E 109 10.59 35.51 60.08
C LYS E 109 12.05 35.49 59.61
N SER E 110 12.31 36.04 58.42
CA SER E 110 13.61 35.91 57.77
C SER E 110 14.54 37.10 58.00
N ASN E 111 14.14 38.08 58.81
CA ASN E 111 15.03 39.21 59.13
C ASN E 111 16.34 38.77 59.78
N GLN E 112 16.27 37.82 60.71
CA GLN E 112 17.45 37.35 61.43
C GLN E 112 18.42 36.63 60.50
N ASN E 113 17.89 35.75 59.63
CA ASN E 113 18.76 35.04 58.70
C ASN E 113 19.29 35.97 57.61
N ALA E 114 18.51 36.97 57.21
CA ALA E 114 18.99 37.97 56.26
C ALA E 114 20.13 38.79 56.86
N ALA E 115 20.03 39.14 58.14
CA ALA E 115 21.12 39.85 58.81
C ALA E 115 22.35 38.95 58.97
N LYS E 116 22.12 37.65 59.22
CA LYS E 116 23.22 36.69 59.33
C LYS E 116 23.97 36.56 58.00
N ILE E 117 23.25 36.54 56.89
CA ILE E 117 23.89 36.51 55.57
C ILE E 117 24.56 37.85 55.28
N ASN E 118 23.91 38.96 55.65
CA ASN E 118 24.43 40.30 55.42
C ASN E 118 25.70 40.59 56.22
N SER E 119 25.94 39.83 57.29
CA SER E 119 27.19 39.95 58.04
C SER E 119 28.42 39.50 57.25
N LEU E 120 28.26 38.81 56.11
CA LEU E 120 29.36 38.30 55.30
C LEU E 120 29.42 39.01 53.96
N ARG E 121 29.25 40.34 53.98
CA ARG E 121 29.20 41.13 52.75
C ARG E 121 30.56 41.19 52.06
N ASP E 122 31.65 41.31 52.83
CA ASP E 122 32.98 41.30 52.25
C ASP E 122 33.34 39.91 51.73
N SER E 123 32.76 38.85 52.30
CA SER E 123 32.91 37.53 51.72
C SER E 123 32.12 37.42 50.42
N ILE E 124 30.99 38.10 50.31
CA ILE E 124 30.18 38.07 49.09
C ILE E 124 30.91 38.78 47.94
N THR E 125 31.49 39.94 48.21
CA THR E 125 32.05 40.76 47.13
C THR E 125 33.42 40.30 46.65
N LYS E 126 34.05 39.32 47.31
CA LYS E 126 35.40 38.91 46.96
C LYS E 126 35.44 37.72 46.01
N THR E 127 34.30 37.22 45.58
CA THR E 127 34.28 36.04 44.72
C THR E 127 34.73 36.39 43.30
N ASN E 128 35.63 35.56 42.75
CA ASN E 128 36.11 35.73 41.38
C ASN E 128 35.77 34.54 40.50
N GLN E 129 34.96 33.61 40.98
CA GLN E 129 34.51 32.46 40.21
C GLN E 129 33.05 32.60 39.85
N ALA E 130 32.60 31.75 38.93
CA ALA E 130 31.21 31.76 38.47
C ALA E 130 30.25 31.38 39.59
N VAL E 131 30.32 30.13 40.07
CA VAL E 131 29.51 29.65 41.18
C VAL E 131 30.44 29.00 42.20
N GLU E 132 30.33 29.43 43.46
CA GLU E 132 31.07 28.79 44.53
C GLU E 132 30.30 28.95 45.84
N GLN E 133 30.81 28.31 46.90
CA GLN E 133 30.11 28.24 48.17
C GLN E 133 30.97 28.85 49.27
N LEU E 134 30.30 29.45 50.26
CA LEU E 134 30.94 29.95 51.46
C LEU E 134 30.18 29.45 52.68
N SER E 135 30.92 29.24 53.78
CA SER E 135 30.34 28.66 54.99
C SER E 135 29.53 29.72 55.73
N LEU E 136 28.20 29.56 55.74
CA LEU E 136 27.34 30.44 56.51
C LEU E 136 27.49 30.18 58.01
N GLY E 137 27.56 28.93 58.40
CA GLY E 137 27.72 28.55 59.79
C GLY E 137 28.48 27.24 59.90
N VAL E 138 28.24 26.52 60.99
CA VAL E 138 28.88 25.22 61.18
C VAL E 138 28.26 24.18 60.25
N GLN E 139 26.97 24.31 59.93
CA GLN E 139 26.28 23.34 59.10
C GLN E 139 25.47 23.98 57.96
N GLU E 140 25.49 25.30 57.82
CA GLU E 140 24.81 25.98 56.75
C GLU E 140 25.83 26.68 55.84
N THR E 141 25.47 26.83 54.56
CA THR E 141 26.34 27.45 53.59
C THR E 141 25.51 28.30 52.64
N VAL E 142 26.19 29.19 51.93
CA VAL E 142 25.55 30.07 50.96
C VAL E 142 26.01 29.69 49.56
N SER E 143 25.26 30.17 48.57
CA SER E 143 25.38 29.74 47.18
C SER E 143 25.55 30.94 46.27
N VAL E 144 26.55 31.78 46.56
CA VAL E 144 26.86 32.94 45.73
C VAL E 144 27.24 32.49 44.31
N LEU E 145 26.73 33.21 43.32
CA LEU E 145 26.83 32.71 41.95
C LEU E 145 26.74 33.86 40.95
N MET E 146 27.34 33.62 39.77
CA MET E 146 27.16 34.42 38.58
C MET E 146 27.26 33.54 37.35
N GLY E 147 26.48 33.86 36.33
CA GLY E 147 26.61 33.22 35.04
C GLY E 147 27.62 33.92 34.15
N LEU E 148 27.83 35.22 34.40
CA LEU E 148 28.73 36.01 33.58
C LEU E 148 30.09 36.26 34.22
N GLN E 149 30.35 35.73 35.41
CA GLN E 149 31.70 35.81 35.95
C GLN E 149 32.68 35.00 35.11
N ASP E 150 32.23 33.85 34.60
CA ASP E 150 33.07 33.02 33.74
C ASP E 150 33.38 33.68 32.41
N GLN E 151 32.47 34.54 31.92
CA GLN E 151 32.67 35.20 30.63
C GLN E 151 33.78 36.24 30.67
N ILE E 152 34.11 36.77 31.85
CA ILE E 152 35.27 37.63 32.00
C ILE E 152 36.23 36.85 32.91
N ASN E 153 36.22 35.53 32.74
CA ASN E 153 37.30 34.68 33.23
C ASN E 153 37.76 33.64 32.22
N THR E 154 37.13 33.55 31.05
CA THR E 154 37.63 32.67 30.00
C THR E 154 37.62 33.29 28.61
N ASN E 155 37.01 34.45 28.40
CA ASN E 155 36.92 35.06 27.09
C ASN E 155 37.65 36.39 27.01
N LEU E 156 37.35 37.32 27.91
CA LEU E 156 37.93 38.66 27.85
C LEU E 156 39.27 38.74 28.57
N VAL E 157 39.54 37.82 29.49
CA VAL E 157 40.84 37.68 30.15
C VAL E 157 41.99 37.33 29.20
N PRO E 158 41.93 36.31 28.32
CA PRO E 158 43.12 36.01 27.49
C PRO E 158 43.47 37.07 26.46
N LYS E 159 42.54 37.95 26.10
CA LYS E 159 42.85 39.08 25.23
C LYS E 159 43.22 40.32 26.04
N ILE E 160 44.16 40.16 26.96
CA ILE E 160 44.54 41.27 27.84
C ILE E 160 45.53 42.20 27.15
N ASN E 161 46.44 41.67 26.33
CA ASN E 161 47.45 42.48 25.66
C ASN E 161 47.48 42.30 24.15
N ILE E 162 46.85 41.26 23.61
CA ILE E 162 46.80 41.11 22.16
C ILE E 162 45.89 42.16 21.53
N LEU E 163 44.75 42.43 22.16
CA LEU E 163 43.78 43.39 21.67
C LEU E 163 43.92 44.71 22.42
N SER E 164 43.54 45.80 21.76
CA SER E 164 43.68 47.14 22.31
C SER E 164 42.70 47.37 23.46
N CYS E 165 43.11 48.21 24.41
CA CYS E 165 42.34 48.42 25.62
C CYS E 165 41.02 49.15 25.38
N LYS E 166 40.96 50.02 24.36
CA LYS E 166 39.69 50.67 24.05
C LYS E 166 38.70 49.71 23.43
N GLN E 167 39.19 48.69 22.71
CA GLN E 167 38.28 47.66 22.19
C GLN E 167 37.75 46.79 23.31
N LEU E 168 38.59 46.49 24.31
CA LEU E 168 38.12 45.78 25.50
C LEU E 168 37.10 46.59 26.27
N SER E 169 37.33 47.91 26.38
CA SER E 169 36.39 48.80 27.06
C SER E 169 35.06 48.87 26.31
N ASN E 170 35.10 48.93 24.98
CA ASN E 170 33.87 48.99 24.20
C ASN E 170 33.13 47.65 24.23
N THR E 171 33.85 46.53 24.20
CA THR E 171 33.22 45.22 24.30
C THR E 171 32.58 45.03 25.67
N LEU E 172 33.26 45.47 26.73
CA LEU E 172 32.68 45.46 28.06
C LEU E 172 31.46 46.37 28.15
N ASN E 173 31.50 47.53 27.47
CA ASN E 173 30.35 48.43 27.44
C ASN E 173 29.14 47.79 26.77
N ILE E 174 29.36 47.14 25.62
CA ILE E 174 28.26 46.51 24.89
C ILE E 174 27.69 45.33 25.70
N MET E 175 28.56 44.55 26.33
CA MET E 175 28.09 43.40 27.09
C MET E 175 27.40 43.85 28.38
N LEU E 176 27.84 44.97 28.95
CA LEU E 176 27.20 45.48 30.16
C LEU E 176 25.83 46.10 29.85
N LEU E 177 25.69 46.78 28.72
CA LEU E 177 24.37 47.24 28.28
C LEU E 177 23.44 46.06 27.99
N GLN E 178 23.97 44.99 27.37
CA GLN E 178 23.15 43.81 27.11
C GLN E 178 22.69 43.15 28.42
N TYR E 179 23.61 43.00 29.38
CA TYR E 179 23.21 42.37 30.64
C TYR E 179 22.32 43.28 31.48
N TYR E 180 22.54 44.59 31.43
CA TYR E 180 21.63 45.51 32.12
C TYR E 180 20.24 45.47 31.52
N SER E 181 20.15 45.29 30.20
CA SER E 181 18.87 44.99 29.57
C SER E 181 18.30 43.66 30.05
N GLN E 182 19.15 42.68 30.35
CA GLN E 182 18.65 41.40 30.87
C GLN E 182 18.03 41.55 32.27
N ILE E 183 18.71 42.27 33.17
CA ILE E 183 18.13 42.55 34.49
C ILE E 183 16.86 43.42 34.38
N LEU E 184 16.84 44.39 33.46
CA LEU E 184 15.60 45.14 33.25
C LEU E 184 14.49 44.27 32.65
N THR E 185 14.85 43.23 31.91
CA THR E 185 13.86 42.31 31.38
C THR E 185 13.28 41.43 32.48
N VAL E 186 14.13 40.88 33.33
CA VAL E 186 13.65 39.83 34.24
C VAL E 186 12.94 40.41 35.46
N PHE E 187 13.39 41.56 35.96
CA PHE E 187 12.75 42.19 37.11
C PHE E 187 11.75 43.26 36.68
N GLY E 188 10.82 42.88 35.82
CA GLY E 188 9.81 43.80 35.33
C GLY E 188 8.74 44.12 36.35
N PRO E 189 7.89 43.14 36.68
CA PRO E 189 6.85 43.37 37.70
C PRO E 189 7.37 43.49 39.12
N ASN E 190 8.64 43.14 39.38
CA ASN E 190 9.18 43.22 40.73
C ASN E 190 9.39 44.66 41.20
N LEU E 191 9.47 45.62 40.27
CA LEU E 191 9.73 47.00 40.66
C LEU E 191 8.53 47.68 41.30
N ARG E 192 7.31 47.17 41.08
CA ARG E 192 6.13 47.77 41.70
C ARG E 192 6.12 47.53 43.20
N ASP E 193 6.31 46.29 43.63
CA ASP E 193 6.48 45.95 45.04
C ASP E 193 7.30 44.67 45.17
N PRO E 194 8.59 44.78 45.52
CA PRO E 194 9.50 43.62 45.53
C PRO E 194 9.44 42.78 46.81
N ALA E 195 8.24 42.57 47.34
CA ALA E 195 8.05 41.70 48.48
C ALA E 195 6.95 40.69 48.22
N THR E 196 5.91 41.13 47.52
CA THR E 196 4.71 40.32 47.32
C THR E 196 4.70 39.58 45.98
N VAL E 197 5.66 39.83 45.11
CA VAL E 197 5.73 39.21 43.79
C VAL E 197 6.72 38.07 43.84
N PRO E 198 6.33 36.84 43.52
CA PRO E 198 7.28 35.73 43.48
C PRO E 198 8.17 35.81 42.26
N VAL E 199 9.26 35.05 42.30
CA VAL E 199 10.28 35.06 41.25
C VAL E 199 10.38 33.65 40.68
N SER E 200 10.19 33.53 39.37
CA SER E 200 10.31 32.25 38.69
C SER E 200 11.77 31.88 38.50
N ILE E 201 12.05 30.57 38.61
CA ILE E 201 13.41 30.08 38.41
C ILE E 201 13.79 30.09 36.93
N GLN E 202 12.81 30.09 36.02
CA GLN E 202 13.10 30.09 34.59
C GLN E 202 13.65 31.44 34.14
N ALA E 203 13.00 32.53 34.55
CA ALA E 203 13.49 33.86 34.22
C ALA E 203 14.78 34.18 34.97
N LEU E 204 14.97 33.59 36.16
CA LEU E 204 16.24 33.71 36.85
C LEU E 204 17.36 33.01 36.09
N SER E 205 17.08 31.81 35.56
CA SER E 205 18.06 31.10 34.75
C SER E 205 18.30 31.79 33.41
N GLN E 206 17.34 32.58 32.93
CA GLN E 206 17.55 33.37 31.71
C GLN E 206 18.66 34.39 31.88
N LEU E 207 18.93 34.84 33.11
CA LEU E 207 20.10 35.67 33.38
C LEU E 207 21.41 34.91 33.19
N PHE E 208 21.38 33.58 33.26
CA PHE E 208 22.57 32.75 33.15
C PHE E 208 22.45 31.82 31.94
N GLU E 209 21.98 32.38 30.82
CA GLU E 209 21.92 31.72 29.51
C GLU E 209 21.05 30.46 29.51
N GLY E 210 20.00 30.47 30.33
CA GLY E 210 19.03 29.39 30.36
C GLY E 210 19.54 28.06 30.88
N ASN E 211 20.49 28.08 31.81
CA ASN E 211 21.03 26.86 32.40
C ASN E 211 20.26 26.62 33.70
N LEU E 212 19.12 25.92 33.57
CA LEU E 212 18.20 25.75 34.70
C LEU E 212 18.77 24.78 35.73
N GLU E 213 19.28 23.64 35.28
CA GLU E 213 19.70 22.65 36.26
C GLU E 213 21.07 22.95 36.86
N LEU E 214 21.81 23.91 36.31
CA LEU E 214 22.96 24.46 37.04
C LEU E 214 22.49 25.15 38.32
N LEU E 215 21.44 25.96 38.21
CA LEU E 215 20.84 26.59 39.39
C LEU E 215 20.20 25.56 40.30
N THR E 216 19.59 24.52 39.72
CA THR E 216 18.97 23.47 40.51
C THR E 216 20.01 22.65 41.28
N SER E 217 21.14 22.35 40.66
CA SER E 217 22.21 21.62 41.32
C SER E 217 22.93 22.48 42.35
N SER E 218 23.07 23.78 42.09
CA SER E 218 23.62 24.67 43.11
C SER E 218 22.65 24.85 44.27
N LEU E 219 21.35 24.70 44.02
CA LEU E 219 20.37 24.70 45.10
C LEU E 219 20.47 23.42 45.94
N GLY E 220 20.78 22.30 45.30
CA GLY E 220 20.92 21.03 45.98
C GLY E 220 19.79 20.05 45.73
N ILE E 221 18.66 20.52 45.22
CA ILE E 221 17.56 19.63 44.86
C ILE E 221 17.96 18.84 43.61
N SER E 222 17.64 17.54 43.59
CA SER E 222 18.01 16.68 42.48
C SER E 222 16.84 15.79 42.11
N SER E 223 16.49 15.77 40.84
CA SER E 223 15.48 14.85 40.33
C SER E 223 16.10 13.48 40.11
N THR E 224 15.31 12.43 40.39
CA THR E 224 15.81 11.06 40.23
C THR E 224 14.84 10.12 39.53
N ASP E 225 13.58 10.48 39.36
CA ASP E 225 12.60 9.66 38.67
C ASP E 225 12.04 10.41 37.46
N PHE E 226 11.11 9.75 36.77
CA PHE E 226 10.47 10.36 35.60
C PHE E 226 9.60 11.54 35.98
N ASN E 227 8.96 11.48 37.15
CA ASN E 227 7.96 12.48 37.52
C ASN E 227 8.61 13.81 37.91
N ASP E 228 9.84 13.77 38.42
CA ASP E 228 10.54 14.99 38.81
C ASP E 228 11.43 15.54 37.71
N LEU E 229 11.55 14.84 36.57
CA LEU E 229 12.28 15.41 35.45
C LEU E 229 11.50 16.51 34.76
N LEU E 230 10.19 16.29 34.58
CA LEU E 230 9.34 17.33 34.01
C LEU E 230 9.10 18.47 34.99
N THR E 231 9.06 18.16 36.29
CA THR E 231 8.97 19.18 37.31
C THR E 231 10.28 19.94 37.39
N GLY E 232 10.20 21.25 37.60
CA GLY E 232 11.38 22.09 37.53
C GLY E 232 11.06 23.47 36.97
N LYS E 233 9.81 23.64 36.52
CA LYS E 233 9.33 24.92 36.03
C LYS E 233 8.37 25.59 37.01
N LEU E 234 8.43 25.23 38.30
CA LEU E 234 7.48 25.75 39.27
C LEU E 234 8.13 26.12 40.61
N ILE E 235 9.45 26.35 40.63
CA ILE E 235 10.11 26.77 41.85
C ILE E 235 9.77 28.22 42.15
N THR E 236 9.32 28.48 43.37
CA THR E 236 8.87 29.79 43.81
C THR E 236 9.94 30.40 44.72
N GLY E 237 10.29 31.67 44.46
CA GLY E 237 11.24 32.37 45.30
C GLY E 237 10.81 33.81 45.50
N SER E 238 11.24 34.36 46.64
CA SER E 238 10.87 35.72 47.02
C SER E 238 12.12 36.47 47.50
N ILE E 239 12.11 37.78 47.29
CA ILE E 239 13.24 38.63 47.65
C ILE E 239 13.16 38.94 49.14
N ILE E 240 14.26 38.71 49.85
CA ILE E 240 14.33 39.06 51.26
C ILE E 240 15.33 40.17 51.56
N TRP E 241 16.32 40.42 50.69
CA TRP E 241 17.21 41.56 50.91
C TRP E 241 17.75 42.07 49.58
N ALA E 242 17.99 43.37 49.53
CA ALA E 242 18.33 44.09 48.30
C ALA E 242 19.50 45.04 48.53
N ASP E 243 20.62 44.51 49.04
CA ASP E 243 21.71 45.34 49.55
C ASP E 243 22.40 46.15 48.44
N THR E 244 22.53 47.45 48.68
CA THR E 244 23.08 48.41 47.74
C THR E 244 24.59 48.57 47.85
N GLN E 245 25.20 48.07 48.94
CA GLN E 245 26.63 48.28 49.14
C GLN E 245 27.45 47.38 48.23
N GLY E 246 27.29 46.08 48.36
CA GLY E 246 27.88 45.15 47.42
C GLY E 246 27.06 44.92 46.17
N HIS E 247 25.89 45.57 46.09
CA HIS E 247 24.95 45.48 44.96
C HIS E 247 24.51 44.03 44.72
N TYR E 248 23.88 43.45 45.73
CA TYR E 248 23.48 42.06 45.65
C TYR E 248 22.08 41.89 46.23
N LEU E 249 21.45 40.78 45.85
CA LEU E 249 20.11 40.43 46.31
C LEU E 249 20.18 39.10 47.04
N ILE E 250 19.76 39.10 48.29
CA ILE E 250 19.54 37.86 49.03
C ILE E 250 18.12 37.40 48.77
N LEU E 251 17.98 36.17 48.28
CA LEU E 251 16.72 35.60 47.84
C LEU E 251 16.44 34.34 48.65
N ARG E 252 15.16 34.09 48.93
CA ARG E 252 14.72 32.88 49.61
C ARG E 252 13.83 32.11 48.66
N VAL E 253 14.23 30.87 48.35
CA VAL E 253 13.47 30.05 47.42
C VAL E 253 12.83 28.89 48.18
N ASN E 254 11.73 28.40 47.61
CA ASN E 254 10.92 27.35 48.22
C ASN E 254 11.14 26.05 47.47
N ILE E 255 11.88 25.13 48.08
CA ILE E 255 12.05 23.78 47.56
C ILE E 255 10.75 23.03 47.76
N PRO E 256 10.14 22.50 46.70
CA PRO E 256 8.78 21.97 46.80
C PRO E 256 8.71 20.49 47.15
N ASP E 257 7.49 19.98 47.27
CA ASP E 257 7.22 18.56 47.44
C ASP E 257 5.88 18.25 46.81
N LEU E 258 5.80 17.10 46.14
CA LEU E 258 4.59 16.70 45.42
C LEU E 258 3.76 15.78 46.31
N ILE E 259 2.81 16.35 47.04
CA ILE E 259 1.91 15.55 47.86
C ILE E 259 0.78 15.04 46.98
N GLU E 260 0.13 13.97 47.42
CA GLU E 260 -0.93 13.33 46.66
C GLU E 260 -2.26 13.54 47.40
N VAL E 261 -3.24 14.09 46.69
CA VAL E 261 -4.60 14.13 47.22
C VAL E 261 -5.20 12.72 47.15
N PRO E 262 -5.78 12.20 48.23
CA PRO E 262 -6.26 10.81 48.21
C PRO E 262 -7.57 10.65 47.48
N GLY E 263 -7.66 9.57 46.71
CA GLY E 263 -8.88 9.18 46.05
C GLY E 263 -9.19 9.88 44.74
N ALA E 264 -8.42 10.89 44.36
CA ALA E 264 -8.70 11.67 43.16
C ALA E 264 -8.04 11.03 41.96
N VAL E 265 -8.84 10.68 40.97
CA VAL E 265 -8.38 10.06 39.73
C VAL E 265 -8.79 10.95 38.57
N ILE E 266 -7.83 11.33 37.75
CA ILE E 266 -8.07 12.12 36.55
C ILE E 266 -8.37 11.14 35.41
N GLN E 267 -9.53 11.31 34.78
CA GLN E 267 -9.95 10.43 33.70
C GLN E 267 -9.95 11.23 32.40
N GLU E 268 -9.22 10.70 31.41
CA GLU E 268 -9.20 11.27 30.07
C GLU E 268 -10.24 10.58 29.20
N PHE E 269 -10.53 11.20 28.06
CA PHE E 269 -11.53 10.70 27.14
C PHE E 269 -11.09 10.99 25.70
N ILE E 270 -11.58 10.16 24.79
CA ILE E 270 -11.37 10.35 23.35
C ILE E 270 -12.73 10.56 22.73
N LYS E 271 -12.91 11.69 22.06
CA LYS E 271 -14.17 12.05 21.44
C LYS E 271 -14.06 11.85 19.94
N ILE E 272 -14.96 11.04 19.39
CA ILE E 272 -14.98 10.75 17.96
C ILE E 272 -16.28 11.28 17.37
N GLY E 273 -16.25 11.49 16.06
CA GLY E 273 -17.43 11.96 15.35
C GLY E 273 -18.36 10.82 14.97
N TYR E 274 -19.65 11.12 14.95
CA TYR E 274 -20.66 10.13 14.60
C TYR E 274 -21.60 10.70 13.55
N ASN E 275 -21.96 9.88 12.58
CA ASN E 275 -22.80 10.31 11.46
C ASN E 275 -24.26 10.12 11.84
N PHE E 276 -24.93 11.22 12.14
CA PHE E 276 -26.36 11.25 12.42
C PHE E 276 -27.02 12.32 11.57
N GLY E 277 -28.22 12.02 11.08
CA GLY E 277 -28.96 12.96 10.25
C GLY E 277 -28.31 13.27 8.92
N GLY E 278 -27.44 12.39 8.43
CA GLY E 278 -26.65 12.70 7.27
C GLY E 278 -25.55 13.71 7.51
N SER E 279 -25.09 13.86 8.75
CA SER E 279 -24.02 14.81 9.03
C SER E 279 -23.14 14.29 10.14
N LEU E 280 -21.92 14.79 10.20
CA LEU E 280 -20.98 14.42 11.26
C LEU E 280 -21.20 15.30 12.48
N TRP E 281 -21.30 14.67 13.65
CA TRP E 281 -21.52 15.37 14.90
C TRP E 281 -20.44 15.01 15.90
N MET E 282 -20.14 15.96 16.77
CA MET E 282 -19.11 15.88 17.80
C MET E 282 -19.80 16.06 19.14
N PRO E 283 -19.76 15.06 20.03
CA PRO E 283 -20.36 15.23 21.35
C PRO E 283 -19.56 16.22 22.20
N THR E 284 -20.29 16.96 23.04
CA THR E 284 -19.70 18.04 23.85
C THR E 284 -19.63 17.56 25.29
N ILE E 285 -18.55 16.87 25.62
CA ILE E 285 -18.25 16.47 27.00
C ILE E 285 -16.81 16.88 27.28
N PRO E 286 -16.46 17.25 28.52
CA PRO E 286 -15.07 17.62 28.83
C PRO E 286 -14.14 16.43 28.74
N ASN E 287 -12.88 16.72 28.40
CA ASN E 287 -11.90 15.66 28.20
C ASN E 287 -11.44 15.07 29.53
N LYS E 288 -11.30 15.90 30.55
CA LYS E 288 -10.74 15.49 31.82
C LYS E 288 -11.80 15.57 32.91
N ILE E 289 -11.98 14.48 33.65
CA ILE E 289 -12.92 14.44 34.77
C ILE E 289 -12.18 13.91 36.00
N ILE E 290 -12.17 14.70 37.06
CA ILE E 290 -11.61 14.24 38.34
C ILE E 290 -12.71 13.57 39.15
N ILE E 291 -12.44 12.34 39.58
CA ILE E 291 -13.37 11.54 40.37
C ILE E 291 -12.73 11.24 41.71
N ARG E 292 -13.41 11.56 42.80
CA ARG E 292 -12.87 11.35 44.14
C ARG E 292 -14.00 10.90 45.05
N GLY E 293 -14.13 9.58 45.22
CA GLY E 293 -15.14 9.01 46.07
C GLY E 293 -16.57 9.28 45.61
N TYR E 294 -16.82 9.05 44.32
CA TYR E 294 -18.06 9.41 43.62
C TYR E 294 -18.35 10.91 43.77
N HIS E 295 -17.44 11.68 43.17
CA HIS E 295 -17.58 13.14 43.11
C HIS E 295 -16.91 13.63 41.85
N LEU E 296 -17.71 14.09 40.89
CA LEU E 296 -17.20 14.65 39.65
C LEU E 296 -16.95 16.14 39.84
N SER E 297 -15.86 16.62 39.25
CA SER E 297 -15.53 18.04 39.27
C SER E 297 -14.75 18.36 38.00
N LEU E 298 -14.40 19.64 37.83
CA LEU E 298 -13.66 20.11 36.67
C LEU E 298 -12.29 20.59 37.09
N ILE E 299 -11.32 20.39 36.18
CA ILE E 299 -9.97 20.91 36.35
C ILE E 299 -9.54 21.56 35.04
N ASP E 300 -8.51 22.39 35.14
CA ASP E 300 -7.86 22.96 33.96
C ASP E 300 -6.35 22.79 34.06
N SER E 301 -5.75 22.20 33.03
CA SER E 301 -4.30 22.06 32.98
C SER E 301 -3.65 23.20 32.20
N THR E 302 -3.99 24.44 32.58
CA THR E 302 -3.40 25.60 31.93
C THR E 302 -1.98 25.87 32.36
N ASN E 303 -1.57 25.33 33.51
CA ASN E 303 -0.20 25.41 33.99
C ASN E 303 0.37 24.07 34.42
N CYS E 304 -0.47 23.07 34.66
CA CYS E 304 -0.03 21.78 35.17
C CYS E 304 0.63 20.97 34.07
N ILE E 305 1.79 20.39 34.39
CA ILE E 305 2.43 19.41 33.52
C ILE E 305 1.76 18.07 33.69
N ILE E 306 1.75 17.28 32.62
CA ILE E 306 1.12 15.96 32.62
C ILE E 306 2.22 14.92 32.39
N THR E 307 2.38 14.01 33.34
CA THR E 307 3.34 12.93 33.21
C THR E 307 2.65 11.70 32.63
N ASP E 308 3.34 10.57 32.61
CA ASP E 308 2.79 9.35 32.03
C ASP E 308 1.74 8.71 32.92
N ASN E 309 1.75 8.98 34.23
CA ASN E 309 0.93 8.24 35.18
C ASN E 309 0.06 9.12 36.06
N SER E 310 0.27 10.43 36.12
CA SER E 310 -0.45 11.28 37.05
C SER E 310 -0.51 12.70 36.50
N TYR E 311 -1.14 13.58 37.27
CA TYR E 311 -1.21 15.00 36.97
C TYR E 311 -0.46 15.77 38.04
N VAL E 312 0.51 16.58 37.62
CA VAL E 312 1.36 17.34 38.52
C VAL E 312 1.00 18.80 38.37
N CYS E 313 0.45 19.39 39.43
CA CYS E 313 0.02 20.77 39.43
C CYS E 313 0.81 21.57 40.46
N ASP E 314 0.95 22.87 40.18
CA ASP E 314 1.53 23.78 41.15
C ASP E 314 0.61 23.97 42.35
N ARG E 315 -0.70 23.89 42.13
CA ARG E 315 -1.69 24.12 43.16
C ARG E 315 -2.98 23.47 42.68
N ASP E 316 -3.88 23.19 43.63
CA ASP E 316 -5.16 22.55 43.31
C ASP E 316 -6.03 23.48 42.48
N TYR E 317 -6.60 22.94 41.40
CA TYR E 317 -7.39 23.70 40.45
C TYR E 317 -8.74 23.03 40.21
N SER E 318 -9.41 22.67 41.30
CA SER E 318 -10.71 22.02 41.20
C SER E 318 -11.80 23.05 40.92
N LEU E 319 -12.69 22.72 40.00
CA LEU E 319 -13.80 23.58 39.61
C LEU E 319 -15.09 22.77 39.65
N PRO E 320 -16.22 23.39 39.99
CA PRO E 320 -17.48 22.65 40.01
C PRO E 320 -17.96 22.32 38.61
N MET E 321 -18.67 21.20 38.50
CA MET E 321 -19.26 20.76 37.25
C MET E 321 -20.77 20.73 37.39
N ASN E 322 -21.45 20.82 36.26
CA ASN E 322 -22.88 21.03 36.23
C ASN E 322 -23.63 19.76 36.62
N PRO E 323 -24.75 19.89 37.36
CA PRO E 323 -25.63 18.74 37.57
C PRO E 323 -26.23 18.18 36.29
N ILE E 324 -26.40 19.01 35.25
CA ILE E 324 -26.79 18.50 33.95
C ILE E 324 -25.68 17.65 33.35
N LEU E 325 -24.42 18.06 33.52
CA LEU E 325 -23.31 17.18 33.16
C LEU E 325 -23.18 15.98 34.09
N ARG E 326 -23.66 16.08 35.33
CA ARG E 326 -23.64 14.91 36.20
C ARG E 326 -24.68 13.89 35.74
N GLU E 327 -25.82 14.35 35.25
CA GLU E 327 -26.78 13.45 34.61
C GLU E 327 -26.25 12.93 33.28
N CYS E 328 -25.48 13.75 32.57
CA CYS E 328 -24.85 13.34 31.31
C CYS E 328 -23.85 12.20 31.54
N PHE E 329 -22.98 12.36 32.52
CA PHE E 329 -21.97 11.34 32.80
C PHE E 329 -22.57 10.14 33.52
N GLU E 330 -23.65 10.32 34.27
CA GLU E 330 -24.27 9.19 34.99
C GLU E 330 -25.25 8.43 34.11
N GLY E 331 -26.35 9.07 33.71
CA GLY E 331 -27.40 8.34 33.03
C GLY E 331 -27.96 8.88 31.73
N ASN E 332 -27.92 10.19 31.53
CA ASN E 332 -28.77 10.86 30.55
C ASN E 332 -27.95 11.35 29.37
N THR E 333 -27.97 10.59 28.27
CA THR E 333 -27.31 11.04 27.06
C THR E 333 -28.09 12.14 26.33
N SER E 334 -29.35 12.38 26.70
CA SER E 334 -30.06 13.56 26.22
C SER E 334 -29.46 14.84 26.79
N SER E 335 -28.99 14.79 28.03
CA SER E 335 -28.29 15.93 28.61
C SER E 335 -26.93 16.16 27.98
N CYS E 336 -26.34 15.13 27.37
CA CYS E 336 -25.06 15.27 26.68
C CYS E 336 -25.30 15.95 25.33
N GLY E 337 -24.74 17.14 25.18
CA GLY E 337 -24.97 17.93 23.99
C GLY E 337 -24.05 17.55 22.84
N ARG E 338 -24.27 18.22 21.71
CA ARG E 338 -23.56 17.89 20.48
C ARG E 338 -23.31 19.16 19.68
N GLU E 339 -22.49 19.01 18.63
CA GLU E 339 -22.25 20.07 17.67
C GLU E 339 -22.02 19.43 16.31
N MET E 340 -22.14 20.22 15.25
CA MET E 340 -22.08 19.69 13.90
C MET E 340 -20.73 20.08 13.29
N VAL E 341 -19.98 19.08 12.82
CA VAL E 341 -18.66 19.28 12.25
C VAL E 341 -18.66 18.77 10.81
N LEU E 342 -17.77 19.34 10.00
CA LEU E 342 -17.62 18.93 8.61
C LEU E 342 -16.17 18.77 8.18
N ASN E 343 -15.21 19.13 9.05
CA ASN E 343 -13.80 19.06 8.70
C ASN E 343 -13.31 17.62 8.62
N SER E 344 -12.24 17.42 7.86
CA SER E 344 -11.80 16.07 7.51
C SER E 344 -10.95 15.40 8.57
N TYR E 345 -10.45 16.15 9.55
CA TYR E 345 -9.56 15.56 10.56
C TYR E 345 -10.33 15.07 11.78
N ILE E 346 -11.38 14.30 11.55
CA ILE E 346 -12.21 13.74 12.61
C ILE E 346 -11.95 12.25 12.68
N PRO E 347 -11.42 11.73 13.78
CA PRO E 347 -11.30 10.27 13.93
C PRO E 347 -12.66 9.62 14.08
N LEU E 348 -12.81 8.44 13.48
CA LEU E 348 -14.05 7.70 13.54
C LEU E 348 -13.92 6.33 14.19
N TYR E 349 -12.69 5.89 14.50
CA TYR E 349 -12.47 4.61 15.15
C TYR E 349 -11.37 4.77 16.18
N ALA E 350 -11.45 3.95 17.23
CA ALA E 350 -10.41 3.91 18.26
C ALA E 350 -10.44 2.56 18.95
N LEU E 351 -9.34 2.28 19.65
CA LEU E 351 -9.12 1.03 20.35
C LEU E 351 -9.09 1.28 21.85
N SER E 352 -9.74 0.39 22.60
CA SER E 352 -9.78 0.45 24.05
C SER E 352 -9.82 -0.98 24.57
N GLU E 353 -8.65 -1.47 25.03
CA GLU E 353 -8.46 -2.83 25.57
C GLU E 353 -8.86 -3.91 24.57
N GLY E 354 -8.47 -3.73 23.31
CA GLY E 354 -8.90 -4.65 22.27
C GLY E 354 -10.34 -4.48 21.87
N VAL E 355 -10.95 -3.34 22.19
CA VAL E 355 -12.33 -3.03 21.84
C VAL E 355 -12.30 -1.92 20.79
N ILE E 356 -12.86 -2.18 19.62
CA ILE E 356 -12.86 -1.21 18.55
C ILE E 356 -14.20 -0.50 18.52
N TYR E 357 -14.18 0.80 18.74
CA TYR E 357 -15.33 1.66 18.51
C TYR E 357 -15.12 2.32 17.17
N ALA E 358 -15.91 1.94 16.17
CA ALA E 358 -15.69 2.37 14.80
C ALA E 358 -16.99 2.81 14.16
N ASN E 359 -17.00 4.01 13.59
CA ASN E 359 -18.13 4.47 12.79
C ASN E 359 -17.97 3.89 11.39
N CYS E 360 -18.60 2.74 11.14
CA CYS E 360 -18.42 2.03 9.88
C CYS E 360 -19.24 2.60 8.73
N LEU E 361 -20.05 3.64 8.98
CA LEU E 361 -20.77 4.29 7.89
C LEU E 361 -19.82 5.06 6.99
N ALA E 362 -18.78 5.66 7.56
CA ALA E 362 -17.78 6.38 6.79
C ALA E 362 -16.44 5.66 6.68
N THR E 363 -16.22 4.64 7.51
CA THR E 363 -14.98 3.89 7.53
C THR E 363 -15.22 2.48 7.02
N SER E 364 -14.31 1.97 6.19
CA SER E 364 -14.40 0.61 5.70
C SER E 364 -14.15 -0.37 6.84
N CYS E 365 -15.01 -1.39 6.95
CA CYS E 365 -14.92 -2.38 8.02
C CYS E 365 -15.10 -3.77 7.42
N LYS E 366 -14.17 -4.67 7.73
CA LYS E 366 -14.15 -5.98 7.12
C LYS E 366 -13.59 -7.02 8.10
N CYS E 367 -13.88 -8.28 7.83
CA CYS E 367 -13.24 -9.40 8.50
C CYS E 367 -12.67 -10.33 7.45
N ALA E 368 -11.35 -10.35 7.33
CA ALA E 368 -10.71 -11.11 6.26
C ALA E 368 -10.55 -12.59 6.60
N THR E 369 -10.93 -13.02 7.80
CA THR E 369 -11.18 -14.43 8.03
C THR E 369 -12.33 -14.95 7.18
N THR E 370 -13.38 -14.13 7.02
CA THR E 370 -14.54 -14.46 6.22
C THR E 370 -14.62 -13.71 4.91
N ASN E 371 -13.84 -12.64 4.74
CA ASN E 371 -13.78 -11.80 3.54
C ASN E 371 -15.15 -11.21 3.20
N LYS E 372 -15.74 -10.54 4.18
CA LYS E 372 -17.02 -9.86 4.02
C LYS E 372 -16.93 -8.46 4.62
N PRO E 373 -17.69 -7.51 4.10
CA PRO E 373 -17.78 -6.21 4.77
C PRO E 373 -18.66 -6.27 6.01
N ILE E 374 -18.53 -5.25 6.84
CA ILE E 374 -19.34 -5.09 8.04
C ILE E 374 -20.24 -3.88 7.86
N VAL E 375 -21.52 -4.05 8.14
CA VAL E 375 -22.52 -3.05 7.86
C VAL E 375 -22.89 -2.32 9.16
N GLN E 376 -23.63 -1.22 9.02
CA GLN E 376 -24.04 -0.41 10.15
C GLN E 376 -25.41 -0.86 10.65
N SER E 377 -25.52 -1.07 11.95
CA SER E 377 -26.81 -1.34 12.56
C SER E 377 -27.64 -0.07 12.63
N THR E 378 -28.96 -0.25 12.72
CA THR E 378 -29.86 0.89 12.86
C THR E 378 -30.08 1.29 14.32
N SER E 379 -29.76 0.39 15.26
CA SER E 379 -29.94 0.67 16.68
C SER E 379 -28.79 1.47 17.29
N THR E 380 -27.67 1.58 16.58
CA THR E 380 -26.52 2.33 17.10
C THR E 380 -25.75 2.92 15.92
N VAL E 381 -24.96 3.95 16.23
CA VAL E 381 -24.09 4.60 15.26
C VAL E 381 -22.63 4.18 15.46
N ILE E 382 -22.15 4.26 16.70
CA ILE E 382 -20.82 3.76 17.04
C ILE E 382 -20.85 2.24 16.98
N THR E 383 -19.91 1.66 16.25
CA THR E 383 -19.90 0.22 16.00
C THR E 383 -18.99 -0.45 17.03
N MET E 384 -19.56 -1.39 17.77
CA MET E 384 -18.83 -2.28 18.68
C MET E 384 -18.17 -3.40 17.88
N ILE E 385 -16.86 -3.56 18.07
CA ILE E 385 -16.12 -4.65 17.44
C ILE E 385 -15.24 -5.31 18.50
N ASP E 386 -15.38 -6.62 18.65
CA ASP E 386 -14.51 -7.42 19.51
C ASP E 386 -14.13 -8.69 18.73
N ASN E 387 -13.54 -9.66 19.43
CA ASN E 387 -13.15 -10.91 18.78
C ASN E 387 -14.31 -11.87 18.58
N SER E 388 -15.49 -11.56 19.13
CA SER E 388 -16.66 -12.41 18.94
C SER E 388 -17.16 -12.39 17.51
N LYS E 389 -17.05 -11.26 16.82
CA LYS E 389 -17.38 -11.20 15.41
C LYS E 389 -16.26 -11.80 14.56
N CYS E 390 -15.06 -11.22 14.67
CA CYS E 390 -13.87 -11.72 13.98
C CYS E 390 -12.64 -11.26 14.75
N PRO E 391 -11.64 -12.13 14.92
CA PRO E 391 -10.46 -11.72 15.68
C PRO E 391 -9.53 -10.78 14.93
N VAL E 392 -9.48 -10.87 13.60
CA VAL E 392 -8.59 -10.05 12.79
C VAL E 392 -9.49 -9.19 11.89
N VAL E 393 -9.36 -7.87 12.00
CA VAL E 393 -10.32 -6.91 11.49
C VAL E 393 -9.60 -6.00 10.51
N GLU E 394 -10.30 -5.55 9.46
CA GLU E 394 -9.81 -4.48 8.60
C GLU E 394 -10.63 -3.22 8.88
N VAL E 395 -9.96 -2.14 9.27
CA VAL E 395 -10.60 -0.86 9.52
C VAL E 395 -9.92 0.18 8.64
N GLY E 396 -10.69 0.80 7.75
CA GLY E 396 -10.19 1.84 6.87
C GLY E 396 -9.18 1.31 5.86
N LYS E 397 -7.93 1.69 6.03
CA LYS E 397 -6.81 1.16 5.26
C LYS E 397 -5.89 0.30 6.10
N GLN E 398 -6.22 0.07 7.37
CA GLN E 398 -5.33 -0.59 8.31
C GLN E 398 -5.89 -1.95 8.71
N MET E 399 -4.97 -2.88 8.98
CA MET E 399 -5.34 -4.25 9.30
C MET E 399 -4.94 -4.48 10.75
N ILE E 400 -5.90 -4.85 11.59
CA ILE E 400 -5.71 -4.90 13.04
C ILE E 400 -6.14 -6.26 13.56
N SER E 401 -5.82 -6.51 14.82
CA SER E 401 -6.32 -7.66 15.56
C SER E 401 -6.90 -7.18 16.88
N VAL E 402 -7.88 -7.91 17.39
CA VAL E 402 -8.59 -7.51 18.61
C VAL E 402 -8.55 -8.63 19.64
N GLY E 403 -9.17 -8.39 20.78
CA GLY E 403 -9.28 -9.38 21.83
C GLY E 403 -10.32 -8.95 22.84
N SER E 404 -10.22 -9.54 24.03
CA SER E 404 -11.02 -9.25 25.24
C SER E 404 -12.49 -9.55 24.93
N TYR E 405 -13.42 -8.68 25.31
CA TYR E 405 -14.85 -8.97 25.28
C TYR E 405 -15.60 -7.64 25.29
N LEU E 406 -16.93 -7.74 25.48
CA LEU E 406 -17.79 -6.56 25.39
C LEU E 406 -17.61 -5.63 26.59
N GLY E 407 -17.77 -6.18 27.79
CA GLY E 407 -17.75 -5.41 29.02
C GLY E 407 -19.16 -5.22 29.52
N GLN E 408 -19.56 -6.07 30.48
CA GLN E 408 -20.91 -6.20 31.00
C GLN E 408 -21.94 -6.40 29.89
N VAL E 409 -22.60 -5.32 29.47
CA VAL E 409 -23.55 -5.36 28.38
C VAL E 409 -22.95 -4.67 27.17
N SER E 410 -23.38 -5.09 25.98
CA SER E 410 -22.88 -4.50 24.75
C SER E 410 -23.47 -3.10 24.56
N PRO E 411 -22.66 -2.14 24.10
CA PRO E 411 -23.19 -0.80 23.82
C PRO E 411 -23.86 -0.63 22.47
N ASN E 412 -24.18 -1.72 21.78
CA ASN E 412 -24.75 -1.65 20.44
C ASN E 412 -26.27 -1.85 20.42
N ASN E 413 -26.80 -2.67 21.32
CA ASN E 413 -28.17 -3.13 21.23
C ASN E 413 -29.20 -2.21 21.87
N LEU E 414 -28.77 -1.20 22.62
CA LEU E 414 -29.70 -0.36 23.37
C LEU E 414 -30.11 0.85 22.52
N THR E 415 -31.06 1.63 23.07
CA THR E 415 -31.43 2.90 22.40
C THR E 415 -31.03 4.02 23.36
N ILE E 416 -30.38 5.08 22.86
CA ILE E 416 -29.87 6.15 23.78
C ILE E 416 -30.55 7.49 23.46
N GLU E 417 -30.71 8.36 24.47
CA GLU E 417 -31.33 9.70 24.26
C GLU E 417 -30.25 10.63 23.65
N ILE E 418 -30.66 11.78 23.10
CA ILE E 418 -29.65 12.65 22.40
C ILE E 418 -29.81 14.11 22.82
N GLY E 419 -28.71 14.87 22.83
CA GLY E 419 -28.78 16.31 23.14
C GLY E 419 -28.77 17.14 21.87
N PRO E 420 -28.99 18.47 21.93
CA PRO E 420 -29.08 19.34 20.72
C PRO E 420 -27.72 19.89 20.32
N PRO E 421 -27.56 20.39 19.08
CA PRO E 421 -26.29 21.04 18.62
C PRO E 421 -26.18 22.44 19.20
N VAL E 422 -24.99 23.02 19.12
CA VAL E 422 -24.76 24.41 19.64
C VAL E 422 -23.82 25.16 18.68
N TYR E 423 -23.49 26.41 19.00
CA TYR E 423 -22.61 27.24 18.13
C TYR E 423 -21.71 28.12 19.00
N THR E 424 -21.04 29.10 18.39
CA THR E 424 -20.17 30.02 19.15
C THR E 424 -20.48 31.45 18.76
N GLU E 425 -21.72 31.90 19.04
CA GLU E 425 -22.13 33.28 18.69
C GLU E 425 -23.26 33.73 19.62
N PRO E 426 -23.43 35.05 19.87
CA PRO E 426 -24.49 35.58 20.77
C PRO E 426 -25.78 35.79 19.98
N VAL E 427 -25.80 35.33 18.74
CA VAL E 427 -27.00 35.53 17.88
C VAL E 427 -28.23 34.97 18.60
N ASP E 428 -28.11 33.75 19.16
CA ASP E 428 -29.26 33.10 19.83
C ASP E 428 -29.83 34.06 20.89
N ILE E 429 -28.95 34.71 21.65
CA ILE E 429 -29.41 35.61 22.74
C ILE E 429 -30.30 36.69 22.12
N THR E 430 -29.80 37.36 21.08
CA THR E 430 -30.56 38.44 20.43
C THR E 430 -31.87 37.88 19.91
N ASN E 431 -31.84 36.66 19.38
CA ASN E 431 -33.10 36.01 18.92
C ASN E 431 -34.09 36.05 20.08
N GLN E 432 -33.69 35.53 21.24
CA GLN E 432 -34.58 35.50 22.42
C GLN E 432 -34.90 36.93 22.87
N LEU E 433 -33.94 37.84 22.77
CA LEU E 433 -34.13 39.23 23.24
C LEU E 433 -35.48 39.74 22.71
N GLY E 434 -35.85 39.38 21.48
CA GLY E 434 -37.17 39.76 20.96
C GLY E 434 -38.13 38.59 20.98
N ASN E 435 -37.60 37.36 20.94
CA ASN E 435 -38.46 36.16 20.87
C ASN E 435 -39.37 36.10 22.10
N ILE E 436 -38.79 35.97 23.30
CA ILE E 436 -39.62 35.82 24.52
C ILE E 436 -40.52 37.07 24.64
N ASN E 437 -40.00 38.23 24.24
CA ASN E 437 -40.81 39.48 24.27
C ASN E 437 -42.04 39.26 23.37
N GLU E 438 -41.84 38.69 22.18
CA GLU E 438 -42.98 38.39 21.28
C GLU E 438 -43.85 37.29 21.92
N THR E 439 -43.21 36.24 22.45
CA THR E 439 -43.99 35.12 23.02
C THR E 439 -44.69 35.57 24.29
N LEU E 440 -44.21 36.67 24.90
CA LEU E 440 -44.87 37.20 26.12
C LEU E 440 -46.32 37.57 25.79
N SER E 441 -46.54 38.22 24.64
CA SER E 441 -47.91 38.64 24.25
C SER E 441 -48.78 37.43 23.93
N LYS E 442 -47.94 36.39 23.54
CA LYS E 442 -48.62 35.11 23.21
C LYS E 442 -49.11 34.46 24.52
N THR E 443 -48.30 34.50 25.58
CA THR E 443 -48.70 33.91 26.87
C THR E 443 -49.97 34.57 27.35
N LEU E 444 -50.01 35.90 27.30
CA LEU E 444 -51.24 36.64 27.68
C LEU E 444 -52.37 36.25 26.72
N ASP E 445 -52.03 35.99 25.46
CA ASP E 445 -53.05 35.54 24.47
C ASP E 445 -53.65 34.22 24.94
N LEU E 446 -52.82 33.30 25.43
CA LEU E 446 -53.35 32.02 25.99
C LEU E 446 -54.26 32.38 27.17
N ILE E 447 -53.82 33.31 28.01
CA ILE E 447 -54.67 33.77 29.16
C ILE E 447 -55.99 34.31 28.59
N LYS E 448 -55.91 35.11 27.53
CA LYS E 448 -57.13 35.68 26.90
C LYS E 448 -58.05 34.53 26.46
N GLN E 449 -57.48 33.48 25.86
CA GLN E 449 -58.28 32.31 25.41
C GLN E 449 -59.00 31.69 26.63
N VAL F 1 -20.14 55.34 42.28
CA VAL F 1 -19.97 54.02 42.87
C VAL F 1 -20.06 54.12 44.40
N ASP F 2 -20.75 53.15 45.01
CA ASP F 2 -20.88 53.07 46.46
C ASP F 2 -19.96 51.96 46.94
N PHE F 3 -18.91 52.33 47.67
CA PHE F 3 -17.97 51.35 48.18
C PHE F 3 -18.54 50.56 49.36
N GLU F 4 -19.50 51.13 50.09
CA GLU F 4 -20.06 50.45 51.26
C GLU F 4 -20.97 49.30 50.85
N ARG F 5 -21.84 49.51 49.87
CA ARG F 5 -22.71 48.43 49.40
C ARG F 5 -21.91 47.37 48.64
N LEU F 6 -20.91 47.79 47.88
CA LEU F 6 -20.08 46.84 47.15
C LEU F 6 -19.14 46.09 48.09
N ALA F 7 -18.84 46.67 49.26
CA ALA F 7 -18.16 45.93 50.33
C ALA F 7 -19.11 45.02 51.08
N SER F 8 -20.40 45.38 51.15
CA SER F 8 -21.41 44.51 51.72
C SER F 8 -21.57 43.25 50.89
N ILE F 9 -21.53 43.40 49.56
CA ILE F 9 -21.67 42.23 48.69
C ILE F 9 -20.36 41.45 48.56
N GLY F 10 -19.22 42.04 48.94
CA GLY F 10 -17.99 41.29 48.98
C GLY F 10 -16.87 41.77 48.09
N GLY F 11 -16.89 43.05 47.71
CA GLY F 11 -15.80 43.62 46.93
C GLY F 11 -15.15 44.79 47.63
N ILE F 12 -13.82 44.79 47.72
CA ILE F 12 -13.10 45.79 48.49
C ILE F 12 -12.36 46.72 47.54
N LYS F 13 -12.43 48.01 47.83
CA LYS F 13 -11.81 49.02 46.97
C LYS F 13 -10.29 48.93 47.05
N GLY F 14 -9.65 48.79 45.91
CA GLY F 14 -8.21 48.68 45.82
C GLY F 14 -7.53 50.03 45.67
N HIS F 15 -6.40 50.02 44.98
CA HIS F 15 -5.64 51.24 44.75
C HIS F 15 -6.31 52.08 43.67
N SER F 16 -5.98 53.37 43.68
CA SER F 16 -6.39 54.31 42.64
C SER F 16 -5.13 54.78 41.92
N LYS F 17 -5.10 54.59 40.59
CA LYS F 17 -3.94 54.95 39.79
C LYS F 17 -4.38 55.86 38.66
N LEU F 18 -3.41 56.38 37.93
CA LEU F 18 -3.67 57.32 36.86
C LEU F 18 -3.71 56.60 35.52
N TYR F 19 -4.06 57.34 34.47
CA TYR F 19 -4.12 56.80 33.12
C TYR F 19 -3.36 57.73 32.19
N LYS F 20 -2.38 57.18 31.47
CA LYS F 20 -1.58 57.93 30.51
C LYS F 20 -1.51 57.17 29.19
N ILE F 21 -1.64 57.93 28.10
CA ILE F 21 -1.67 57.38 26.74
C ILE F 21 -0.48 57.94 25.98
N LYS F 22 0.14 57.11 25.16
CA LYS F 22 1.19 57.59 24.26
C LYS F 22 0.58 58.50 23.21
N GLY F 23 1.21 59.66 22.99
CA GLY F 23 0.72 60.59 22.00
C GLY F 23 1.77 61.63 21.65
N HIS F 24 1.55 62.29 20.51
CA HIS F 24 2.41 63.30 19.89
C HIS F 24 3.84 62.75 19.72
N PRO F 25 4.08 61.88 18.74
CA PRO F 25 5.46 61.42 18.52
C PRO F 25 6.23 62.25 17.50
N THR F 26 7.50 62.52 17.78
CA THR F 26 8.41 63.08 16.81
C THR F 26 9.18 61.96 16.12
N THR F 27 9.85 62.30 15.03
CA THR F 27 10.46 61.29 14.16
C THR F 27 11.98 61.42 14.19
N LYS F 28 12.65 60.27 14.14
CA LYS F 28 14.11 60.24 14.00
C LYS F 28 14.48 59.15 13.01
N ASP F 29 15.47 59.43 12.17
CA ASP F 29 15.87 58.53 11.10
C ASP F 29 17.13 57.76 11.50
N ILE F 30 17.09 56.44 11.30
CA ILE F 30 18.22 55.55 11.58
C ILE F 30 18.57 54.80 10.30
N VAL F 31 19.80 54.32 10.24
CA VAL F 31 20.25 53.47 9.14
C VAL F 31 20.87 52.20 9.72
N ILE F 32 20.60 51.07 9.05
CA ILE F 32 21.11 49.77 9.46
C ILE F 32 21.76 49.12 8.24
N LYS F 33 23.05 48.83 8.35
CA LYS F 33 23.74 48.09 7.31
C LYS F 33 23.60 46.59 7.54
N LEU F 34 23.67 45.83 6.44
CA LEU F 34 23.53 44.38 6.50
C LEU F 34 24.80 43.63 6.14
N VAL F 35 25.61 44.17 5.24
CA VAL F 35 26.85 43.52 4.82
C VAL F 35 27.90 43.70 5.90
N PRO F 36 28.47 42.62 6.43
CA PRO F 36 29.57 42.77 7.41
C PRO F 36 30.85 43.25 6.74
N ASN F 37 31.19 44.51 6.98
CA ASN F 37 32.36 45.12 6.37
C ASN F 37 33.62 44.59 7.04
N LEU F 38 34.27 43.62 6.41
CA LEU F 38 35.52 43.07 6.90
C LEU F 38 36.68 43.74 6.16
N ASN F 39 37.68 44.18 6.93
CA ASN F 39 38.84 44.84 6.35
C ASN F 39 40.09 44.09 6.76
N ASN F 40 40.07 43.50 7.96
CA ASN F 40 41.20 42.71 8.44
C ASN F 40 41.23 41.33 7.80
N LEU F 41 40.07 40.80 7.41
CA LEU F 41 39.96 39.42 6.93
C LEU F 41 40.02 39.33 5.41
N THR F 42 40.77 40.22 4.77
CA THR F 42 40.96 40.14 3.32
C THR F 42 41.92 39.02 2.92
N VAL F 43 42.64 38.42 3.87
CA VAL F 43 43.54 37.33 3.56
C VAL F 43 42.76 36.04 3.30
N CYS F 44 41.94 35.62 4.27
CA CYS F 44 41.21 34.36 4.19
C CYS F 44 39.74 34.59 4.53
N SER F 45 38.96 35.00 3.52
CA SER F 45 37.51 35.03 3.61
C SER F 45 36.80 34.40 2.43
N GLU F 46 37.46 34.27 1.28
CA GLU F 46 37.07 33.53 0.09
C GLU F 46 35.78 34.10 -0.49
N MET F 47 35.03 33.26 -1.21
CA MET F 47 33.85 33.62 -1.97
C MET F 47 32.60 33.71 -1.09
N SER F 48 32.66 33.18 0.14
CA SER F 48 31.52 32.84 0.98
C SER F 48 30.63 34.03 1.37
N ILE F 49 31.11 35.26 1.20
CA ILE F 49 30.26 36.43 1.41
C ILE F 49 29.17 36.50 0.33
N ASP F 50 29.47 36.04 -0.88
CA ASP F 50 28.54 36.19 -1.99
C ASP F 50 27.32 35.28 -1.86
N GLY F 51 27.46 34.14 -1.17
CA GLY F 51 26.28 33.32 -0.89
C GLY F 51 25.32 34.01 0.06
N TYR F 52 25.86 34.67 1.09
CA TYR F 52 25.05 35.50 1.97
C TYR F 52 24.41 36.66 1.21
N LEU F 53 25.16 37.25 0.27
CA LEU F 53 24.63 38.32 -0.57
C LEU F 53 23.48 37.83 -1.44
N ASN F 54 23.62 36.63 -2.01
CA ASN F 54 22.55 36.06 -2.84
C ASN F 54 21.31 35.73 -2.00
N LEU F 55 21.51 35.27 -0.76
CA LEU F 55 20.37 34.98 0.09
C LEU F 55 19.66 36.25 0.57
N ILE F 56 20.42 37.32 0.86
CA ILE F 56 19.77 38.55 1.30
C ILE F 56 19.22 39.36 0.14
N ASN F 57 19.70 39.14 -1.08
CA ASN F 57 19.14 39.86 -2.23
C ASN F 57 17.79 39.29 -2.65
N ALA F 58 17.43 38.09 -2.17
CA ALA F 58 16.10 37.55 -2.41
C ALA F 58 15.03 38.32 -1.65
N VAL F 59 15.40 39.02 -0.58
CA VAL F 59 14.44 39.80 0.19
C VAL F 59 14.71 41.29 0.16
N ILE F 60 15.93 41.74 -0.17
CA ILE F 60 16.20 43.17 -0.24
C ILE F 60 15.50 43.80 -1.45
N ILE F 61 15.58 43.14 -2.61
CA ILE F 61 15.00 43.62 -3.86
C ILE F 61 13.46 43.74 -3.83
N PRO F 62 12.65 42.74 -3.41
CA PRO F 62 11.19 42.95 -3.50
C PRO F 62 10.64 43.96 -2.51
N ILE F 63 11.26 44.09 -1.33
CA ILE F 63 10.86 45.12 -0.38
C ILE F 63 11.13 46.50 -0.95
N SER F 64 12.29 46.68 -1.59
CA SER F 64 12.62 47.95 -2.25
C SER F 64 11.69 48.23 -3.43
N GLN F 65 11.31 47.19 -4.18
CA GLN F 65 10.40 47.37 -5.30
C GLN F 65 9.00 47.77 -4.84
N SER F 66 8.49 47.13 -3.79
CA SER F 66 7.20 47.53 -3.24
C SER F 66 7.27 48.91 -2.59
N LEU F 67 8.43 49.28 -2.04
CA LEU F 67 8.60 50.58 -1.42
C LEU F 67 8.62 51.70 -2.46
N GLU F 68 9.30 51.49 -3.58
CA GLU F 68 9.26 52.48 -4.65
C GLU F 68 7.93 52.45 -5.39
N LEU F 69 7.20 51.33 -5.36
CA LEU F 69 5.88 51.26 -5.96
C LEU F 69 4.86 52.05 -5.15
N MET F 70 4.90 51.93 -3.82
CA MET F 70 3.89 52.57 -3.00
C MET F 70 4.08 54.08 -2.92
N ARG F 71 5.33 54.55 -3.02
CA ARG F 71 5.59 55.98 -3.07
C ARG F 71 5.37 56.58 -4.45
N ASN F 72 5.08 55.75 -5.44
CA ASN F 72 4.90 56.18 -6.83
C ASN F 72 3.45 56.58 -7.12
N ASN F 73 2.51 56.09 -6.31
CA ASN F 73 1.09 56.39 -6.52
C ASN F 73 0.73 57.80 -6.07
N VAL F 74 1.39 58.30 -5.05
CA VAL F 74 1.06 59.61 -4.48
C VAL F 74 1.63 60.71 -5.37
N LYS F 75 1.06 61.91 -5.24
CA LYS F 75 1.55 63.07 -6.03
C LYS F 75 1.32 64.35 -5.21
N ASP F 76 1.77 65.50 -5.73
CA ASP F 76 1.56 66.79 -5.03
C ASP F 76 1.14 67.85 -6.05
N GLY F 77 0.63 69.00 -5.58
CA GLY F 77 0.16 70.05 -6.50
C GLY F 77 -1.33 69.96 -6.72
N THR F 78 -2.12 70.10 -5.66
CA THR F 78 -3.60 70.00 -5.77
C THR F 78 -4.10 71.09 -6.68
N PRO F 79 -5.09 70.82 -7.56
CA PRO F 79 -5.71 71.86 -8.45
C PRO F 79 -6.23 73.02 -7.61
N ASN F 80 -6.13 74.25 -8.14
CA ASN F 80 -6.62 75.48 -7.43
C ASN F 80 -5.56 75.93 -6.41
N GLU F 81 -5.46 77.24 -6.18
CA GLU F 81 -4.44 77.78 -5.24
C GLU F 81 -4.88 77.56 -3.78
N ASN F 82 -6.19 77.66 -3.52
CA ASN F 82 -6.70 77.53 -2.12
C ASN F 82 -6.42 76.12 -1.60
N ILE F 83 -6.58 75.11 -2.45
CA ILE F 83 -6.39 73.69 -1.99
C ILE F 83 -5.02 73.18 -2.48
N PHE F 84 -4.19 72.69 -1.56
CA PHE F 84 -2.86 72.13 -1.93
C PHE F 84 -2.47 71.05 -0.92
N GLY F 85 -1.71 70.04 -1.37
CA GLY F 85 -1.27 68.97 -0.46
C GLY F 85 -0.92 67.70 -1.23
N ALA F 86 -0.67 66.60 -0.51
CA ALA F 86 -0.35 65.31 -1.16
C ALA F 86 -1.65 64.66 -1.67
N ILE F 87 -1.62 64.13 -2.90
CA ILE F 87 -2.83 63.56 -3.49
C ILE F 87 -2.56 62.08 -3.72
N VAL F 88 -3.44 61.22 -3.22
CA VAL F 88 -3.33 59.79 -3.41
C VAL F 88 -4.16 59.41 -4.63
N ALA F 89 -3.49 58.84 -5.64
CA ALA F 89 -4.17 58.37 -6.85
C ALA F 89 -4.81 57.03 -6.53
N GLY F 90 -6.02 57.07 -6.00
CA GLY F 90 -6.71 55.89 -5.50
C GLY F 90 -7.16 54.91 -6.57
N ALA F 91 -7.21 55.34 -7.83
CA ALA F 91 -7.47 54.40 -8.92
C ALA F 91 -6.30 53.43 -9.09
N ALA F 92 -5.08 53.87 -8.80
CA ALA F 92 -3.91 53.02 -8.82
C ALA F 92 -3.71 52.24 -7.53
N LEU F 93 -4.54 52.48 -6.51
CA LEU F 93 -4.42 51.79 -5.24
C LEU F 93 -5.17 50.47 -5.20
N GLY F 94 -6.38 50.43 -5.74
CA GLY F 94 -7.21 49.26 -5.60
C GLY F 94 -8.04 49.32 -4.34
N ILE F 95 -7.57 48.68 -3.28
CA ILE F 95 -8.22 48.72 -1.97
C ILE F 95 -7.20 49.25 -0.96
N ALA F 96 -7.59 50.29 -0.22
CA ALA F 96 -6.71 50.89 0.78
C ALA F 96 -7.54 51.41 1.95
N THR F 97 -6.91 51.48 3.12
CA THR F 97 -7.54 51.98 4.34
C THR F 97 -6.95 53.35 4.70
N ALA F 98 -7.38 53.86 5.85
CA ALA F 98 -6.97 55.19 6.29
C ALA F 98 -5.50 55.23 6.70
N ALA F 99 -5.07 54.24 7.48
CA ALA F 99 -3.70 54.21 7.96
C ALA F 99 -2.70 53.96 6.84
N GLN F 100 -3.13 53.23 5.80
CA GLN F 100 -2.28 53.04 4.62
C GLN F 100 -2.07 54.37 3.88
N VAL F 101 -3.13 55.17 3.76
CA VAL F 101 -3.03 56.49 3.15
C VAL F 101 -2.13 57.40 3.99
N THR F 102 -2.27 57.32 5.32
CA THR F 102 -1.43 58.11 6.22
C THR F 102 0.04 57.72 6.11
N SER F 103 0.32 56.41 5.99
CA SER F 103 1.69 55.95 5.81
C SER F 103 2.26 56.36 4.46
N VAL F 104 1.43 56.37 3.42
CA VAL F 104 1.85 56.85 2.09
C VAL F 104 2.20 58.33 2.15
N VAL F 105 1.38 59.12 2.86
CA VAL F 105 1.65 60.55 3.04
C VAL F 105 2.94 60.76 3.83
N ALA F 106 3.17 59.92 4.86
CA ALA F 106 4.41 60.03 5.66
C ALA F 106 5.64 59.67 4.83
N LEU F 107 5.54 58.66 3.97
CA LEU F 107 6.65 58.31 3.10
C LEU F 107 6.92 59.40 2.06
N HIS F 108 5.86 60.01 1.53
CA HIS F 108 6.05 61.14 0.61
C HIS F 108 6.64 62.34 1.33
N LYS F 109 6.33 62.51 2.62
CA LYS F 109 6.91 63.61 3.39
C LYS F 109 8.39 63.35 3.69
N SER F 110 8.75 62.09 3.92
CA SER F 110 10.13 61.74 4.26
C SER F 110 10.96 61.32 3.06
N ASN F 111 10.42 61.41 1.85
CA ASN F 111 11.17 61.08 0.63
C ASN F 111 12.38 61.99 0.45
N GLN F 112 12.23 63.28 0.75
CA GLN F 112 13.33 64.23 0.62
C GLN F 112 14.46 63.93 1.59
N ASN F 113 14.13 63.61 2.84
CA ASN F 113 15.16 63.24 3.80
C ASN F 113 15.75 61.87 3.49
N ALA F 114 14.95 60.98 2.88
CA ALA F 114 15.48 59.69 2.43
C ALA F 114 16.53 59.88 1.34
N ALA F 115 16.27 60.79 0.40
CA ALA F 115 17.28 61.12 -0.61
C ALA F 115 18.50 61.81 0.01
N LYS F 116 18.27 62.63 1.04
CA LYS F 116 19.37 63.29 1.74
C LYS F 116 20.29 62.29 2.43
N ILE F 117 19.71 61.27 3.06
CA ILE F 117 20.51 60.22 3.68
C ILE F 117 21.14 59.32 2.62
N ASN F 118 20.42 59.08 1.51
CA ASN F 118 20.94 58.28 0.40
C ASN F 118 22.11 58.94 -0.31
N SER F 119 22.28 60.26 -0.16
CA SER F 119 23.47 60.94 -0.66
C SER F 119 24.75 60.54 0.07
N LEU F 120 24.66 59.88 1.23
CA LEU F 120 25.82 59.48 2.01
C LEU F 120 26.02 57.96 1.99
N ARG F 121 25.81 57.35 0.82
CA ARG F 121 25.88 55.90 0.70
C ARG F 121 27.31 55.38 0.89
N ASP F 122 28.30 56.09 0.35
CA ASP F 122 29.70 55.70 0.55
C ASP F 122 30.13 55.93 1.99
N SER F 123 29.54 56.91 2.67
CA SER F 123 29.78 57.06 4.10
C SER F 123 29.17 55.90 4.88
N ILE F 124 28.00 55.42 4.44
CA ILE F 124 27.35 54.27 5.09
C ILE F 124 28.19 53.00 4.93
N THR F 125 28.69 52.74 3.72
CA THR F 125 29.36 51.48 3.46
C THR F 125 30.80 51.42 3.97
N LYS F 126 31.37 52.53 4.43
CA LYS F 126 32.78 52.55 4.81
C LYS F 126 33.01 52.27 6.29
N THR F 127 31.97 52.04 7.08
CA THR F 127 32.12 51.84 8.51
C THR F 127 32.73 50.47 8.81
N ASN F 128 33.66 50.45 9.77
CA ASN F 128 34.29 49.20 10.20
C ASN F 128 34.07 48.93 11.67
N GLN F 129 33.30 49.76 12.37
CA GLN F 129 32.97 49.57 13.77
C GLN F 129 31.49 49.23 13.92
N ALA F 130 31.12 48.81 15.13
CA ALA F 130 29.75 48.37 15.41
C ALA F 130 28.74 49.50 15.28
N VAL F 131 28.81 50.49 16.18
CA VAL F 131 27.91 51.63 16.17
C VAL F 131 28.77 52.90 16.19
N GLU F 132 28.51 53.82 15.27
CA GLU F 132 29.17 55.11 15.27
C GLU F 132 28.23 56.14 14.64
N GLN F 133 28.69 57.39 14.61
CA GLN F 133 27.91 58.52 14.13
C GLN F 133 28.62 59.22 12.99
N LEU F 134 27.86 59.61 11.97
CA LEU F 134 28.37 60.39 10.86
C LEU F 134 27.53 61.64 10.70
N SER F 135 28.18 62.73 10.28
CA SER F 135 27.54 64.04 10.20
C SER F 135 26.58 64.08 9.00
N LEU F 136 25.28 63.99 9.29
CA LEU F 136 24.28 64.13 8.24
C LEU F 136 24.21 65.56 7.71
N GLY F 137 24.28 66.54 8.61
CA GLY F 137 24.26 67.93 8.23
C GLY F 137 25.06 68.80 9.17
N VAL F 138 24.76 70.10 9.21
CA VAL F 138 25.45 71.00 10.12
C VAL F 138 24.97 70.81 11.56
N GLN F 139 23.76 70.26 11.75
CA GLN F 139 23.25 69.97 13.08
C GLN F 139 22.64 68.58 13.21
N GLU F 140 22.51 67.82 12.12
CA GLU F 140 21.94 66.49 12.15
C GLU F 140 23.03 65.45 11.94
N THR F 141 22.85 64.28 12.55
CA THR F 141 23.79 63.18 12.42
C THR F 141 23.01 61.87 12.32
N VAL F 142 23.68 60.86 11.77
CA VAL F 142 23.07 59.55 11.58
C VAL F 142 23.60 58.59 12.64
N SER F 143 22.92 57.47 12.79
CA SER F 143 23.12 56.52 13.88
C SER F 143 23.32 55.11 13.34
N VAL F 144 24.28 54.96 12.42
CA VAL F 144 24.57 53.67 11.79
C VAL F 144 25.04 52.65 12.83
N LEU F 145 24.62 51.40 12.64
CA LEU F 145 24.79 50.38 13.67
C LEU F 145 24.79 48.98 13.05
N MET F 146 25.60 48.11 13.63
CA MET F 146 25.60 46.68 13.39
C MET F 146 26.09 45.96 14.64
N GLY F 147 25.28 45.01 15.13
CA GLY F 147 25.67 44.22 16.28
C GLY F 147 26.77 43.23 15.97
N LEU F 148 26.71 42.60 14.80
CA LEU F 148 27.67 41.58 14.42
C LEU F 148 28.94 42.15 13.81
N GLN F 149 29.04 43.47 13.63
CA GLN F 149 30.29 44.07 13.21
C GLN F 149 31.37 43.89 14.26
N ASP F 150 30.99 43.98 15.54
CA ASP F 150 31.94 43.77 16.63
C ASP F 150 32.43 42.32 16.70
N GLN F 151 31.59 41.36 16.29
CA GLN F 151 31.94 39.95 16.40
C GLN F 151 33.06 39.54 15.44
N ILE F 152 33.26 40.27 14.35
CA ILE F 152 34.39 40.03 13.47
C ILE F 152 35.25 41.29 13.58
N ASN F 153 35.26 41.87 14.77
CA ASN F 153 36.29 42.82 15.16
C ASN F 153 36.82 42.61 16.57
N THR F 154 36.32 41.62 17.31
CA THR F 154 36.91 41.26 18.58
C THR F 154 37.08 39.76 18.80
N ASN F 155 36.50 38.91 17.94
CA ASN F 155 36.56 37.47 18.14
C ASN F 155 37.24 36.76 16.98
N LEU F 156 36.82 37.04 15.74
CA LEU F 156 37.37 36.35 14.58
C LEU F 156 38.64 37.00 14.06
N VAL F 157 38.87 38.27 14.39
CA VAL F 157 40.13 38.94 14.02
C VAL F 157 41.37 38.31 14.65
N PRO F 158 41.44 38.05 15.98
CA PRO F 158 42.70 37.49 16.53
C PRO F 158 43.02 36.07 16.06
N LYS F 159 42.06 35.31 15.57
CA LYS F 159 42.36 34.01 14.96
C LYS F 159 42.56 34.12 13.45
N ILE F 160 43.41 35.06 13.02
CA ILE F 160 43.61 35.26 11.60
C ILE F 160 44.65 34.28 11.05
N ASN F 161 45.58 33.80 11.88
CA ASN F 161 46.65 32.93 11.44
C ASN F 161 46.82 31.68 12.27
N ILE F 162 46.32 31.64 13.51
CA ILE F 162 46.41 30.43 14.32
C ILE F 162 45.49 29.35 13.77
N LEU F 163 44.29 29.75 13.35
CA LEU F 163 43.28 28.82 12.85
C LEU F 163 43.26 28.84 11.31
N SER F 164 42.90 27.69 10.74
CA SER F 164 42.97 27.51 9.29
C SER F 164 41.90 28.32 8.57
N CYS F 165 42.20 28.69 7.32
CA CYS F 165 41.36 29.60 6.55
C CYS F 165 40.01 28.98 6.21
N LYS F 166 39.97 27.68 5.91
CA LYS F 166 38.70 27.03 5.63
C LYS F 166 37.84 26.92 6.89
N GLN F 167 38.47 26.81 8.06
CA GLN F 167 37.71 26.81 9.30
C GLN F 167 37.14 28.20 9.61
N LEU F 168 37.89 29.25 9.28
CA LEU F 168 37.36 30.61 9.37
C LEU F 168 36.21 30.82 8.40
N SER F 169 36.33 30.30 7.18
CA SER F 169 35.25 30.41 6.20
C SER F 169 34.00 29.65 6.66
N ASN F 170 34.18 28.46 7.25
CA ASN F 170 33.05 27.69 7.75
C ASN F 170 32.40 28.36 8.95
N THR F 171 33.21 28.93 9.86
CA THR F 171 32.66 29.63 11.02
C THR F 171 31.93 30.90 10.61
N LEU F 172 32.48 31.62 9.63
CA LEU F 172 31.81 32.79 9.09
C LEU F 172 30.52 32.41 8.37
N ASN F 173 30.52 31.26 7.70
CA ASN F 173 29.29 30.75 7.07
C ASN F 173 28.23 30.39 8.11
N ILE F 174 28.64 29.78 9.22
CA ILE F 174 27.70 29.43 10.28
C ILE F 174 27.11 30.69 10.91
N MET F 175 27.98 31.69 11.17
CA MET F 175 27.52 32.96 11.74
C MET F 175 26.61 33.72 10.77
N LEU F 176 26.93 33.70 9.48
CA LEU F 176 26.12 34.38 8.48
C LEU F 176 24.78 33.70 8.30
N LEU F 177 24.76 32.36 8.33
CA LEU F 177 23.50 31.62 8.24
C LEU F 177 22.62 31.86 9.46
N GLN F 178 23.22 31.91 10.66
CA GLN F 178 22.47 32.22 11.87
C GLN F 178 21.93 33.66 11.84
N TYR F 179 22.74 34.60 11.36
CA TYR F 179 22.28 35.98 11.28
C TYR F 179 21.19 36.14 10.22
N TYR F 180 21.32 35.44 9.09
CA TYR F 180 20.29 35.47 8.06
C TYR F 180 19.00 34.82 8.56
N SER F 181 19.11 33.82 9.44
CA SER F 181 17.93 33.32 10.15
C SER F 181 17.31 34.39 11.03
N GLN F 182 18.14 35.23 11.66
CA GLN F 182 17.60 36.29 12.51
C GLN F 182 16.86 37.36 11.71
N ILE F 183 17.47 37.83 10.60
CA ILE F 183 16.78 38.76 9.70
C ILE F 183 15.55 38.12 9.06
N LEU F 184 15.60 36.82 8.74
CA LEU F 184 14.42 36.11 8.25
C LEU F 184 13.32 36.03 9.29
N THR F 185 13.69 35.93 10.57
CA THR F 185 12.70 35.90 11.63
C THR F 185 12.06 37.27 11.84
N VAL F 186 12.87 38.34 11.90
CA VAL F 186 12.32 39.64 12.25
C VAL F 186 11.52 40.25 11.09
N PHE F 187 11.99 40.12 9.85
CA PHE F 187 11.25 40.66 8.72
C PHE F 187 10.30 39.63 8.12
N GLY F 188 9.47 39.04 8.97
CA GLY F 188 8.47 38.10 8.53
C GLY F 188 7.19 38.76 8.03
N PRO F 189 6.48 39.47 8.92
CA PRO F 189 5.29 40.21 8.49
C PRO F 189 5.61 41.41 7.60
N ASN F 190 6.86 41.88 7.57
CA ASN F 190 7.23 43.01 6.73
C ASN F 190 7.26 42.66 5.26
N LEU F 191 7.31 41.38 4.90
CA LEU F 191 7.42 40.98 3.51
C LEU F 191 6.12 41.16 2.73
N ARG F 192 4.96 41.11 3.39
CA ARG F 192 3.69 41.25 2.68
C ARG F 192 3.47 42.69 2.23
N ASP F 193 3.71 43.66 3.12
CA ASP F 193 3.50 45.07 2.80
C ASP F 193 4.40 45.93 3.67
N PRO F 194 5.60 46.29 3.21
CA PRO F 194 6.56 47.02 4.07
C PRO F 194 6.35 48.52 4.10
N ALA F 195 5.11 48.99 4.19
CA ALA F 195 4.86 50.41 4.31
C ALA F 195 3.92 50.69 5.48
N THR F 196 2.95 49.81 5.68
CA THR F 196 1.91 50.00 6.68
C THR F 196 2.12 49.14 7.92
N VAL F 197 3.25 48.47 8.03
CA VAL F 197 3.56 47.59 9.16
C VAL F 197 4.66 48.24 9.98
N PRO F 198 4.41 48.61 11.23
CA PRO F 198 5.47 49.14 12.09
C PRO F 198 6.39 48.01 12.56
N VAL F 199 7.55 48.41 13.06
CA VAL F 199 8.58 47.48 13.50
C VAL F 199 8.75 47.62 15.01
N SER F 200 8.61 46.51 15.73
CA SER F 200 8.84 46.51 17.16
C SER F 200 10.33 46.72 17.45
N ILE F 201 10.62 47.54 18.47
CA ILE F 201 12.00 47.83 18.83
C ILE F 201 12.66 46.63 19.49
N GLN F 202 11.89 45.76 20.15
CA GLN F 202 12.47 44.53 20.68
C GLN F 202 12.78 43.54 19.56
N ALA F 203 11.96 43.50 18.51
CA ALA F 203 12.25 42.65 17.37
C ALA F 203 13.52 43.09 16.66
N LEU F 204 13.77 44.40 16.64
CA LEU F 204 15.08 44.91 16.25
C LEU F 204 16.16 44.48 17.23
N SER F 205 15.83 44.41 18.53
CA SER F 205 16.84 44.11 19.54
C SER F 205 17.35 42.68 19.47
N GLN F 206 16.48 41.71 19.09
CA GLN F 206 17.01 40.34 18.96
C GLN F 206 17.99 40.19 17.80
N LEU F 207 18.02 41.12 16.83
CA LEU F 207 19.08 41.13 15.84
C LEU F 207 20.44 41.42 16.45
N PHE F 208 20.47 42.06 17.62
CA PHE F 208 21.71 42.45 18.28
C PHE F 208 21.75 41.93 19.70
N GLU F 209 21.47 40.62 19.84
CA GLU F 209 21.60 39.84 21.08
C GLU F 209 20.67 40.33 22.18
N GLY F 210 19.50 40.83 21.81
CA GLY F 210 18.49 41.21 22.77
C GLY F 210 18.84 42.40 23.65
N ASN F 211 19.50 43.40 23.08
CA ASN F 211 19.94 44.57 23.83
C ASN F 211 19.07 45.75 23.38
N LEU F 212 17.91 45.90 24.03
CA LEU F 212 17.04 47.03 23.75
C LEU F 212 17.62 48.33 24.30
N GLU F 213 18.43 48.23 25.35
CA GLU F 213 18.96 49.43 26.00
C GLU F 213 20.01 50.13 25.14
N LEU F 214 20.77 49.36 24.34
CA LEU F 214 21.73 49.98 23.42
C LEU F 214 21.01 50.77 22.33
N LEU F 215 19.92 50.23 21.79
CA LEU F 215 19.10 50.95 20.81
C LEU F 215 18.44 52.17 21.43
N THR F 216 18.00 52.05 22.69
CA THR F 216 17.37 53.16 23.39
C THR F 216 18.38 54.28 23.65
N SER F 217 19.60 53.93 24.08
CA SER F 217 20.61 54.94 24.40
C SER F 217 21.17 55.59 23.15
N SER F 218 21.50 54.80 22.12
CA SER F 218 22.02 55.37 20.88
C SER F 218 20.94 56.07 20.08
N LEU F 219 19.66 55.73 20.31
CA LEU F 219 18.58 56.45 19.67
C LEU F 219 18.42 57.85 20.24
N GLY F 220 18.66 58.01 21.54
CA GLY F 220 18.62 59.31 22.19
C GLY F 220 17.72 59.38 23.40
N ILE F 221 16.79 58.45 23.54
CA ILE F 221 15.88 58.44 24.69
C ILE F 221 16.63 57.96 25.91
N SER F 222 16.61 58.74 26.98
CA SER F 222 17.23 58.38 28.26
C SER F 222 16.16 58.43 29.34
N SER F 223 15.68 57.26 29.75
CA SER F 223 14.69 57.19 30.80
C SER F 223 15.32 57.50 32.15
N THR F 224 14.72 58.43 32.88
CA THR F 224 15.24 58.88 34.16
C THR F 224 14.33 58.58 35.34
N ASP F 225 13.03 58.77 35.20
CA ASP F 225 12.10 58.50 36.28
C ASP F 225 11.73 57.02 36.32
N PHE F 226 10.91 56.65 37.31
CA PHE F 226 10.49 55.27 37.45
C PHE F 226 9.51 54.85 36.36
N ASN F 227 8.70 55.80 35.87
CA ASN F 227 7.64 55.46 34.92
C ASN F 227 8.19 55.14 33.54
N ASP F 228 9.25 55.81 33.12
CA ASP F 228 9.79 55.61 31.79
C ASP F 228 10.78 54.45 31.69
N LEU F 229 11.17 53.85 32.82
CA LEU F 229 12.05 52.70 32.76
C LEU F 229 11.31 51.46 32.28
N LEU F 230 10.07 51.27 32.75
CA LEU F 230 9.24 50.18 32.24
C LEU F 230 8.81 50.44 30.80
N THR F 231 8.61 51.70 30.44
CA THR F 231 8.29 52.06 29.07
C THR F 231 9.52 51.88 28.19
N GLY F 232 9.29 51.46 26.94
CA GLY F 232 10.38 51.22 26.02
C GLY F 232 10.14 49.99 25.18
N LYS F 233 9.07 49.27 25.51
CA LYS F 233 8.60 48.14 24.72
C LYS F 233 7.55 48.55 23.69
N LEU F 234 7.24 49.84 23.61
CA LEU F 234 6.19 50.35 22.73
C LEU F 234 6.73 51.32 21.68
N ILE F 235 8.04 51.32 21.46
CA ILE F 235 8.65 52.21 20.47
C ILE F 235 8.43 51.61 19.08
N THR F 236 7.72 52.37 18.24
CA THR F 236 7.38 51.93 16.90
C THR F 236 8.25 52.62 15.86
N GLY F 237 8.49 51.93 14.76
CA GLY F 237 9.32 52.48 13.69
C GLY F 237 8.89 51.92 12.35
N SER F 238 9.10 52.71 11.31
CA SER F 238 8.71 52.35 9.96
C SER F 238 9.90 52.48 9.02
N ILE F 239 9.93 51.63 8.00
CA ILE F 239 11.00 51.64 7.02
C ILE F 239 10.68 52.67 5.94
N ILE F 240 11.67 53.51 5.61
CA ILE F 240 11.49 54.51 4.57
C ILE F 240 12.38 54.28 3.36
N TRP F 241 13.46 53.51 3.49
CA TRP F 241 14.28 53.20 2.32
C TRP F 241 14.92 51.83 2.50
N ALA F 242 15.12 51.14 1.38
CA ALA F 242 15.54 49.73 1.33
C ALA F 242 16.64 49.55 0.30
N ASP F 243 17.73 50.33 0.42
CA ASP F 243 18.69 50.48 -0.67
C ASP F 243 19.48 49.20 -0.92
N THR F 244 19.53 48.80 -2.20
CA THR F 244 20.12 47.54 -2.62
C THR F 244 21.60 47.65 -2.95
N GLN F 245 22.12 48.86 -3.18
CA GLN F 245 23.52 49.02 -3.57
C GLN F 245 24.44 48.76 -2.38
N GLY F 246 24.29 49.53 -1.31
CA GLY F 246 24.99 49.25 -0.08
C GLY F 246 24.32 48.22 0.79
N HIS F 247 23.15 47.70 0.35
CA HIS F 247 22.36 46.70 1.05
C HIS F 247 21.98 47.15 2.46
N TYR F 248 21.48 48.38 2.57
CA TYR F 248 21.16 48.94 3.86
C TYR F 248 19.69 49.35 3.92
N LEU F 249 19.21 49.55 5.14
CA LEU F 249 17.82 49.87 5.41
C LEU F 249 17.75 51.16 6.21
N ILE F 250 17.11 52.16 5.67
CA ILE F 250 16.86 53.42 6.35
C ILE F 250 15.47 53.37 6.93
N LEU F 251 15.36 53.53 8.24
CA LEU F 251 14.10 53.45 8.95
C LEU F 251 13.81 54.77 9.64
N ARG F 252 12.53 55.03 9.88
CA ARG F 252 12.09 56.19 10.63
C ARG F 252 11.31 55.71 11.85
N VAL F 253 11.73 56.14 13.03
CA VAL F 253 11.14 55.70 14.28
C VAL F 253 10.49 56.89 14.96
N ASN F 254 9.54 56.60 15.85
CA ASN F 254 8.75 57.59 16.54
C ASN F 254 9.13 57.60 18.02
N ILE F 255 9.65 58.74 18.48
CA ILE F 255 9.98 58.92 19.89
C ILE F 255 8.69 59.16 20.65
N PRO F 256 8.35 58.33 21.63
CA PRO F 256 7.04 58.45 22.28
C PRO F 256 7.01 59.55 23.33
N ASP F 257 5.78 59.88 23.74
CA ASP F 257 5.55 60.81 24.83
C ASP F 257 4.26 60.39 25.54
N LEU F 258 4.35 60.24 26.86
CA LEU F 258 3.20 59.77 27.65
C LEU F 258 2.37 60.97 28.07
N ILE F 259 1.39 61.33 27.24
CA ILE F 259 0.46 62.38 27.61
C ILE F 259 -0.55 61.81 28.60
N GLU F 260 -1.18 62.70 29.37
CA GLU F 260 -2.10 62.30 30.42
C GLU F 260 -3.51 62.73 30.06
N VAL F 261 -4.43 61.77 30.04
CA VAL F 261 -5.86 62.08 29.85
C VAL F 261 -6.39 62.77 31.10
N PRO F 262 -7.16 63.86 30.96
CA PRO F 262 -7.62 64.59 32.15
C PRO F 262 -8.80 63.91 32.82
N GLY F 263 -8.72 63.77 34.15
CA GLY F 263 -9.84 63.36 34.96
C GLY F 263 -10.07 61.87 35.06
N ALA F 264 -9.34 61.04 34.33
CA ALA F 264 -9.57 59.61 34.32
C ALA F 264 -8.69 58.94 35.36
N VAL F 265 -9.33 58.25 36.31
CA VAL F 265 -8.65 57.54 37.38
C VAL F 265 -9.05 56.08 37.28
N ILE F 266 -8.05 55.19 37.28
CA ILE F 266 -8.28 53.76 37.22
C ILE F 266 -8.41 53.24 38.65
N GLN F 267 -9.53 52.60 38.95
CA GLN F 267 -9.81 52.07 40.28
C GLN F 267 -9.80 50.55 40.21
N GLU F 268 -9.00 49.93 41.07
CA GLU F 268 -8.91 48.49 41.18
C GLU F 268 -9.83 47.97 42.29
N PHE F 269 -10.06 46.67 42.28
CA PHE F 269 -10.91 46.03 43.27
C PHE F 269 -10.35 44.67 43.63
N ILE F 270 -10.66 44.22 44.84
CA ILE F 270 -10.29 42.90 45.33
C ILE F 270 -11.56 42.14 45.64
N LYS F 271 -11.68 40.94 45.10
CA LYS F 271 -12.86 40.11 45.28
C LYS F 271 -12.56 39.02 46.31
N ILE F 272 -13.40 38.94 47.34
CA ILE F 272 -13.28 37.93 48.37
C ILE F 272 -14.52 37.04 48.34
N GLY F 273 -14.36 35.83 48.87
CA GLY F 273 -15.46 34.88 48.93
C GLY F 273 -16.24 35.00 50.22
N TYR F 274 -17.55 34.78 50.13
CA TYR F 274 -18.45 34.87 51.27
C TYR F 274 -19.33 33.62 51.32
N ASN F 275 -19.62 33.16 52.53
CA ASN F 275 -20.37 31.92 52.72
C ASN F 275 -21.86 32.28 52.82
N PHE F 276 -22.58 32.01 51.74
CA PHE F 276 -24.02 32.21 51.68
C PHE F 276 -24.66 30.94 51.10
N GLY F 277 -25.81 30.57 51.66
CA GLY F 277 -26.54 29.39 51.20
C GLY F 277 -25.82 28.08 51.42
N GLY F 278 -24.87 28.03 52.35
CA GLY F 278 -24.02 26.87 52.49
C GLY F 278 -22.97 26.74 51.41
N SER F 279 -22.66 27.80 50.69
CA SER F 279 -21.68 27.75 49.61
C SER F 279 -20.81 28.99 49.65
N LEU F 280 -19.67 28.91 49.00
CA LEU F 280 -18.73 30.03 48.88
C LEU F 280 -19.00 30.75 47.56
N TRP F 281 -19.15 32.08 47.63
CA TRP F 281 -19.50 32.87 46.47
C TRP F 281 -18.57 34.05 46.31
N MET F 282 -18.48 34.54 45.08
CA MET F 282 -17.76 35.75 44.73
C MET F 282 -18.64 36.63 43.87
N PRO F 283 -18.61 37.95 44.08
CA PRO F 283 -19.33 38.86 43.18
C PRO F 283 -18.71 38.89 41.80
N THR F 284 -19.55 39.14 40.80
CA THR F 284 -19.12 39.16 39.40
C THR F 284 -18.98 40.61 38.97
N ILE F 285 -17.79 41.16 39.20
CA ILE F 285 -17.49 42.55 38.84
C ILE F 285 -16.17 42.58 38.05
N PRO F 286 -15.98 43.54 37.15
CA PRO F 286 -14.66 43.71 36.54
C PRO F 286 -13.65 44.24 37.55
N ASN F 287 -12.37 43.93 37.28
CA ASN F 287 -11.31 44.29 38.22
C ASN F 287 -11.01 45.78 38.17
N LYS F 288 -11.04 46.38 36.99
CA LYS F 288 -10.62 47.76 36.78
C LYS F 288 -11.78 48.59 36.26
N ILE F 289 -11.98 49.76 36.86
CA ILE F 289 -13.01 50.70 36.43
C ILE F 289 -12.36 52.05 36.20
N ILE F 290 -12.46 52.58 34.99
CA ILE F 290 -12.00 53.92 34.70
C ILE F 290 -13.12 54.92 35.02
N ILE F 291 -12.79 55.95 35.79
CA ILE F 291 -13.76 56.96 36.22
C ILE F 291 -13.28 58.31 35.74
N ARG F 292 -14.14 59.03 35.01
CA ARG F 292 -13.76 60.33 34.47
C ARG F 292 -15.00 61.22 34.47
N GLY F 293 -15.08 62.10 35.47
CA GLY F 293 -16.16 63.07 35.56
C GLY F 293 -17.54 62.48 35.77
N TYR F 294 -17.64 61.55 36.72
CA TYR F 294 -18.84 60.73 36.98
C TYR F 294 -19.26 59.99 35.71
N HIS F 295 -18.37 59.13 35.24
CA HIS F 295 -18.64 58.27 34.10
C HIS F 295 -17.81 57.00 34.25
N LEU F 296 -18.49 55.86 34.22
CA LEU F 296 -17.84 54.56 34.40
C LEU F 296 -17.77 53.85 33.06
N SER F 297 -16.61 53.29 32.76
CA SER F 297 -16.39 52.56 31.51
C SER F 297 -15.46 51.39 31.81
N LEU F 298 -15.00 50.73 30.75
CA LEU F 298 -14.13 49.57 30.86
C LEU F 298 -12.88 49.77 30.03
N ILE F 299 -11.77 49.20 30.50
CA ILE F 299 -10.51 49.16 29.78
C ILE F 299 -9.95 47.75 29.90
N ASP F 300 -8.90 47.49 29.11
CA ASP F 300 -8.15 46.25 29.22
C ASP F 300 -6.67 46.59 29.20
N SER F 301 -5.94 46.14 30.21
CA SER F 301 -4.48 46.29 30.23
C SER F 301 -3.80 45.04 29.67
N THR F 302 -4.27 44.59 28.51
CA THR F 302 -3.64 43.46 27.83
C THR F 302 -2.35 43.86 27.14
N ASN F 303 -2.26 45.11 26.68
CA ASN F 303 -1.07 45.63 26.04
C ASN F 303 -0.44 46.76 26.83
N CYS F 304 -0.88 46.99 28.07
CA CYS F 304 -0.48 48.14 28.86
C CYS F 304 0.33 47.70 30.06
N ILE F 305 1.46 48.35 30.27
CA ILE F 305 2.23 48.15 31.49
C ILE F 305 1.54 48.87 32.64
N ILE F 306 1.62 48.27 33.84
CA ILE F 306 0.99 48.81 35.03
C ILE F 306 2.08 49.21 36.00
N THR F 307 2.16 50.51 36.30
CA THR F 307 3.14 51.02 37.22
C THR F 307 2.59 50.98 38.64
N ASP F 308 3.38 51.50 39.58
CA ASP F 308 2.92 51.59 40.97
C ASP F 308 1.92 52.72 41.17
N ASN F 309 1.84 53.66 40.24
CA ASN F 309 1.03 54.86 40.41
C ASN F 309 0.11 55.18 39.24
N SER F 310 0.30 54.56 38.08
CA SER F 310 -0.45 54.94 36.90
C SER F 310 -0.57 53.76 35.94
N TYR F 311 -1.50 53.87 35.01
CA TYR F 311 -1.68 52.91 33.93
C TYR F 311 -1.15 53.52 32.64
N VAL F 312 -0.14 52.89 32.05
CA VAL F 312 0.54 53.39 30.87
C VAL F 312 0.17 52.50 29.70
N CYS F 313 -0.56 53.05 28.74
CA CYS F 313 -1.02 52.33 27.57
C CYS F 313 -0.39 52.91 26.32
N ASP F 314 -0.18 52.05 25.31
CA ASP F 314 0.29 52.51 24.01
C ASP F 314 -0.79 53.34 23.30
N ARG F 315 -2.05 53.00 23.52
CA ARG F 315 -3.16 53.64 22.83
C ARG F 315 -4.40 53.47 23.69
N ASP F 316 -5.35 54.40 23.55
CA ASP F 316 -6.55 54.41 24.38
C ASP F 316 -7.42 53.20 24.09
N TYR F 317 -7.89 52.55 25.15
CA TYR F 317 -8.59 51.26 25.09
C TYR F 317 -9.92 51.35 25.82
N SER F 318 -10.72 52.37 25.51
CA SER F 318 -12.00 52.57 26.16
C SER F 318 -13.01 51.57 25.63
N LEU F 319 -13.59 50.77 26.54
CA LEU F 319 -14.64 49.81 26.23
C LEU F 319 -15.93 50.20 26.95
N PRO F 320 -17.09 50.05 26.30
CA PRO F 320 -18.36 50.35 26.97
C PRO F 320 -18.73 49.26 27.97
N MET F 321 -19.67 49.58 28.84
CA MET F 321 -20.15 48.66 29.86
C MET F 321 -21.67 48.65 29.87
N ASN F 322 -22.22 47.59 30.44
CA ASN F 322 -23.67 47.45 30.52
C ASN F 322 -24.23 48.40 31.58
N PRO F 323 -25.39 49.02 31.31
CA PRO F 323 -26.04 49.84 32.35
C PRO F 323 -26.51 49.06 33.57
N ILE F 324 -26.74 47.75 33.42
CA ILE F 324 -27.02 46.90 34.58
C ILE F 324 -25.80 46.83 35.48
N LEU F 325 -24.60 46.76 34.89
CA LEU F 325 -23.37 46.83 35.67
C LEU F 325 -23.17 48.21 36.27
N ARG F 326 -23.63 49.26 35.59
CA ARG F 326 -23.56 50.61 36.16
C ARG F 326 -24.46 50.75 37.38
N GLU F 327 -25.67 50.20 37.32
CA GLU F 327 -26.54 50.17 38.49
C GLU F 327 -25.99 49.26 39.58
N CYS F 328 -25.29 48.19 39.19
CA CYS F 328 -24.62 47.32 40.15
C CYS F 328 -23.54 48.06 40.92
N PHE F 329 -22.74 48.86 40.21
CA PHE F 329 -21.70 49.63 40.87
C PHE F 329 -22.28 50.80 41.67
N GLU F 330 -23.40 51.38 41.22
CA GLU F 330 -23.90 52.59 41.87
C GLU F 330 -24.71 52.26 43.13
N GLY F 331 -25.89 51.65 42.95
CA GLY F 331 -26.75 51.40 44.08
C GLY F 331 -27.28 50.00 44.25
N ASN F 332 -27.37 49.24 43.16
CA ASN F 332 -28.19 48.03 43.11
C ASN F 332 -27.30 46.81 43.31
N THR F 333 -27.18 46.36 44.57
CA THR F 333 -26.52 45.09 44.84
C THR F 333 -27.37 43.91 44.39
N SER F 334 -28.68 44.10 44.20
CA SER F 334 -29.53 43.07 43.61
C SER F 334 -29.23 42.86 42.13
N SER F 335 -28.65 43.85 41.46
CA SER F 335 -28.29 43.73 40.05
C SER F 335 -26.89 43.17 39.85
N CYS F 336 -26.17 42.83 40.93
CA CYS F 336 -24.84 42.27 40.85
C CYS F 336 -24.92 40.75 40.96
N GLY F 337 -24.27 40.04 40.04
CA GLY F 337 -24.29 38.61 40.04
C GLY F 337 -23.23 38.01 40.94
N ARG F 338 -23.42 36.72 41.25
CA ARG F 338 -22.51 35.97 42.11
C ARG F 338 -22.23 34.61 41.49
N GLU F 339 -20.99 34.15 41.64
CA GLU F 339 -20.59 32.82 41.20
C GLU F 339 -20.14 32.01 42.39
N MET F 340 -20.17 30.69 42.24
CA MET F 340 -19.82 29.79 43.33
C MET F 340 -18.43 29.20 43.12
N VAL F 341 -17.74 28.95 44.24
CA VAL F 341 -16.42 28.34 44.27
C VAL F 341 -16.38 27.34 45.41
N LEU F 342 -15.48 26.37 45.29
CA LEU F 342 -15.15 25.49 46.40
C LEU F 342 -13.67 25.20 46.48
N ASN F 343 -12.84 25.81 45.64
CA ASN F 343 -11.40 25.62 45.67
C ASN F 343 -10.79 26.28 46.90
N SER F 344 -9.59 25.82 47.24
CA SER F 344 -8.94 26.24 48.48
C SER F 344 -8.36 27.64 48.42
N TYR F 345 -8.14 28.19 47.23
CA TYR F 345 -7.48 29.49 47.09
C TYR F 345 -8.50 30.61 46.95
N ILE F 346 -9.26 30.81 48.00
CA ILE F 346 -10.25 31.89 48.08
C ILE F 346 -9.89 32.79 49.26
N PRO F 347 -9.64 34.08 49.03
CA PRO F 347 -9.43 34.98 50.17
C PRO F 347 -10.73 35.26 50.89
N LEU F 348 -10.66 35.30 52.21
CA LEU F 348 -11.81 35.60 53.05
C LEU F 348 -11.63 36.88 53.85
N TYR F 349 -10.40 37.33 54.05
CA TYR F 349 -10.12 38.55 54.80
C TYR F 349 -9.16 39.42 54.00
N ALA F 350 -9.30 40.73 54.17
CA ALA F 350 -8.39 41.69 53.58
C ALA F 350 -8.44 42.98 54.39
N LEU F 351 -7.48 43.86 54.13
CA LEU F 351 -7.31 45.09 54.87
C LEU F 351 -7.61 46.27 53.95
N SER F 352 -8.18 47.33 54.52
CA SER F 352 -8.50 48.54 53.76
C SER F 352 -8.52 49.71 54.73
N GLU F 353 -7.47 50.56 54.66
CA GLU F 353 -7.27 51.73 55.53
C GLU F 353 -7.28 51.36 57.00
N GLY F 354 -6.69 50.21 57.33
CA GLY F 354 -6.72 49.73 58.70
C GLY F 354 -8.02 49.12 59.15
N VAL F 355 -8.94 48.85 58.22
CA VAL F 355 -10.22 48.22 58.54
C VAL F 355 -10.23 46.85 57.87
N ILE F 356 -10.45 45.80 58.65
CA ILE F 356 -10.41 44.44 58.15
C ILE F 356 -11.80 44.04 57.69
N TYR F 357 -11.92 43.64 56.42
CA TYR F 357 -13.14 43.02 55.93
C TYR F 357 -12.88 41.52 55.86
N ALA F 358 -13.58 40.76 56.71
CA ALA F 358 -13.27 39.35 56.93
C ALA F 358 -14.56 38.55 57.04
N ASN F 359 -14.60 37.40 56.37
CA ASN F 359 -15.67 36.45 56.54
C ASN F 359 -15.35 35.58 57.76
N CYS F 360 -16.01 35.87 58.88
CA CYS F 360 -15.70 35.18 60.12
C CYS F 360 -16.34 33.81 60.24
N LEU F 361 -17.17 33.41 59.27
CA LEU F 361 -17.80 32.09 59.33
C LEU F 361 -16.79 30.99 59.03
N ALA F 362 -15.85 31.26 58.13
CA ALA F 362 -14.79 30.31 57.80
C ALA F 362 -13.45 30.67 58.43
N THR F 363 -13.21 31.95 58.71
CA THR F 363 -11.95 32.41 59.28
C THR F 363 -12.14 32.64 60.78
N SER F 364 -11.17 32.19 61.56
CA SER F 364 -11.20 32.39 63.00
C SER F 364 -10.98 33.86 63.34
N CYS F 365 -11.99 34.49 63.94
CA CYS F 365 -11.93 35.88 64.33
C CYS F 365 -11.92 35.98 65.85
N LYS F 366 -10.91 36.65 66.39
CA LYS F 366 -10.78 36.83 67.83
C LYS F 366 -10.12 38.17 68.09
N CYS F 367 -10.20 38.61 69.34
CA CYS F 367 -9.51 39.82 69.78
C CYS F 367 -8.46 39.44 70.81
N ALA F 368 -7.22 39.88 70.60
CA ALA F 368 -6.15 39.60 71.54
C ALA F 368 -6.33 40.40 72.83
N THR F 369 -6.87 41.61 72.74
CA THR F 369 -7.00 42.49 73.89
C THR F 369 -8.03 41.99 74.90
N THR F 370 -9.05 41.25 74.46
CA THR F 370 -10.11 40.79 75.33
C THR F 370 -10.24 39.28 75.44
N ASN F 371 -9.65 38.52 74.50
CA ASN F 371 -9.67 37.05 74.46
C ASN F 371 -11.10 36.50 74.43
N LYS F 372 -11.87 36.99 73.46
CA LYS F 372 -13.21 36.51 73.23
C LYS F 372 -13.41 36.25 71.75
N PRO F 373 -14.24 35.27 71.38
CA PRO F 373 -14.51 35.03 69.96
C PRO F 373 -15.43 36.10 69.38
N ILE F 374 -15.33 36.28 68.07
CA ILE F 374 -16.19 37.17 67.31
C ILE F 374 -17.10 36.31 66.44
N VAL F 375 -18.40 36.53 66.57
CA VAL F 375 -19.39 35.72 65.87
C VAL F 375 -19.88 36.49 64.65
N GLN F 376 -20.27 35.74 63.61
CA GLN F 376 -20.90 36.33 62.44
C GLN F 376 -22.25 36.91 62.79
N SER F 377 -22.52 38.12 62.30
CA SER F 377 -23.87 38.66 62.40
C SER F 377 -24.79 37.95 61.41
N THR F 378 -26.09 38.03 61.68
CA THR F 378 -27.07 37.47 60.75
C THR F 378 -27.60 38.52 59.77
N SER F 379 -27.41 39.80 60.05
CA SER F 379 -27.82 40.85 59.14
C SER F 379 -26.81 41.13 58.04
N THR F 380 -25.59 40.61 58.17
CA THR F 380 -24.56 40.78 57.16
C THR F 380 -23.76 39.49 57.06
N VAL F 381 -22.93 39.40 56.01
CA VAL F 381 -22.05 38.26 55.81
C VAL F 381 -20.59 38.67 55.97
N ILE F 382 -20.18 39.75 55.31
CA ILE F 382 -18.83 40.29 55.47
C ILE F 382 -18.77 41.05 56.79
N THR F 383 -17.84 40.66 57.65
CA THR F 383 -17.73 41.22 58.99
C THR F 383 -16.53 42.15 59.06
N MET F 384 -16.74 43.37 59.58
CA MET F 384 -15.67 44.34 59.68
C MET F 384 -15.03 44.31 61.06
N ILE F 385 -13.74 44.61 61.08
CA ILE F 385 -12.95 44.69 62.29
C ILE F 385 -12.23 46.03 62.29
N ASP F 386 -12.50 46.85 63.29
CA ASP F 386 -11.89 48.16 63.43
C ASP F 386 -11.50 48.34 64.89
N ASN F 387 -11.07 49.56 65.22
CA ASN F 387 -10.65 49.86 66.60
C ASN F 387 -11.83 49.95 67.58
N SER F 388 -13.07 50.00 67.09
CA SER F 388 -14.23 50.00 67.97
C SER F 388 -14.39 48.65 68.67
N LYS F 389 -14.08 47.55 67.98
CA LYS F 389 -14.18 46.24 68.60
C LYS F 389 -12.94 45.93 69.44
N CYS F 390 -11.76 45.88 68.80
CA CYS F 390 -10.51 45.57 69.48
C CYS F 390 -9.34 46.05 68.63
N PRO F 391 -8.31 46.64 69.25
CA PRO F 391 -7.14 47.10 68.47
C PRO F 391 -6.28 45.98 67.91
N VAL F 392 -5.90 45.01 68.75
CA VAL F 392 -5.00 43.94 68.34
C VAL F 392 -5.84 42.68 68.12
N VAL F 393 -5.81 42.16 66.90
CA VAL F 393 -6.82 41.23 66.39
C VAL F 393 -6.15 39.93 65.97
N GLU F 394 -6.80 38.81 66.29
CA GLU F 394 -6.43 37.49 65.82
C GLU F 394 -7.31 37.15 64.61
N VAL F 395 -6.70 37.02 63.44
CA VAL F 395 -7.42 36.64 62.23
C VAL F 395 -6.69 35.47 61.59
N GLY F 396 -7.36 34.32 61.47
CA GLY F 396 -6.71 33.15 60.93
C GLY F 396 -5.71 32.61 61.92
N LYS F 397 -4.43 32.84 61.65
CA LYS F 397 -3.35 32.65 62.61
C LYS F 397 -2.81 33.97 63.13
N GLN F 398 -2.96 35.05 62.37
CA GLN F 398 -2.10 36.22 62.49
C GLN F 398 -2.58 37.23 63.52
N MET F 399 -1.61 37.76 64.27
CA MET F 399 -1.78 39.00 65.01
C MET F 399 -1.71 40.18 64.06
N ILE F 400 -2.69 41.09 64.14
CA ILE F 400 -2.69 42.31 63.34
C ILE F 400 -3.14 43.49 64.20
N SER F 401 -2.84 44.68 63.71
CA SER F 401 -3.40 45.92 64.26
C SER F 401 -4.38 46.52 63.27
N VAL F 402 -5.36 47.24 63.80
CA VAL F 402 -6.34 47.94 62.99
C VAL F 402 -6.19 49.44 63.22
N GLY F 403 -6.97 50.21 62.47
CA GLY F 403 -6.90 51.66 62.59
C GLY F 403 -8.04 52.31 61.84
N SER F 404 -8.11 53.64 61.98
CA SER F 404 -9.07 54.53 61.33
C SER F 404 -10.52 54.18 61.65
N TYR F 405 -11.43 54.56 60.77
CA TYR F 405 -12.86 54.41 61.03
C TYR F 405 -13.57 54.33 59.69
N LEU F 406 -14.82 53.84 59.73
CA LEU F 406 -15.62 53.60 58.51
C LEU F 406 -15.90 54.90 57.75
N GLY F 407 -15.97 56.02 58.46
CA GLY F 407 -16.19 57.31 57.83
C GLY F 407 -17.63 57.74 57.76
N GLN F 408 -18.43 57.11 56.90
CA GLN F 408 -19.80 57.56 56.69
C GLN F 408 -20.83 56.49 57.03
N VAL F 409 -20.73 55.29 56.45
CA VAL F 409 -21.80 54.28 56.52
C VAL F 409 -21.20 53.00 57.05
N SER F 410 -21.86 52.40 58.06
CA SER F 410 -21.51 51.06 58.52
C SER F 410 -22.33 50.02 57.76
N PRO F 411 -21.70 49.11 57.03
CA PRO F 411 -22.46 48.03 56.39
C PRO F 411 -22.79 46.85 57.31
N ASN F 412 -22.59 46.97 58.63
CA ASN F 412 -23.01 45.90 59.53
C ASN F 412 -24.51 45.90 59.71
N ASN F 413 -25.10 47.09 59.87
CA ASN F 413 -26.54 47.21 60.08
C ASN F 413 -27.31 47.34 58.78
N LEU F 414 -26.61 47.44 57.65
CA LEU F 414 -27.25 47.54 56.34
C LEU F 414 -27.85 46.19 55.95
N THR F 415 -28.97 46.25 55.24
CA THR F 415 -29.63 45.04 54.77
C THR F 415 -28.84 44.40 53.64
N ILE F 416 -29.12 43.12 53.40
CA ILE F 416 -28.43 42.32 52.40
C ILE F 416 -29.36 42.10 51.22
N GLU F 417 -28.86 42.39 50.01
CA GLU F 417 -29.60 42.28 48.76
C GLU F 417 -28.77 41.54 47.71
N ILE F 418 -28.25 40.37 48.08
CA ILE F 418 -27.46 39.57 47.15
C ILE F 418 -28.34 39.07 46.02
N GLY F 419 -27.93 39.32 44.78
CA GLY F 419 -28.73 39.05 43.61
C GLY F 419 -28.72 37.59 43.17
N PRO F 420 -29.09 37.35 41.91
CA PRO F 420 -29.22 35.97 41.44
C PRO F 420 -27.86 35.34 41.21
N PRO F 421 -27.75 34.03 41.37
CA PRO F 421 -26.48 33.34 41.10
C PRO F 421 -26.30 32.98 39.64
N VAL F 422 -25.03 32.96 39.22
CA VAL F 422 -24.64 32.51 37.90
C VAL F 422 -23.73 31.30 38.05
N TYR F 423 -23.66 30.48 37.01
CA TYR F 423 -22.83 29.30 37.02
C TYR F 423 -21.52 29.59 36.28
N THR F 424 -20.69 28.56 36.12
CA THR F 424 -19.53 28.66 35.26
C THR F 424 -19.95 28.80 33.81
N GLU F 425 -19.10 29.46 33.01
CA GLU F 425 -19.39 29.69 31.58
C GLU F 425 -18.28 29.18 30.65
N PRO F 426 -18.12 27.83 30.52
CA PRO F 426 -17.48 27.27 29.32
C PRO F 426 -18.53 27.01 28.26
N VAL F 427 -18.22 26.20 27.25
CA VAL F 427 -19.21 25.71 26.28
C VAL F 427 -20.40 24.98 26.92
N ASP F 428 -20.30 24.59 28.20
CA ASP F 428 -21.43 24.16 29.02
C ASP F 428 -22.58 25.16 28.99
N ILE F 429 -22.29 26.46 29.02
CA ILE F 429 -23.39 27.43 29.09
C ILE F 429 -24.12 27.49 27.74
N THR F 430 -23.49 27.06 26.65
CA THR F 430 -24.26 26.85 25.42
C THR F 430 -25.18 25.65 25.52
N ASN F 431 -24.81 24.63 26.31
CA ASN F 431 -25.73 23.51 26.54
C ASN F 431 -26.88 23.95 27.46
N GLN F 432 -26.62 24.89 28.37
CA GLN F 432 -27.74 25.45 29.12
C GLN F 432 -28.58 26.41 28.30
N LEU F 433 -28.01 27.06 27.29
CA LEU F 433 -28.87 27.69 26.29
C LEU F 433 -29.62 26.65 25.46
N GLY F 434 -29.08 25.45 25.31
CA GLY F 434 -29.82 24.37 24.68
C GLY F 434 -31.02 23.91 25.49
N ASN F 435 -30.86 23.78 26.80
CA ASN F 435 -32.03 23.38 27.59
C ASN F 435 -32.97 24.55 27.88
N ILE F 436 -32.47 25.79 27.80
CA ILE F 436 -33.33 26.96 27.67
C ILE F 436 -34.14 26.90 26.37
N ASN F 437 -33.51 26.46 25.28
CA ASN F 437 -34.21 26.29 24.00
C ASN F 437 -35.29 25.22 24.10
N GLU F 438 -34.99 24.10 24.76
CA GLU F 438 -36.05 23.09 24.88
C GLU F 438 -37.14 23.50 25.86
N THR F 439 -36.83 24.33 26.87
CA THR F 439 -37.87 24.94 27.69
C THR F 439 -38.72 25.91 26.88
N LEU F 440 -38.08 26.69 26.00
CA LEU F 440 -38.79 27.65 25.17
C LEU F 440 -39.64 26.97 24.11
N SER F 441 -39.22 25.83 23.57
CA SER F 441 -40.03 25.10 22.62
C SER F 441 -41.00 24.12 23.28
N LYS F 442 -40.85 23.88 24.61
CA LYS F 442 -42.00 23.48 25.47
C LYS F 442 -43.03 24.59 25.59
N THR F 443 -42.61 25.84 25.78
CA THR F 443 -43.59 26.93 25.87
C THR F 443 -44.27 27.17 24.53
N LEU F 444 -43.53 27.06 23.43
CA LEU F 444 -44.10 27.03 22.09
C LEU F 444 -45.08 25.89 21.89
N ASP F 445 -44.86 24.74 22.53
CA ASP F 445 -45.88 23.69 22.55
C ASP F 445 -47.07 24.09 23.39
N LEU F 446 -46.86 24.87 24.45
CA LEU F 446 -47.95 25.34 25.32
C LEU F 446 -48.60 26.62 24.80
N ILE F 447 -47.99 27.26 23.80
CA ILE F 447 -48.66 28.36 23.11
C ILE F 447 -49.87 27.87 22.35
N LYS F 448 -49.73 26.74 21.66
CA LYS F 448 -50.79 26.23 20.79
C LYS F 448 -51.96 25.63 21.58
N GLN F 449 -51.76 25.30 22.85
CA GLN F 449 -52.87 24.78 23.65
C GLN F 449 -53.84 25.90 24.02
#